data_8C82
#
_entry.id   8C82
#
loop_
_entity.id
_entity.type
_entity.pdbx_description
1 polymer 'Protein ORM1'
2 polymer 'Serine palmitoyltransferase 1'
3 polymer 'Serine palmitoyltransferase 2'
4 polymer 'Serine palmitoyltransferase-regulating protein TSC3'
5 non-polymer N-[(2S,3S,4R)-1,3,4-trihydroxyoctadecan-2-yl]hexacosanamide
6 non-polymer "PYRIDOXAL-5'-PHOSPHATE"
7 non-polymer '2-{[(4-O-alpha-D-glucopyranosyl-alpha-D-glucopyranosyl)oxy]methyl}-4-{[(3beta,9beta,14beta,17beta,25R)-spirost-5-en-3-yl]oxy}butyl 4-O-alpha-D-glucopyranosyl-alpha-D-glucopyranoside'
#
loop_
_entity_poly.entity_id
_entity_poly.type
_entity_poly.pdbx_seq_one_letter_code
_entity_poly.pdbx_strand_id
1 'polypeptide(L)'
;MTELDYQGTAEAASTSYSRNQTDLKPFPSAGSASSSIKTTEPVKDHRRRRAAAIISHVEPETFEDENDQQLLPNMNATWV
DQRGAWIIHVVIIILLKLFYNLFPGVTTEWSWTLTNMTYVIGSYVMFHLIKGTPFDFNGGAYDNLTMWEQIDDETLYTPS
RKFLISVPIALFLVSTHYAHYDLKLFSWNCFLTTFGAVVPKLPVTHRLRISIPGITGRAQIS
;
A,E
2 'polypeptide(L)'
;MAHIPEVLPKSIPIPAFIVTTSSYLWYYFNLVLTQIPGGQFIVSYIKKSHHDDPYRTTVEIGLILYGIIYYLSKPQQKKS
LQAQKPNLSPQEIDALIEDWEPEPLVDPSATDEQSWRVAKTPVTMEMPIQNHITITRNNLQEKYTNVFNLASNNFLQLSA
TEPVKEVVKTTIKNYGVGACGPAGFYGNQDVHYTLEYDLAQFFGTQGSVLYGQDFCAAPSVLPAFTKRGDVIVADDQVSL
PVQNALQLSRSTVYYFNHNDMNSLECLLNELTEQEKLEKLPAIPRKFIVTEGIFHNSGDLAPLPELTKLKNKYKFRLFVD
ETFSIGVLGATGRGLSEHFNMDRATAIDITVGSMATALGSTGGFVLGDSVMCLHQRIGSNAYCFSACLPAYTVTSVSKVL
KLMDSNNDAVQTLQKLSKSLHDSFASDDSLRSYVIVTSSPVSAVLHLQLTPAYRSRKFGYTCEQLFETMSALQKKSQTNK
FIEPYEEEEKFLQSIVDHALINYNVLITRNTIVLKQETLPIVPSLKICCNAAMSPEELKNACESVKQSILACCQESNK
;
B,F
3 'polypeptide(L)'
;MSTPANYTRVPLCEPEELPDDIQKENEYGTLDSPGHLYQVKSRHGKPLPEPVVDTPPYYISLLTYLNYLILIILGHVHDF
LGMTFQKNKHLDLLEHDGLAPWFSNFESFYVRRIKMRIDDCFSRPTTGVPGRFIRCIDRISHNINEYFTYSGAVYPCMNL
SSYNYLGFAQSKGQCTDAALESVDKYSIQSGGPRAQIGTTDLHIKAEKLVARFIGKEDALVFSMGYGTNANLFNAFLDKK
CLVISDELNHTSIRTGVRLSGAAVRTFKHGDMVGLEKLIREQIVLGQPKTNRPWKKILICAEGLFSMEGTLCNLPKLVEL
KKKYKCYLFIDEAHSIGAMGPTGRGVCEIFGVDPKDVDILMGTFTKSFGAAGGYIAADQWIIDRLRLDLTTVSYSESMPA
PVLAQTISSLQTISGEICPGQGTERLQRIAFNSRYLRLALQRLGFIVYGVADSPVIPLLLYCPSKMPAFSRMMLQRRIAV
VVVAYPATPLIESRVRFCMSASLTKEDIDYLLRHVSEVGDKLNLKSNSGKSSYDGKRQRWDIEEVIRRTPEDCKDDKYFV
N
;
C,G
4 'polypeptide(L)' MTQHKSSMVYIPTTKEAKRRNGKSEGILNTIEEVVEKLYWTYYIHLPFYLMASFDSFFLHVFFLTIFSLSFFGILKYCFL D,H
#
# COMPACT_ATOMS: atom_id res chain seq x y z
N THR A 39 -23.38 -30.41 0.47
CA THR A 39 -22.89 -31.01 -0.77
C THR A 39 -21.37 -30.87 -0.87
N THR A 40 -20.79 -31.62 -1.80
CA THR A 40 -19.34 -31.57 -2.00
C THR A 40 -18.95 -30.28 -2.72
N GLU A 41 -17.87 -29.66 -2.25
CA GLU A 41 -17.43 -28.36 -2.76
C GLU A 41 -16.26 -28.55 -3.71
N PRO A 42 -16.32 -28.00 -4.92
CA PRO A 42 -15.19 -28.12 -5.84
C PRO A 42 -13.98 -27.33 -5.37
N VAL A 43 -12.81 -27.82 -5.75
CA VAL A 43 -11.57 -27.12 -5.40
C VAL A 43 -11.48 -25.80 -6.17
N LYS A 44 -11.73 -25.84 -7.47
CA LYS A 44 -11.77 -24.65 -8.31
C LYS A 44 -13.12 -24.60 -9.00
N ASP A 45 -13.86 -23.52 -8.76
CA ASP A 45 -15.24 -23.39 -9.23
C ASP A 45 -15.34 -22.27 -10.25
N HIS A 46 -15.80 -22.64 -11.46
CA HIS A 46 -16.16 -21.68 -12.50
C HIS A 46 -17.53 -22.11 -13.02
N ARG A 47 -18.59 -21.66 -12.36
CA ARG A 47 -19.95 -22.08 -12.66
C ARG A 47 -20.75 -20.88 -13.15
N ARG A 48 -21.48 -21.07 -14.25
CA ARG A 48 -22.33 -20.02 -14.78
C ARG A 48 -23.63 -19.93 -13.96
N ARG A 49 -24.00 -18.71 -13.59
CA ARG A 49 -25.19 -18.46 -12.79
C ARG A 49 -26.15 -17.58 -13.56
N ARG A 50 -27.44 -17.94 -13.52
CA ARG A 50 -28.47 -17.24 -14.25
C ARG A 50 -29.21 -16.26 -13.34
N ALA A 51 -29.95 -15.35 -13.97
CA ALA A 51 -30.70 -14.35 -13.23
C ALA A 51 -31.90 -14.99 -12.53
N ALA A 52 -32.37 -14.31 -11.47
CA ALA A 52 -33.50 -14.81 -10.69
C ALA A 52 -34.53 -13.72 -10.43
N ALA A 53 -34.62 -12.70 -11.28
CA ALA A 53 -35.57 -11.62 -11.08
C ALA A 53 -35.93 -11.03 -12.44
N ILE A 54 -37.01 -10.24 -12.46
CA ILE A 54 -37.44 -9.60 -13.70
C ILE A 54 -36.38 -8.61 -14.17
N ILE A 55 -35.81 -7.82 -13.27
CA ILE A 55 -34.74 -6.89 -13.59
C ILE A 55 -33.48 -7.32 -12.85
N SER A 56 -32.35 -7.24 -13.54
CA SER A 56 -31.09 -7.68 -12.97
C SER A 56 -29.94 -7.02 -13.71
N HIS A 57 -28.76 -7.09 -13.10
CA HIS A 57 -27.54 -6.55 -13.67
C HIS A 57 -26.46 -7.62 -13.61
N VAL A 58 -25.54 -7.57 -14.57
CA VAL A 58 -24.46 -8.55 -14.61
C VAL A 58 -23.40 -8.22 -13.56
N GLU A 59 -22.94 -9.25 -12.86
CA GLU A 59 -21.96 -9.10 -11.79
C GLU A 59 -20.60 -8.66 -12.35
N PRO A 60 -19.89 -7.79 -11.64
CA PRO A 60 -18.56 -7.38 -12.09
C PRO A 60 -17.58 -8.55 -12.11
N GLU A 61 -16.62 -8.45 -13.01
CA GLU A 61 -15.68 -9.52 -13.28
C GLU A 61 -14.65 -9.66 -12.16
N THR A 62 -13.92 -10.77 -12.18
CA THR A 62 -12.94 -11.10 -11.16
C THR A 62 -11.53 -10.79 -11.67
N PHE A 63 -10.54 -11.17 -10.85
CA PHE A 63 -9.14 -10.92 -11.19
C PHE A 63 -8.70 -11.78 -12.38
N GLU A 64 -9.02 -13.07 -12.34
CA GLU A 64 -8.61 -13.98 -13.41
C GLU A 64 -9.28 -13.62 -14.73
N ASP A 65 -10.57 -13.29 -14.67
CA ASP A 65 -11.27 -12.88 -15.88
C ASP A 65 -10.68 -11.59 -16.45
N GLU A 66 -10.35 -10.64 -15.58
CA GLU A 66 -9.75 -9.39 -16.04
C GLU A 66 -8.41 -9.65 -16.71
N ASN A 67 -7.59 -10.52 -16.13
CA ASN A 67 -6.33 -10.89 -16.79
C ASN A 67 -6.57 -11.55 -18.13
N ASP A 68 -7.56 -12.45 -18.21
CA ASP A 68 -7.85 -13.12 -19.48
C ASP A 68 -8.26 -12.13 -20.55
N GLN A 69 -9.11 -11.17 -20.21
CA GLN A 69 -9.52 -10.16 -21.19
C GLN A 69 -8.38 -9.23 -21.56
N GLN A 70 -7.50 -8.89 -20.62
CA GLN A 70 -6.42 -7.96 -20.91
C GLN A 70 -5.26 -8.60 -21.66
N LEU A 71 -5.14 -9.92 -21.62
CA LEU A 71 -3.99 -10.58 -22.26
C LEU A 71 -4.00 -10.39 -23.77
N LEU A 72 -5.16 -10.58 -24.40
CA LEU A 72 -5.24 -10.59 -25.85
C LEU A 72 -6.21 -9.54 -26.33
N PRO A 73 -5.83 -8.70 -27.30
CA PRO A 73 -6.76 -7.68 -27.81
C PRO A 73 -7.99 -8.31 -28.44
N ASN A 74 -9.12 -7.64 -28.28
CA ASN A 74 -10.40 -8.10 -28.84
C ASN A 74 -10.50 -7.64 -30.29
N MET A 75 -10.94 -8.53 -31.17
CA MET A 75 -10.99 -8.24 -32.59
C MET A 75 -12.39 -7.87 -33.07
N ASN A 76 -13.42 -8.12 -32.25
CA ASN A 76 -14.78 -7.74 -32.65
C ASN A 76 -15.03 -6.25 -32.51
N ALA A 77 -14.30 -5.58 -31.61
CA ALA A 77 -14.54 -4.17 -31.33
C ALA A 77 -13.45 -3.26 -31.88
N THR A 78 -12.35 -3.82 -32.40
CA THR A 78 -11.27 -2.99 -32.89
C THR A 78 -11.58 -2.37 -34.26
N TRP A 79 -12.29 -3.09 -35.12
CA TRP A 79 -12.49 -2.66 -36.50
C TRP A 79 -13.37 -1.42 -36.62
N VAL A 80 -14.10 -1.04 -35.58
CA VAL A 80 -14.99 0.11 -35.68
C VAL A 80 -14.20 1.42 -35.80
N ASP A 81 -13.09 1.53 -35.09
CA ASP A 81 -12.31 2.77 -35.06
C ASP A 81 -11.32 2.90 -36.20
N GLN A 82 -11.20 1.88 -37.07
CA GLN A 82 -10.16 1.86 -38.08
C GLN A 82 -10.52 2.76 -39.27
N ARG A 83 -9.66 2.74 -40.28
CA ARG A 83 -9.81 3.61 -41.44
C ARG A 83 -10.98 3.19 -42.30
N GLY A 84 -11.76 4.17 -42.75
CA GLY A 84 -12.86 3.91 -43.65
C GLY A 84 -14.05 3.23 -43.03
N ALA A 85 -14.17 3.24 -41.71
CA ALA A 85 -15.22 2.52 -41.01
C ALA A 85 -16.43 3.40 -40.69
N TRP A 86 -16.42 4.67 -41.07
CA TRP A 86 -17.53 5.57 -40.79
C TRP A 86 -18.37 5.90 -42.02
N ILE A 87 -17.73 6.16 -43.16
CA ILE A 87 -18.46 6.45 -44.38
C ILE A 87 -19.25 5.25 -44.87
N ILE A 88 -18.88 4.04 -44.44
CA ILE A 88 -19.55 2.82 -44.88
C ILE A 88 -21.04 2.85 -44.56
N HIS A 89 -21.43 3.33 -43.38
CA HIS A 89 -22.84 3.45 -43.03
C HIS A 89 -23.58 4.39 -43.99
N VAL A 90 -22.96 5.52 -44.32
CA VAL A 90 -23.58 6.47 -45.25
C VAL A 90 -23.77 5.84 -46.61
N VAL A 91 -22.75 5.11 -47.08
CA VAL A 91 -22.85 4.43 -48.38
C VAL A 91 -23.97 3.40 -48.37
N ILE A 92 -24.06 2.62 -47.29
CA ILE A 92 -25.14 1.64 -47.17
C ILE A 92 -26.49 2.32 -47.21
N ILE A 93 -26.66 3.44 -46.49
CA ILE A 93 -27.92 4.16 -46.50
C ILE A 93 -28.26 4.64 -47.90
N ILE A 94 -27.28 5.21 -48.60
CA ILE A 94 -27.52 5.73 -49.95
C ILE A 94 -27.97 4.62 -50.88
N LEU A 95 -27.29 3.47 -50.81
CA LEU A 95 -27.68 2.35 -51.67
C LEU A 95 -29.05 1.80 -51.31
N LEU A 96 -29.38 1.71 -50.02
CA LEU A 96 -30.68 1.19 -49.61
C LEU A 96 -31.80 2.11 -50.07
N LYS A 97 -31.59 3.42 -50.00
CA LYS A 97 -32.58 4.35 -50.52
C LYS A 97 -32.84 4.10 -52.01
N LEU A 98 -31.76 3.98 -52.79
CA LEU A 98 -31.89 3.85 -54.24
C LEU A 98 -32.58 2.54 -54.62
N PHE A 99 -32.19 1.43 -53.97
CA PHE A 99 -32.76 0.14 -54.34
C PHE A 99 -34.24 0.06 -53.97
N TYR A 100 -34.63 0.61 -52.82
CA TYR A 100 -36.04 0.61 -52.44
C TYR A 100 -36.84 1.59 -53.28
N ASN A 101 -36.22 2.66 -53.77
CA ASN A 101 -36.91 3.57 -54.67
C ASN A 101 -36.95 3.05 -56.09
N LEU A 102 -36.15 2.04 -56.42
CA LEU A 102 -36.03 1.58 -57.80
C LEU A 102 -37.34 0.97 -58.30
N PHE A 103 -38.03 0.21 -57.46
CA PHE A 103 -39.28 -0.42 -57.87
C PHE A 103 -40.33 0.65 -58.14
N PRO A 104 -41.00 0.62 -59.29
CA PRO A 104 -41.99 1.68 -59.59
C PRO A 104 -43.15 1.74 -58.60
N GLY A 105 -43.57 0.60 -58.06
CA GLY A 105 -44.80 0.56 -57.27
C GLY A 105 -44.68 1.11 -55.86
N VAL A 106 -43.46 1.44 -55.42
CA VAL A 106 -43.28 1.89 -54.05
C VAL A 106 -43.66 3.36 -53.92
N THR A 107 -44.08 3.75 -52.72
CA THR A 107 -44.38 5.13 -52.39
C THR A 107 -43.23 5.68 -51.56
N THR A 108 -42.94 6.97 -51.74
CA THR A 108 -41.77 7.59 -51.10
C THR A 108 -41.80 7.42 -49.58
N GLU A 109 -42.95 7.67 -48.96
CA GLU A 109 -43.06 7.44 -47.52
C GLU A 109 -42.83 5.97 -47.20
N TRP A 110 -43.42 5.07 -47.99
CA TRP A 110 -43.23 3.65 -47.77
C TRP A 110 -41.78 3.24 -48.00
N SER A 111 -41.13 3.79 -49.03
CA SER A 111 -39.73 3.44 -49.28
C SER A 111 -38.84 3.86 -48.13
N TRP A 112 -39.04 5.08 -47.61
CA TRP A 112 -38.22 5.53 -46.49
C TRP A 112 -38.51 4.71 -45.24
N THR A 113 -39.77 4.35 -45.01
CA THR A 113 -40.07 3.48 -43.86
C THR A 113 -39.39 2.12 -44.02
N LEU A 114 -39.38 1.56 -45.23
CA LEU A 114 -38.77 0.26 -45.43
C LEU A 114 -37.26 0.32 -45.24
N THR A 115 -36.61 1.39 -45.72
CA THR A 115 -35.16 1.49 -45.51
C THR A 115 -34.84 1.71 -44.04
N ASN A 116 -35.71 2.42 -43.32
CA ASN A 116 -35.58 2.51 -41.87
C ASN A 116 -35.71 1.14 -41.23
N MET A 117 -36.68 0.34 -41.70
CA MET A 117 -36.82 -1.03 -41.21
C MET A 117 -35.51 -1.77 -41.36
N THR A 118 -34.96 -1.77 -42.58
CA THR A 118 -33.73 -2.49 -42.85
C THR A 118 -32.58 -2.04 -41.95
N TYR A 119 -32.32 -0.73 -41.90
CA TYR A 119 -31.17 -0.25 -41.12
C TYR A 119 -31.33 -0.53 -39.64
N VAL A 120 -32.52 -0.24 -39.08
CA VAL A 120 -32.73 -0.43 -37.65
C VAL A 120 -32.62 -1.90 -37.28
N ILE A 121 -33.25 -2.78 -38.06
CA ILE A 121 -33.19 -4.21 -37.74
C ILE A 121 -31.77 -4.73 -37.85
N GLY A 122 -31.05 -4.33 -38.92
CA GLY A 122 -29.68 -4.79 -39.06
C GLY A 122 -28.79 -4.34 -37.91
N SER A 123 -28.90 -3.07 -37.53
CA SER A 123 -28.10 -2.56 -36.43
C SER A 123 -28.44 -3.25 -35.13
N TYR A 124 -29.73 -3.47 -34.86
CA TYR A 124 -30.12 -4.12 -33.62
C TYR A 124 -29.64 -5.55 -33.57
N VAL A 125 -29.72 -6.28 -34.69
CA VAL A 125 -29.25 -7.66 -34.72
C VAL A 125 -27.74 -7.72 -34.49
N MET A 126 -26.99 -6.84 -35.16
CA MET A 126 -25.54 -6.90 -35.05
C MET A 126 -25.05 -6.47 -33.67
N PHE A 127 -25.66 -5.43 -33.10
CA PHE A 127 -25.09 -4.81 -31.91
C PHE A 127 -25.64 -5.44 -30.63
N HIS A 128 -26.97 -5.50 -30.50
CA HIS A 128 -27.58 -5.81 -29.22
C HIS A 128 -28.12 -7.23 -29.10
N LEU A 129 -28.37 -7.91 -30.22
CA LEU A 129 -29.00 -9.22 -30.16
C LEU A 129 -27.98 -10.31 -29.83
N ILE A 130 -26.90 -10.38 -30.61
CA ILE A 130 -25.94 -11.48 -30.51
C ILE A 130 -24.96 -11.20 -29.37
N LYS A 131 -24.79 -12.19 -28.50
CA LYS A 131 -23.83 -12.13 -27.40
C LYS A 131 -22.78 -13.20 -27.62
N GLY A 132 -21.51 -12.80 -27.52
CA GLY A 132 -20.40 -13.72 -27.62
C GLY A 132 -19.41 -13.25 -28.66
N THR A 133 -18.42 -14.10 -28.91
CA THR A 133 -17.38 -13.82 -29.90
C THR A 133 -17.28 -15.00 -30.86
N PRO A 134 -17.30 -14.77 -32.17
CA PRO A 134 -17.12 -15.91 -33.10
C PRO A 134 -15.78 -16.61 -32.96
N PHE A 135 -14.70 -15.84 -32.88
CA PHE A 135 -13.39 -16.44 -32.62
C PHE A 135 -13.29 -16.86 -31.17
N ASP A 136 -12.48 -17.87 -30.90
CA ASP A 136 -12.38 -18.43 -29.56
C ASP A 136 -11.31 -17.69 -28.76
N PHE A 137 -11.71 -17.17 -27.61
CA PHE A 137 -10.78 -16.59 -26.65
C PHE A 137 -10.53 -17.56 -25.50
N ASN A 138 -9.61 -17.20 -24.62
CA ASN A 138 -9.26 -18.06 -23.49
C ASN A 138 -10.47 -18.27 -22.59
N GLY A 139 -10.88 -19.55 -22.47
CA GLY A 139 -12.06 -19.85 -21.68
C GLY A 139 -13.31 -19.24 -22.29
N GLY A 140 -14.29 -18.97 -21.43
CA GLY A 140 -15.50 -18.30 -21.88
C GLY A 140 -15.25 -16.89 -22.33
N ALA A 141 -14.52 -16.11 -21.53
CA ALA A 141 -14.11 -14.74 -21.86
C ALA A 141 -15.36 -13.91 -22.11
N TYR A 142 -15.52 -13.27 -23.27
CA TYR A 142 -16.62 -12.36 -23.52
C TYR A 142 -17.90 -13.11 -23.88
N ASP A 143 -18.34 -14.03 -23.02
CA ASP A 143 -19.54 -14.81 -23.28
C ASP A 143 -20.82 -14.10 -22.87
N ASN A 144 -20.73 -13.02 -22.09
CA ASN A 144 -21.92 -12.40 -21.51
C ASN A 144 -22.23 -11.02 -22.08
N LEU A 145 -21.26 -10.33 -22.66
CA LEU A 145 -21.45 -8.96 -23.10
C LEU A 145 -21.64 -8.90 -24.61
N THR A 146 -22.34 -7.86 -25.05
CA THR A 146 -22.58 -7.64 -26.46
C THR A 146 -21.47 -6.76 -27.06
N MET A 147 -21.51 -6.59 -28.38
CA MET A 147 -20.46 -5.83 -29.06
C MET A 147 -20.49 -4.36 -28.67
N TRP A 148 -21.68 -3.78 -28.52
CA TRP A 148 -21.76 -2.38 -28.12
C TRP A 148 -21.15 -2.16 -26.74
N GLU A 149 -21.28 -3.15 -25.86
CA GLU A 149 -20.60 -3.07 -24.57
C GLU A 149 -19.10 -3.28 -24.72
N GLN A 150 -18.67 -4.06 -25.71
CA GLN A 150 -17.26 -4.34 -25.92
C GLN A 150 -16.52 -3.21 -26.62
N ILE A 151 -17.25 -2.26 -27.22
CA ILE A 151 -16.60 -1.21 -27.98
C ILE A 151 -15.69 -0.38 -27.08
N ASP A 152 -14.44 -0.24 -27.49
CA ASP A 152 -13.46 0.65 -26.85
C ASP A 152 -13.28 0.32 -25.37
N ASP A 153 -13.24 -0.98 -25.05
CA ASP A 153 -12.94 -1.45 -23.70
C ASP A 153 -13.90 -0.85 -22.66
N GLU A 154 -15.18 -0.80 -23.01
CA GLU A 154 -16.26 -0.32 -22.15
C GLU A 154 -16.14 1.17 -21.81
N THR A 155 -15.29 1.91 -22.52
CA THR A 155 -15.19 3.34 -22.28
C THR A 155 -16.36 4.07 -22.92
N LEU A 156 -17.00 4.94 -22.14
CA LEU A 156 -18.17 5.66 -22.57
C LEU A 156 -17.80 7.03 -23.12
N TYR A 157 -18.75 7.64 -23.85
CA TYR A 157 -18.59 8.97 -24.42
C TYR A 157 -17.39 9.05 -25.37
N THR A 158 -17.19 7.98 -26.15
CA THR A 158 -16.15 7.95 -27.17
C THR A 158 -16.70 8.45 -28.50
N PRO A 159 -15.84 9.01 -29.35
CA PRO A 159 -16.33 9.60 -30.61
C PRO A 159 -17.10 8.62 -31.49
N SER A 160 -16.67 7.35 -31.53
CA SER A 160 -17.39 6.36 -32.32
C SER A 160 -18.82 6.17 -31.80
N ARG A 161 -18.99 6.14 -30.48
CA ARG A 161 -20.32 6.03 -29.91
C ARG A 161 -21.17 7.25 -30.27
N LYS A 162 -20.57 8.45 -30.24
CA LYS A 162 -21.29 9.65 -30.61
C LYS A 162 -21.76 9.59 -32.05
N PHE A 163 -20.88 9.15 -32.96
CA PHE A 163 -21.28 9.02 -34.36
C PHE A 163 -22.40 7.99 -34.54
N LEU A 164 -22.27 6.84 -33.86
CA LEU A 164 -23.25 5.78 -34.03
C LEU A 164 -24.60 6.14 -33.42
N ILE A 165 -24.62 7.03 -32.42
CA ILE A 165 -25.91 7.44 -31.87
C ILE A 165 -26.47 8.62 -32.65
N SER A 166 -25.62 9.43 -33.27
CA SER A 166 -26.09 10.59 -34.02
C SER A 166 -26.63 10.21 -35.39
N VAL A 167 -26.07 9.19 -36.03
CA VAL A 167 -26.49 8.85 -37.39
C VAL A 167 -27.97 8.51 -37.49
N PRO A 168 -28.54 7.62 -36.67
CA PRO A 168 -29.98 7.34 -36.80
C PRO A 168 -30.85 8.55 -36.56
N ILE A 169 -30.45 9.43 -35.65
CA ILE A 169 -31.24 10.65 -35.39
C ILE A 169 -31.27 11.52 -36.64
N ALA A 170 -30.11 11.72 -37.26
CA ALA A 170 -30.06 12.52 -38.49
C ALA A 170 -30.91 11.88 -39.58
N LEU A 171 -30.85 10.55 -39.69
CA LEU A 171 -31.68 9.86 -40.68
C LEU A 171 -33.16 10.09 -40.39
N PHE A 172 -33.56 10.02 -39.12
CA PHE A 172 -34.97 10.21 -38.77
C PHE A 172 -35.45 11.61 -39.13
N LEU A 173 -34.67 12.64 -38.78
CA LEU A 173 -35.07 14.00 -39.13
C LEU A 173 -35.09 14.23 -40.63
N VAL A 174 -34.11 13.69 -41.36
CA VAL A 174 -34.12 13.83 -42.81
C VAL A 174 -35.36 13.18 -43.41
N SER A 175 -35.69 11.97 -42.93
CA SER A 175 -36.89 11.29 -43.43
C SER A 175 -38.14 12.09 -43.13
N THR A 176 -38.25 12.62 -41.92
CA THR A 176 -39.45 13.38 -41.53
C THR A 176 -39.60 14.63 -42.38
N HIS A 177 -38.50 15.37 -42.58
CA HIS A 177 -38.59 16.66 -43.27
C HIS A 177 -38.68 16.49 -44.79
N TYR A 178 -38.24 15.34 -45.31
CA TYR A 178 -38.10 15.21 -46.76
C TYR A 178 -39.44 15.26 -47.48
N ALA A 179 -40.46 14.56 -46.99
CA ALA A 179 -41.71 14.42 -47.72
C ALA A 179 -42.90 14.57 -46.77
N HIS A 180 -44.09 14.57 -47.37
CA HIS A 180 -45.32 14.63 -46.60
C HIS A 180 -45.49 13.37 -45.77
N TYR A 181 -46.15 13.52 -44.62
CA TYR A 181 -46.39 12.40 -43.73
C TYR A 181 -47.68 12.61 -42.94
N ASP A 182 -48.24 11.50 -42.47
CA ASP A 182 -49.37 11.51 -41.55
C ASP A 182 -48.94 10.87 -40.24
N LEU A 183 -49.51 11.35 -39.14
CA LEU A 183 -49.06 10.92 -37.82
C LEU A 183 -49.33 9.45 -37.53
N LYS A 184 -50.20 8.81 -38.31
CA LYS A 184 -50.57 7.41 -38.06
C LYS A 184 -49.35 6.51 -38.03
N LEU A 185 -48.65 6.39 -39.17
CA LEU A 185 -47.44 5.60 -39.21
C LEU A 185 -46.25 6.36 -38.63
N PHE A 186 -46.36 7.69 -38.54
CA PHE A 186 -45.26 8.49 -38.02
C PHE A 186 -44.99 8.18 -36.55
N SER A 187 -46.05 8.04 -35.75
CA SER A 187 -45.87 7.72 -34.34
C SER A 187 -45.18 6.38 -34.15
N TRP A 188 -45.61 5.37 -34.91
CA TRP A 188 -45.01 4.05 -34.77
C TRP A 188 -43.56 4.05 -35.28
N ASN A 189 -43.29 4.81 -36.35
CA ASN A 189 -41.94 4.89 -36.88
C ASN A 189 -40.99 5.54 -35.88
N CYS A 190 -41.41 6.65 -35.26
CA CYS A 190 -40.55 7.28 -34.27
C CYS A 190 -40.43 6.42 -33.02
N PHE A 191 -41.49 5.68 -32.65
CA PHE A 191 -41.38 4.74 -31.55
C PHE A 191 -40.32 3.68 -31.82
N LEU A 192 -40.34 3.11 -33.03
CA LEU A 192 -39.34 2.09 -33.37
C LEU A 192 -37.94 2.68 -33.40
N THR A 193 -37.81 3.89 -33.97
CA THR A 193 -36.51 4.54 -34.00
C THR A 193 -35.97 4.77 -32.59
N THR A 194 -36.84 5.18 -31.67
CA THR A 194 -36.41 5.44 -30.29
C THR A 194 -36.04 4.14 -29.59
N PHE A 195 -36.90 3.13 -29.66
CA PHE A 195 -36.74 1.94 -28.84
C PHE A 195 -35.82 0.88 -29.47
N GLY A 196 -35.45 1.03 -30.73
CA GLY A 196 -34.57 0.06 -31.37
C GLY A 196 -33.18 0.61 -31.61
N ALA A 197 -33.06 1.93 -31.66
CA ALA A 197 -31.78 2.59 -31.90
C ALA A 197 -31.34 3.48 -30.76
N VAL A 198 -32.25 4.29 -30.21
CA VAL A 198 -31.86 5.25 -29.19
C VAL A 198 -31.79 4.60 -27.81
N VAL A 199 -32.87 3.92 -27.41
CA VAL A 199 -32.95 3.43 -26.02
C VAL A 199 -31.78 2.55 -25.63
N PRO A 200 -31.34 1.56 -26.42
CA PRO A 200 -30.22 0.72 -25.98
C PRO A 200 -28.92 1.49 -25.76
N LYS A 201 -28.76 2.65 -26.37
CA LYS A 201 -27.49 3.38 -26.30
C LYS A 201 -27.34 4.21 -25.03
N LEU A 202 -28.41 4.41 -24.26
CA LEU A 202 -28.30 5.22 -23.05
C LEU A 202 -27.43 4.52 -22.01
N PRO A 203 -26.66 5.28 -21.23
CA PRO A 203 -25.83 4.66 -20.19
C PRO A 203 -26.64 3.94 -19.11
N VAL A 204 -27.92 4.30 -18.95
CA VAL A 204 -28.74 3.65 -17.93
C VAL A 204 -28.97 2.19 -18.28
N THR A 205 -29.07 1.87 -19.57
CA THR A 205 -29.28 0.50 -20.02
C THR A 205 -27.98 -0.27 -20.18
N HIS A 206 -26.84 0.35 -19.90
CA HIS A 206 -25.56 -0.35 -19.99
C HIS A 206 -25.45 -1.40 -18.88
N ARG A 207 -24.91 -2.56 -19.25
CA ARG A 207 -24.73 -3.69 -18.32
C ARG A 207 -26.06 -4.13 -17.71
N LEU A 208 -27.13 -4.10 -18.49
CA LEU A 208 -28.48 -4.33 -17.99
C LEU A 208 -29.12 -5.49 -18.74
N ARG A 209 -29.83 -6.35 -18.02
CA ARG A 209 -30.53 -7.48 -18.60
C ARG A 209 -31.95 -7.55 -18.08
N ILE A 210 -32.90 -7.81 -18.98
CA ILE A 210 -34.30 -7.96 -18.64
C ILE A 210 -34.74 -9.36 -19.05
N SER A 211 -35.38 -10.08 -18.12
CA SER A 211 -35.81 -11.44 -18.35
C SER A 211 -37.26 -11.59 -17.88
N ILE A 212 -38.18 -11.69 -18.84
CA ILE A 212 -39.58 -12.00 -18.54
C ILE A 212 -39.64 -13.47 -18.14
N PRO A 213 -40.50 -13.86 -17.20
CA PRO A 213 -40.54 -15.28 -16.82
C PRO A 213 -40.79 -16.24 -17.97
N GLY A 214 -41.63 -15.87 -18.94
CA GLY A 214 -41.91 -16.77 -20.04
C GLY A 214 -41.58 -16.25 -21.42
N ILE A 215 -41.64 -14.93 -21.61
CA ILE A 215 -41.43 -14.36 -22.93
C ILE A 215 -39.97 -14.48 -23.34
N THR A 216 -39.05 -14.15 -22.43
CA THR A 216 -37.62 -14.14 -22.72
C THR A 216 -36.90 -15.12 -21.82
N GLY A 217 -35.93 -15.84 -22.38
CA GLY A 217 -35.18 -16.80 -21.60
C GLY A 217 -34.30 -16.12 -20.56
N ARG A 218 -33.96 -16.89 -19.53
CA ARG A 218 -33.12 -16.38 -18.45
C ARG A 218 -31.73 -16.06 -18.98
N ALA A 219 -31.15 -14.98 -18.47
CA ALA A 219 -29.86 -14.48 -18.91
C ALA A 219 -28.80 -14.74 -17.85
N GLN A 220 -27.64 -15.23 -18.29
CA GLN A 220 -26.52 -15.49 -17.38
C GLN A 220 -26.00 -14.18 -16.81
N ILE A 221 -25.71 -14.17 -15.52
CA ILE A 221 -25.21 -12.97 -14.85
C ILE A 221 -23.76 -13.17 -14.44
N ASP B 52 -51.26 16.72 -31.54
CA ASP B 52 -51.20 17.95 -32.32
C ASP B 52 -49.87 18.06 -33.07
N ASP B 53 -49.81 18.98 -34.03
CA ASP B 53 -48.56 19.21 -34.75
C ASP B 53 -47.41 19.64 -33.85
N PRO B 54 -47.58 20.54 -32.86
CA PRO B 54 -46.43 20.89 -32.01
C PRO B 54 -45.88 19.71 -31.22
N TYR B 55 -46.68 18.67 -30.99
CA TYR B 55 -46.17 17.49 -30.29
C TYR B 55 -45.11 16.77 -31.12
N ARG B 56 -45.34 16.64 -32.43
CA ARG B 56 -44.36 16.00 -33.29
C ARG B 56 -43.07 16.79 -33.33
N THR B 57 -43.17 18.12 -33.36
CA THR B 57 -41.97 18.96 -33.30
C THR B 57 -41.27 18.82 -31.95
N THR B 58 -42.06 18.69 -30.87
CA THR B 58 -41.47 18.55 -29.54
C THR B 58 -40.69 17.24 -29.43
N VAL B 59 -41.15 16.20 -30.11
CA VAL B 59 -40.40 14.94 -30.13
C VAL B 59 -39.02 15.16 -30.76
N GLU B 60 -38.97 15.87 -31.89
CA GLU B 60 -37.70 16.16 -32.54
C GLU B 60 -36.82 17.02 -31.64
N ILE B 61 -37.41 18.01 -30.97
CA ILE B 61 -36.64 18.87 -30.07
C ILE B 61 -36.03 18.06 -28.95
N GLY B 62 -36.83 17.16 -28.35
CA GLY B 62 -36.32 16.29 -27.30
C GLY B 62 -35.22 15.37 -27.75
N LEU B 63 -35.30 14.82 -28.97
CA LEU B 63 -34.20 14.04 -29.51
C LEU B 63 -32.95 14.85 -29.76
N ILE B 64 -33.09 16.05 -30.34
CA ILE B 64 -31.93 16.88 -30.64
C ILE B 64 -31.24 17.33 -29.36
N LEU B 65 -32.02 17.67 -28.34
CA LEU B 65 -31.43 18.11 -27.07
C LEU B 65 -30.59 16.99 -26.45
N TYR B 66 -31.12 15.76 -26.43
CA TYR B 66 -30.35 14.65 -25.88
C TYR B 66 -29.11 14.37 -26.71
N GLY B 67 -29.23 14.46 -28.03
CA GLY B 67 -28.06 14.29 -28.87
C GLY B 67 -26.96 15.29 -28.57
N ILE B 68 -27.34 16.56 -28.43
CA ILE B 68 -26.35 17.60 -28.10
C ILE B 68 -25.75 17.35 -26.73
N ILE B 69 -26.59 16.97 -25.75
CA ILE B 69 -26.08 16.72 -24.40
C ILE B 69 -25.06 15.59 -24.41
N TYR B 70 -25.37 14.50 -25.12
CA TYR B 70 -24.43 13.38 -25.19
C TYR B 70 -23.16 13.79 -25.94
N TYR B 71 -23.29 14.63 -26.97
CA TYR B 71 -22.11 15.08 -27.69
C TYR B 71 -21.20 15.94 -26.82
N LEU B 72 -21.77 16.77 -25.96
CA LEU B 72 -20.95 17.70 -25.17
C LEU B 72 -20.18 16.99 -24.07
N SER B 73 -20.59 15.78 -23.68
CA SER B 73 -19.97 15.10 -22.57
C SER B 73 -18.55 14.66 -22.92
N LYS B 74 -17.77 14.37 -21.87
CA LYS B 74 -16.38 13.97 -21.99
C LYS B 74 -16.22 12.47 -21.73
N PRO B 75 -15.22 11.85 -22.35
CA PRO B 75 -15.02 10.40 -22.13
C PRO B 75 -14.64 10.08 -20.69
N GLN B 76 -15.12 8.92 -20.24
CA GLN B 76 -14.78 8.41 -18.91
C GLN B 76 -14.78 6.90 -18.97
N GLN B 77 -13.85 6.27 -18.26
CA GLN B 77 -13.72 4.83 -18.23
C GLN B 77 -13.56 4.34 -16.80
N LYS B 78 -14.02 3.10 -16.54
CA LYS B 78 -13.86 2.51 -15.22
C LYS B 78 -12.39 2.34 -14.87
N LYS B 79 -11.60 1.85 -15.82
CA LYS B 79 -10.16 1.73 -15.65
C LYS B 79 -9.48 3.07 -15.96
N SER B 80 -9.72 4.04 -15.09
CA SER B 80 -9.27 5.40 -15.33
C SER B 80 -7.76 5.52 -15.16
N LEU B 81 -7.26 6.71 -15.47
CA LEU B 81 -5.84 7.04 -15.36
C LEU B 81 -5.47 7.37 -13.91
N GLN B 82 -4.30 7.97 -13.74
CA GLN B 82 -3.82 8.45 -12.44
C GLN B 82 -4.89 9.26 -11.70
N ALA B 83 -5.83 9.85 -12.44
CA ALA B 83 -6.90 10.63 -11.87
C ALA B 83 -7.89 9.77 -11.08
N GLN B 84 -7.57 8.49 -10.89
CA GLN B 84 -8.44 7.55 -10.19
C GLN B 84 -8.63 7.96 -8.73
N LYS B 85 -7.51 8.14 -8.02
CA LYS B 85 -7.56 8.49 -6.58
C LYS B 85 -8.01 9.94 -6.34
N PRO B 86 -7.76 10.93 -7.15
CA PRO B 86 -6.41 11.26 -7.61
C PRO B 86 -5.67 11.78 -6.37
N ASN B 87 -6.20 12.83 -5.74
CA ASN B 87 -5.58 13.40 -4.51
C ASN B 87 -4.05 13.36 -4.64
N LEU B 88 -3.53 13.84 -5.77
CA LEU B 88 -2.10 13.85 -5.99
C LEU B 88 -1.69 15.08 -6.77
N SER B 89 -0.41 15.41 -6.67
CA SER B 89 0.24 16.51 -7.36
C SER B 89 1.54 16.00 -7.96
N PRO B 90 2.07 16.68 -8.98
CA PRO B 90 3.31 16.19 -9.60
C PRO B 90 4.46 16.05 -8.63
N GLN B 91 4.55 16.93 -7.62
CA GLN B 91 5.62 16.81 -6.63
C GLN B 91 5.46 15.55 -5.79
N GLU B 92 4.22 15.21 -5.42
CA GLU B 92 3.98 14.07 -4.55
C GLU B 92 4.27 12.74 -5.26
N ILE B 93 3.98 12.67 -6.56
CA ILE B 93 4.10 11.40 -7.28
C ILE B 93 5.55 10.95 -7.37
N ASP B 94 6.47 11.90 -7.53
CA ASP B 94 7.88 11.56 -7.59
C ASP B 94 8.37 10.91 -6.31
N ALA B 95 7.83 11.33 -5.16
CA ALA B 95 8.19 10.70 -3.89
C ALA B 95 7.79 9.24 -3.87
N LEU B 96 6.57 8.94 -4.34
CA LEU B 96 6.13 7.55 -4.41
C LEU B 96 7.00 6.74 -5.37
N ILE B 97 7.34 7.33 -6.52
CA ILE B 97 8.16 6.61 -7.49
C ILE B 97 9.53 6.31 -6.92
N GLU B 98 10.14 7.28 -6.24
CA GLU B 98 11.48 7.08 -5.71
C GLU B 98 11.48 6.14 -4.49
N ASP B 99 10.40 6.15 -3.71
CA ASP B 99 10.32 5.31 -2.52
C ASP B 99 10.19 3.83 -2.84
N TRP B 100 9.65 3.48 -4.01
CA TRP B 100 9.43 2.08 -4.36
C TRP B 100 10.77 1.37 -4.54
N GLU B 101 10.92 0.22 -3.90
CA GLU B 101 12.11 -0.60 -4.05
C GLU B 101 11.69 -2.01 -4.44
N PRO B 102 12.36 -2.63 -5.41
CA PRO B 102 11.92 -3.95 -5.88
C PRO B 102 12.54 -5.10 -5.10
N GLU B 103 12.20 -6.31 -5.50
CA GLU B 103 12.70 -7.58 -5.00
C GLU B 103 13.60 -8.22 -6.04
N PRO B 104 14.64 -8.95 -5.62
CA PRO B 104 15.49 -9.64 -6.60
C PRO B 104 14.69 -10.62 -7.45
N LEU B 105 15.15 -10.78 -8.70
CA LEU B 105 14.43 -11.61 -9.66
C LEU B 105 14.32 -13.04 -9.16
N VAL B 106 15.40 -13.59 -8.62
CA VAL B 106 15.41 -14.91 -8.01
C VAL B 106 16.04 -14.79 -6.63
N ASP B 107 15.62 -15.64 -5.71
CA ASP B 107 16.16 -15.59 -4.36
C ASP B 107 17.41 -16.45 -4.28
N PRO B 108 18.59 -15.86 -4.05
CA PRO B 108 19.84 -16.64 -3.99
C PRO B 108 20.21 -17.13 -2.59
N SER B 109 19.31 -17.05 -1.62
CA SER B 109 19.67 -17.37 -0.23
C SER B 109 20.03 -18.83 -0.07
N ALA B 110 19.27 -19.74 -0.69
CA ALA B 110 19.36 -21.16 -0.37
C ALA B 110 20.02 -21.99 -1.47
N THR B 111 20.63 -21.36 -2.48
CA THR B 111 21.19 -22.12 -3.58
C THR B 111 22.31 -23.05 -3.13
N ASP B 112 23.10 -22.62 -2.14
CA ASP B 112 24.19 -23.46 -1.63
C ASP B 112 23.66 -24.65 -0.84
N GLU B 113 22.44 -24.55 -0.31
CA GLU B 113 21.87 -25.65 0.46
C GLU B 113 21.36 -26.76 -0.46
N GLN B 114 20.96 -26.43 -1.68
CA GLN B 114 20.50 -27.42 -2.65
C GLN B 114 21.50 -27.71 -3.76
N SER B 115 22.68 -27.10 -3.75
CA SER B 115 23.67 -27.41 -4.79
C SER B 115 24.15 -28.85 -4.74
N TRP B 116 23.92 -29.57 -3.63
CA TRP B 116 24.41 -30.93 -3.51
C TRP B 116 23.75 -31.85 -4.54
N ARG B 117 22.46 -31.64 -4.80
CA ARG B 117 21.77 -32.48 -5.78
C ARG B 117 22.29 -32.22 -7.20
N VAL B 118 22.73 -31.00 -7.48
CA VAL B 118 23.40 -30.74 -8.74
C VAL B 118 24.75 -31.44 -8.79
N ALA B 119 25.47 -31.45 -7.67
CA ALA B 119 26.77 -32.10 -7.62
C ALA B 119 26.70 -33.62 -7.72
N LYS B 120 25.51 -34.21 -7.57
CA LYS B 120 25.36 -35.66 -7.54
C LYS B 120 24.84 -36.26 -8.85
N THR B 121 24.66 -35.45 -9.88
CA THR B 121 24.09 -35.95 -11.13
C THR B 121 25.13 -36.74 -11.91
N PRO B 122 24.86 -37.99 -12.26
CA PRO B 122 25.79 -38.75 -13.09
C PRO B 122 25.84 -38.23 -14.51
N VAL B 123 27.02 -38.34 -15.13
CA VAL B 123 27.25 -37.92 -16.50
C VAL B 123 27.96 -39.05 -17.22
N THR B 124 27.49 -39.39 -18.43
CA THR B 124 28.09 -40.43 -19.23
C THR B 124 28.96 -39.82 -20.32
N MET B 125 30.17 -40.38 -20.48
CA MET B 125 31.18 -39.79 -21.36
C MET B 125 31.43 -40.70 -22.56
N GLU B 126 31.20 -40.15 -23.76
CA GLU B 126 31.63 -40.76 -25.03
C GLU B 126 31.10 -42.18 -25.21
N MET B 127 29.90 -42.44 -24.74
CA MET B 127 29.30 -43.77 -24.87
C MET B 127 27.79 -43.65 -24.89
N PRO B 128 27.10 -44.48 -25.66
CA PRO B 128 25.64 -44.50 -25.60
C PRO B 128 25.16 -45.01 -24.25
N ILE B 129 24.00 -44.52 -23.83
CA ILE B 129 23.40 -44.94 -22.58
C ILE B 129 22.92 -46.38 -22.75
N GLN B 130 23.51 -47.31 -22.01
CA GLN B 130 23.23 -48.73 -22.19
C GLN B 130 23.37 -49.41 -20.84
N ASN B 131 23.47 -50.74 -20.85
CA ASN B 131 23.50 -51.50 -19.60
C ASN B 131 24.78 -51.25 -18.82
N HIS B 132 25.94 -51.28 -19.49
CA HIS B 132 27.22 -51.04 -18.87
C HIS B 132 27.77 -49.71 -19.37
N ILE B 133 28.06 -48.79 -18.45
CA ILE B 133 28.45 -47.43 -18.79
C ILE B 133 29.63 -47.02 -17.92
N THR B 134 30.19 -45.85 -18.24
CA THR B 134 31.23 -45.21 -17.45
C THR B 134 30.78 -43.79 -17.14
N ILE B 135 30.72 -43.46 -15.85
CA ILE B 135 30.13 -42.20 -15.40
C ILE B 135 31.16 -41.40 -14.62
N THR B 136 30.99 -40.08 -14.64
CA THR B 136 31.78 -39.16 -13.82
C THR B 136 30.83 -38.21 -13.11
N ARG B 137 31.24 -37.73 -11.94
CA ARG B 137 30.37 -36.92 -11.11
C ARG B 137 31.15 -35.74 -10.53
N ASN B 138 30.41 -34.70 -10.15
CA ASN B 138 30.96 -33.51 -9.48
C ASN B 138 32.05 -32.85 -10.33
N ASN B 139 31.80 -32.70 -11.62
CA ASN B 139 32.67 -31.96 -12.53
C ASN B 139 34.06 -32.59 -12.60
N LEU B 140 34.09 -33.86 -13.02
CA LEU B 140 35.29 -34.62 -13.34
C LEU B 140 36.18 -34.92 -12.14
N GLN B 141 35.70 -34.72 -10.91
CA GLN B 141 36.51 -35.03 -9.75
C GLN B 141 36.56 -36.53 -9.45
N GLU B 142 35.45 -37.23 -9.64
CA GLU B 142 35.38 -38.65 -9.36
C GLU B 142 34.88 -39.40 -10.58
N LYS B 143 35.40 -40.61 -10.77
CA LYS B 143 35.12 -41.41 -11.95
C LYS B 143 34.91 -42.86 -11.56
N TYR B 144 33.91 -43.50 -12.18
CA TYR B 144 33.64 -44.92 -11.97
C TYR B 144 33.53 -45.60 -13.32
N THR B 145 33.87 -46.88 -13.35
CA THR B 145 33.90 -47.64 -14.59
C THR B 145 33.17 -48.97 -14.42
N ASN B 146 32.67 -49.50 -15.54
CA ASN B 146 31.93 -50.75 -15.59
C ASN B 146 30.74 -50.73 -14.61
N VAL B 147 29.98 -49.65 -14.66
CA VAL B 147 28.83 -49.48 -13.78
C VAL B 147 27.64 -50.22 -14.36
N PHE B 148 26.87 -50.89 -13.50
CA PHE B 148 25.66 -51.58 -13.91
C PHE B 148 24.48 -50.62 -13.81
N ASN B 149 23.90 -50.26 -14.95
CA ASN B 149 22.86 -49.24 -15.01
C ASN B 149 21.52 -49.86 -14.64
N LEU B 150 20.87 -49.30 -13.61
CA LEU B 150 19.50 -49.66 -13.25
C LEU B 150 18.60 -48.43 -13.20
N ALA B 151 18.93 -47.39 -13.93
CA ALA B 151 18.13 -46.17 -13.97
C ALA B 151 17.68 -45.78 -15.37
N SER B 152 17.94 -46.62 -16.38
CA SER B 152 17.51 -46.33 -17.73
C SER B 152 15.99 -46.43 -17.83
N ASN B 153 15.41 -45.58 -18.69
CA ASN B 153 13.98 -45.53 -18.86
C ASN B 153 13.53 -46.11 -20.20
N ASN B 154 14.39 -46.88 -20.86
CA ASN B 154 14.07 -47.55 -22.11
C ASN B 154 13.94 -49.04 -21.84
N PHE B 155 12.76 -49.59 -22.11
CA PHE B 155 12.42 -50.93 -21.64
C PHE B 155 12.68 -52.04 -22.66
N LEU B 156 12.32 -51.84 -23.93
CA LEU B 156 12.41 -52.94 -24.88
C LEU B 156 13.76 -53.01 -25.59
N GLN B 157 14.46 -51.88 -25.71
CA GLN B 157 15.81 -51.85 -26.29
C GLN B 157 15.82 -52.36 -27.73
N LEU B 158 14.81 -52.00 -28.50
CA LEU B 158 14.74 -52.38 -29.91
C LEU B 158 15.38 -51.37 -30.85
N SER B 159 15.58 -50.13 -30.38
CA SER B 159 16.12 -49.08 -31.24
C SER B 159 17.63 -49.20 -31.44
N ALA B 160 18.31 -50.04 -30.67
CA ALA B 160 19.76 -50.18 -30.77
C ALA B 160 20.20 -51.29 -31.71
N THR B 161 19.27 -52.01 -32.33
CA THR B 161 19.64 -53.12 -33.19
C THR B 161 20.10 -52.62 -34.56
N GLU B 162 20.81 -53.50 -35.27
CA GLU B 162 21.31 -53.15 -36.60
C GLU B 162 20.22 -52.86 -37.63
N PRO B 163 19.13 -53.62 -37.73
CA PRO B 163 18.14 -53.32 -38.79
C PRO B 163 17.52 -51.94 -38.68
N VAL B 164 17.55 -51.30 -37.51
CA VAL B 164 17.03 -49.95 -37.34
C VAL B 164 18.07 -48.89 -37.63
N LYS B 165 19.35 -49.15 -37.36
CA LYS B 165 20.42 -48.20 -37.56
C LYS B 165 20.65 -47.86 -39.04
N GLU B 166 20.12 -48.68 -39.96
CA GLU B 166 20.20 -48.39 -41.38
C GLU B 166 19.09 -47.50 -41.88
N VAL B 167 17.86 -47.68 -41.36
CA VAL B 167 16.76 -46.78 -41.69
C VAL B 167 17.04 -45.35 -41.30
N VAL B 168 17.69 -45.12 -40.15
CA VAL B 168 18.06 -43.78 -39.74
C VAL B 168 19.11 -43.19 -40.67
N LYS B 169 20.13 -43.97 -41.03
CA LYS B 169 21.20 -43.47 -41.89
C LYS B 169 20.68 -43.11 -43.28
N THR B 170 19.88 -43.99 -43.86
CA THR B 170 19.32 -43.72 -45.18
C THR B 170 18.43 -42.49 -45.15
N THR B 171 17.61 -42.36 -44.10
CA THR B 171 16.73 -41.20 -43.99
C THR B 171 17.54 -39.92 -43.85
N ILE B 172 18.60 -39.94 -43.06
CA ILE B 172 19.44 -38.75 -42.90
C ILE B 172 20.09 -38.38 -44.22
N LYS B 173 20.55 -39.37 -44.97
CA LYS B 173 21.19 -39.08 -46.26
C LYS B 173 20.19 -38.49 -47.25
N ASN B 174 18.95 -38.99 -47.26
CA ASN B 174 18.01 -38.57 -48.29
C ASN B 174 17.17 -37.36 -47.92
N TYR B 175 17.06 -37.01 -46.62
CA TYR B 175 16.16 -35.96 -46.20
C TYR B 175 16.81 -34.79 -45.48
N GLY B 176 18.00 -34.97 -44.91
CA GLY B 176 18.57 -33.96 -44.04
C GLY B 176 18.23 -34.24 -42.58
N VAL B 177 18.51 -33.25 -41.75
CA VAL B 177 18.33 -33.41 -40.31
C VAL B 177 16.98 -32.88 -39.86
N GLY B 178 16.75 -31.58 -40.05
CA GLY B 178 15.55 -30.98 -39.50
C GLY B 178 14.60 -30.36 -40.51
N ALA B 179 13.31 -30.39 -40.21
CA ALA B 179 12.30 -29.74 -41.04
C ALA B 179 12.33 -28.23 -40.78
N CYS B 180 12.07 -27.46 -41.84
CA CYS B 180 12.22 -26.01 -41.79
C CYS B 180 10.90 -25.27 -41.93
N GLY B 181 9.81 -25.80 -41.38
CA GLY B 181 8.55 -25.12 -41.44
C GLY B 181 7.49 -25.75 -40.54
N PRO B 182 6.46 -24.98 -40.23
CA PRO B 182 5.35 -25.54 -39.43
C PRO B 182 4.51 -26.51 -40.25
N ALA B 183 3.74 -27.32 -39.53
CA ALA B 183 2.81 -28.22 -40.20
C ALA B 183 1.72 -27.46 -40.94
N GLY B 184 1.44 -26.23 -40.53
CA GLY B 184 0.39 -25.45 -41.17
C GLY B 184 0.72 -25.04 -42.59
N PHE B 185 1.96 -24.61 -42.83
CA PHE B 185 2.28 -24.05 -44.14
C PHE B 185 2.86 -25.07 -45.11
N TYR B 186 4.06 -25.59 -44.83
CA TYR B 186 4.73 -26.47 -45.77
C TYR B 186 5.53 -27.59 -45.14
N GLY B 187 5.51 -27.73 -43.81
CA GLY B 187 6.45 -28.65 -43.16
C GLY B 187 6.08 -30.11 -43.22
N ASN B 188 4.80 -30.43 -43.43
CA ASN B 188 4.34 -31.80 -43.31
C ASN B 188 4.70 -32.58 -44.56
N GLN B 189 5.30 -33.75 -44.38
CA GLN B 189 5.82 -34.58 -45.46
C GLN B 189 5.10 -35.93 -45.46
N ASP B 190 5.56 -36.82 -46.33
CA ASP B 190 4.90 -38.11 -46.50
C ASP B 190 5.17 -39.07 -45.35
N VAL B 191 6.36 -39.01 -44.76
CA VAL B 191 6.71 -39.91 -43.68
C VAL B 191 5.84 -39.68 -42.46
N HIS B 192 5.45 -38.43 -42.21
CA HIS B 192 4.56 -38.15 -41.09
C HIS B 192 3.20 -38.79 -41.29
N TYR B 193 2.64 -38.68 -42.49
CA TYR B 193 1.37 -39.34 -42.79
C TYR B 193 1.50 -40.85 -42.66
N THR B 194 2.62 -41.41 -43.14
CA THR B 194 2.83 -42.85 -43.03
C THR B 194 2.84 -43.28 -41.57
N LEU B 195 3.54 -42.54 -40.71
CA LEU B 195 3.57 -42.90 -39.30
C LEU B 195 2.20 -42.79 -38.66
N GLU B 196 1.44 -41.74 -39.01
CA GLU B 196 0.10 -41.60 -38.46
C GLU B 196 -0.79 -42.78 -38.84
N TYR B 197 -0.75 -43.18 -40.12
CA TYR B 197 -1.52 -44.34 -40.55
C TYR B 197 -1.07 -45.60 -39.83
N ASP B 198 0.25 -45.78 -39.67
CA ASP B 198 0.75 -46.97 -39.01
C ASP B 198 0.29 -47.04 -37.56
N LEU B 199 0.34 -45.92 -36.84
CA LEU B 199 -0.11 -45.90 -35.45
C LEU B 199 -1.60 -46.21 -35.37
N ALA B 200 -2.40 -45.60 -36.24
CA ALA B 200 -3.83 -45.84 -36.20
C ALA B 200 -4.16 -47.30 -36.49
N GLN B 201 -3.47 -47.91 -37.46
CA GLN B 201 -3.70 -49.33 -37.75
C GLN B 201 -3.25 -50.21 -36.59
N PHE B 202 -2.11 -49.90 -35.97
CA PHE B 202 -1.56 -50.76 -34.92
C PHE B 202 -2.41 -50.73 -33.67
N PHE B 203 -2.84 -49.56 -33.24
CA PHE B 203 -3.54 -49.44 -31.96
C PHE B 203 -5.05 -49.56 -32.06
N GLY B 204 -5.59 -49.74 -33.27
CA GLY B 204 -7.00 -50.01 -33.43
C GLY B 204 -7.92 -48.80 -33.34
N THR B 205 -7.41 -47.60 -33.55
CA THR B 205 -8.20 -46.38 -33.48
C THR B 205 -8.29 -45.77 -34.88
N GLN B 206 -9.32 -44.94 -35.08
CA GLN B 206 -9.57 -44.38 -36.40
C GLN B 206 -8.42 -43.48 -36.85
N GLY B 207 -7.91 -42.63 -35.97
CA GLY B 207 -6.88 -41.69 -36.37
C GLY B 207 -5.90 -41.40 -35.24
N SER B 208 -4.95 -40.53 -35.55
CA SER B 208 -3.93 -40.12 -34.57
C SER B 208 -3.36 -38.77 -34.98
N VAL B 209 -2.71 -38.11 -34.02
CA VAL B 209 -2.08 -36.82 -34.22
C VAL B 209 -0.72 -36.83 -33.54
N LEU B 210 0.29 -36.30 -34.24
CA LEU B 210 1.66 -36.30 -33.74
C LEU B 210 2.01 -34.96 -33.12
N TYR B 211 2.67 -35.00 -31.96
CA TYR B 211 3.11 -33.80 -31.25
C TYR B 211 4.63 -33.81 -31.15
N GLY B 212 5.20 -32.63 -30.92
CA GLY B 212 6.65 -32.50 -30.93
C GLY B 212 7.33 -32.91 -29.64
N GLN B 213 6.60 -32.92 -28.53
CA GLN B 213 7.16 -33.30 -27.25
C GLN B 213 6.04 -33.81 -26.35
N ASP B 214 6.34 -34.84 -25.57
CA ASP B 214 5.33 -35.52 -24.78
C ASP B 214 4.95 -34.78 -23.49
N PHE B 215 5.77 -33.82 -23.05
CA PHE B 215 5.42 -33.05 -21.87
C PHE B 215 4.25 -32.11 -22.16
N CYS B 216 4.18 -31.60 -23.38
CA CYS B 216 3.18 -30.60 -23.75
C CYS B 216 2.00 -31.17 -24.53
N ALA B 217 1.74 -32.47 -24.43
CA ALA B 217 0.62 -33.06 -25.16
C ALA B 217 -0.70 -32.80 -24.44
N ALA B 218 -0.81 -33.25 -23.18
CA ALA B 218 -2.04 -33.08 -22.43
C ALA B 218 -2.42 -31.62 -22.21
N PRO B 219 -1.51 -30.72 -21.80
CA PRO B 219 -1.90 -29.32 -21.61
C PRO B 219 -2.37 -28.63 -22.88
N SER B 220 -2.12 -29.22 -24.05
CA SER B 220 -2.61 -28.64 -25.30
C SER B 220 -3.84 -29.35 -25.84
N VAL B 221 -4.07 -30.60 -25.44
CA VAL B 221 -5.26 -31.32 -25.90
C VAL B 221 -6.44 -31.06 -24.98
N LEU B 222 -6.25 -31.22 -23.67
CA LEU B 222 -7.38 -31.13 -22.75
C LEU B 222 -8.06 -29.76 -22.75
N PRO B 223 -7.36 -28.63 -22.71
CA PRO B 223 -8.08 -27.34 -22.78
C PRO B 223 -8.81 -27.10 -24.08
N ALA B 224 -8.48 -27.83 -25.15
CA ALA B 224 -9.09 -27.57 -26.44
C ALA B 224 -10.57 -27.96 -26.45
N PHE B 225 -10.93 -29.00 -25.70
CA PHE B 225 -12.28 -29.54 -25.74
C PHE B 225 -13.13 -29.14 -24.53
N THR B 226 -12.66 -28.21 -23.70
CA THR B 226 -13.40 -27.78 -22.53
C THR B 226 -13.53 -26.27 -22.50
N LYS B 227 -14.57 -25.79 -21.83
CA LYS B 227 -14.90 -24.38 -21.76
C LYS B 227 -15.37 -24.09 -20.33
N ARG B 228 -15.59 -22.82 -20.01
CA ARG B 228 -16.19 -22.47 -18.73
C ARG B 228 -17.61 -23.03 -18.65
N GLY B 229 -17.93 -23.67 -17.54
CA GLY B 229 -19.22 -24.30 -17.37
C GLY B 229 -19.24 -25.80 -17.55
N ASP B 230 -18.08 -26.45 -17.64
CA ASP B 230 -17.99 -27.89 -17.79
C ASP B 230 -17.41 -28.51 -16.52
N VAL B 231 -17.58 -29.81 -16.38
CA VAL B 231 -17.19 -30.54 -15.19
C VAL B 231 -16.13 -31.58 -15.55
N ILE B 232 -15.12 -31.69 -14.68
CA ILE B 232 -14.07 -32.70 -14.82
C ILE B 232 -13.91 -33.40 -13.48
N VAL B 233 -13.89 -34.73 -13.50
CA VAL B 233 -13.71 -35.55 -12.31
C VAL B 233 -12.36 -36.24 -12.41
N ALA B 234 -11.44 -35.88 -11.53
CA ALA B 234 -10.05 -36.32 -11.62
C ALA B 234 -9.70 -37.19 -10.42
N ASP B 235 -8.67 -38.01 -10.59
CA ASP B 235 -8.24 -38.93 -9.55
C ASP B 235 -7.59 -38.16 -8.40
N ASP B 236 -7.38 -38.89 -7.29
CA ASP B 236 -6.85 -38.25 -6.10
C ASP B 236 -5.41 -37.79 -6.28
N GLN B 237 -4.59 -38.58 -6.97
CA GLN B 237 -3.20 -38.23 -7.22
C GLN B 237 -2.87 -38.51 -8.68
N VAL B 238 -2.47 -37.47 -9.41
CA VAL B 238 -2.10 -37.57 -10.82
C VAL B 238 -0.79 -36.82 -11.03
N SER B 239 -0.14 -37.10 -12.15
CA SER B 239 1.17 -36.54 -12.42
C SER B 239 1.08 -35.04 -12.69
N LEU B 240 2.25 -34.40 -12.74
CA LEU B 240 2.30 -32.95 -12.89
C LEU B 240 1.75 -32.45 -14.23
N PRO B 241 2.06 -33.05 -15.39
CA PRO B 241 1.47 -32.53 -16.64
C PRO B 241 -0.05 -32.52 -16.63
N VAL B 242 -0.66 -33.55 -16.05
CA VAL B 242 -2.11 -33.56 -15.93
C VAL B 242 -2.58 -32.42 -15.04
N GLN B 243 -1.82 -32.12 -13.99
CA GLN B 243 -2.17 -31.00 -13.11
C GLN B 243 -2.10 -29.68 -13.86
N ASN B 244 -1.08 -29.50 -14.70
CA ASN B 244 -0.98 -28.29 -15.51
C ASN B 244 -2.16 -28.19 -16.47
N ALA B 245 -2.54 -29.31 -17.08
CA ALA B 245 -3.69 -29.31 -17.98
C ALA B 245 -4.97 -28.92 -17.24
N LEU B 246 -5.16 -29.47 -16.04
CA LEU B 246 -6.35 -29.14 -15.26
C LEU B 246 -6.37 -27.67 -14.88
N GLN B 247 -5.22 -27.12 -14.51
CA GLN B 247 -5.15 -25.70 -14.18
C GLN B 247 -5.47 -24.82 -15.38
N LEU B 248 -4.94 -25.17 -16.55
CA LEU B 248 -5.16 -24.37 -17.75
C LEU B 248 -6.54 -24.57 -18.37
N SER B 249 -7.26 -25.63 -17.98
CA SER B 249 -8.51 -25.97 -18.65
C SER B 249 -9.59 -24.92 -18.41
N ARG B 250 -9.56 -24.25 -17.26
CA ARG B 250 -10.57 -23.25 -16.88
C ARG B 250 -11.97 -23.86 -16.81
N SER B 251 -12.11 -24.85 -15.93
CA SER B 251 -13.40 -25.48 -15.68
C SER B 251 -13.39 -26.11 -14.31
N THR B 252 -14.58 -26.44 -13.81
CA THR B 252 -14.71 -26.99 -12.47
C THR B 252 -14.06 -28.37 -12.37
N VAL B 253 -13.34 -28.59 -11.28
CA VAL B 253 -12.58 -29.83 -11.07
C VAL B 253 -13.01 -30.45 -9.75
N TYR B 254 -13.36 -31.73 -9.79
CA TYR B 254 -13.69 -32.50 -8.60
C TYR B 254 -12.69 -33.64 -8.44
N TYR B 255 -12.42 -34.00 -7.19
CA TYR B 255 -11.46 -35.05 -6.86
C TYR B 255 -12.15 -36.18 -6.13
N PHE B 256 -11.73 -37.41 -6.42
CA PHE B 256 -12.22 -38.59 -5.73
C PHE B 256 -11.04 -39.43 -5.26
N ASN B 257 -11.29 -40.28 -4.27
CA ASN B 257 -10.22 -41.01 -3.61
C ASN B 257 -9.53 -41.97 -4.58
N HIS B 258 -8.27 -42.28 -4.27
CA HIS B 258 -7.44 -43.06 -5.17
C HIS B 258 -7.96 -44.50 -5.28
N ASN B 259 -8.23 -44.93 -6.51
CA ASN B 259 -8.70 -46.28 -6.80
C ASN B 259 -9.89 -46.66 -5.93
N ASP B 260 -10.83 -45.73 -5.80
CA ASP B 260 -12.06 -45.94 -5.03
C ASP B 260 -13.24 -45.75 -5.98
N MET B 261 -14.04 -46.80 -6.14
CA MET B 261 -15.17 -46.72 -7.05
C MET B 261 -16.44 -46.25 -6.35
N ASN B 262 -16.58 -46.51 -5.05
CA ASN B 262 -17.76 -46.04 -4.32
C ASN B 262 -17.83 -44.52 -4.30
N SER B 263 -16.69 -43.87 -4.06
CA SER B 263 -16.67 -42.41 -4.05
C SER B 263 -17.01 -41.85 -5.43
N LEU B 264 -16.46 -42.45 -6.48
CA LEU B 264 -16.78 -42.00 -7.84
C LEU B 264 -18.26 -42.16 -8.14
N GLU B 265 -18.84 -43.31 -7.76
CA GLU B 265 -20.25 -43.53 -8.01
C GLU B 265 -21.12 -42.53 -7.26
N CYS B 266 -20.79 -42.29 -5.98
CA CYS B 266 -21.58 -41.34 -5.18
C CYS B 266 -21.49 -39.93 -5.75
N LEU B 267 -20.29 -39.50 -6.12
CA LEU B 267 -20.12 -38.15 -6.65
C LEU B 267 -20.82 -38.00 -7.99
N LEU B 268 -20.74 -39.02 -8.85
CA LEU B 268 -21.45 -38.99 -10.11
C LEU B 268 -22.96 -38.91 -9.90
N ASN B 269 -23.49 -39.68 -8.96
CA ASN B 269 -24.92 -39.64 -8.67
C ASN B 269 -25.34 -38.26 -8.18
N GLU B 270 -24.54 -37.67 -7.28
CA GLU B 270 -24.87 -36.33 -6.79
C GLU B 270 -24.87 -35.31 -7.92
N LEU B 271 -23.86 -35.36 -8.80
CA LEU B 271 -23.81 -34.42 -9.91
C LEU B 271 -25.00 -34.61 -10.84
N THR B 272 -25.36 -35.87 -11.12
CA THR B 272 -26.49 -36.14 -11.99
C THR B 272 -27.79 -35.61 -11.40
N GLU B 273 -28.00 -35.82 -10.10
CA GLU B 273 -29.21 -35.32 -9.46
C GLU B 273 -29.27 -33.80 -9.50
N GLN B 274 -28.15 -33.14 -9.18
CA GLN B 274 -28.14 -31.68 -9.20
C GLN B 274 -28.39 -31.13 -10.60
N GLU B 275 -27.78 -31.74 -11.61
CA GLU B 275 -27.98 -31.29 -12.99
C GLU B 275 -29.43 -31.50 -13.43
N LYS B 276 -30.03 -32.63 -13.04
CA LYS B 276 -31.42 -32.87 -13.38
C LYS B 276 -32.33 -31.84 -12.73
N LEU B 277 -32.05 -31.49 -11.47
CA LEU B 277 -32.86 -30.46 -10.80
C LEU B 277 -32.62 -29.08 -11.40
N GLU B 278 -31.44 -28.84 -11.98
CA GLU B 278 -31.12 -27.51 -12.49
C GLU B 278 -31.96 -27.15 -13.71
N LYS B 279 -32.27 -28.12 -14.57
CA LYS B 279 -33.05 -27.90 -15.79
C LYS B 279 -32.35 -26.91 -16.71
N LEU B 280 -31.12 -27.25 -17.10
CA LEU B 280 -30.36 -26.41 -18.00
C LEU B 280 -30.76 -26.71 -19.45
N PRO B 281 -30.92 -25.70 -20.31
CA PRO B 281 -31.35 -25.95 -21.69
C PRO B 281 -30.37 -26.79 -22.52
N ALA B 282 -29.07 -26.57 -22.33
CA ALA B 282 -28.04 -27.23 -23.13
C ALA B 282 -27.19 -28.12 -22.25
N ILE B 283 -26.94 -29.34 -22.71
CA ILE B 283 -26.14 -30.30 -21.94
C ILE B 283 -24.67 -29.95 -22.08
N PRO B 284 -23.91 -29.83 -20.98
CA PRO B 284 -22.48 -29.54 -21.09
C PRO B 284 -21.64 -30.80 -21.29
N ARG B 285 -20.32 -30.64 -21.35
CA ARG B 285 -19.41 -31.76 -21.55
C ARG B 285 -18.90 -32.29 -20.21
N LYS B 286 -18.68 -33.60 -20.16
CA LYS B 286 -18.25 -34.28 -18.94
C LYS B 286 -17.09 -35.21 -19.27
N PHE B 287 -16.06 -35.19 -18.43
CA PHE B 287 -14.88 -36.03 -18.63
C PHE B 287 -14.47 -36.66 -17.31
N ILE B 288 -13.84 -37.82 -17.39
CA ILE B 288 -13.22 -38.50 -16.25
C ILE B 288 -11.73 -38.64 -16.57
N VAL B 289 -10.89 -38.12 -15.68
CA VAL B 289 -9.44 -38.08 -15.91
C VAL B 289 -8.77 -39.08 -14.97
N THR B 290 -7.99 -39.98 -15.54
CA THR B 290 -7.26 -40.98 -14.77
C THR B 290 -5.95 -41.28 -15.49
N GLU B 291 -5.23 -42.28 -15.00
CA GLU B 291 -3.95 -42.67 -15.56
C GLU B 291 -3.88 -44.19 -15.70
N GLY B 292 -3.13 -44.65 -16.70
CA GLY B 292 -2.98 -46.07 -16.92
C GLY B 292 -2.15 -46.73 -15.84
N ILE B 293 -0.87 -46.39 -15.78
CA ILE B 293 0.02 -46.81 -14.69
C ILE B 293 0.61 -45.54 -14.09
N PHE B 294 0.37 -45.32 -12.81
CA PHE B 294 0.73 -44.06 -12.19
C PHE B 294 2.24 -43.88 -12.15
N HIS B 295 2.68 -42.64 -12.33
CA HIS B 295 4.11 -42.33 -12.41
C HIS B 295 4.82 -42.40 -11.05
N ASN B 296 4.17 -41.93 -9.98
CA ASN B 296 4.82 -41.79 -8.70
C ASN B 296 4.66 -43.01 -7.79
N SER B 297 3.62 -43.83 -8.01
CA SER B 297 3.39 -44.99 -7.16
C SER B 297 3.48 -46.31 -7.91
N GLY B 298 3.38 -46.31 -9.23
CA GLY B 298 3.46 -47.55 -9.99
C GLY B 298 2.30 -48.50 -9.79
N ASP B 299 1.08 -47.98 -9.69
CA ASP B 299 -0.11 -48.79 -9.54
C ASP B 299 -1.01 -48.61 -10.75
N LEU B 300 -1.85 -49.61 -11.00
CA LEU B 300 -2.73 -49.62 -12.17
C LEU B 300 -4.16 -49.34 -11.75
N ALA B 301 -4.98 -48.87 -12.72
CA ALA B 301 -6.38 -48.54 -12.51
C ALA B 301 -7.28 -49.64 -13.04
N PRO B 302 -8.45 -49.86 -12.42
CA PRO B 302 -9.40 -50.86 -12.92
C PRO B 302 -10.26 -50.27 -14.03
N LEU B 303 -10.14 -50.84 -15.22
CA LEU B 303 -10.81 -50.32 -16.41
C LEU B 303 -12.28 -50.72 -16.52
N PRO B 304 -12.65 -52.00 -16.35
CA PRO B 304 -14.06 -52.38 -16.59
C PRO B 304 -15.06 -51.62 -15.74
N GLU B 305 -14.73 -51.36 -14.47
CA GLU B 305 -15.63 -50.59 -13.62
C GLU B 305 -15.79 -49.17 -14.14
N LEU B 306 -14.69 -48.55 -14.59
CA LEU B 306 -14.78 -47.21 -15.17
C LEU B 306 -15.64 -47.21 -16.42
N THR B 307 -15.50 -48.23 -17.27
CA THR B 307 -16.32 -48.32 -18.46
C THR B 307 -17.79 -48.44 -18.11
N LYS B 308 -18.12 -49.29 -17.14
CA LYS B 308 -19.51 -49.45 -16.73
C LYS B 308 -20.07 -48.15 -16.17
N LEU B 309 -19.30 -47.45 -15.33
CA LEU B 309 -19.78 -46.21 -14.76
C LEU B 309 -19.97 -45.12 -15.82
N LYS B 310 -19.02 -45.00 -16.75
CA LYS B 310 -19.14 -43.98 -17.79
C LYS B 310 -20.29 -44.29 -18.74
N ASN B 311 -20.61 -45.57 -18.95
CA ASN B 311 -21.78 -45.90 -19.75
C ASN B 311 -23.07 -45.63 -18.99
N LYS B 312 -23.08 -45.85 -17.68
CA LYS B 312 -24.29 -45.63 -16.89
C LYS B 312 -24.61 -44.14 -16.76
N TYR B 313 -23.61 -43.33 -16.42
CA TYR B 313 -23.85 -41.94 -16.03
C TYR B 313 -23.49 -40.94 -17.14
N LYS B 314 -23.25 -41.41 -18.36
CA LYS B 314 -23.01 -40.54 -19.51
C LYS B 314 -21.80 -39.62 -19.28
N PHE B 315 -20.64 -40.24 -19.14
CA PHE B 315 -19.38 -39.54 -19.01
C PHE B 315 -18.39 -40.06 -20.04
N ARG B 316 -17.41 -39.23 -20.38
CA ARG B 316 -16.32 -39.61 -21.26
C ARG B 316 -15.07 -39.94 -20.46
N LEU B 317 -14.25 -40.82 -21.01
CA LEU B 317 -13.09 -41.34 -20.30
C LEU B 317 -11.81 -40.87 -20.98
N PHE B 318 -10.91 -40.29 -20.19
CA PHE B 318 -9.61 -39.84 -20.65
C PHE B 318 -8.55 -40.61 -19.89
N VAL B 319 -7.63 -41.24 -20.61
CA VAL B 319 -6.60 -42.08 -20.02
C VAL B 319 -5.24 -41.64 -20.54
N ASP B 320 -4.31 -41.36 -19.63
CA ASP B 320 -2.94 -40.97 -19.95
C ASP B 320 -2.08 -42.20 -19.63
N GLU B 321 -1.66 -42.91 -20.67
CA GLU B 321 -0.84 -44.11 -20.51
C GLU B 321 0.50 -43.91 -21.23
N THR B 322 1.49 -43.46 -20.47
CA THR B 322 2.87 -43.32 -20.94
C THR B 322 3.73 -44.53 -20.56
N PHE B 323 3.49 -45.12 -19.39
CA PHE B 323 4.29 -46.20 -18.87
C PHE B 323 3.70 -47.57 -19.17
N SER B 324 2.64 -47.64 -19.99
CA SER B 324 1.95 -48.89 -20.24
C SER B 324 1.79 -49.24 -21.71
N ILE B 325 2.24 -48.39 -22.63
CA ILE B 325 2.04 -48.66 -24.06
C ILE B 325 2.86 -49.87 -24.50
N GLY B 326 4.14 -49.89 -24.15
CA GLY B 326 5.00 -50.95 -24.64
C GLY B 326 5.16 -52.16 -23.76
N VAL B 327 4.60 -52.15 -22.56
CA VAL B 327 4.88 -53.19 -21.58
C VAL B 327 3.66 -54.04 -21.24
N LEU B 328 2.45 -53.49 -21.33
CA LEU B 328 1.26 -54.21 -20.92
C LEU B 328 0.67 -55.01 -22.08
N GLY B 329 0.15 -56.18 -21.76
CA GLY B 329 -0.48 -57.03 -22.75
C GLY B 329 0.49 -58.08 -23.30
N ALA B 330 -0.09 -59.12 -23.91
CA ALA B 330 0.71 -60.18 -24.49
C ALA B 330 1.55 -59.66 -25.66
N THR B 331 0.97 -58.81 -26.50
CA THR B 331 1.68 -58.24 -27.64
C THR B 331 2.25 -56.86 -27.37
N GLY B 332 1.68 -56.12 -26.41
CA GLY B 332 2.18 -54.81 -26.08
C GLY B 332 1.38 -53.69 -26.72
N ARG B 333 0.06 -53.87 -26.78
CA ARG B 333 -0.80 -52.87 -27.40
C ARG B 333 -1.38 -51.88 -26.41
N GLY B 334 -1.13 -52.03 -25.11
CA GLY B 334 -1.52 -51.04 -24.14
C GLY B 334 -2.38 -51.65 -23.04
N LEU B 335 -3.06 -50.75 -22.31
CA LEU B 335 -3.86 -51.18 -21.17
C LEU B 335 -5.08 -51.99 -21.60
N SER B 336 -5.72 -51.59 -22.70
CA SER B 336 -6.96 -52.23 -23.12
C SER B 336 -6.74 -53.71 -23.44
N GLU B 337 -5.60 -54.05 -24.05
CA GLU B 337 -5.33 -55.44 -24.38
C GLU B 337 -5.17 -56.30 -23.14
N HIS B 338 -4.74 -55.70 -22.02
CA HIS B 338 -4.56 -56.47 -20.80
C HIS B 338 -5.88 -57.05 -20.29
N PHE B 339 -6.95 -56.26 -20.37
CA PHE B 339 -8.26 -56.68 -19.88
C PHE B 339 -9.14 -57.26 -20.99
N ASN B 340 -8.61 -57.40 -22.21
CA ASN B 340 -9.33 -58.02 -23.33
C ASN B 340 -10.61 -57.25 -23.66
N MET B 341 -10.45 -55.98 -24.01
CA MET B 341 -11.57 -55.14 -24.39
C MET B 341 -11.20 -54.28 -25.59
N ASP B 342 -12.21 -53.83 -26.31
CA ASP B 342 -12.00 -52.98 -27.47
C ASP B 342 -11.60 -51.57 -27.05
N ARG B 343 -10.55 -51.04 -27.67
CA ARG B 343 -10.09 -49.69 -27.36
C ARG B 343 -11.01 -48.63 -27.97
N ALA B 344 -11.62 -48.92 -29.12
CA ALA B 344 -12.44 -47.91 -29.80
C ALA B 344 -13.68 -47.54 -28.99
N THR B 345 -14.06 -48.37 -28.02
CA THR B 345 -15.23 -48.09 -27.21
C THR B 345 -14.90 -47.83 -25.74
N ALA B 346 -13.83 -48.44 -25.22
CA ALA B 346 -13.53 -48.30 -23.79
C ALA B 346 -12.99 -46.92 -23.48
N ILE B 347 -12.08 -46.41 -24.30
CA ILE B 347 -11.38 -45.16 -24.05
C ILE B 347 -11.73 -44.17 -25.14
N ASP B 348 -11.77 -42.89 -24.78
CA ASP B 348 -12.11 -41.83 -25.73
C ASP B 348 -10.89 -41.04 -26.20
N ILE B 349 -9.99 -40.68 -25.28
CA ILE B 349 -8.76 -39.97 -25.59
C ILE B 349 -7.60 -40.72 -24.97
N THR B 350 -6.54 -40.93 -25.74
CA THR B 350 -5.33 -41.59 -25.28
C THR B 350 -4.14 -40.68 -25.55
N VAL B 351 -3.29 -40.51 -24.54
CA VAL B 351 -2.07 -39.72 -24.65
C VAL B 351 -0.90 -40.65 -24.39
N GLY B 352 0.09 -40.64 -25.30
CA GLY B 352 1.21 -41.54 -25.20
C GLY B 352 2.51 -40.83 -25.52
N SER B 353 3.60 -41.51 -25.20
CA SER B 353 4.95 -41.00 -25.44
C SER B 353 5.77 -42.04 -26.17
N MET B 354 6.50 -41.59 -27.18
CA MET B 354 7.36 -42.46 -27.97
C MET B 354 8.75 -42.63 -27.36
N ALA B 355 9.08 -41.88 -26.30
CA ALA B 355 10.43 -41.88 -25.77
C ALA B 355 10.69 -43.02 -24.81
N THR B 356 9.71 -43.38 -23.98
CA THR B 356 9.96 -44.35 -22.91
C THR B 356 10.20 -45.74 -23.47
N ALA B 357 9.34 -46.21 -24.36
CA ALA B 357 9.42 -47.59 -24.85
C ALA B 357 9.88 -47.70 -26.30
N LEU B 358 9.32 -46.89 -27.19
CA LEU B 358 9.67 -47.00 -28.61
C LEU B 358 11.09 -46.52 -28.89
N GLY B 359 11.59 -45.56 -28.13
CA GLY B 359 12.99 -45.18 -28.23
C GLY B 359 13.29 -43.96 -29.08
N SER B 360 12.35 -43.04 -29.23
CA SER B 360 12.58 -41.83 -30.00
C SER B 360 11.69 -40.71 -29.46
N THR B 361 12.08 -39.48 -29.76
CA THR B 361 11.39 -38.32 -29.21
C THR B 361 10.02 -38.13 -29.85
N GLY B 362 9.11 -37.53 -29.10
CA GLY B 362 7.80 -37.14 -29.59
C GLY B 362 6.68 -37.67 -28.72
N GLY B 363 5.46 -37.44 -29.19
CA GLY B 363 4.27 -37.92 -28.54
C GLY B 363 3.13 -37.99 -29.53
N PHE B 364 2.04 -38.64 -29.12
CA PHE B 364 0.90 -38.83 -30.00
C PHE B 364 -0.39 -38.90 -29.21
N VAL B 365 -1.50 -38.65 -29.89
CA VAL B 365 -2.84 -38.69 -29.32
C VAL B 365 -3.72 -39.53 -30.25
N LEU B 366 -4.51 -40.43 -29.66
CA LEU B 366 -5.34 -41.36 -30.43
C LEU B 366 -6.81 -41.05 -30.21
N GLY B 367 -7.57 -41.01 -31.30
CA GLY B 367 -8.98 -40.71 -31.21
C GLY B 367 -9.66 -40.89 -32.55
N ASP B 368 -10.95 -40.55 -32.58
CA ASP B 368 -11.75 -40.72 -33.79
C ASP B 368 -11.52 -39.55 -34.75
N SER B 369 -12.28 -39.52 -35.84
CA SER B 369 -11.98 -38.59 -36.93
C SER B 369 -12.35 -37.16 -36.60
N VAL B 370 -13.50 -36.94 -35.97
CA VAL B 370 -13.94 -35.58 -35.64
C VAL B 370 -12.96 -34.94 -34.66
N MET B 371 -12.53 -35.70 -33.66
CA MET B 371 -11.58 -35.20 -32.68
C MET B 371 -10.30 -34.73 -33.36
N CYS B 372 -9.72 -35.57 -34.22
CA CYS B 372 -8.47 -35.20 -34.88
C CYS B 372 -8.65 -34.02 -35.81
N LEU B 373 -9.77 -33.99 -36.54
CA LEU B 373 -10.01 -32.88 -37.47
C LEU B 373 -10.10 -31.55 -36.73
N HIS B 374 -10.80 -31.54 -35.59
CA HIS B 374 -10.86 -30.31 -34.81
C HIS B 374 -9.53 -29.99 -34.14
N GLN B 375 -8.79 -31.02 -33.73
CA GLN B 375 -7.51 -30.84 -33.05
C GLN B 375 -6.48 -30.22 -33.97
N ARG B 376 -6.54 -30.52 -35.26
CA ARG B 376 -5.57 -29.98 -36.20
C ARG B 376 -5.59 -28.45 -36.28
N ILE B 377 -6.67 -27.80 -35.84
CA ILE B 377 -6.77 -26.36 -35.87
C ILE B 377 -6.86 -25.76 -34.47
N GLY B 378 -7.53 -26.43 -33.54
CA GLY B 378 -7.76 -25.86 -32.24
C GLY B 378 -6.68 -26.07 -31.21
N SER B 379 -5.62 -26.82 -31.52
CA SER B 379 -4.57 -27.14 -30.57
C SER B 379 -3.41 -26.17 -30.74
N ASN B 380 -2.99 -25.54 -29.64
CA ASN B 380 -1.98 -24.50 -29.72
C ASN B 380 -0.59 -25.07 -29.98
N ALA B 381 -0.23 -26.16 -29.29
CA ALA B 381 1.10 -26.71 -29.47
C ALA B 381 1.27 -27.34 -30.86
N TYR B 382 0.17 -27.79 -31.46
CA TYR B 382 0.24 -28.36 -32.81
C TYR B 382 0.43 -27.27 -33.87
N CYS B 383 -0.30 -26.16 -33.74
CA CYS B 383 -0.30 -25.14 -34.79
C CYS B 383 1.00 -24.34 -34.79
N PHE B 384 1.39 -23.81 -33.65
CA PHE B 384 2.55 -22.92 -33.57
C PHE B 384 3.80 -23.68 -33.14
N SER B 385 4.23 -24.60 -33.99
CA SER B 385 5.46 -25.35 -33.75
C SER B 385 5.87 -26.05 -35.03
N ALA B 386 7.16 -26.33 -35.13
CA ALA B 386 7.72 -27.04 -36.27
C ALA B 386 7.48 -28.54 -36.15
N CYS B 387 7.70 -29.24 -37.25
CA CYS B 387 7.48 -30.69 -37.31
C CYS B 387 8.71 -31.44 -36.79
N LEU B 388 8.53 -32.75 -36.61
CA LEU B 388 9.59 -33.62 -36.15
C LEU B 388 10.57 -33.93 -37.28
N PRO B 389 11.83 -34.24 -36.94
CA PRO B 389 12.76 -34.74 -37.96
C PRO B 389 12.32 -36.10 -38.49
N ALA B 390 12.73 -36.38 -39.73
CA ALA B 390 12.22 -37.55 -40.43
C ALA B 390 12.80 -38.85 -39.90
N TYR B 391 14.05 -38.85 -39.43
CA TYR B 391 14.64 -40.10 -38.98
C TYR B 391 13.92 -40.66 -37.77
N THR B 392 13.40 -39.79 -36.89
CA THR B 392 12.63 -40.26 -35.75
C THR B 392 11.39 -41.05 -36.19
N VAL B 393 10.61 -40.49 -37.11
CA VAL B 393 9.37 -41.15 -37.51
C VAL B 393 9.66 -42.41 -38.31
N THR B 394 10.70 -42.39 -39.16
CA THR B 394 11.05 -43.61 -39.90
C THR B 394 11.48 -44.72 -38.95
N SER B 395 12.31 -44.37 -37.94
CA SER B 395 12.75 -45.38 -36.99
C SER B 395 11.58 -45.93 -36.19
N VAL B 396 10.63 -45.07 -35.78
CA VAL B 396 9.51 -45.55 -35.00
C VAL B 396 8.61 -46.46 -35.84
N SER B 397 8.44 -46.14 -37.13
CA SER B 397 7.68 -47.03 -38.01
C SER B 397 8.36 -48.38 -38.14
N LYS B 398 9.69 -48.39 -38.27
CA LYS B 398 10.42 -49.65 -38.35
C LYS B 398 10.26 -50.45 -37.05
N VAL B 399 10.31 -49.77 -35.91
CA VAL B 399 10.12 -50.45 -34.63
C VAL B 399 8.73 -51.06 -34.54
N LEU B 400 7.72 -50.34 -35.02
CA LEU B 400 6.37 -50.89 -35.02
C LEU B 400 6.27 -52.14 -35.89
N LYS B 401 6.91 -52.11 -37.05
CA LYS B 401 6.91 -53.31 -37.89
C LYS B 401 7.62 -54.48 -37.21
N LEU B 402 8.74 -54.20 -36.53
CA LEU B 402 9.45 -55.25 -35.81
C LEU B 402 8.60 -55.82 -34.68
N MET B 403 7.89 -54.95 -33.96
CA MET B 403 6.97 -55.42 -32.93
C MET B 403 5.89 -56.31 -33.52
N ASP B 404 5.37 -55.93 -34.69
CA ASP B 404 4.38 -56.77 -35.36
C ASP B 404 4.96 -58.13 -35.69
N SER B 405 6.24 -58.18 -36.09
CA SER B 405 6.85 -59.43 -36.52
C SER B 405 6.92 -60.44 -35.36
N ASN B 406 7.48 -60.04 -34.22
CA ASN B 406 7.73 -60.96 -33.13
C ASN B 406 7.42 -60.30 -31.79
N ASN B 407 7.23 -61.12 -30.76
CA ASN B 407 6.81 -60.65 -29.44
C ASN B 407 7.61 -61.32 -28.33
N ASP B 408 8.94 -61.35 -28.45
CA ASP B 408 9.75 -61.98 -27.42
C ASP B 408 10.10 -61.01 -26.29
N ALA B 409 10.39 -59.75 -26.65
CA ALA B 409 10.88 -58.79 -25.66
C ALA B 409 9.84 -58.53 -24.58
N VAL B 410 8.57 -58.46 -24.96
CA VAL B 410 7.52 -58.21 -23.97
C VAL B 410 7.47 -59.34 -22.94
N GLN B 411 7.52 -60.59 -23.41
CA GLN B 411 7.50 -61.72 -22.50
C GLN B 411 8.71 -61.72 -21.57
N THR B 412 9.89 -61.46 -22.13
CA THR B 412 11.10 -61.44 -21.31
C THR B 412 11.01 -60.34 -20.26
N LEU B 413 10.54 -59.15 -20.64
CA LEU B 413 10.43 -58.04 -19.70
C LEU B 413 9.42 -58.35 -18.61
N GLN B 414 8.30 -58.97 -18.96
CA GLN B 414 7.30 -59.32 -17.95
C GLN B 414 7.87 -60.32 -16.95
N LYS B 415 8.59 -61.34 -17.45
CA LYS B 415 9.21 -62.31 -16.54
C LYS B 415 10.21 -61.63 -15.60
N LEU B 416 11.04 -60.74 -16.16
CA LEU B 416 12.04 -60.06 -15.34
C LEU B 416 11.36 -59.19 -14.28
N SER B 417 10.30 -58.47 -14.65
CA SER B 417 9.60 -57.61 -13.70
C SER B 417 8.96 -58.43 -12.59
N LYS B 418 8.35 -59.57 -12.93
CA LYS B 418 7.76 -60.41 -11.90
C LYS B 418 8.82 -60.93 -10.94
N SER B 419 9.96 -61.36 -11.47
CA SER B 419 11.05 -61.82 -10.61
C SER B 419 11.52 -60.70 -9.69
N LEU B 420 11.69 -59.49 -10.22
CA LEU B 420 12.17 -58.38 -9.43
C LEU B 420 11.19 -58.03 -8.32
N HIS B 421 9.89 -58.03 -8.63
CA HIS B 421 8.90 -57.75 -7.60
C HIS B 421 8.91 -58.81 -6.51
N ASP B 422 8.92 -60.09 -6.89
CA ASP B 422 8.85 -61.17 -5.92
C ASP B 422 10.08 -61.16 -5.01
N SER B 423 11.26 -60.88 -5.57
CA SER B 423 12.48 -60.96 -4.77
C SER B 423 12.44 -60.02 -3.57
N PHE B 424 11.97 -58.79 -3.77
CA PHE B 424 11.91 -57.85 -2.65
C PHE B 424 10.65 -58.02 -1.82
N ALA B 425 9.55 -58.45 -2.42
CA ALA B 425 8.28 -58.54 -1.70
C ALA B 425 8.12 -59.87 -0.97
N SER B 426 9.10 -60.77 -1.08
CA SER B 426 9.02 -62.05 -0.40
C SER B 426 9.91 -62.16 0.84
N ASP B 427 10.62 -61.09 1.20
CA ASP B 427 11.52 -61.16 2.34
C ASP B 427 10.83 -60.65 3.62
N ASP B 428 11.49 -60.90 4.75
CA ASP B 428 10.95 -60.53 6.05
C ASP B 428 11.79 -59.50 6.80
N SER B 429 13.07 -59.37 6.47
CA SER B 429 13.94 -58.46 7.21
C SER B 429 13.51 -57.01 7.01
N LEU B 430 13.12 -56.66 5.79
CA LEU B 430 12.78 -55.27 5.45
C LEU B 430 11.36 -54.90 5.82
N ARG B 431 10.64 -55.75 6.55
CA ARG B 431 9.26 -55.44 6.90
C ARG B 431 9.16 -54.25 7.84
N SER B 432 10.21 -54.01 8.64
CA SER B 432 10.18 -52.94 9.63
C SER B 432 10.74 -51.62 9.11
N TYR B 433 11.26 -51.58 7.88
CA TYR B 433 11.93 -50.38 7.39
C TYR B 433 11.24 -49.75 6.18
N VAL B 434 10.97 -50.53 5.13
CA VAL B 434 10.44 -49.99 3.89
C VAL B 434 9.25 -50.82 3.44
N ILE B 435 8.42 -50.22 2.59
CA ILE B 435 7.26 -50.87 2.01
C ILE B 435 7.27 -50.62 0.50
N VAL B 436 6.58 -51.51 -0.22
CA VAL B 436 6.53 -51.48 -1.69
C VAL B 436 5.15 -51.04 -2.11
N THR B 437 5.09 -50.00 -2.94
CA THR B 437 3.82 -49.43 -3.40
C THR B 437 3.52 -49.73 -4.86
N SER B 438 4.30 -50.59 -5.52
CA SER B 438 4.11 -50.85 -6.93
C SER B 438 3.33 -52.14 -7.14
N SER B 439 2.91 -52.38 -8.42
CA SER B 439 2.15 -53.52 -8.91
C SER B 439 3.08 -54.57 -9.50
N PRO B 440 2.69 -55.84 -9.45
CA PRO B 440 3.56 -56.90 -9.99
C PRO B 440 3.82 -56.80 -11.48
N VAL B 441 2.98 -56.08 -12.22
CA VAL B 441 3.14 -56.01 -13.67
C VAL B 441 4.01 -54.83 -14.11
N SER B 442 4.19 -53.83 -13.27
CA SER B 442 4.95 -52.65 -13.65
C SER B 442 6.42 -52.99 -13.85
N ALA B 443 7.06 -52.30 -14.80
CA ALA B 443 8.48 -52.46 -15.04
C ALA B 443 9.33 -51.61 -14.10
N VAL B 444 8.71 -50.75 -13.30
CA VAL B 444 9.41 -49.88 -12.37
C VAL B 444 8.95 -50.24 -10.96
N LEU B 445 9.92 -50.28 -10.04
CA LEU B 445 9.69 -50.63 -8.64
C LEU B 445 9.86 -49.40 -7.77
N HIS B 446 8.86 -49.08 -6.97
CA HIS B 446 8.89 -47.92 -6.09
C HIS B 446 9.01 -48.36 -4.64
N LEU B 447 9.86 -47.67 -3.88
CA LEU B 447 10.12 -48.01 -2.49
C LEU B 447 9.86 -46.80 -1.60
N GLN B 448 9.22 -47.05 -0.46
CA GLN B 448 8.83 -45.98 0.44
C GLN B 448 9.20 -46.36 1.87
N LEU B 449 9.54 -45.34 2.67
CA LEU B 449 9.81 -45.57 4.07
C LEU B 449 8.51 -45.78 4.84
N THR B 450 8.58 -46.64 5.86
CA THR B 450 7.43 -46.89 6.71
C THR B 450 7.03 -45.61 7.45
N PRO B 451 5.73 -45.34 7.58
CA PRO B 451 5.31 -44.15 8.32
C PRO B 451 5.83 -44.10 9.76
N ALA B 452 5.94 -45.26 10.41
CA ALA B 452 6.50 -45.30 11.76
C ALA B 452 7.96 -44.86 11.76
N TYR B 453 8.73 -45.34 10.78
CA TYR B 453 10.14 -44.96 10.70
C TYR B 453 10.30 -43.47 10.46
N ARG B 454 9.47 -42.89 9.61
CA ARG B 454 9.55 -41.46 9.33
C ARG B 454 9.30 -40.64 10.60
N SER B 455 8.28 -41.02 11.37
CA SER B 455 7.98 -40.30 12.60
C SER B 455 9.08 -40.49 13.64
N ARG B 456 9.62 -41.72 13.74
CA ARG B 456 10.64 -41.99 14.73
C ARG B 456 11.94 -41.25 14.42
N LYS B 457 12.30 -41.16 13.13
CA LYS B 457 13.60 -40.63 12.76
C LYS B 457 13.57 -39.11 12.57
N PHE B 458 12.53 -38.60 11.92
CA PHE B 458 12.45 -37.18 11.60
C PHE B 458 11.31 -36.45 12.29
N GLY B 459 10.33 -37.16 12.85
CA GLY B 459 9.27 -36.53 13.59
C GLY B 459 8.33 -35.66 12.80
N TYR B 460 7.88 -36.11 11.63
CA TYR B 460 6.92 -35.37 10.84
C TYR B 460 6.08 -36.35 10.03
N THR B 461 4.90 -35.89 9.62
CA THR B 461 3.96 -36.72 8.88
C THR B 461 3.62 -36.06 7.55
N CYS B 462 3.05 -36.86 6.65
CA CYS B 462 2.73 -36.38 5.31
C CYS B 462 1.68 -35.28 5.34
N GLU B 463 0.66 -35.43 6.18
CA GLU B 463 -0.41 -34.45 6.21
C GLU B 463 0.09 -33.08 6.66
N GLN B 464 0.99 -33.05 7.64
CA GLN B 464 1.55 -31.76 8.08
C GLN B 464 2.34 -31.11 6.95
N LEU B 465 3.11 -31.90 6.20
CA LEU B 465 3.85 -31.35 5.06
C LEU B 465 2.90 -30.79 4.01
N PHE B 466 1.81 -31.51 3.74
CA PHE B 466 0.84 -31.03 2.75
C PHE B 466 0.22 -29.71 3.21
N GLU B 467 -0.18 -29.63 4.47
CA GLU B 467 -0.77 -28.39 4.98
C GLU B 467 0.23 -27.24 4.94
N THR B 468 1.48 -27.50 5.32
CA THR B 468 2.49 -26.45 5.29
C THR B 468 2.71 -25.94 3.87
N MET B 469 2.84 -26.85 2.90
CA MET B 469 3.07 -26.45 1.53
C MET B 469 1.88 -25.69 0.97
N SER B 470 0.65 -26.15 1.26
CA SER B 470 -0.52 -25.45 0.76
C SER B 470 -0.64 -24.05 1.36
N ALA B 471 -0.37 -23.92 2.66
CA ALA B 471 -0.42 -22.61 3.29
C ALA B 471 0.63 -21.67 2.72
N LEU B 472 1.85 -22.19 2.49
CA LEU B 472 2.90 -21.36 1.91
C LEU B 472 2.54 -20.92 0.50
N GLN B 473 1.96 -21.82 -0.30
CA GLN B 473 1.55 -21.46 -1.64
C GLN B 473 0.45 -20.41 -1.63
N LYS B 474 -0.53 -20.55 -0.74
CA LYS B 474 -1.60 -19.57 -0.67
C LYS B 474 -1.09 -18.21 -0.21
N LYS B 475 -0.18 -18.19 0.76
CA LYS B 475 0.34 -16.94 1.29
C LYS B 475 1.28 -16.23 0.31
N SER B 476 1.75 -16.93 -0.72
CA SER B 476 2.61 -16.35 -1.75
C SER B 476 3.94 -15.87 -1.18
N GLN B 477 4.54 -16.69 -0.32
CA GLN B 477 5.85 -16.37 0.22
C GLN B 477 6.95 -16.73 -0.78
N THR B 478 7.92 -15.83 -0.90
CA THR B 478 9.00 -16.05 -1.87
C THR B 478 9.91 -17.19 -1.43
N ASN B 479 10.20 -17.29 -0.14
CA ASN B 479 11.10 -18.31 0.39
C ASN B 479 10.28 -19.51 0.87
N LYS B 480 10.54 -20.67 0.28
CA LYS B 480 9.86 -21.91 0.63
C LYS B 480 10.93 -22.96 0.92
N PHE B 481 11.27 -23.12 2.20
CA PHE B 481 12.27 -24.10 2.62
C PHE B 481 11.72 -24.92 3.77
N ILE B 482 11.81 -26.24 3.65
CA ILE B 482 11.40 -27.17 4.69
C ILE B 482 12.57 -28.07 5.01
N GLU B 483 12.88 -28.23 6.31
CA GLU B 483 14.06 -28.95 6.75
C GLU B 483 13.90 -30.47 6.69
N PRO B 484 12.84 -31.07 7.29
CA PRO B 484 12.77 -32.54 7.31
C PRO B 484 12.75 -33.16 5.91
N TYR B 485 12.13 -32.48 4.95
CA TYR B 485 12.18 -32.97 3.57
C TYR B 485 13.61 -33.01 3.06
N GLU B 486 14.40 -31.97 3.36
CA GLU B 486 15.80 -31.97 2.96
C GLU B 486 16.57 -33.09 3.63
N GLU B 487 16.31 -33.33 4.92
CA GLU B 487 16.99 -34.42 5.61
C GLU B 487 16.65 -35.77 5.00
N GLU B 488 15.37 -35.98 4.66
CA GLU B 488 14.97 -37.24 4.05
C GLU B 488 15.63 -37.43 2.68
N GLU B 489 15.66 -36.38 1.87
CA GLU B 489 16.33 -36.47 0.57
C GLU B 489 17.81 -36.77 0.73
N LYS B 490 18.46 -36.12 1.69
CA LYS B 490 19.88 -36.39 1.94
C LYS B 490 20.09 -37.83 2.38
N PHE B 491 19.21 -38.35 3.23
CA PHE B 491 19.33 -39.74 3.65
C PHE B 491 19.21 -40.69 2.46
N LEU B 492 18.21 -40.48 1.61
CA LEU B 492 18.02 -41.37 0.46
C LEU B 492 19.21 -41.29 -0.49
N GLN B 493 19.73 -40.09 -0.71
CA GLN B 493 20.94 -39.95 -1.52
C GLN B 493 22.11 -40.67 -0.86
N SER B 494 22.11 -40.73 0.48
CA SER B 494 23.16 -41.47 1.18
C SER B 494 23.07 -42.96 0.89
N ILE B 495 21.85 -43.52 0.91
CA ILE B 495 21.71 -44.92 0.48
C ILE B 495 22.21 -45.11 -0.94
N VAL B 496 21.85 -44.19 -1.84
CA VAL B 496 22.25 -44.33 -3.24
C VAL B 496 23.77 -44.33 -3.36
N ASP B 497 24.43 -43.38 -2.68
CA ASP B 497 25.88 -43.29 -2.75
C ASP B 497 26.55 -44.51 -2.13
N HIS B 498 26.04 -44.97 -0.99
CA HIS B 498 26.62 -46.15 -0.34
C HIS B 498 26.51 -47.36 -1.24
N ALA B 499 25.37 -47.53 -1.92
CA ALA B 499 25.23 -48.63 -2.87
C ALA B 499 26.15 -48.47 -4.08
N LEU B 500 26.44 -47.23 -4.48
CA LEU B 500 27.30 -47.02 -5.64
C LEU B 500 28.77 -47.27 -5.35
N ILE B 501 29.28 -46.78 -4.21
CA ILE B 501 30.73 -46.85 -3.96
C ILE B 501 31.17 -48.29 -3.72
N ASN B 502 30.45 -49.02 -2.87
CA ASN B 502 30.88 -50.36 -2.49
C ASN B 502 30.72 -51.35 -3.63
N TYR B 503 29.60 -51.30 -4.34
CA TYR B 503 29.29 -52.24 -5.40
C TYR B 503 28.95 -51.48 -6.68
N ASN B 504 29.35 -52.04 -7.82
CA ASN B 504 29.15 -51.39 -9.11
C ASN B 504 27.69 -51.59 -9.56
N VAL B 505 26.79 -50.95 -8.81
CA VAL B 505 25.36 -50.95 -9.10
C VAL B 505 24.86 -49.52 -8.93
N LEU B 506 24.10 -49.03 -9.91
CA LEU B 506 23.61 -47.66 -9.91
C LEU B 506 22.08 -47.67 -9.87
N ILE B 507 21.51 -47.02 -8.85
CA ILE B 507 20.08 -46.78 -8.76
C ILE B 507 19.87 -45.29 -8.54
N THR B 508 18.61 -44.86 -8.63
CA THR B 508 18.29 -43.45 -8.49
C THR B 508 17.01 -43.29 -7.69
N ARG B 509 16.81 -42.06 -7.20
CA ARG B 509 15.62 -41.70 -6.45
C ARG B 509 14.70 -40.85 -7.31
N ASN B 510 13.46 -40.70 -6.86
CA ASN B 510 12.47 -39.95 -7.61
C ASN B 510 12.72 -38.46 -7.47
N THR B 511 13.09 -37.81 -8.57
CA THR B 511 13.42 -36.39 -8.57
C THR B 511 12.18 -35.58 -8.85
N ILE B 512 11.76 -34.78 -7.87
CA ILE B 512 10.56 -33.96 -7.97
C ILE B 512 10.87 -32.54 -7.50
N VAL B 513 10.00 -31.62 -7.89
CA VAL B 513 10.04 -30.24 -7.41
C VAL B 513 8.84 -30.06 -6.50
N LEU B 514 9.11 -29.86 -5.20
CA LEU B 514 8.02 -29.81 -4.23
C LEU B 514 7.23 -28.51 -4.33
N LYS B 515 7.88 -27.41 -4.69
CA LYS B 515 7.21 -26.12 -4.70
C LYS B 515 6.25 -25.95 -5.88
N GLN B 516 6.25 -26.88 -6.83
CA GLN B 516 5.32 -26.82 -7.95
C GLN B 516 4.15 -27.79 -7.81
N GLU B 517 4.27 -28.80 -6.96
CA GLU B 517 3.20 -29.78 -6.82
C GLU B 517 2.01 -29.19 -6.09
N THR B 518 0.84 -29.79 -6.32
CA THR B 518 -0.40 -29.39 -5.67
C THR B 518 -1.03 -30.49 -4.85
N LEU B 519 -0.74 -31.74 -5.14
CA LEU B 519 -1.30 -32.89 -4.44
C LEU B 519 -0.25 -33.55 -3.56
N PRO B 520 -0.67 -34.24 -2.50
CA PRO B 520 0.30 -34.79 -1.54
C PRO B 520 1.25 -35.80 -2.19
N ILE B 521 2.51 -35.77 -1.76
CA ILE B 521 3.55 -36.62 -2.32
C ILE B 521 4.72 -36.60 -1.35
N VAL B 522 5.38 -37.75 -1.21
CA VAL B 522 6.52 -37.87 -0.31
C VAL B 522 7.69 -38.49 -1.07
N PRO B 523 8.91 -38.21 -0.64
CA PRO B 523 10.08 -38.75 -1.35
C PRO B 523 10.11 -40.27 -1.33
N SER B 524 10.69 -40.84 -2.38
CA SER B 524 10.73 -42.29 -2.53
C SER B 524 11.96 -42.67 -3.34
N LEU B 525 12.08 -43.97 -3.63
CA LEU B 525 13.21 -44.54 -4.33
C LEU B 525 12.68 -45.47 -5.41
N LYS B 526 13.45 -45.65 -6.49
CA LYS B 526 12.99 -46.45 -7.61
C LYS B 526 14.13 -47.24 -8.23
N ILE B 527 13.76 -48.38 -8.83
CA ILE B 527 14.69 -49.27 -9.53
C ILE B 527 14.04 -49.72 -10.82
N CYS B 528 14.76 -49.60 -11.93
CA CYS B 528 14.23 -49.92 -13.24
C CYS B 528 14.96 -51.12 -13.84
N CYS B 529 14.33 -51.74 -14.83
CA CYS B 529 14.90 -52.89 -15.51
C CYS B 529 14.45 -52.86 -16.97
N ASN B 530 15.23 -53.52 -17.83
CA ASN B 530 14.97 -53.51 -19.27
C ASN B 530 14.98 -54.96 -19.76
N ALA B 531 14.93 -55.13 -21.07
CA ALA B 531 14.78 -56.44 -21.69
C ALA B 531 16.08 -57.04 -22.18
N ALA B 532 17.21 -56.36 -22.01
CA ALA B 532 18.50 -56.87 -22.45
C ALA B 532 19.34 -57.45 -21.31
N MET B 533 18.79 -57.53 -20.10
CA MET B 533 19.53 -58.00 -18.95
C MET B 533 19.42 -59.52 -18.83
N SER B 534 20.26 -60.09 -17.94
CA SER B 534 20.26 -61.51 -17.64
C SER B 534 19.79 -61.75 -16.21
N PRO B 535 19.10 -62.86 -15.95
CA PRO B 535 18.53 -63.06 -14.60
C PRO B 535 19.56 -63.10 -13.48
N GLU B 536 20.73 -63.68 -13.72
CA GLU B 536 21.72 -63.83 -12.65
C GLU B 536 22.24 -62.47 -12.19
N GLU B 537 22.53 -61.57 -13.14
CA GLU B 537 22.99 -60.25 -12.78
C GLU B 537 21.91 -59.47 -12.03
N LEU B 538 20.66 -59.63 -12.44
CA LEU B 538 19.57 -58.96 -11.74
C LEU B 538 19.44 -59.46 -10.31
N LYS B 539 19.56 -60.78 -10.11
CA LYS B 539 19.49 -61.32 -8.76
C LYS B 539 20.66 -60.83 -7.91
N ASN B 540 21.87 -60.78 -8.49
CA ASN B 540 23.02 -60.27 -7.75
C ASN B 540 22.83 -58.81 -7.37
N ALA B 541 22.31 -58.00 -8.29
CA ALA B 541 22.05 -56.59 -7.99
C ALA B 541 21.00 -56.44 -6.90
N CYS B 542 19.96 -57.28 -6.95
CA CYS B 542 18.93 -57.24 -5.91
C CYS B 542 19.53 -57.55 -4.54
N GLU B 543 20.38 -58.59 -4.47
CA GLU B 543 21.03 -58.92 -3.21
C GLU B 543 21.91 -57.77 -2.73
N SER B 544 22.67 -57.17 -3.66
CA SER B 544 23.56 -56.08 -3.28
C SER B 544 22.80 -54.89 -2.73
N VAL B 545 21.70 -54.51 -3.38
CA VAL B 545 20.95 -53.34 -2.93
C VAL B 545 20.23 -53.65 -1.62
N LYS B 546 19.78 -54.90 -1.44
CA LYS B 546 19.19 -55.26 -0.15
C LYS B 546 20.22 -55.14 0.97
N GLN B 547 21.44 -55.62 0.72
CA GLN B 547 22.49 -55.51 1.72
C GLN B 547 22.80 -54.05 2.02
N SER B 548 22.86 -53.21 0.98
CA SER B 548 23.14 -51.80 1.18
C SER B 548 22.06 -51.12 2.02
N ILE B 549 20.80 -51.39 1.71
CA ILE B 549 19.69 -50.80 2.46
C ILE B 549 19.74 -51.25 3.92
N LEU B 550 19.95 -52.56 4.13
CA LEU B 550 19.99 -53.08 5.49
C LEU B 550 21.15 -52.47 6.29
N ALA B 551 22.31 -52.33 5.65
CA ALA B 551 23.46 -51.76 6.35
C ALA B 551 23.22 -50.29 6.68
N CYS B 552 22.66 -49.52 5.74
CA CYS B 552 22.47 -48.10 5.98
C CYS B 552 21.39 -47.84 7.02
N CYS B 553 20.32 -48.62 7.00
CA CYS B 553 19.21 -48.38 7.93
C CYS B 553 19.56 -48.82 9.35
N GLN B 554 20.61 -49.62 9.53
CA GLN B 554 20.97 -50.12 10.84
C GLN B 554 21.68 -49.02 11.63
N GLU B 555 22.27 -49.42 12.77
CA GLU B 555 22.93 -48.53 13.72
C GLU B 555 21.97 -47.52 14.33
N SER B 556 20.73 -47.94 14.59
CA SER B 556 19.73 -47.07 15.19
C SER B 556 20.05 -46.82 16.67
N THR C 8 -6.65 -41.78 -52.38
CA THR C 8 -7.30 -41.49 -51.11
C THR C 8 -6.29 -41.45 -49.98
N ARG C 9 -5.04 -41.81 -50.28
CA ARG C 9 -3.97 -41.84 -49.30
C ARG C 9 -2.72 -41.21 -49.92
N VAL C 10 -1.89 -40.59 -49.07
CA VAL C 10 -0.68 -39.94 -49.54
C VAL C 10 0.33 -41.01 -49.95
N PRO C 11 0.76 -41.02 -51.21
CA PRO C 11 1.73 -42.03 -51.64
C PRO C 11 3.12 -41.74 -51.09
N LEU C 12 3.89 -42.82 -50.91
CA LEU C 12 5.28 -42.73 -50.48
C LEU C 12 6.16 -42.68 -51.72
N CYS C 13 6.91 -41.59 -51.89
CA CYS C 13 7.62 -41.30 -53.12
C CYS C 13 9.01 -41.91 -53.08
N GLU C 14 9.37 -42.62 -54.15
CA GLU C 14 10.69 -43.20 -54.25
C GLU C 14 11.73 -42.10 -54.48
N PRO C 15 12.89 -42.17 -53.83
CA PRO C 15 13.92 -41.14 -54.03
C PRO C 15 14.45 -41.17 -55.45
N GLU C 16 14.91 -40.00 -55.90
CA GLU C 16 15.43 -39.83 -57.24
C GLU C 16 16.94 -40.06 -57.26
N GLU C 17 17.41 -40.74 -58.30
CA GLU C 17 18.84 -41.04 -58.46
C GLU C 17 19.42 -40.08 -59.50
N LEU C 18 20.29 -39.20 -59.05
CA LEU C 18 20.92 -38.18 -59.88
C LEU C 18 22.39 -38.07 -59.53
N PRO C 19 23.21 -37.55 -60.43
CA PRO C 19 24.62 -37.32 -60.10
C PRO C 19 24.79 -36.28 -59.00
N ASP C 20 25.99 -36.25 -58.43
CA ASP C 20 26.25 -35.41 -57.28
C ASP C 20 26.09 -33.93 -57.61
N ASP C 21 26.58 -33.50 -58.77
CA ASP C 21 26.57 -32.08 -59.11
C ASP C 21 25.16 -31.53 -59.23
N ILE C 22 24.26 -32.29 -59.85
CA ILE C 22 22.89 -31.81 -60.04
C ILE C 22 22.19 -31.62 -58.70
N GLN C 23 22.33 -32.61 -57.81
CA GLN C 23 21.71 -32.50 -56.50
C GLN C 23 22.32 -31.37 -55.68
N LYS C 24 23.65 -31.21 -55.76
CA LYS C 24 24.29 -30.11 -55.06
C LYS C 24 23.78 -28.76 -55.55
N GLU C 25 23.59 -28.62 -56.86
CA GLU C 25 23.04 -27.39 -57.41
C GLU C 25 21.59 -27.20 -56.96
N ASN C 26 20.83 -28.29 -56.88
CA ASN C 26 19.46 -28.18 -56.40
C ASN C 26 19.40 -27.68 -54.96
N GLU C 27 20.32 -28.14 -54.12
CA GLU C 27 20.30 -27.73 -52.71
C GLU C 27 20.85 -26.33 -52.51
N TYR C 28 22.05 -26.05 -53.02
CA TYR C 28 22.71 -24.76 -52.83
C TYR C 28 23.23 -24.26 -54.16
N GLY C 29 23.01 -22.97 -54.43
CA GLY C 29 23.38 -22.37 -55.71
C GLY C 29 24.72 -21.67 -55.63
N THR C 30 25.51 -21.84 -56.69
CA THR C 30 26.83 -21.22 -56.76
C THR C 30 26.72 -19.74 -57.08
N LEU C 31 27.70 -18.98 -56.60
CA LEU C 31 27.73 -17.54 -56.83
C LEU C 31 28.09 -17.23 -58.28
N ASP C 32 27.52 -16.14 -58.80
CA ASP C 32 27.80 -15.73 -60.17
C ASP C 32 28.96 -14.75 -60.22
N SER C 33 28.85 -13.63 -59.51
CA SER C 33 29.82 -12.55 -59.55
C SER C 33 30.10 -12.12 -58.12
N PRO C 34 31.34 -11.71 -57.81
CA PRO C 34 31.63 -11.27 -56.44
C PRO C 34 31.10 -9.88 -56.13
N GLY C 35 30.53 -9.18 -57.10
CA GLY C 35 29.89 -7.91 -56.85
C GLY C 35 28.49 -8.00 -56.29
N HIS C 36 27.97 -9.21 -56.12
CA HIS C 36 26.63 -9.43 -55.58
C HIS C 36 26.63 -9.70 -54.09
N LEU C 37 27.61 -9.17 -53.36
CA LEU C 37 27.70 -9.33 -51.92
C LEU C 37 27.60 -7.96 -51.26
N TYR C 38 27.12 -7.95 -50.01
CA TYR C 38 26.99 -6.70 -49.27
C TYR C 38 27.31 -6.96 -47.80
N GLN C 39 28.17 -6.12 -47.24
CA GLN C 39 28.57 -6.20 -45.84
C GLN C 39 27.90 -5.05 -45.08
N VAL C 40 27.13 -5.39 -44.06
CA VAL C 40 26.39 -4.38 -43.30
C VAL C 40 27.33 -3.68 -42.33
N LYS C 41 26.89 -2.52 -41.85
CA LYS C 41 27.66 -1.69 -40.94
C LYS C 41 26.88 -1.43 -39.66
N SER C 42 27.61 -1.20 -38.58
CA SER C 42 26.99 -0.97 -37.28
C SER C 42 26.29 0.39 -37.25
N ARG C 43 25.39 0.54 -36.28
CA ARG C 43 24.65 1.77 -36.11
C ARG C 43 25.29 2.73 -35.12
N HIS C 44 26.07 2.21 -34.17
CA HIS C 44 26.78 2.97 -33.15
C HIS C 44 25.86 3.69 -32.17
N GLY C 45 24.55 3.41 -32.22
CA GLY C 45 23.61 3.94 -31.24
C GLY C 45 22.82 5.15 -31.67
N LYS C 46 22.90 5.55 -32.95
CA LYS C 46 22.12 6.69 -33.42
C LYS C 46 20.63 6.35 -33.34
N PRO C 47 19.76 7.33 -33.13
CA PRO C 47 18.36 7.03 -32.83
C PRO C 47 17.66 6.35 -34.00
N LEU C 48 16.66 5.53 -33.66
CA LEU C 48 15.85 4.85 -34.65
C LEU C 48 14.60 5.68 -34.96
N PRO C 49 14.40 6.12 -36.19
CA PRO C 49 13.24 6.96 -36.50
C PRO C 49 11.95 6.15 -36.45
N GLU C 50 10.84 6.88 -36.31
CA GLU C 50 9.51 6.28 -36.27
C GLU C 50 9.13 5.77 -37.66
N PRO C 51 8.60 4.56 -37.77
CA PRO C 51 8.25 4.00 -39.08
C PRO C 51 7.10 4.75 -39.74
N VAL C 52 7.08 4.67 -41.07
CA VAL C 52 6.06 5.29 -41.89
C VAL C 52 5.40 4.21 -42.74
N VAL C 53 4.07 4.26 -42.84
CA VAL C 53 3.30 3.26 -43.55
C VAL C 53 2.51 3.94 -44.67
N ASP C 54 2.44 3.29 -45.81
CA ASP C 54 1.66 3.81 -46.94
C ASP C 54 0.24 3.24 -46.90
N THR C 55 -0.68 3.92 -47.59
CA THR C 55 -2.09 3.56 -47.55
C THR C 55 -2.65 3.52 -48.97
N PRO C 56 -3.65 2.68 -49.21
CA PRO C 56 -4.30 2.64 -50.51
C PRO C 56 -5.49 3.57 -50.56
N PRO C 57 -6.12 3.75 -51.74
CA PRO C 57 -7.30 4.65 -51.82
C PRO C 57 -8.50 4.14 -51.04
N TYR C 58 -9.58 4.94 -51.03
CA TYR C 58 -10.76 4.62 -50.22
C TYR C 58 -11.58 3.48 -50.80
N TYR C 59 -11.75 3.45 -52.13
CA TYR C 59 -12.69 2.52 -52.73
C TYR C 59 -12.28 1.07 -52.48
N ILE C 60 -10.98 0.81 -52.36
CA ILE C 60 -10.52 -0.54 -52.03
C ILE C 60 -11.06 -0.96 -50.67
N SER C 61 -10.94 -0.07 -49.68
CA SER C 61 -11.45 -0.37 -48.34
C SER C 61 -12.96 -0.53 -48.35
N LEU C 62 -13.66 0.32 -49.10
CA LEU C 62 -15.11 0.21 -49.17
C LEU C 62 -15.53 -1.15 -49.76
N LEU C 63 -14.86 -1.57 -50.84
CA LEU C 63 -15.16 -2.86 -51.43
C LEU C 63 -14.85 -3.99 -50.47
N THR C 64 -13.76 -3.88 -49.71
CA THR C 64 -13.45 -4.90 -48.70
C THR C 64 -14.56 -5.02 -47.67
N TYR C 65 -15.05 -3.87 -47.19
CA TYR C 65 -16.12 -3.88 -46.20
C TYR C 65 -17.37 -4.55 -46.76
N LEU C 66 -17.74 -4.20 -47.99
CA LEU C 66 -18.93 -4.83 -48.59
C LEU C 66 -18.74 -6.33 -48.76
N ASN C 67 -17.56 -6.75 -49.20
CA ASN C 67 -17.29 -8.18 -49.37
C ASN C 67 -17.47 -8.94 -48.07
N TYR C 68 -16.85 -8.44 -47.00
CA TYR C 68 -16.94 -9.14 -45.73
C TYR C 68 -18.37 -9.13 -45.20
N LEU C 69 -19.09 -8.03 -45.39
CA LEU C 69 -20.47 -7.97 -44.92
C LEU C 69 -21.34 -9.02 -45.62
N ILE C 70 -21.21 -9.12 -46.95
CA ILE C 70 -21.99 -10.09 -47.70
C ILE C 70 -21.64 -11.50 -47.26
N LEU C 71 -20.35 -11.78 -47.08
CA LEU C 71 -19.93 -13.12 -46.66
C LEU C 71 -20.52 -13.48 -45.30
N ILE C 72 -20.45 -12.54 -44.34
CA ILE C 72 -21.01 -12.80 -43.02
C ILE C 72 -22.51 -13.03 -43.05
N ILE C 73 -23.26 -12.24 -43.82
CA ILE C 73 -24.70 -12.46 -43.91
C ILE C 73 -25.03 -13.82 -44.50
N LEU C 74 -24.39 -14.17 -45.63
CA LEU C 74 -24.72 -15.41 -46.30
C LEU C 74 -24.35 -16.62 -45.45
N GLY C 75 -23.24 -16.54 -44.71
CA GLY C 75 -22.86 -17.63 -43.84
C GLY C 75 -23.94 -17.97 -42.83
N HIS C 76 -24.47 -16.95 -42.16
CA HIS C 76 -25.53 -17.17 -41.18
C HIS C 76 -26.80 -17.66 -41.85
N VAL C 77 -27.12 -17.16 -43.06
CA VAL C 77 -28.32 -17.64 -43.75
C VAL C 77 -28.22 -19.15 -43.99
N HIS C 78 -27.11 -19.59 -44.58
CA HIS C 78 -26.94 -21.03 -44.83
C HIS C 78 -26.94 -21.83 -43.54
N ASP C 79 -26.23 -21.34 -42.50
CA ASP C 79 -26.16 -22.07 -41.25
C ASP C 79 -27.55 -22.27 -40.66
N PHE C 80 -28.32 -21.18 -40.59
CA PHE C 80 -29.66 -21.26 -40.01
C PHE C 80 -30.55 -22.23 -40.79
N LEU C 81 -30.59 -22.08 -42.12
CA LEU C 81 -31.49 -22.92 -42.91
C LEU C 81 -31.09 -24.40 -42.79
N GLY C 82 -29.79 -24.70 -42.93
CA GLY C 82 -29.35 -26.07 -42.87
C GLY C 82 -29.57 -26.71 -41.52
N MET C 83 -29.29 -25.97 -40.44
CA MET C 83 -29.51 -26.51 -39.11
C MET C 83 -30.99 -26.73 -38.84
N THR C 84 -31.85 -25.83 -39.34
CA THR C 84 -33.28 -25.96 -39.04
C THR C 84 -33.91 -27.11 -39.81
N PHE C 85 -33.64 -27.23 -41.10
CA PHE C 85 -34.41 -28.19 -41.90
C PHE C 85 -33.74 -29.55 -42.05
N GLN C 86 -32.53 -29.59 -42.63
CA GLN C 86 -31.87 -30.86 -42.91
C GLN C 86 -31.05 -31.31 -41.70
N LYS C 87 -31.76 -31.94 -40.76
CA LYS C 87 -31.11 -32.38 -39.52
C LYS C 87 -30.27 -33.63 -39.74
N ASN C 88 -30.76 -34.56 -40.56
CA ASN C 88 -30.08 -35.85 -40.71
C ASN C 88 -28.69 -35.69 -41.31
N LYS C 89 -28.52 -34.73 -42.21
CA LYS C 89 -27.20 -34.50 -42.82
C LYS C 89 -26.20 -34.04 -41.78
N HIS C 90 -26.61 -33.13 -40.89
CA HIS C 90 -25.70 -32.56 -39.90
C HIS C 90 -25.91 -33.25 -38.55
N LEU C 91 -25.32 -34.44 -38.43
CA LEU C 91 -25.38 -35.18 -37.17
C LEU C 91 -24.23 -34.86 -36.23
N ASP C 92 -23.16 -34.23 -36.72
CA ASP C 92 -22.02 -33.93 -35.87
C ASP C 92 -22.38 -32.86 -34.85
N LEU C 93 -23.25 -31.92 -35.21
CA LEU C 93 -23.57 -30.77 -34.37
C LEU C 93 -24.81 -30.98 -33.51
N LEU C 94 -25.26 -32.23 -33.35
CA LEU C 94 -26.45 -32.51 -32.56
C LEU C 94 -26.14 -33.63 -31.58
N GLU C 95 -26.81 -33.58 -30.42
CA GLU C 95 -26.61 -34.58 -29.38
C GLU C 95 -27.34 -35.87 -29.72
N HIS C 96 -26.63 -36.99 -29.67
CA HIS C 96 -27.23 -38.28 -30.01
C HIS C 96 -28.01 -38.88 -28.84
N ASP C 97 -27.31 -39.20 -27.75
CA ASP C 97 -27.95 -39.81 -26.59
C ASP C 97 -27.29 -39.27 -25.32
N GLY C 98 -27.83 -38.15 -24.83
CA GLY C 98 -27.37 -37.58 -23.58
C GLY C 98 -25.90 -37.19 -23.57
N LEU C 99 -25.31 -37.00 -24.74
CA LEU C 99 -23.92 -36.61 -24.87
C LEU C 99 -23.83 -35.36 -25.72
N ALA C 100 -23.15 -34.34 -25.22
CA ALA C 100 -22.94 -33.13 -25.97
C ALA C 100 -21.95 -33.39 -27.12
N PRO C 101 -22.04 -32.61 -28.19
CA PRO C 101 -21.07 -32.76 -29.28
C PRO C 101 -19.69 -32.30 -28.84
N TRP C 102 -18.69 -32.74 -29.61
CA TRP C 102 -17.31 -32.34 -29.30
C TRP C 102 -17.16 -30.83 -29.35
N PHE C 103 -17.80 -30.18 -30.33
CA PHE C 103 -17.80 -28.72 -30.38
C PHE C 103 -19.13 -28.24 -30.91
N SER C 104 -19.49 -27.01 -30.53
CA SER C 104 -20.71 -26.38 -30.99
C SER C 104 -20.47 -25.61 -32.29
N ASN C 105 -21.56 -25.26 -32.95
CA ASN C 105 -21.47 -24.69 -34.29
C ASN C 105 -20.83 -23.31 -34.25
N PHE C 106 -21.05 -22.55 -33.16
CA PHE C 106 -20.70 -21.13 -33.14
C PHE C 106 -19.19 -20.92 -33.22
N GLU C 107 -18.42 -21.63 -32.39
CA GLU C 107 -16.99 -21.40 -32.38
C GLU C 107 -16.28 -21.87 -33.64
N SER C 108 -16.89 -22.76 -34.42
CA SER C 108 -16.32 -23.23 -35.67
C SER C 108 -16.90 -22.54 -36.88
N PHE C 109 -17.53 -21.37 -36.71
CA PHE C 109 -18.14 -20.68 -37.83
C PHE C 109 -17.11 -20.22 -38.85
N TYR C 110 -16.03 -19.60 -38.38
CA TYR C 110 -15.05 -19.02 -39.29
C TYR C 110 -14.33 -20.10 -40.08
N VAL C 111 -14.08 -21.24 -39.46
CA VAL C 111 -13.36 -22.31 -40.14
C VAL C 111 -14.22 -22.93 -41.24
N ARG C 112 -15.51 -23.16 -40.95
CA ARG C 112 -16.36 -23.84 -41.91
C ARG C 112 -16.84 -22.92 -43.03
N ARG C 113 -17.06 -21.63 -42.72
CA ARG C 113 -17.86 -20.84 -43.64
C ARG C 113 -17.02 -20.11 -44.68
N ILE C 114 -15.86 -19.57 -44.29
CA ILE C 114 -15.00 -18.82 -45.20
C ILE C 114 -13.66 -19.51 -45.43
N LYS C 115 -13.11 -20.13 -44.39
CA LYS C 115 -11.80 -20.75 -44.52
C LYS C 115 -11.86 -22.03 -45.33
N MET C 116 -13.01 -22.71 -45.34
CA MET C 116 -13.11 -24.02 -45.99
C MET C 116 -12.90 -23.91 -47.49
N ARG C 117 -13.38 -22.82 -48.11
CA ARG C 117 -13.23 -22.65 -49.55
C ARG C 117 -11.79 -22.40 -49.97
N ILE C 118 -10.88 -22.20 -49.03
CA ILE C 118 -9.49 -21.84 -49.32
C ILE C 118 -8.52 -22.90 -48.80
N ASP C 119 -9.04 -24.06 -48.37
CA ASP C 119 -8.18 -25.06 -47.74
C ASP C 119 -7.13 -25.63 -48.68
N ASP C 120 -7.27 -25.43 -49.98
CA ASP C 120 -6.27 -25.95 -50.92
C ASP C 120 -5.00 -25.12 -50.99
N CYS C 121 -5.01 -23.90 -50.45
CA CYS C 121 -3.85 -23.02 -50.49
C CYS C 121 -3.08 -22.98 -49.18
N PHE C 122 -3.37 -23.87 -48.23
CA PHE C 122 -2.78 -23.81 -46.91
C PHE C 122 -1.84 -24.96 -46.61
N SER C 123 -2.31 -26.20 -46.73
CA SER C 123 -1.51 -27.38 -46.41
C SER C 123 -1.19 -28.13 -47.70
N ARG C 124 0.11 -28.23 -48.01
CA ARG C 124 0.56 -28.89 -49.22
C ARG C 124 1.67 -29.86 -48.87
N PRO C 125 1.49 -31.16 -49.07
CA PRO C 125 2.56 -32.12 -48.77
C PRO C 125 3.72 -31.96 -49.73
N THR C 126 4.93 -32.17 -49.20
CA THR C 126 6.16 -32.09 -49.99
C THR C 126 7.03 -33.30 -49.65
N THR C 127 8.17 -33.38 -50.33
CA THR C 127 9.12 -34.47 -50.09
C THR C 127 10.52 -33.98 -50.41
N GLY C 128 11.51 -34.65 -49.81
CA GLY C 128 12.90 -34.29 -50.01
C GLY C 128 13.35 -33.15 -49.12
N VAL C 129 14.61 -32.79 -49.27
CA VAL C 129 15.19 -31.70 -48.48
C VAL C 129 14.70 -30.37 -49.02
N PRO C 130 14.23 -29.46 -48.17
CA PRO C 130 13.83 -28.13 -48.63
C PRO C 130 15.05 -27.25 -48.87
N GLY C 131 15.38 -27.02 -50.14
CA GLY C 131 16.48 -26.16 -50.49
C GLY C 131 16.00 -24.94 -51.23
N ARG C 132 16.63 -24.62 -52.36
CA ARG C 132 16.13 -23.56 -53.22
C ARG C 132 15.12 -24.06 -54.26
N PHE C 133 14.99 -25.38 -54.39
CA PHE C 133 13.96 -25.99 -55.21
C PHE C 133 13.30 -27.09 -54.39
N ILE C 134 11.98 -27.00 -54.22
CA ILE C 134 11.24 -27.94 -53.39
C ILE C 134 10.30 -28.77 -54.26
N ARG C 135 10.22 -30.06 -53.97
CA ARG C 135 9.39 -30.99 -54.72
C ARG C 135 8.04 -31.13 -54.02
N CYS C 136 6.96 -30.94 -54.78
CA CYS C 136 5.61 -30.97 -54.23
C CYS C 136 4.81 -32.10 -54.86
N ILE C 137 3.94 -32.70 -54.05
CA ILE C 137 3.07 -33.78 -54.50
C ILE C 137 1.85 -33.19 -55.18
N ASP C 138 1.44 -33.80 -56.29
CA ASP C 138 0.30 -33.34 -57.06
C ASP C 138 -0.98 -33.96 -56.51
N ARG C 139 -2.03 -33.15 -56.36
CA ARG C 139 -3.29 -33.61 -55.81
C ARG C 139 -4.44 -32.94 -56.54
N ILE C 140 -5.60 -33.60 -56.50
CA ILE C 140 -6.82 -33.14 -57.17
C ILE C 140 -7.91 -32.97 -56.13
N SER C 141 -8.68 -31.89 -56.26
CA SER C 141 -9.73 -31.56 -55.30
C SER C 141 -11.06 -32.13 -55.74
N HIS C 142 -11.82 -32.67 -54.80
CA HIS C 142 -13.16 -33.17 -55.03
C HIS C 142 -14.15 -32.46 -54.12
N ASN C 143 -15.40 -32.40 -54.58
CA ASN C 143 -16.47 -31.68 -53.89
C ASN C 143 -16.00 -30.23 -53.71
N ILE C 144 -16.01 -29.67 -52.51
CA ILE C 144 -15.34 -28.41 -52.25
C ILE C 144 -14.33 -28.59 -51.13
N ASN C 145 -13.10 -28.97 -51.50
CA ASN C 145 -11.99 -29.15 -50.57
C ASN C 145 -12.38 -30.05 -49.39
N GLU C 146 -13.16 -31.10 -49.67
CA GLU C 146 -13.53 -32.02 -48.60
C GLU C 146 -12.55 -33.18 -48.50
N TYR C 147 -12.15 -33.75 -49.63
CA TYR C 147 -11.11 -34.78 -49.66
C TYR C 147 -10.41 -34.71 -51.00
N PHE C 148 -9.22 -35.30 -51.05
CA PHE C 148 -8.35 -35.19 -52.21
C PHE C 148 -7.97 -36.56 -52.73
N THR C 149 -7.60 -36.60 -54.02
CA THR C 149 -7.15 -37.80 -54.69
C THR C 149 -5.79 -37.52 -55.31
N TYR C 150 -4.84 -38.44 -55.09
CA TYR C 150 -3.45 -38.23 -55.44
C TYR C 150 -3.04 -39.20 -56.54
N SER C 151 -2.38 -38.68 -57.57
CA SER C 151 -1.98 -39.47 -58.72
C SER C 151 -0.52 -39.92 -58.68
N GLY C 152 0.20 -39.62 -57.60
CA GLY C 152 1.58 -40.03 -57.49
C GLY C 152 2.53 -39.38 -58.48
N ALA C 153 2.42 -38.07 -58.68
CA ALA C 153 3.29 -37.32 -59.57
C ALA C 153 3.91 -36.15 -58.82
N VAL C 154 5.18 -35.90 -59.07
CA VAL C 154 5.92 -34.85 -58.38
C VAL C 154 6.54 -33.91 -59.41
N TYR C 155 6.77 -32.67 -58.98
CA TYR C 155 7.31 -31.63 -59.84
C TYR C 155 7.97 -30.56 -58.98
N PRO C 156 9.07 -29.98 -59.44
CA PRO C 156 9.81 -29.01 -58.62
C PRO C 156 9.23 -27.61 -58.69
N CYS C 157 9.42 -26.88 -57.59
CA CYS C 157 8.99 -25.49 -57.50
C CYS C 157 10.05 -24.69 -56.75
N MET C 158 10.08 -23.39 -57.01
CA MET C 158 10.91 -22.49 -56.22
C MET C 158 10.21 -22.15 -54.92
N ASN C 159 10.95 -22.23 -53.82
CA ASN C 159 10.37 -22.05 -52.49
C ASN C 159 10.79 -20.70 -51.90
N LEU C 160 9.79 -19.89 -51.55
CA LEU C 160 9.97 -18.64 -50.82
C LEU C 160 9.16 -18.67 -49.54
N SER C 161 9.11 -19.84 -48.89
CA SER C 161 8.24 -20.01 -47.73
C SER C 161 8.88 -20.83 -46.61
N SER C 162 10.15 -21.20 -46.71
CA SER C 162 10.79 -22.06 -45.73
C SER C 162 11.78 -21.27 -44.89
N TYR C 163 11.92 -21.67 -43.61
CA TYR C 163 12.79 -20.99 -42.66
C TYR C 163 14.18 -21.60 -42.73
N ASN C 164 14.93 -21.21 -43.77
CA ASN C 164 16.37 -21.52 -43.84
C ASN C 164 17.11 -20.29 -44.37
N TYR C 165 17.41 -19.38 -43.45
CA TYR C 165 17.99 -18.09 -43.84
C TYR C 165 19.42 -18.26 -44.35
N LEU C 166 20.24 -19.05 -43.68
CA LEU C 166 21.64 -19.23 -44.05
C LEU C 166 21.87 -20.48 -44.90
N GLY C 167 20.82 -21.19 -45.27
CA GLY C 167 20.96 -22.36 -46.13
C GLY C 167 21.75 -23.51 -45.53
N PHE C 168 21.44 -23.88 -44.29
CA PHE C 168 22.09 -25.02 -43.65
C PHE C 168 21.31 -26.31 -43.82
N ALA C 169 20.21 -26.30 -44.57
CA ALA C 169 19.42 -27.51 -44.82
C ALA C 169 19.96 -28.19 -46.06
N GLN C 170 20.93 -29.08 -45.86
CA GLN C 170 21.58 -29.78 -46.95
C GLN C 170 21.71 -31.26 -46.61
N SER C 171 21.88 -32.07 -47.65
CA SER C 171 22.11 -33.50 -47.49
C SER C 171 23.55 -33.91 -47.73
N LYS C 172 24.40 -33.01 -48.20
CA LYS C 172 25.83 -33.28 -48.40
C LYS C 172 26.62 -32.09 -47.86
N GLY C 173 27.34 -32.31 -46.76
CA GLY C 173 28.14 -31.25 -46.17
C GLY C 173 28.81 -31.73 -44.91
N GLN C 174 29.53 -30.81 -44.27
CA GLN C 174 30.23 -31.15 -43.04
C GLN C 174 29.26 -31.42 -41.90
N CYS C 175 28.16 -30.67 -41.83
CA CYS C 175 27.18 -30.89 -40.78
C CYS C 175 26.53 -32.27 -40.90
N THR C 176 26.22 -32.69 -42.13
CA THR C 176 25.65 -34.02 -42.33
C THR C 176 26.65 -35.11 -41.96
N ASP C 177 27.93 -34.90 -42.29
CA ASP C 177 28.96 -35.85 -41.89
C ASP C 177 29.04 -35.95 -40.37
N ALA C 178 29.00 -34.82 -39.68
CA ALA C 178 29.04 -34.83 -38.22
C ALA C 178 27.83 -35.54 -37.64
N ALA C 179 26.65 -35.30 -38.23
CA ALA C 179 25.44 -35.98 -37.75
C ALA C 179 25.53 -37.49 -37.93
N LEU C 180 26.02 -37.93 -39.08
CA LEU C 180 26.18 -39.37 -39.30
C LEU C 180 27.19 -39.98 -38.35
N GLU C 181 28.31 -39.27 -38.12
CA GLU C 181 29.30 -39.76 -37.17
C GLU C 181 28.73 -39.85 -35.76
N SER C 182 27.93 -38.86 -35.38
CA SER C 182 27.29 -38.89 -34.06
C SER C 182 26.31 -40.06 -33.94
N VAL C 183 25.56 -40.33 -35.02
CA VAL C 183 24.66 -41.47 -35.01
C VAL C 183 25.44 -42.76 -34.83
N ASP C 184 26.59 -42.86 -35.52
CA ASP C 184 27.43 -44.06 -35.38
C ASP C 184 27.98 -44.18 -33.96
N LYS C 185 28.38 -43.07 -33.35
CA LYS C 185 29.00 -43.11 -32.03
C LYS C 185 27.94 -43.22 -30.93
N TYR C 186 27.07 -42.23 -30.82
CA TYR C 186 25.96 -42.25 -29.89
C TYR C 186 24.71 -42.79 -30.60
N SER C 187 23.97 -43.65 -29.91
CA SER C 187 22.74 -44.15 -30.49
C SER C 187 21.68 -43.05 -30.53
N ILE C 188 20.56 -43.35 -31.19
CA ILE C 188 19.48 -42.36 -31.30
C ILE C 188 18.64 -42.26 -30.04
N GLN C 189 18.82 -43.17 -29.09
CA GLN C 189 17.97 -43.22 -27.90
C GLN C 189 18.62 -42.44 -26.76
N SER C 190 17.78 -41.84 -25.92
CA SER C 190 18.20 -41.13 -24.73
C SER C 190 17.79 -41.90 -23.49
N GLY C 191 18.25 -41.42 -22.34
CA GLY C 191 17.98 -42.12 -21.08
C GLY C 191 16.72 -41.68 -20.38
N GLY C 192 16.53 -40.37 -20.26
CA GLY C 192 15.40 -39.83 -19.53
C GLY C 192 15.59 -38.38 -19.18
N PRO C 193 14.89 -37.90 -18.15
CA PRO C 193 15.02 -36.50 -17.76
C PRO C 193 16.45 -36.15 -17.38
N ARG C 194 16.84 -34.91 -17.66
CA ARG C 194 18.21 -34.48 -17.39
C ARG C 194 18.43 -34.13 -15.93
N ALA C 195 18.03 -35.02 -15.03
CA ALA C 195 18.34 -34.94 -13.61
C ALA C 195 18.66 -36.29 -13.01
N GLN C 196 18.38 -37.39 -13.69
CA GLN C 196 18.67 -38.73 -13.23
C GLN C 196 19.55 -39.51 -14.20
N ILE C 197 19.29 -39.39 -15.51
CA ILE C 197 20.12 -39.99 -16.54
C ILE C 197 19.74 -39.36 -17.87
N GLY C 198 20.72 -39.15 -18.75
CA GLY C 198 20.43 -38.56 -20.04
C GLY C 198 21.32 -37.37 -20.37
N THR C 199 22.29 -37.09 -19.51
CA THR C 199 23.25 -36.01 -19.73
C THR C 199 24.57 -36.60 -20.17
N THR C 200 25.12 -36.09 -21.26
CA THR C 200 26.40 -36.53 -21.79
C THR C 200 27.31 -35.34 -22.00
N ASP C 201 28.59 -35.61 -22.28
CA ASP C 201 29.56 -34.54 -22.46
C ASP C 201 29.20 -33.63 -23.63
N LEU C 202 28.49 -34.15 -24.63
CA LEU C 202 28.06 -33.32 -25.75
C LEU C 202 27.12 -32.22 -25.26
N HIS C 203 26.28 -32.52 -24.28
CA HIS C 203 25.36 -31.52 -23.75
C HIS C 203 26.13 -30.35 -23.14
N ILE C 204 27.14 -30.65 -22.31
CA ILE C 204 27.92 -29.60 -21.66
C ILE C 204 28.74 -28.82 -22.70
N LYS C 205 29.27 -29.53 -23.70
CA LYS C 205 30.01 -28.85 -24.76
C LYS C 205 29.11 -27.86 -25.49
N ALA C 206 27.89 -28.27 -25.85
CA ALA C 206 26.96 -27.36 -26.50
C ALA C 206 26.59 -26.20 -25.59
N GLU C 207 26.42 -26.47 -24.30
CA GLU C 207 26.16 -25.40 -23.34
C GLU C 207 27.23 -24.33 -23.40
N LYS C 208 28.49 -24.73 -23.25
CA LYS C 208 29.58 -23.77 -23.21
C LYS C 208 29.74 -23.06 -24.55
N LEU C 209 29.56 -23.79 -25.66
CA LEU C 209 29.70 -23.18 -26.97
C LEU C 209 28.63 -22.10 -27.19
N VAL C 210 27.38 -22.39 -26.83
CA VAL C 210 26.32 -21.40 -26.99
C VAL C 210 26.57 -20.20 -26.07
N ALA C 211 27.00 -20.46 -24.82
CA ALA C 211 27.24 -19.37 -23.90
C ALA C 211 28.34 -18.45 -24.40
N ARG C 212 29.41 -19.02 -24.96
CA ARG C 212 30.48 -18.18 -25.51
C ARG C 212 30.03 -17.45 -26.76
N PHE C 213 29.24 -18.10 -27.62
CA PHE C 213 28.81 -17.48 -28.87
C PHE C 213 27.91 -16.28 -28.60
N ILE C 214 26.97 -16.40 -27.66
CA ILE C 214 26.07 -15.29 -27.37
C ILE C 214 26.82 -14.14 -26.71
N GLY C 215 27.66 -14.46 -25.72
CA GLY C 215 28.37 -13.46 -24.96
C GLY C 215 27.98 -13.38 -23.50
N LYS C 216 27.13 -14.29 -23.03
CA LYS C 216 26.73 -14.34 -21.62
C LYS C 216 27.74 -15.21 -20.86
N GLU C 217 27.40 -15.56 -19.62
CA GLU C 217 28.29 -16.34 -18.77
C GLU C 217 27.88 -17.81 -18.65
N ASP C 218 26.58 -18.13 -18.76
CA ASP C 218 26.12 -19.49 -18.64
C ASP C 218 24.78 -19.59 -19.37
N ALA C 219 24.38 -20.82 -19.70
CA ALA C 219 23.20 -21.02 -20.51
C ALA C 219 22.57 -22.37 -20.19
N LEU C 220 21.47 -22.65 -20.88
CA LEU C 220 20.75 -23.92 -20.79
C LEU C 220 20.14 -24.25 -22.15
N VAL C 221 20.07 -25.54 -22.47
CA VAL C 221 19.60 -26.00 -23.77
C VAL C 221 18.42 -26.94 -23.56
N PHE C 222 17.35 -26.73 -24.33
CA PHE C 222 16.13 -27.53 -24.24
C PHE C 222 15.82 -28.13 -25.60
N SER C 223 14.95 -29.15 -25.59
CA SER C 223 14.65 -29.89 -26.80
C SER C 223 13.55 -29.24 -27.64
N MET C 224 12.78 -28.33 -27.07
CA MET C 224 11.68 -27.69 -27.77
C MET C 224 11.58 -26.24 -27.32
N GLY C 225 11.18 -25.37 -28.25
CA GLY C 225 11.10 -23.95 -27.97
C GLY C 225 9.77 -23.51 -27.38
N TYR C 226 8.69 -24.03 -27.95
CA TYR C 226 7.36 -23.72 -27.42
C TYR C 226 7.25 -24.15 -25.96
N GLY C 227 7.73 -25.36 -25.64
CA GLY C 227 7.74 -25.79 -24.26
C GLY C 227 8.63 -24.92 -23.39
N THR C 228 9.75 -24.47 -23.93
CA THR C 228 10.64 -23.58 -23.19
C THR C 228 9.91 -22.33 -22.75
N ASN C 229 9.25 -21.65 -23.68
CA ASN C 229 8.50 -20.45 -23.31
C ASN C 229 7.32 -20.77 -22.40
N ALA C 230 6.62 -21.88 -22.66
CA ALA C 230 5.43 -22.18 -21.88
C ALA C 230 5.75 -22.58 -20.45
N ASN C 231 6.98 -23.03 -20.18
CA ASN C 231 7.35 -23.47 -18.85
C ASN C 231 8.36 -22.55 -18.17
N LEU C 232 8.88 -21.53 -18.86
CA LEU C 232 9.89 -20.69 -18.24
C LEU C 232 9.32 -19.78 -17.15
N PHE C 233 8.12 -19.22 -17.37
CA PHE C 233 7.68 -18.08 -16.57
C PHE C 233 7.23 -18.47 -15.17
N ASN C 234 6.65 -19.66 -14.98
CA ASN C 234 6.08 -19.98 -13.67
C ASN C 234 7.12 -20.24 -12.60
N ALA C 235 8.40 -20.31 -12.96
CA ALA C 235 9.43 -20.65 -11.98
C ALA C 235 9.72 -19.51 -11.02
N PHE C 236 9.55 -18.26 -11.46
CA PHE C 236 9.93 -17.11 -10.64
C PHE C 236 8.85 -16.05 -10.54
N LEU C 237 7.71 -16.21 -11.21
CA LEU C 237 6.64 -15.23 -11.15
C LEU C 237 5.50 -15.77 -10.30
N ASP C 238 4.67 -14.87 -9.78
CA ASP C 238 3.67 -15.22 -8.78
C ASP C 238 2.49 -14.27 -9.01
N LYS C 239 1.44 -14.44 -8.19
CA LYS C 239 0.22 -13.64 -8.36
C LYS C 239 0.45 -12.17 -8.03
N LYS C 240 1.48 -11.86 -7.25
CA LYS C 240 1.71 -10.50 -6.77
C LYS C 240 2.62 -9.69 -7.69
N CYS C 241 3.06 -10.26 -8.81
CA CYS C 241 3.94 -9.57 -9.73
C CYS C 241 3.16 -9.02 -10.92
N LEU C 242 3.83 -8.21 -11.74
CA LEU C 242 3.22 -7.57 -12.89
C LEU C 242 4.07 -7.80 -14.13
N VAL C 243 3.42 -8.08 -15.25
CA VAL C 243 4.07 -8.33 -16.52
C VAL C 243 3.54 -7.32 -17.53
N ILE C 244 4.45 -6.56 -18.13
CA ILE C 244 4.12 -5.57 -19.16
C ILE C 244 4.68 -6.09 -20.47
N SER C 245 3.80 -6.29 -21.46
CA SER C 245 4.19 -6.90 -22.72
C SER C 245 3.51 -6.18 -23.88
N ASP C 246 4.10 -6.35 -25.06
CA ASP C 246 3.54 -5.79 -26.28
C ASP C 246 2.22 -6.46 -26.63
N GLU C 247 1.57 -5.95 -27.67
CA GLU C 247 0.30 -6.51 -28.13
C GLU C 247 0.47 -7.52 -29.27
N LEU C 248 1.70 -7.72 -29.76
CA LEU C 248 1.95 -8.61 -30.89
C LEU C 248 2.95 -9.70 -30.55
N ASN C 249 2.88 -10.23 -29.33
CA ASN C 249 3.81 -11.27 -28.93
C ASN C 249 3.34 -12.64 -29.42
N HIS C 250 4.24 -13.62 -29.34
CA HIS C 250 3.93 -14.96 -29.79
C HIS C 250 3.00 -15.65 -28.81
N THR C 251 2.40 -16.76 -29.28
CA THR C 251 1.44 -17.49 -28.46
C THR C 251 2.10 -18.18 -27.28
N SER C 252 3.35 -18.63 -27.44
CA SER C 252 4.02 -19.34 -26.35
C SER C 252 4.21 -18.45 -25.12
N ILE C 253 4.56 -17.18 -25.34
CA ILE C 253 4.68 -16.25 -24.22
C ILE C 253 3.34 -16.07 -23.53
N ARG C 254 2.26 -15.95 -24.31
CA ARG C 254 0.94 -15.78 -23.72
C ARG C 254 0.56 -16.99 -22.87
N THR C 255 0.83 -18.20 -23.38
CA THR C 255 0.52 -19.40 -22.61
C THR C 255 1.34 -19.48 -21.33
N GLY C 256 2.64 -19.15 -21.42
CA GLY C 256 3.48 -19.17 -20.22
C GLY C 256 3.01 -18.19 -19.18
N VAL C 257 2.64 -16.99 -19.60
CA VAL C 257 2.17 -15.98 -18.66
C VAL C 257 0.83 -16.40 -18.05
N ARG C 258 -0.04 -17.01 -18.85
CA ARG C 258 -1.30 -17.52 -18.31
C ARG C 258 -1.07 -18.58 -17.25
N LEU C 259 -0.13 -19.48 -17.49
CA LEU C 259 0.16 -20.51 -16.50
C LEU C 259 0.82 -19.91 -15.25
N SER C 260 1.63 -18.86 -15.41
CA SER C 260 2.29 -18.26 -14.26
C SER C 260 1.29 -17.67 -13.27
N GLY C 261 0.29 -16.95 -13.75
CA GLY C 261 -0.75 -16.40 -12.90
C GLY C 261 -0.62 -14.94 -12.54
N ALA C 262 0.36 -14.24 -13.09
CA ALA C 262 0.58 -12.84 -12.75
C ALA C 262 -0.36 -11.93 -13.53
N ALA C 263 -0.36 -10.64 -13.16
CA ALA C 263 -1.18 -9.66 -13.84
C ALA C 263 -0.50 -9.19 -15.13
N VAL C 264 -1.32 -8.81 -16.11
CA VAL C 264 -0.84 -8.49 -17.45
C VAL C 264 -1.38 -7.13 -17.86
N ARG C 265 -0.49 -6.24 -18.32
CA ARG C 265 -0.83 -4.98 -18.95
C ARG C 265 -0.15 -4.91 -20.30
N THR C 266 -0.84 -4.37 -21.30
CA THR C 266 -0.36 -4.33 -22.67
C THR C 266 -0.33 -2.91 -23.18
N PHE C 267 0.64 -2.63 -24.06
CA PHE C 267 0.81 -1.31 -24.65
C PHE C 267 0.83 -1.41 -26.17
N LYS C 268 0.54 -0.29 -26.83
CA LYS C 268 0.42 -0.28 -28.28
C LYS C 268 1.78 -0.49 -28.95
N HIS C 269 1.74 -1.03 -30.16
CA HIS C 269 2.96 -1.38 -30.88
C HIS C 269 3.72 -0.13 -31.29
N GLY C 270 4.97 -0.02 -30.84
CA GLY C 270 5.86 1.05 -31.26
C GLY C 270 5.73 2.35 -30.48
N ASP C 271 4.91 2.40 -29.44
CA ASP C 271 4.72 3.61 -28.65
C ASP C 271 5.54 3.49 -27.37
N MET C 272 6.40 4.48 -27.14
CA MET C 272 7.19 4.52 -25.91
C MET C 272 6.69 5.53 -24.90
N VAL C 273 6.04 6.60 -25.37
CA VAL C 273 5.40 7.53 -24.44
C VAL C 273 4.30 6.82 -23.65
N GLY C 274 3.48 6.03 -24.35
CA GLY C 274 2.47 5.25 -23.67
C GLY C 274 3.07 4.23 -22.71
N LEU C 275 4.19 3.62 -23.09
CA LEU C 275 4.86 2.67 -22.21
C LEU C 275 5.33 3.35 -20.93
N GLU C 276 5.95 4.52 -21.06
CA GLU C 276 6.43 5.24 -19.89
C GLU C 276 5.27 5.67 -18.99
N LYS C 277 4.19 6.17 -19.60
CA LYS C 277 3.03 6.55 -18.82
C LYS C 277 2.43 5.35 -18.09
N LEU C 278 2.35 4.20 -18.77
CA LEU C 278 1.82 3.00 -18.14
C LEU C 278 2.69 2.55 -16.97
N ILE C 279 4.02 2.60 -17.14
CA ILE C 279 4.92 2.21 -16.07
C ILE C 279 4.74 3.12 -14.86
N ARG C 280 4.68 4.43 -15.11
CA ARG C 280 4.51 5.39 -14.01
C ARG C 280 3.20 5.15 -13.26
N GLU C 281 2.11 5.00 -14.00
CA GLU C 281 0.80 4.78 -13.37
C GLU C 281 0.79 3.48 -12.58
N GLN C 282 1.35 2.41 -13.15
CA GLN C 282 1.32 1.12 -12.46
C GLN C 282 2.18 1.15 -11.21
N ILE C 283 3.29 1.88 -11.24
CA ILE C 283 4.10 2.03 -10.03
C ILE C 283 3.32 2.78 -8.96
N VAL C 284 2.62 3.84 -9.36
CA VAL C 284 1.91 4.64 -8.36
C VAL C 284 0.73 3.85 -7.75
N LEU C 285 -0.10 3.23 -8.59
CA LEU C 285 -1.34 2.63 -8.10
C LEU C 285 -1.09 1.44 -7.19
N GLY C 286 -0.27 0.48 -7.63
CA GLY C 286 -0.04 -0.70 -6.84
C GLY C 286 -1.01 -1.82 -7.14
N GLN C 287 -1.13 -2.74 -6.19
CA GLN C 287 -1.94 -3.93 -6.38
C GLN C 287 -3.42 -3.57 -6.43
N PRO C 288 -4.24 -4.39 -7.10
CA PRO C 288 -5.68 -4.09 -7.16
C PRO C 288 -6.36 -4.33 -5.83
N LYS C 289 -7.26 -3.43 -5.47
CA LYS C 289 -8.17 -3.56 -4.32
C LYS C 289 -7.45 -3.49 -2.98
N THR C 290 -6.12 -3.40 -2.99
CA THR C 290 -5.37 -3.28 -1.75
C THR C 290 -4.38 -2.13 -1.83
N ASN C 291 -3.96 -1.79 -3.05
CA ASN C 291 -3.05 -0.67 -3.30
C ASN C 291 -1.73 -0.81 -2.55
N ARG C 292 -1.28 -2.05 -2.42
CA ARG C 292 0.05 -2.32 -1.91
C ARG C 292 1.03 -2.45 -3.08
N PRO C 293 2.32 -2.16 -2.86
CA PRO C 293 3.27 -2.14 -3.97
C PRO C 293 3.49 -3.53 -4.56
N TRP C 294 3.78 -3.55 -5.86
CA TRP C 294 4.12 -4.79 -6.54
C TRP C 294 5.46 -5.32 -6.04
N LYS C 295 5.61 -6.64 -6.12
CA LYS C 295 6.88 -7.26 -5.75
C LYS C 295 7.95 -7.03 -6.81
N LYS C 296 7.58 -7.12 -8.09
CA LYS C 296 8.51 -6.88 -9.18
C LYS C 296 7.73 -6.58 -10.45
N ILE C 297 8.45 -6.07 -11.45
CA ILE C 297 7.88 -5.74 -12.75
C ILE C 297 8.82 -6.27 -13.83
N LEU C 298 8.25 -6.90 -14.86
CA LEU C 298 9.03 -7.50 -15.94
C LEU C 298 8.51 -7.02 -17.28
N ILE C 299 9.43 -6.79 -18.22
CA ILE C 299 9.13 -6.28 -19.55
C ILE C 299 9.49 -7.35 -20.57
N CYS C 300 8.51 -7.77 -21.36
CA CYS C 300 8.71 -8.78 -22.39
C CYS C 300 8.55 -8.16 -23.78
N ALA C 301 9.51 -8.46 -24.65
CA ALA C 301 9.49 -7.94 -26.02
C ALA C 301 10.08 -8.97 -26.95
N GLU C 302 10.05 -8.65 -28.25
CA GLU C 302 10.55 -9.54 -29.29
C GLU C 302 11.62 -8.83 -30.10
N GLY C 303 12.67 -9.55 -30.47
CA GLY C 303 13.76 -8.96 -31.23
C GLY C 303 13.32 -8.51 -32.61
N LEU C 304 12.68 -9.40 -33.35
CA LEU C 304 12.20 -9.08 -34.70
C LEU C 304 10.85 -9.76 -34.90
N PHE C 305 9.89 -9.00 -35.41
CA PHE C 305 8.52 -9.47 -35.58
C PHE C 305 8.34 -10.01 -37.00
N SER C 306 7.89 -11.26 -37.10
CA SER C 306 7.80 -11.90 -38.40
C SER C 306 6.64 -11.38 -39.23
N MET C 307 5.53 -11.02 -38.59
CA MET C 307 4.37 -10.56 -39.35
C MET C 307 4.57 -9.16 -39.93
N GLU C 308 5.44 -8.37 -39.33
CA GLU C 308 5.67 -7.00 -39.77
C GLU C 308 7.07 -6.76 -40.32
N GLY C 309 8.06 -7.54 -39.89
CA GLY C 309 9.43 -7.30 -40.31
C GLY C 309 10.02 -6.01 -39.81
N THR C 310 9.77 -5.67 -38.55
CA THR C 310 10.27 -4.45 -37.95
C THR C 310 11.05 -4.77 -36.68
N LEU C 311 11.96 -3.87 -36.32
CA LEU C 311 12.83 -4.04 -35.16
C LEU C 311 12.28 -3.27 -33.96
N CYS C 312 12.71 -3.69 -32.78
CA CYS C 312 12.37 -2.99 -31.55
C CYS C 312 13.49 -2.03 -31.16
N ASN C 313 13.10 -0.92 -30.54
CA ASN C 313 14.05 0.12 -30.14
C ASN C 313 14.62 -0.27 -28.78
N LEU C 314 15.68 -1.08 -28.79
CA LEU C 314 16.32 -1.59 -27.59
C LEU C 314 16.91 -0.51 -26.69
N PRO C 315 17.64 0.49 -27.21
CA PRO C 315 18.23 1.49 -26.31
C PRO C 315 17.22 2.21 -25.44
N LYS C 316 16.04 2.54 -25.97
CA LYS C 316 15.02 3.20 -25.17
C LYS C 316 14.55 2.29 -24.04
N LEU C 317 14.37 1.00 -24.34
CA LEU C 317 13.97 0.06 -23.30
C LEU C 317 15.03 -0.06 -22.22
N VAL C 318 16.30 -0.11 -22.62
CA VAL C 318 17.39 -0.18 -21.64
C VAL C 318 17.41 1.07 -20.77
N GLU C 319 17.25 2.23 -21.38
CA GLU C 319 17.22 3.48 -20.62
C GLU C 319 16.07 3.48 -19.62
N LEU C 320 14.87 3.07 -20.06
CA LEU C 320 13.72 3.07 -19.18
C LEU C 320 13.90 2.09 -18.02
N LYS C 321 14.43 0.90 -18.31
CA LYS C 321 14.62 -0.08 -17.24
C LYS C 321 15.71 0.35 -16.27
N LYS C 322 16.74 1.06 -16.74
CA LYS C 322 17.73 1.60 -15.83
C LYS C 322 17.15 2.70 -14.96
N LYS C 323 16.31 3.56 -15.54
CA LYS C 323 15.79 4.69 -14.79
C LYS C 323 14.74 4.28 -13.76
N TYR C 324 13.84 3.35 -14.13
CA TYR C 324 12.72 2.98 -13.28
C TYR C 324 12.94 1.67 -12.53
N LYS C 325 14.13 1.08 -12.64
CA LYS C 325 14.48 -0.15 -11.91
C LYS C 325 13.52 -1.29 -12.25
N CYS C 326 13.53 -1.68 -13.53
CA CYS C 326 12.70 -2.77 -14.02
C CYS C 326 13.59 -3.82 -14.68
N TYR C 327 12.98 -4.95 -15.03
CA TYR C 327 13.68 -6.07 -15.63
C TYR C 327 13.23 -6.24 -17.07
N LEU C 328 14.11 -6.84 -17.89
CA LEU C 328 13.91 -6.92 -19.33
C LEU C 328 14.08 -8.35 -19.80
N PHE C 329 13.14 -8.81 -20.63
CA PHE C 329 13.19 -10.13 -21.25
C PHE C 329 13.03 -9.95 -22.75
N ILE C 330 13.96 -10.53 -23.52
CA ILE C 330 13.99 -10.34 -24.97
C ILE C 330 13.88 -11.71 -25.64
N ASP C 331 12.96 -11.81 -26.59
CA ASP C 331 12.73 -13.03 -27.38
C ASP C 331 13.23 -12.76 -28.78
N GLU C 332 14.23 -13.52 -29.22
CA GLU C 332 14.86 -13.32 -30.52
C GLU C 332 15.16 -14.68 -31.15
N ALA C 333 14.22 -15.19 -31.94
CA ALA C 333 14.41 -16.42 -32.69
C ALA C 333 14.60 -16.20 -34.18
N HIS C 334 14.13 -15.08 -34.73
CA HIS C 334 14.32 -14.75 -36.14
C HIS C 334 15.56 -13.92 -36.40
N SER C 335 16.27 -13.49 -35.35
CA SER C 335 17.35 -12.53 -35.50
C SER C 335 18.64 -12.96 -34.82
N ILE C 336 18.76 -14.22 -34.40
CA ILE C 336 19.95 -14.63 -33.68
C ILE C 336 21.07 -15.05 -34.63
N GLY C 337 20.74 -15.44 -35.85
CA GLY C 337 21.77 -15.92 -36.75
C GLY C 337 21.81 -15.23 -38.09
N ALA C 338 20.72 -14.55 -38.46
CA ALA C 338 20.62 -13.95 -39.78
C ALA C 338 20.89 -12.45 -39.79
N MET C 339 20.94 -11.80 -38.63
CA MET C 339 21.08 -10.36 -38.58
C MET C 339 22.30 -9.98 -37.74
N GLY C 340 22.87 -8.83 -38.06
CA GLY C 340 24.05 -8.34 -37.38
C GLY C 340 25.28 -8.35 -38.27
N PRO C 341 26.24 -7.48 -37.98
CA PRO C 341 27.49 -7.47 -38.75
C PRO C 341 28.21 -8.81 -38.75
N THR C 342 28.17 -9.52 -37.63
CA THR C 342 28.75 -10.86 -37.54
C THR C 342 27.71 -11.92 -37.18
N GLY C 343 26.45 -11.56 -37.08
CA GLY C 343 25.40 -12.51 -36.77
C GLY C 343 25.16 -12.79 -35.29
N ARG C 344 25.56 -11.88 -34.41
CA ARG C 344 25.37 -12.13 -32.98
C ARG C 344 23.92 -11.91 -32.55
N GLY C 345 23.22 -10.98 -33.19
CA GLY C 345 21.83 -10.74 -32.86
C GLY C 345 21.42 -9.29 -32.93
N VAL C 346 20.41 -8.91 -32.15
CA VAL C 346 19.97 -7.52 -32.11
C VAL C 346 20.90 -6.66 -31.27
N CYS C 347 21.62 -7.26 -30.32
CA CYS C 347 22.53 -6.51 -29.47
C CYS C 347 23.78 -6.04 -30.20
N GLU C 348 24.01 -6.50 -31.42
CA GLU C 348 25.21 -6.14 -32.16
C GLU C 348 25.01 -4.92 -33.05
N ILE C 349 23.86 -4.82 -33.72
CA ILE C 349 23.62 -3.69 -34.61
C ILE C 349 23.49 -2.39 -33.83
N PHE C 350 22.89 -2.42 -32.64
CA PHE C 350 22.72 -1.21 -31.85
C PHE C 350 23.92 -0.88 -30.99
N GLY C 351 24.89 -1.78 -30.86
CA GLY C 351 26.04 -1.56 -30.02
C GLY C 351 25.79 -1.68 -28.54
N VAL C 352 24.63 -2.20 -28.14
CA VAL C 352 24.30 -2.31 -26.72
C VAL C 352 25.08 -3.46 -26.10
N ASP C 353 25.62 -3.22 -24.90
CA ASP C 353 26.32 -4.27 -24.18
C ASP C 353 25.36 -5.38 -23.80
N PRO C 354 25.75 -6.65 -23.98
CA PRO C 354 24.83 -7.76 -23.65
C PRO C 354 24.47 -7.85 -22.18
N LYS C 355 25.26 -7.25 -21.29
CA LYS C 355 25.00 -7.37 -19.86
C LYS C 355 23.82 -6.55 -19.38
N ASP C 356 23.28 -5.66 -20.22
CA ASP C 356 22.15 -4.83 -19.79
C ASP C 356 20.87 -5.65 -19.75
N VAL C 357 20.66 -6.54 -20.72
CA VAL C 357 19.46 -7.36 -20.75
C VAL C 357 19.61 -8.51 -19.75
N ASP C 358 18.48 -8.92 -19.16
CA ASP C 358 18.53 -9.91 -18.10
C ASP C 358 18.52 -11.33 -18.65
N ILE C 359 17.54 -11.65 -19.48
CA ILE C 359 17.36 -13.01 -20.02
C ILE C 359 17.30 -12.93 -21.54
N LEU C 360 18.09 -13.77 -22.20
CA LEU C 360 18.08 -13.88 -23.65
C LEU C 360 17.69 -15.30 -24.04
N MET C 361 16.76 -15.40 -24.99
CA MET C 361 16.24 -16.69 -25.43
C MET C 361 16.25 -16.75 -26.95
N GLY C 362 16.28 -17.96 -27.49
CA GLY C 362 16.24 -18.15 -28.92
C GLY C 362 16.08 -19.62 -29.27
N THR C 363 15.81 -19.87 -30.55
CA THR C 363 15.63 -21.23 -31.05
C THR C 363 16.57 -21.47 -32.21
N PHE C 364 16.92 -22.74 -32.42
CA PHE C 364 17.83 -23.13 -33.48
C PHE C 364 17.12 -23.49 -34.78
N THR C 365 15.79 -23.52 -34.79
CA THR C 365 15.06 -24.03 -35.93
C THR C 365 15.21 -23.14 -37.15
N LYS C 366 15.20 -21.82 -36.96
CA LYS C 366 15.07 -20.90 -38.09
C LYS C 366 16.32 -20.84 -38.94
N SER C 367 17.50 -20.76 -38.32
CA SER C 367 18.71 -20.47 -39.07
C SER C 367 19.73 -21.60 -39.04
N PHE C 368 19.78 -22.39 -37.97
CA PHE C 368 20.82 -23.39 -37.82
C PHE C 368 20.42 -24.77 -38.32
N GLY C 369 19.18 -24.96 -38.76
CA GLY C 369 18.77 -26.22 -39.37
C GLY C 369 18.50 -27.35 -38.42
N ALA C 370 18.36 -27.08 -37.12
CA ALA C 370 18.09 -28.12 -36.13
C ALA C 370 17.06 -27.61 -35.14
N ALA C 371 16.36 -28.54 -34.50
CA ALA C 371 15.27 -28.18 -33.60
C ALA C 371 15.75 -28.07 -32.16
N GLY C 372 15.19 -27.12 -31.43
CA GLY C 372 15.50 -26.92 -30.04
C GLY C 372 15.53 -25.44 -29.70
N GLY C 373 15.88 -25.14 -28.45
CA GLY C 373 15.96 -23.76 -27.98
C GLY C 373 16.90 -23.67 -26.82
N TYR C 374 17.15 -22.43 -26.38
CA TYR C 374 18.11 -22.18 -25.32
C TYR C 374 17.67 -20.99 -24.48
N ILE C 375 18.47 -20.70 -23.46
CA ILE C 375 18.28 -19.53 -22.61
C ILE C 375 19.62 -19.18 -21.99
N ALA C 376 19.95 -17.89 -21.97
CA ALA C 376 21.23 -17.41 -21.46
C ALA C 376 21.00 -16.31 -20.42
N ALA C 377 21.78 -16.35 -19.36
CA ALA C 377 21.68 -15.39 -18.26
C ALA C 377 22.96 -15.48 -17.43
N ASP C 378 22.98 -14.81 -16.29
CA ASP C 378 24.14 -14.78 -15.42
C ASP C 378 24.26 -16.07 -14.61
N GLN C 379 25.43 -16.28 -14.02
CA GLN C 379 25.72 -17.52 -13.31
C GLN C 379 24.81 -17.70 -12.10
N TRP C 380 24.64 -16.65 -11.30
CA TRP C 380 23.85 -16.75 -10.09
C TRP C 380 22.35 -16.90 -10.38
N ILE C 381 21.92 -16.65 -11.61
CA ILE C 381 20.55 -16.90 -12.01
C ILE C 381 20.37 -18.31 -12.58
N ILE C 382 21.32 -18.76 -13.40
CA ILE C 382 21.26 -20.10 -13.95
C ILE C 382 21.39 -21.15 -12.86
N ASP C 383 22.19 -20.88 -11.83
CA ASP C 383 22.32 -21.84 -10.73
C ASP C 383 20.99 -22.06 -10.03
N ARG C 384 20.21 -20.99 -9.82
CA ARG C 384 18.88 -21.13 -9.23
C ARG C 384 17.91 -21.79 -10.20
N LEU C 385 17.98 -21.41 -11.48
CA LEU C 385 16.99 -21.88 -12.45
C LEU C 385 17.15 -23.37 -12.75
N ARG C 386 18.38 -23.88 -12.74
CA ARG C 386 18.58 -25.31 -12.98
C ARG C 386 17.87 -26.14 -11.93
N LEU C 387 17.61 -25.56 -10.76
CA LEU C 387 16.85 -26.24 -9.71
C LEU C 387 15.37 -25.90 -9.76
N ASP C 388 15.00 -24.68 -10.14
CA ASP C 388 13.61 -24.25 -10.09
C ASP C 388 12.82 -24.60 -11.34
N LEU C 389 13.47 -25.07 -12.40
CA LEU C 389 12.76 -25.37 -13.65
C LEU C 389 12.09 -26.74 -13.57
N THR C 390 10.97 -26.85 -14.26
CA THR C 390 10.22 -28.10 -14.34
C THR C 390 10.49 -28.89 -15.63
N THR C 391 11.08 -28.24 -16.64
CA THR C 391 11.44 -28.96 -17.86
C THR C 391 12.61 -29.90 -17.61
N VAL C 392 13.54 -29.50 -16.73
CA VAL C 392 14.79 -30.23 -16.58
C VAL C 392 14.56 -31.59 -15.93
N SER C 393 13.68 -31.66 -14.93
CA SER C 393 13.53 -32.85 -14.11
C SER C 393 12.30 -33.68 -14.45
N TYR C 394 11.48 -33.26 -15.41
CA TYR C 394 10.26 -33.98 -15.73
C TYR C 394 10.12 -34.40 -17.19
N SER C 395 10.95 -33.88 -18.08
CA SER C 395 10.75 -34.06 -19.52
C SER C 395 12.00 -34.65 -20.16
N GLU C 396 11.79 -35.24 -21.34
CA GLU C 396 12.85 -35.89 -22.09
C GLU C 396 13.96 -34.89 -22.45
N SER C 397 15.09 -35.45 -22.89
CA SER C 397 16.28 -34.66 -23.20
C SER C 397 16.53 -34.60 -24.70
N MET C 398 17.45 -33.73 -25.08
CA MET C 398 17.75 -33.49 -26.48
C MET C 398 18.56 -34.63 -27.08
N PRO C 399 18.29 -35.04 -28.31
CA PRO C 399 19.03 -36.16 -28.90
C PRO C 399 20.42 -35.74 -29.36
N ALA C 400 21.19 -36.73 -29.81
CA ALA C 400 22.58 -36.53 -30.20
C ALA C 400 22.76 -35.94 -31.60
N PRO C 401 22.08 -36.46 -32.64
CA PRO C 401 22.28 -35.88 -33.98
C PRO C 401 21.94 -34.41 -34.06
N VAL C 402 20.89 -33.98 -33.36
CA VAL C 402 20.50 -32.57 -33.38
C VAL C 402 21.59 -31.73 -32.72
N LEU C 403 22.15 -32.22 -31.62
CA LEU C 403 23.25 -31.51 -30.97
C LEU C 403 24.46 -31.40 -31.89
N ALA C 404 24.78 -32.48 -32.60
CA ALA C 404 25.91 -32.45 -33.51
C ALA C 404 25.69 -31.44 -34.63
N GLN C 405 24.49 -31.41 -35.20
CA GLN C 405 24.18 -30.45 -36.25
C GLN C 405 24.29 -29.02 -35.74
N THR C 406 23.74 -28.76 -34.54
CA THR C 406 23.81 -27.41 -33.99
C THR C 406 25.25 -26.98 -33.73
N ILE C 407 26.06 -27.89 -33.18
CA ILE C 407 27.45 -27.57 -32.90
C ILE C 407 28.20 -27.28 -34.20
N SER C 408 27.97 -28.09 -35.23
CA SER C 408 28.63 -27.85 -36.51
C SER C 408 28.24 -26.51 -37.10
N SER C 409 26.94 -26.17 -37.04
CA SER C 409 26.50 -24.88 -37.58
C SER C 409 27.11 -23.72 -36.81
N LEU C 410 27.15 -23.82 -35.48
CA LEU C 410 27.71 -22.73 -34.69
C LEU C 410 29.20 -22.55 -34.93
N GLN C 411 29.94 -23.67 -35.02
CA GLN C 411 31.37 -23.57 -35.29
C GLN C 411 31.63 -23.07 -36.71
N THR C 412 30.73 -23.35 -37.65
CA THR C 412 30.88 -22.80 -38.99
C THR C 412 30.65 -21.30 -39.00
N ILE C 413 29.59 -20.83 -38.33
CA ILE C 413 29.31 -19.39 -38.31
C ILE C 413 30.41 -18.63 -37.57
N SER C 414 30.90 -19.19 -36.46
CA SER C 414 31.94 -18.53 -35.70
C SER C 414 33.25 -18.38 -36.47
N GLY C 415 33.46 -19.17 -37.52
CA GLY C 415 34.68 -19.09 -38.28
C GLY C 415 35.79 -20.01 -37.84
N GLU C 416 35.47 -21.09 -37.13
CA GLU C 416 36.50 -22.00 -36.62
C GLU C 416 36.76 -23.16 -37.59
N ILE C 417 35.72 -23.95 -37.88
CA ILE C 417 35.93 -25.16 -38.67
C ILE C 417 36.27 -24.83 -40.12
N CYS C 418 35.64 -23.80 -40.70
CA CYS C 418 35.90 -23.41 -42.08
C CYS C 418 36.25 -21.93 -42.10
N PRO C 419 37.26 -21.53 -42.90
CA PRO C 419 37.73 -20.14 -42.85
C PRO C 419 36.71 -19.11 -43.31
N GLY C 420 36.19 -19.25 -44.53
CA GLY C 420 35.42 -18.18 -45.13
C GLY C 420 34.07 -18.57 -45.71
N GLN C 421 33.32 -19.42 -45.03
CA GLN C 421 32.02 -19.85 -45.53
C GLN C 421 30.85 -19.06 -44.95
N GLY C 422 30.90 -18.71 -43.66
CA GLY C 422 29.80 -17.99 -43.05
C GLY C 422 29.64 -16.57 -43.56
N THR C 423 30.77 -15.87 -43.74
CA THR C 423 30.72 -14.49 -44.18
C THR C 423 30.05 -14.36 -45.55
N GLU C 424 30.36 -15.30 -46.45
CA GLU C 424 29.72 -15.28 -47.76
C GLU C 424 28.22 -15.45 -47.64
N ARG C 425 27.77 -16.32 -46.74
CA ARG C 425 26.34 -16.52 -46.53
C ARG C 425 25.67 -15.25 -45.99
N LEU C 426 26.29 -14.59 -45.01
CA LEU C 426 25.72 -13.36 -44.47
C LEU C 426 25.62 -12.29 -45.54
N GLN C 427 26.70 -12.10 -46.31
CA GLN C 427 26.67 -11.10 -47.36
C GLN C 427 25.63 -11.42 -48.42
N ARG C 428 25.50 -12.70 -48.80
CA ARG C 428 24.54 -13.08 -49.82
C ARG C 428 23.11 -12.80 -49.36
N ILE C 429 22.78 -13.16 -48.12
CA ILE C 429 21.41 -12.96 -47.66
C ILE C 429 21.10 -11.47 -47.56
N ALA C 430 22.06 -10.68 -47.07
CA ALA C 430 21.83 -9.24 -46.98
C ALA C 430 21.59 -8.63 -48.35
N PHE C 431 22.43 -8.97 -49.33
CA PHE C 431 22.28 -8.41 -50.66
C PHE C 431 20.94 -8.83 -51.28
N ASN C 432 20.57 -10.11 -51.13
CA ASN C 432 19.32 -10.58 -51.70
C ASN C 432 18.12 -9.83 -51.13
N SER C 433 18.10 -9.66 -49.80
CA SER C 433 17.00 -8.95 -49.18
C SER C 433 16.90 -7.52 -49.69
N ARG C 434 18.05 -6.81 -49.74
CA ARG C 434 18.01 -5.43 -50.19
C ARG C 434 17.54 -5.32 -51.63
N TYR C 435 18.07 -6.19 -52.51
CA TYR C 435 17.72 -6.12 -53.92
C TYR C 435 16.24 -6.38 -54.14
N LEU C 436 15.70 -7.43 -53.49
CA LEU C 436 14.29 -7.73 -53.68
C LEU C 436 13.39 -6.61 -53.17
N ARG C 437 13.70 -6.06 -51.98
CA ARG C 437 12.86 -5.00 -51.44
C ARG C 437 12.88 -3.76 -52.33
N LEU C 438 14.07 -3.35 -52.78
CA LEU C 438 14.15 -2.16 -53.62
C LEU C 438 13.46 -2.37 -54.95
N ALA C 439 13.63 -3.54 -55.59
CA ALA C 439 12.98 -3.78 -56.87
C ALA C 439 11.47 -3.78 -56.72
N LEU C 440 10.96 -4.44 -55.67
CA LEU C 440 9.51 -4.45 -55.47
C LEU C 440 8.96 -3.06 -55.24
N GLN C 441 9.66 -2.24 -54.46
CA GLN C 441 9.17 -0.89 -54.21
C GLN C 441 9.24 -0.03 -55.47
N ARG C 442 10.25 -0.24 -56.31
CA ARG C 442 10.34 0.53 -57.55
C ARG C 442 9.31 0.08 -58.57
N LEU C 443 8.85 -1.16 -58.49
CA LEU C 443 7.79 -1.61 -59.40
C LEU C 443 6.48 -0.86 -59.13
N GLY C 444 6.14 -0.68 -57.85
CA GLY C 444 4.92 0.04 -57.51
C GLY C 444 4.06 -0.66 -56.48
N PHE C 445 4.59 -1.71 -55.85
CA PHE C 445 3.86 -2.44 -54.84
C PHE C 445 3.96 -1.74 -53.49
N ILE C 446 3.50 -2.42 -52.45
CA ILE C 446 3.61 -1.94 -51.07
C ILE C 446 4.27 -3.03 -50.25
N VAL C 447 5.36 -2.69 -49.56
CA VAL C 447 6.08 -3.65 -48.73
C VAL C 447 6.31 -3.03 -47.35
N TYR C 448 6.58 -3.90 -46.39
CA TYR C 448 6.96 -3.52 -45.04
C TYR C 448 8.38 -4.00 -44.77
N GLY C 449 9.03 -3.38 -43.81
CA GLY C 449 10.34 -3.84 -43.38
C GLY C 449 11.20 -2.69 -42.94
N VAL C 450 12.46 -3.02 -42.65
CA VAL C 450 13.44 -2.05 -42.17
C VAL C 450 14.68 -2.09 -43.04
N ALA C 451 14.51 -2.48 -44.31
CA ALA C 451 15.51 -2.52 -45.38
C ALA C 451 16.52 -3.66 -45.19
N ASP C 452 16.45 -4.42 -44.10
CA ASP C 452 17.38 -5.54 -43.91
C ASP C 452 16.72 -6.82 -43.43
N SER C 453 15.47 -6.80 -43.01
CA SER C 453 14.83 -8.01 -42.50
C SER C 453 14.61 -9.00 -43.64
N PRO C 454 14.77 -10.30 -43.38
CA PRO C 454 14.52 -11.31 -44.42
C PRO C 454 13.05 -11.46 -44.78
N VAL C 455 12.14 -10.87 -44.02
CA VAL C 455 10.71 -10.98 -44.26
C VAL C 455 10.27 -9.77 -45.09
N ILE C 456 9.67 -10.03 -46.24
CA ILE C 456 9.17 -8.96 -47.10
C ILE C 456 7.67 -9.17 -47.31
N PRO C 457 6.81 -8.57 -46.49
CA PRO C 457 5.37 -8.75 -46.68
C PRO C 457 4.78 -7.78 -47.70
N LEU C 458 4.19 -8.36 -48.75
CA LEU C 458 3.52 -7.61 -49.80
C LEU C 458 2.01 -7.68 -49.54
N LEU C 459 1.34 -6.54 -49.60
CA LEU C 459 -0.02 -6.41 -49.11
C LEU C 459 -1.04 -6.62 -50.22
N LEU C 460 -1.99 -7.52 -49.97
CA LEU C 460 -3.16 -7.73 -50.81
C LEU C 460 -4.40 -7.40 -49.98
N TYR C 461 -5.24 -6.50 -50.47
CA TYR C 461 -6.34 -6.00 -49.66
C TYR C 461 -7.68 -6.67 -49.93
N CYS C 462 -7.99 -7.00 -51.18
CA CYS C 462 -9.31 -7.59 -51.37
C CYS C 462 -9.33 -9.04 -50.91
N PRO C 463 -10.45 -9.48 -50.33
CA PRO C 463 -10.53 -10.87 -49.82
C PRO C 463 -10.34 -11.92 -50.90
N SER C 464 -10.81 -11.66 -52.13
CA SER C 464 -10.79 -12.65 -53.18
C SER C 464 -9.51 -12.63 -54.01
N LYS C 465 -8.55 -11.79 -53.68
CA LYS C 465 -7.32 -11.70 -54.46
C LYS C 465 -6.25 -12.66 -53.98
N MET C 466 -6.24 -13.02 -52.71
CA MET C 466 -5.24 -13.95 -52.19
C MET C 466 -5.31 -15.34 -52.82
N PRO C 467 -6.49 -15.96 -53.02
CA PRO C 467 -6.47 -17.28 -53.66
C PRO C 467 -6.08 -17.20 -55.12
N ALA C 468 -6.49 -16.14 -55.83
CA ALA C 468 -6.08 -15.97 -57.21
C ALA C 468 -4.57 -15.81 -57.31
N PHE C 469 -3.98 -15.00 -56.44
CA PHE C 469 -2.53 -14.82 -56.45
C PHE C 469 -1.82 -16.14 -56.15
N SER C 470 -2.31 -16.88 -55.17
CA SER C 470 -1.67 -18.15 -54.81
C SER C 470 -1.73 -19.14 -55.97
N ARG C 471 -2.91 -19.33 -56.57
CA ARG C 471 -3.04 -20.28 -57.66
C ARG C 471 -2.23 -19.86 -58.87
N MET C 472 -2.22 -18.57 -59.19
CA MET C 472 -1.49 -18.10 -60.36
C MET C 472 0.01 -18.22 -60.15
N MET C 473 0.49 -18.02 -58.93
CA MET C 473 1.90 -18.24 -58.64
C MET C 473 2.24 -19.72 -58.70
N LEU C 474 1.32 -20.59 -58.27
CA LEU C 474 1.55 -22.03 -58.38
C LEU C 474 1.65 -22.46 -59.84
N GLN C 475 0.81 -21.89 -60.70
CA GLN C 475 0.86 -22.23 -62.12
C GLN C 475 2.21 -21.87 -62.74
N ARG C 476 2.87 -20.85 -62.18
CA ARG C 476 4.21 -20.45 -62.62
C ARG C 476 5.32 -21.23 -61.93
N ARG C 477 4.97 -22.22 -61.12
CA ARG C 477 5.94 -23.05 -60.37
C ARG C 477 6.70 -22.22 -59.34
N ILE C 478 5.96 -21.50 -58.51
CA ILE C 478 6.50 -20.77 -57.37
C ILE C 478 5.61 -21.02 -56.17
N ALA C 479 6.20 -21.30 -55.01
CA ALA C 479 5.48 -21.63 -53.79
C ALA C 479 5.53 -20.46 -52.83
N VAL C 480 4.35 -19.97 -52.43
CA VAL C 480 4.23 -18.82 -51.54
C VAL C 480 3.21 -19.14 -50.46
N VAL C 481 3.25 -18.36 -49.38
CA VAL C 481 2.36 -18.52 -48.24
C VAL C 481 1.64 -17.21 -47.99
N VAL C 482 0.32 -17.26 -47.88
CA VAL C 482 -0.53 -16.09 -47.67
C VAL C 482 -1.30 -16.26 -46.37
N VAL C 483 -1.38 -15.18 -45.60
CA VAL C 483 -2.09 -15.18 -44.32
C VAL C 483 -3.20 -14.14 -44.38
N ALA C 484 -4.17 -14.28 -43.50
CA ALA C 484 -5.33 -13.39 -43.48
C ALA C 484 -5.99 -13.46 -42.10
N TYR C 485 -7.22 -12.94 -42.02
CA TYR C 485 -7.97 -12.89 -40.73
C TYR C 485 -7.93 -14.24 -40.00
N PRO C 486 -8.13 -14.25 -38.67
CA PRO C 486 -7.96 -13.04 -37.84
C PRO C 486 -6.48 -12.81 -37.54
N ALA C 487 -5.60 -13.70 -38.03
CA ALA C 487 -4.15 -13.57 -37.78
C ALA C 487 -3.69 -12.16 -38.11
N THR C 488 -4.47 -11.42 -38.92
CA THR C 488 -4.05 -10.10 -39.33
C THR C 488 -5.22 -9.14 -39.12
N PRO C 489 -4.98 -7.83 -39.19
CA PRO C 489 -6.10 -6.89 -39.20
C PRO C 489 -7.03 -7.17 -40.36
N LEU C 490 -8.32 -6.89 -40.15
CA LEU C 490 -9.36 -7.28 -41.11
C LEU C 490 -9.07 -6.75 -42.51
N ILE C 491 -8.71 -5.47 -42.60
CA ILE C 491 -8.50 -4.86 -43.92
C ILE C 491 -7.24 -5.39 -44.57
N GLU C 492 -6.17 -5.56 -43.80
CA GLU C 492 -4.85 -5.84 -44.36
C GLU C 492 -4.60 -7.35 -44.39
N SER C 493 -4.66 -7.93 -45.58
CA SER C 493 -4.11 -9.25 -45.84
C SER C 493 -2.79 -9.09 -46.59
N ARG C 494 -1.97 -10.14 -46.56
CA ARG C 494 -0.63 -10.02 -47.10
C ARG C 494 -0.08 -11.38 -47.50
N VAL C 495 0.99 -11.35 -48.28
CA VAL C 495 1.78 -12.52 -48.62
C VAL C 495 3.19 -12.30 -48.07
N ARG C 496 3.69 -13.28 -47.33
CA ARG C 496 4.96 -13.16 -46.64
C ARG C 496 6.04 -13.90 -47.41
N PHE C 497 7.04 -13.17 -47.89
CA PHE C 497 8.19 -13.73 -48.58
C PHE C 497 9.29 -14.01 -47.55
N CYS C 498 9.88 -15.20 -47.61
CA CYS C 498 11.02 -15.55 -46.79
C CYS C 498 12.22 -15.74 -47.71
N MET C 499 13.12 -14.76 -47.72
CA MET C 499 14.31 -14.81 -48.54
C MET C 499 15.37 -15.67 -47.88
N SER C 500 16.14 -16.38 -48.71
CA SER C 500 17.16 -17.29 -48.24
C SER C 500 18.48 -17.00 -48.95
N ALA C 501 19.57 -17.47 -48.37
CA ALA C 501 20.88 -17.30 -48.97
C ALA C 501 21.13 -18.24 -50.14
N SER C 502 20.35 -19.32 -50.26
CA SER C 502 20.58 -20.29 -51.33
C SER C 502 20.14 -19.76 -52.69
N LEU C 503 19.16 -18.87 -52.73
CA LEU C 503 18.71 -18.32 -53.99
C LEU C 503 19.75 -17.38 -54.59
N THR C 504 19.73 -17.26 -55.91
CA THR C 504 20.65 -16.41 -56.65
C THR C 504 19.90 -15.24 -57.29
N LYS C 505 20.64 -14.42 -58.04
CA LYS C 505 20.06 -13.21 -58.61
C LYS C 505 19.14 -13.51 -59.79
N GLU C 506 19.49 -14.49 -60.62
CA GLU C 506 18.65 -14.81 -61.77
C GLU C 506 17.29 -15.36 -61.34
N ASP C 507 17.25 -16.11 -60.24
CA ASP C 507 15.97 -16.53 -59.69
C ASP C 507 15.12 -15.33 -59.30
N ILE C 508 15.75 -14.31 -58.70
CA ILE C 508 15.02 -13.11 -58.32
C ILE C 508 14.51 -12.37 -59.55
N ASP C 509 15.29 -12.36 -60.63
CA ASP C 509 14.82 -11.71 -61.86
C ASP C 509 13.61 -12.44 -62.44
N TYR C 510 13.68 -13.78 -62.47
CA TYR C 510 12.54 -14.58 -62.90
C TYR C 510 11.30 -14.28 -62.08
N LEU C 511 11.47 -14.24 -60.75
CA LEU C 511 10.37 -13.92 -59.86
C LEU C 511 9.83 -12.52 -60.12
N LEU C 512 10.71 -11.56 -60.34
CA LEU C 512 10.27 -10.18 -60.56
C LEU C 512 9.43 -10.07 -61.83
N ARG C 513 9.87 -10.71 -62.91
CA ARG C 513 9.08 -10.68 -64.15
C ARG C 513 7.70 -11.29 -63.92
N HIS C 514 7.66 -12.48 -63.32
CA HIS C 514 6.37 -13.15 -63.16
C HIS C 514 5.44 -12.37 -62.24
N VAL C 515 5.96 -11.85 -61.12
CA VAL C 515 5.12 -11.10 -60.20
C VAL C 515 4.66 -9.79 -60.83
N SER C 516 5.51 -9.16 -61.65
CA SER C 516 5.06 -7.95 -62.35
C SER C 516 3.88 -8.25 -63.26
N GLU C 517 3.97 -9.34 -64.03
CA GLU C 517 2.86 -9.68 -64.92
C GLU C 517 1.60 -9.99 -64.13
N VAL C 518 1.72 -10.77 -63.06
CA VAL C 518 0.55 -11.15 -62.28
C VAL C 518 -0.09 -9.93 -61.61
N GLY C 519 0.75 -9.03 -61.10
CA GLY C 519 0.23 -7.83 -60.47
C GLY C 519 -0.45 -6.90 -61.46
N ASP C 520 0.10 -6.78 -62.67
CA ASP C 520 -0.59 -6.01 -63.70
C ASP C 520 -1.94 -6.63 -64.03
N LYS C 521 -2.01 -7.96 -64.07
CA LYS C 521 -3.29 -8.60 -64.37
C LYS C 521 -4.31 -8.40 -63.25
N LEU C 522 -3.89 -8.56 -62.00
CA LEU C 522 -4.79 -8.55 -60.86
C LEU C 522 -4.99 -7.17 -60.24
N ASN C 523 -4.32 -6.14 -60.74
CA ASN C 523 -4.41 -4.79 -60.20
C ASN C 523 -4.01 -4.76 -58.73
N LEU C 524 -2.75 -5.11 -58.48
CA LEU C 524 -2.22 -5.17 -57.12
C LEU C 524 -1.19 -4.09 -56.80
N LYS C 525 -0.77 -3.31 -57.79
CA LYS C 525 0.23 -2.26 -57.55
C LYS C 525 -0.47 -0.91 -57.45
N SER C 526 -0.48 -0.35 -56.24
CA SER C 526 -1.08 0.96 -55.97
C SER C 526 -0.17 1.66 -54.95
N ASN C 527 0.69 2.53 -55.46
CA ASN C 527 1.70 3.21 -54.66
C ASN C 527 1.47 4.71 -54.69
N SER C 528 1.90 5.38 -53.63
CA SER C 528 1.78 6.82 -53.47
C SER C 528 3.19 7.42 -53.36
N GLY C 529 3.26 8.72 -53.05
CA GLY C 529 4.52 9.41 -52.92
C GLY C 529 5.22 9.27 -51.59
N LYS C 530 4.60 8.57 -50.63
CA LYS C 530 5.18 8.40 -49.30
C LYS C 530 6.17 7.25 -49.24
N SER C 531 6.36 6.52 -50.33
CA SER C 531 7.28 5.38 -50.36
C SER C 531 8.58 5.67 -51.08
N SER C 532 8.63 6.71 -51.92
CA SER C 532 9.88 7.08 -52.57
C SER C 532 10.50 8.29 -51.87
N TYR C 533 11.83 8.39 -51.95
CA TYR C 533 12.55 9.47 -51.30
C TYR C 533 12.35 10.81 -51.99
N ASP C 534 12.00 10.81 -53.27
CA ASP C 534 11.76 12.04 -54.00
C ASP C 534 10.33 12.55 -53.91
N GLY C 535 9.42 11.78 -53.30
CA GLY C 535 8.05 12.21 -53.16
C GLY C 535 7.21 12.09 -54.41
N LYS C 536 7.68 11.36 -55.42
CA LYS C 536 6.93 11.16 -56.66
C LYS C 536 6.59 9.69 -56.82
N ARG C 537 5.34 9.40 -57.15
CA ARG C 537 4.93 8.03 -57.41
C ARG C 537 5.67 7.51 -58.64
N GLN C 538 6.18 6.28 -58.52
CA GLN C 538 7.09 5.72 -59.52
C GLN C 538 6.51 4.43 -60.08
N ARG C 539 6.47 4.34 -61.41
CA ARG C 539 6.09 3.12 -62.11
C ARG C 539 7.14 2.88 -63.19
N TRP C 540 8.19 2.15 -62.85
CA TRP C 540 9.30 1.90 -63.76
C TRP C 540 9.01 0.67 -64.61
N ASP C 541 9.51 0.67 -65.84
CA ASP C 541 9.38 -0.50 -66.68
C ASP C 541 10.38 -1.56 -66.22
N ILE C 542 10.06 -2.82 -66.52
CA ILE C 542 10.73 -3.93 -65.84
C ILE C 542 12.21 -4.01 -66.20
N GLU C 543 12.56 -3.86 -67.48
CA GLU C 543 13.95 -4.05 -67.87
C GLU C 543 14.84 -2.96 -67.28
N GLU C 544 14.32 -1.74 -67.18
CA GLU C 544 15.09 -0.68 -66.53
C GLU C 544 15.34 -0.99 -65.06
N VAL C 545 14.32 -1.53 -64.37
CA VAL C 545 14.50 -1.96 -62.99
C VAL C 545 15.62 -3.00 -62.90
N ILE C 546 15.55 -4.02 -63.74
CA ILE C 546 16.57 -5.07 -63.70
C ILE C 546 17.95 -4.49 -63.99
N ARG C 547 18.04 -3.52 -64.89
CA ARG C 547 19.32 -2.95 -65.28
C ARG C 547 19.93 -2.12 -64.15
N ARG C 548 19.12 -1.31 -63.46
CA ARG C 548 19.66 -0.30 -62.57
C ARG C 548 19.56 -0.60 -61.07
N THR C 549 18.63 -1.46 -60.65
CA THR C 549 18.47 -1.72 -59.22
C THR C 549 19.68 -2.39 -58.55
N PRO C 550 20.31 -3.44 -59.11
CA PRO C 550 21.35 -4.13 -58.33
C PRO C 550 22.55 -3.26 -57.98
N GLU C 551 22.89 -2.28 -58.82
CA GLU C 551 23.97 -1.38 -58.47
C GLU C 551 23.57 -0.38 -57.40
N ASP C 552 22.36 0.17 -57.49
CA ASP C 552 21.94 1.22 -56.58
C ASP C 552 21.42 0.69 -55.25
N CYS C 553 21.20 -0.62 -55.12
CA CYS C 553 20.67 -1.14 -53.87
C CYS C 553 21.68 -1.09 -52.73
N LYS C 554 22.96 -0.86 -53.02
CA LYS C 554 23.98 -0.82 -51.97
C LYS C 554 23.97 0.48 -51.18
N ASP C 555 23.63 1.60 -51.80
CA ASP C 555 23.64 2.88 -51.10
C ASP C 555 22.49 2.96 -50.10
N ASP C 556 22.80 3.38 -48.88
CA ASP C 556 21.83 3.45 -47.80
C ASP C 556 21.16 4.83 -47.73
N LYS C 557 20.65 5.29 -48.85
CA LYS C 557 19.89 6.53 -48.94
C LYS C 557 18.61 6.37 -49.73
N TYR C 558 18.50 5.31 -50.54
CA TYR C 558 17.32 5.07 -51.37
C TYR C 558 16.15 4.53 -50.56
N PHE C 559 16.36 4.15 -49.31
CA PHE C 559 15.34 3.51 -48.50
C PHE C 559 14.75 4.53 -47.53
N VAL C 560 13.41 4.58 -47.48
CA VAL C 560 12.74 5.55 -46.61
C VAL C 560 12.93 5.17 -45.14
N ASN C 561 12.88 3.89 -44.82
CA ASN C 561 13.04 3.44 -43.44
C ASN C 561 14.01 2.26 -43.37
N GLN D 3 28.06 -21.36 -65.57
CA GLN D 3 26.93 -21.83 -64.76
C GLN D 3 26.88 -23.35 -64.73
N HIS D 4 25.94 -23.90 -63.96
CA HIS D 4 25.75 -25.33 -63.86
C HIS D 4 24.28 -25.66 -64.06
N LYS D 5 24.00 -26.71 -64.81
CA LYS D 5 22.64 -27.13 -65.07
C LYS D 5 22.01 -27.74 -63.80
N SER D 6 20.68 -27.68 -63.73
CA SER D 6 19.94 -28.23 -62.61
C SER D 6 18.76 -29.02 -63.17
N SER D 7 17.86 -29.44 -62.27
CA SER D 7 16.69 -30.22 -62.64
C SER D 7 15.41 -29.38 -62.61
N MET D 8 15.50 -28.10 -62.91
CA MET D 8 14.34 -27.21 -62.90
C MET D 8 13.82 -27.02 -64.32
N VAL D 9 12.49 -27.03 -64.45
CA VAL D 9 11.82 -26.78 -65.71
C VAL D 9 11.19 -25.39 -65.65
N TYR D 10 11.72 -24.47 -66.45
CA TYR D 10 11.27 -23.09 -66.43
C TYR D 10 10.02 -22.93 -67.30
N ILE D 11 9.03 -22.24 -66.76
CA ILE D 11 7.76 -21.97 -67.44
C ILE D 11 7.87 -20.61 -68.12
N PRO D 12 7.71 -20.52 -69.44
CA PRO D 12 7.81 -19.23 -70.12
C PRO D 12 6.68 -18.31 -69.72
N THR D 13 6.96 -17.01 -69.77
CA THR D 13 5.97 -15.99 -69.44
C THR D 13 4.96 -15.83 -70.57
N THR D 14 3.84 -15.18 -70.25
CA THR D 14 2.76 -15.04 -71.23
C THR D 14 3.19 -14.23 -72.44
N LYS D 15 3.91 -13.13 -72.21
CA LYS D 15 4.32 -12.27 -73.32
C LYS D 15 5.25 -13.01 -74.28
N GLU D 16 6.21 -13.78 -73.74
CA GLU D 16 7.14 -14.50 -74.60
C GLU D 16 6.42 -15.56 -75.41
N ALA D 17 5.49 -16.30 -74.79
CA ALA D 17 4.74 -17.31 -75.52
C ALA D 17 3.88 -16.68 -76.61
N LYS D 18 3.23 -15.56 -76.31
CA LYS D 18 2.40 -14.89 -77.31
C LYS D 18 3.23 -14.36 -78.47
N ARG D 19 4.41 -13.79 -78.17
CA ARG D 19 5.23 -13.24 -79.25
C ARG D 19 5.93 -14.32 -80.06
N ARG D 20 6.16 -15.51 -79.48
CA ARG D 20 6.72 -16.62 -80.24
C ARG D 20 5.67 -17.50 -80.88
N ASN D 21 4.39 -17.28 -80.58
CA ASN D 21 3.31 -18.05 -81.17
C ASN D 21 2.69 -17.37 -82.38
N GLY D 22 2.95 -16.09 -82.60
CA GLY D 22 2.37 -15.35 -83.71
C GLY D 22 0.88 -15.14 -83.55
N LYS D 23 0.39 -15.27 -82.31
CA LYS D 23 -1.04 -15.12 -82.07
C LYS D 23 -1.47 -13.66 -82.12
N SER D 24 -0.55 -12.75 -81.82
CA SER D 24 -0.88 -11.33 -81.79
C SER D 24 -1.26 -10.84 -83.18
N GLU D 25 -2.46 -10.28 -83.30
CA GLU D 25 -2.95 -9.72 -84.56
C GLU D 25 -3.66 -8.41 -84.23
N GLY D 26 -3.17 -7.32 -84.81
CA GLY D 26 -3.66 -6.00 -84.42
C GLY D 26 -5.14 -5.80 -84.70
N ILE D 27 -5.63 -6.35 -85.80
CA ILE D 27 -7.00 -6.07 -86.22
C ILE D 27 -8.00 -6.74 -85.28
N LEU D 28 -7.72 -7.97 -84.83
CA LEU D 28 -8.69 -8.77 -84.11
C LEU D 28 -8.13 -9.26 -82.77
N ASN D 29 -7.46 -8.38 -82.03
CA ASN D 29 -7.04 -8.69 -80.66
C ASN D 29 -7.32 -7.57 -79.67
N THR D 30 -7.45 -6.33 -80.14
CA THR D 30 -7.75 -5.23 -79.22
C THR D 30 -9.11 -5.42 -78.56
N ILE D 31 -10.11 -5.86 -79.33
CA ILE D 31 -11.43 -6.13 -78.76
C ILE D 31 -11.36 -7.23 -77.73
N GLU D 32 -10.59 -8.29 -78.03
CA GLU D 32 -10.43 -9.39 -77.08
C GLU D 32 -9.77 -8.91 -75.79
N GLU D 33 -8.73 -8.08 -75.90
CA GLU D 33 -8.07 -7.56 -74.72
C GLU D 33 -9.01 -6.67 -73.89
N VAL D 34 -9.80 -5.84 -74.57
CA VAL D 34 -10.76 -4.98 -73.87
C VAL D 34 -11.79 -5.84 -73.14
N VAL D 35 -12.30 -6.88 -73.79
CA VAL D 35 -13.26 -7.78 -73.16
C VAL D 35 -12.63 -8.47 -71.95
N GLU D 36 -11.38 -8.92 -72.09
CA GLU D 36 -10.70 -9.57 -70.99
C GLU D 36 -10.56 -8.63 -69.80
N LYS D 37 -10.15 -7.38 -70.06
CA LYS D 37 -10.01 -6.41 -68.98
C LYS D 37 -11.35 -6.15 -68.30
N LEU D 38 -12.41 -5.97 -69.09
CA LEU D 38 -13.72 -5.68 -68.52
C LEU D 38 -14.22 -6.85 -67.69
N TYR D 39 -13.98 -8.08 -68.15
CA TYR D 39 -14.42 -9.25 -67.40
C TYR D 39 -13.65 -9.39 -66.09
N TRP D 40 -12.32 -9.30 -66.16
CA TRP D 40 -11.51 -9.52 -64.97
C TRP D 40 -11.72 -8.44 -63.92
N THR D 41 -11.81 -7.18 -64.34
CA THR D 41 -12.01 -6.09 -63.39
C THR D 41 -13.35 -6.26 -62.68
N TYR D 42 -14.38 -6.66 -63.43
CA TYR D 42 -15.68 -6.90 -62.83
C TYR D 42 -15.65 -8.07 -61.87
N TYR D 43 -14.95 -9.14 -62.23
CA TYR D 43 -14.99 -10.38 -61.45
C TYR D 43 -14.12 -10.36 -60.21
N ILE D 44 -12.99 -9.66 -60.21
CA ILE D 44 -12.03 -9.81 -59.12
C ILE D 44 -12.44 -9.00 -57.91
N HIS D 45 -12.83 -7.74 -58.10
CA HIS D 45 -13.04 -6.83 -56.98
C HIS D 45 -14.34 -7.10 -56.22
N LEU D 46 -15.05 -8.16 -56.58
CA LEU D 46 -16.33 -8.45 -55.95
C LEU D 46 -16.43 -9.94 -55.68
N PRO D 47 -17.02 -10.37 -54.56
CA PRO D 47 -16.92 -11.77 -54.15
C PRO D 47 -17.78 -12.67 -55.02
N PHE D 48 -17.13 -13.37 -55.96
CA PHE D 48 -17.71 -14.47 -56.71
C PHE D 48 -16.82 -15.69 -56.54
N TYR D 49 -15.60 -15.48 -56.07
CA TYR D 49 -14.56 -16.50 -56.15
C TYR D 49 -14.48 -17.35 -54.88
N LEU D 50 -15.15 -16.95 -53.80
CA LEU D 50 -15.25 -17.76 -52.59
C LEU D 50 -16.67 -18.24 -52.34
N MET D 51 -17.53 -18.20 -53.36
CA MET D 51 -18.95 -18.45 -53.20
C MET D 51 -19.31 -19.83 -53.74
N ALA D 52 -20.59 -20.15 -53.72
CA ALA D 52 -21.11 -21.38 -54.30
C ALA D 52 -21.77 -21.09 -55.64
N SER D 53 -21.94 -22.16 -56.44
CA SER D 53 -22.46 -21.99 -57.80
C SER D 53 -23.86 -21.40 -57.79
N PHE D 54 -24.74 -21.92 -56.93
CA PHE D 54 -26.11 -21.43 -56.88
C PHE D 54 -26.15 -19.96 -56.47
N ASP D 55 -25.42 -19.61 -55.40
CA ASP D 55 -25.43 -18.23 -54.93
C ASP D 55 -24.74 -17.30 -55.92
N SER D 56 -23.66 -17.76 -56.56
CA SER D 56 -22.99 -16.94 -57.56
C SER D 56 -23.90 -16.66 -58.75
N PHE D 57 -24.62 -17.68 -59.22
CA PHE D 57 -25.57 -17.48 -60.30
C PHE D 57 -26.69 -16.53 -59.87
N PHE D 58 -27.17 -16.66 -58.64
CA PHE D 58 -28.21 -15.78 -58.13
C PHE D 58 -27.73 -14.33 -58.11
N LEU D 59 -26.49 -14.11 -57.66
CA LEU D 59 -25.96 -12.75 -57.62
C LEU D 59 -25.72 -12.19 -59.02
N HIS D 60 -25.28 -13.05 -59.95
CA HIS D 60 -25.16 -12.62 -61.34
C HIS D 60 -26.51 -12.17 -61.90
N VAL D 61 -27.56 -12.95 -61.63
CA VAL D 61 -28.89 -12.58 -62.10
C VAL D 61 -29.37 -11.30 -61.43
N PHE D 62 -29.04 -11.13 -60.14
CA PHE D 62 -29.42 -9.90 -59.43
C PHE D 62 -28.78 -8.68 -60.07
N PHE D 63 -27.46 -8.74 -60.33
CA PHE D 63 -26.77 -7.62 -60.97
C PHE D 63 -27.31 -7.38 -62.38
N LEU D 64 -27.56 -8.46 -63.13
CA LEU D 64 -28.07 -8.30 -64.49
C LEU D 64 -29.44 -7.62 -64.48
N THR D 65 -30.32 -8.02 -63.56
CA THR D 65 -31.63 -7.37 -63.46
C THR D 65 -31.50 -5.92 -63.03
N ILE D 66 -30.59 -5.63 -62.09
CA ILE D 66 -30.37 -4.26 -61.66
C ILE D 66 -29.94 -3.39 -62.84
N PHE D 67 -29.02 -3.90 -63.66
CA PHE D 67 -28.62 -3.16 -64.86
C PHE D 67 -29.79 -3.02 -65.82
N SER D 68 -30.51 -4.10 -66.09
CA SER D 68 -31.59 -4.06 -67.08
C SER D 68 -32.70 -3.11 -66.66
N LEU D 69 -32.83 -2.86 -65.37
CA LEU D 69 -33.87 -1.93 -64.91
C LEU D 69 -33.35 -0.49 -64.84
N THR E 39 10.56 36.39 -5.17
CA THR E 39 10.57 36.81 -3.76
C THR E 39 11.15 35.72 -2.88
N THR E 40 11.41 36.07 -1.62
CA THR E 40 11.96 35.10 -0.68
C THR E 40 10.87 34.14 -0.22
N GLU E 41 11.19 32.86 -0.20
CA GLU E 41 10.22 31.81 0.12
C GLU E 41 10.39 31.35 1.55
N PRO E 42 9.31 31.34 2.34
CA PRO E 42 9.43 30.89 3.72
C PRO E 42 9.70 29.39 3.82
N VAL E 43 10.39 29.00 4.88
CA VAL E 43 10.64 27.59 5.13
C VAL E 43 9.34 26.88 5.49
N LYS E 44 8.57 27.46 6.40
CA LYS E 44 7.26 26.96 6.78
C LYS E 44 6.23 28.02 6.44
N ASP E 45 5.26 27.66 5.60
CA ASP E 45 4.28 28.61 5.10
C ASP E 45 2.88 28.23 5.60
N HIS E 46 2.29 29.11 6.41
CA HIS E 46 0.90 29.01 6.84
C HIS E 46 0.29 30.40 6.63
N ARG E 47 -0.19 30.64 5.41
CA ARG E 47 -0.72 31.94 5.02
C ARG E 47 -2.19 31.81 4.66
N ARG E 48 -3.00 32.76 5.13
CA ARG E 48 -4.42 32.77 4.82
C ARG E 48 -4.64 33.38 3.44
N ARG E 49 -5.50 32.73 2.65
CA ARG E 49 -5.82 33.19 1.31
C ARG E 49 -7.29 33.59 1.25
N ARG E 50 -7.58 34.69 0.55
CA ARG E 50 -8.92 35.20 0.40
C ARG E 50 -9.49 34.82 -0.96
N ALA E 51 -10.82 34.83 -1.04
CA ALA E 51 -11.49 34.48 -2.29
C ALA E 51 -11.29 35.59 -3.34
N ALA E 52 -11.33 35.18 -4.60
CA ALA E 52 -11.14 36.12 -5.71
C ALA E 52 -12.23 35.99 -6.77
N ALA E 53 -13.43 35.59 -6.39
CA ALA E 53 -14.52 35.41 -7.35
C ALA E 53 -15.84 35.66 -6.64
N ILE E 54 -16.90 35.85 -7.43
CA ILE E 54 -18.23 36.07 -6.86
C ILE E 54 -18.68 34.85 -6.08
N ILE E 55 -18.46 33.65 -6.64
CA ILE E 55 -18.77 32.40 -5.96
C ILE E 55 -17.48 31.60 -5.80
N SER E 56 -17.33 30.95 -4.65
CA SER E 56 -16.12 30.20 -4.36
C SER E 56 -16.43 29.15 -3.29
N HIS E 57 -15.52 28.18 -3.17
CA HIS E 57 -15.62 27.12 -2.19
C HIS E 57 -14.34 27.09 -1.37
N VAL E 58 -14.46 26.66 -0.11
CA VAL E 58 -13.30 26.58 0.76
C VAL E 58 -12.47 25.35 0.41
N GLU E 59 -11.16 25.53 0.34
CA GLU E 59 -10.22 24.47 -0.03
C GLU E 59 -10.19 23.38 1.04
N PRO E 60 -10.08 22.12 0.63
CA PRO E 60 -9.98 21.03 1.61
C PRO E 60 -8.72 21.14 2.46
N GLU E 61 -8.82 20.63 3.69
CA GLU E 61 -7.78 20.77 4.68
C GLU E 61 -6.60 19.84 4.38
N THR E 62 -5.48 20.11 5.05
CA THR E 62 -4.24 19.37 4.83
C THR E 62 -4.07 18.30 5.92
N PHE E 63 -2.92 17.65 5.90
CA PHE E 63 -2.62 16.58 6.85
C PHE E 63 -2.45 17.13 8.26
N GLU E 64 -1.64 18.19 8.40
CA GLU E 64 -1.39 18.77 9.71
C GLU E 64 -2.66 19.36 10.31
N ASP E 65 -3.45 20.04 9.48
CA ASP E 65 -4.72 20.58 9.97
C ASP E 65 -5.67 19.47 10.40
N GLU E 66 -5.72 18.38 9.64
CA GLU E 66 -6.58 17.26 10.01
C GLU E 66 -6.16 16.65 11.34
N ASN E 67 -4.84 16.49 11.54
CA ASN E 67 -4.35 16.00 12.83
C ASN E 67 -4.74 16.95 13.96
N ASP E 68 -4.60 18.26 13.72
CA ASP E 68 -4.93 19.24 14.76
C ASP E 68 -6.40 19.17 15.14
N GLN E 69 -7.29 19.04 14.14
CA GLN E 69 -8.72 18.92 14.45
C GLN E 69 -9.03 17.61 15.16
N GLN E 70 -8.36 16.53 14.76
CA GLN E 70 -8.68 15.22 15.35
C GLN E 70 -8.11 15.05 16.76
N LEU E 71 -7.07 15.80 17.13
CA LEU E 71 -6.44 15.59 18.43
C LEU E 71 -7.38 15.90 19.58
N LEU E 72 -8.12 17.01 19.48
CA LEU E 72 -8.93 17.49 20.60
C LEU E 72 -10.40 17.50 20.20
N PRO E 73 -11.28 16.91 21.00
CA PRO E 73 -12.72 16.98 20.70
C PRO E 73 -13.23 18.41 20.77
N ASN E 74 -14.19 18.71 19.90
CA ASN E 74 -14.78 20.03 19.84
C ASN E 74 -15.87 20.18 20.89
N MET E 75 -16.05 21.41 21.37
CA MET E 75 -17.06 21.71 22.38
C MET E 75 -18.10 22.71 21.93
N ASN E 76 -18.02 23.20 20.70
CA ASN E 76 -19.06 24.06 20.13
C ASN E 76 -20.09 23.27 19.33
N ALA E 77 -19.91 21.97 19.17
CA ALA E 77 -20.82 21.18 18.34
C ALA E 77 -21.24 19.87 18.96
N THR E 78 -20.75 19.51 20.15
CA THR E 78 -21.14 18.25 20.80
C THR E 78 -22.17 18.45 21.89
N TRP E 79 -22.65 19.68 22.10
CA TRP E 79 -23.64 19.93 23.14
C TRP E 79 -25.07 19.79 22.64
N VAL E 80 -25.28 19.64 21.32
CA VAL E 80 -26.63 19.52 20.78
C VAL E 80 -27.13 18.09 20.77
N ASP E 81 -26.25 17.09 20.87
CA ASP E 81 -26.64 15.69 20.89
C ASP E 81 -26.86 15.15 22.29
N GLN E 82 -26.67 15.96 23.32
CA GLN E 82 -26.69 15.48 24.69
C GLN E 82 -28.12 15.42 25.24
N ARG E 83 -28.22 15.19 26.54
CA ARG E 83 -29.51 15.01 27.19
C ARG E 83 -30.25 16.33 27.33
N GLY E 84 -31.53 16.32 26.95
CA GLY E 84 -32.37 17.49 27.10
C GLY E 84 -32.12 18.60 26.12
N ALA E 85 -31.33 18.34 25.07
CA ALA E 85 -30.92 19.38 24.13
C ALA E 85 -31.92 19.59 22.99
N TRP E 86 -33.02 18.85 22.96
CA TRP E 86 -34.00 18.95 21.88
C TRP E 86 -35.27 19.68 22.28
N ILE E 87 -35.82 19.39 23.46
CA ILE E 87 -37.03 20.06 23.93
C ILE E 87 -36.80 21.55 24.18
N ILE E 88 -35.54 21.96 24.32
CA ILE E 88 -35.22 23.35 24.66
C ILE E 88 -35.73 24.33 23.61
N HIS E 89 -35.67 24.00 22.33
CA HIS E 89 -36.23 24.87 21.29
C HIS E 89 -37.74 25.00 21.43
N VAL E 90 -38.43 23.89 21.71
CA VAL E 90 -39.88 23.92 21.87
C VAL E 90 -40.26 24.81 23.05
N VAL E 91 -39.52 24.69 24.15
CA VAL E 91 -39.81 25.51 25.33
C VAL E 91 -39.62 26.99 25.01
N ILE E 92 -38.54 27.33 24.29
CA ILE E 92 -38.30 28.71 23.92
C ILE E 92 -39.43 29.25 23.05
N ILE E 93 -39.88 28.46 22.07
CA ILE E 93 -40.99 28.91 21.23
C ILE E 93 -42.25 29.13 22.05
N ILE E 94 -42.55 28.20 22.98
CA ILE E 94 -43.76 28.33 23.78
C ILE E 94 -43.71 29.60 24.62
N LEU E 95 -42.55 29.87 25.25
CA LEU E 95 -42.44 31.09 26.05
C LEU E 95 -42.52 32.35 25.19
N LEU E 96 -41.88 32.36 24.01
CA LEU E 96 -41.90 33.54 23.17
C LEU E 96 -43.30 33.86 22.67
N LYS E 97 -44.06 32.84 22.30
CA LYS E 97 -45.43 33.06 21.85
C LYS E 97 -46.26 33.72 22.95
N LEU E 98 -46.15 33.21 24.19
CA LEU E 98 -46.89 33.78 25.29
C LEU E 98 -46.46 35.22 25.58
N PHE E 99 -45.15 35.46 25.55
CA PHE E 99 -44.66 36.82 25.83
C PHE E 99 -45.14 37.81 24.78
N TYR E 100 -45.15 37.42 23.50
CA TYR E 100 -45.62 38.33 22.47
C TYR E 100 -47.13 38.47 22.48
N ASN E 101 -47.87 37.44 22.92
CA ASN E 101 -49.31 37.57 23.05
C ASN E 101 -49.71 38.36 24.28
N LEU E 102 -48.79 38.52 25.24
CA LEU E 102 -49.08 39.22 26.48
C LEU E 102 -49.48 40.67 26.24
N PHE E 103 -48.91 41.28 25.20
CA PHE E 103 -49.29 42.65 24.86
C PHE E 103 -50.74 42.70 24.39
N PRO E 104 -51.54 43.65 24.86
CA PRO E 104 -52.94 43.69 24.46
C PRO E 104 -53.15 44.16 23.03
N GLY E 105 -52.41 45.18 22.59
CA GLY E 105 -52.69 45.80 21.31
C GLY E 105 -52.27 44.96 20.11
N VAL E 106 -51.43 43.95 20.33
CA VAL E 106 -50.94 43.15 19.22
C VAL E 106 -52.03 42.20 18.72
N THR E 107 -52.04 41.99 17.41
CA THR E 107 -52.93 41.04 16.79
C THR E 107 -52.25 39.67 16.69
N THR E 108 -53.05 38.62 16.67
CA THR E 108 -52.50 37.26 16.71
C THR E 108 -51.57 37.00 15.54
N GLU E 109 -51.95 37.42 14.32
CA GLU E 109 -51.08 37.23 13.17
C GLU E 109 -49.77 38.00 13.35
N TRP E 110 -49.86 39.25 13.83
CA TRP E 110 -48.66 40.05 14.07
C TRP E 110 -47.76 39.41 15.12
N SER E 111 -48.35 38.91 16.21
CA SER E 111 -47.54 38.26 17.25
C SER E 111 -46.86 37.01 16.71
N TRP E 112 -47.58 36.21 15.92
CA TRP E 112 -46.97 35.03 15.31
C TRP E 112 -45.81 35.41 14.39
N THR E 113 -46.00 36.45 13.58
CA THR E 113 -44.92 36.89 12.69
C THR E 113 -43.72 37.39 13.48
N LEU E 114 -43.98 38.15 14.55
CA LEU E 114 -42.89 38.66 15.37
C LEU E 114 -42.11 37.52 16.02
N THR E 115 -42.80 36.52 16.54
CA THR E 115 -42.12 35.39 17.17
C THR E 115 -41.33 34.59 16.14
N ASN E 116 -41.90 34.39 14.96
CA ASN E 116 -41.15 33.70 13.89
C ASN E 116 -39.91 34.48 13.51
N MET E 117 -40.01 35.81 13.39
CA MET E 117 -38.85 36.63 13.09
C MET E 117 -37.79 36.48 14.19
N THR E 118 -38.21 36.54 15.45
CA THR E 118 -37.29 36.42 16.56
C THR E 118 -36.56 35.09 16.56
N TYR E 119 -37.26 33.99 16.28
CA TYR E 119 -36.59 32.70 16.21
C TYR E 119 -35.67 32.57 15.01
N VAL E 120 -36.12 33.01 13.83
CA VAL E 120 -35.32 32.84 12.61
C VAL E 120 -34.04 33.66 12.69
N ILE E 121 -34.14 34.91 13.14
CA ILE E 121 -32.95 35.75 13.22
C ILE E 121 -31.94 35.16 14.20
N GLY E 122 -32.42 34.71 15.36
CA GLY E 122 -31.51 34.12 16.34
C GLY E 122 -30.84 32.87 15.82
N SER E 123 -31.61 31.98 15.20
CA SER E 123 -31.03 30.78 14.62
C SER E 123 -30.00 31.11 13.54
N TYR E 124 -30.29 32.08 12.68
CA TYR E 124 -29.35 32.42 11.62
C TYR E 124 -28.07 33.01 12.18
N VAL E 125 -28.18 33.91 13.16
CA VAL E 125 -26.98 34.55 13.70
C VAL E 125 -26.14 33.54 14.46
N MET E 126 -26.79 32.62 15.18
CA MET E 126 -26.03 31.65 15.97
C MET E 126 -25.38 30.58 15.09
N PHE E 127 -26.10 30.12 14.06
CA PHE E 127 -25.64 28.93 13.34
C PHE E 127 -24.78 29.29 12.13
N HIS E 128 -25.03 30.41 11.48
CA HIS E 128 -24.43 30.66 10.17
C HIS E 128 -23.56 31.91 10.11
N LEU E 129 -23.95 33.00 10.78
CA LEU E 129 -23.20 34.24 10.64
C LEU E 129 -21.87 34.18 11.38
N ILE E 130 -21.87 33.58 12.57
CA ILE E 130 -20.68 33.58 13.42
C ILE E 130 -19.72 32.49 12.98
N LYS E 131 -18.45 32.85 12.81
CA LYS E 131 -17.41 31.92 12.38
C LYS E 131 -16.32 31.87 13.44
N GLY E 132 -15.87 30.67 13.76
CA GLY E 132 -14.78 30.46 14.69
C GLY E 132 -15.25 29.89 16.01
N THR E 133 -14.29 29.75 16.92
CA THR E 133 -14.56 29.24 18.25
C THR E 133 -14.08 30.22 19.32
N PRO E 134 -14.83 30.39 20.41
CA PRO E 134 -14.38 31.28 21.49
C PRO E 134 -13.28 30.70 22.35
N PHE E 135 -12.67 29.59 21.96
CA PHE E 135 -11.65 28.92 22.75
C PHE E 135 -10.27 29.21 22.17
N ASP E 136 -9.25 29.05 23.02
CA ASP E 136 -7.87 29.17 22.57
C ASP E 136 -7.47 27.84 21.95
N PHE E 137 -8.09 27.50 20.82
CA PHE E 137 -7.86 26.25 20.14
C PHE E 137 -6.50 26.28 19.47
N ASN E 138 -5.82 25.13 19.49
CA ASN E 138 -4.42 25.05 19.05
C ASN E 138 -4.31 25.37 17.57
N GLY E 139 -3.77 26.54 17.25
CA GLY E 139 -3.56 26.96 15.88
C GLY E 139 -4.73 27.63 15.21
N GLY E 140 -5.90 27.70 15.87
CA GLY E 140 -7.08 28.27 15.25
C GLY E 140 -7.55 27.47 14.06
N ALA E 141 -7.62 26.15 14.22
CA ALA E 141 -7.95 25.27 13.09
C ALA E 141 -9.37 25.50 12.59
N TYR E 142 -10.32 25.77 13.49
CA TYR E 142 -11.73 25.89 13.12
C TYR E 142 -12.13 27.33 12.83
N ASP E 143 -11.19 28.14 12.35
CA ASP E 143 -11.44 29.56 12.10
C ASP E 143 -12.33 29.81 10.89
N ASN E 144 -12.47 28.87 9.98
CA ASN E 144 -13.14 29.11 8.71
C ASN E 144 -14.57 28.55 8.63
N LEU E 145 -14.91 27.57 9.45
CA LEU E 145 -16.19 26.90 9.35
C LEU E 145 -17.14 27.39 10.43
N THR E 146 -18.44 27.24 10.17
CA THR E 146 -19.47 27.65 11.11
C THR E 146 -19.98 26.45 11.90
N MET E 147 -20.95 26.70 12.79
CA MET E 147 -21.46 25.64 13.66
C MET E 147 -22.17 24.55 12.87
N TRP E 148 -22.98 24.95 11.88
CA TRP E 148 -23.70 23.97 11.08
C TRP E 148 -22.76 23.04 10.33
N GLU E 149 -21.59 23.53 9.94
CA GLU E 149 -20.56 22.69 9.34
C GLU E 149 -19.80 21.87 10.38
N GLN E 150 -19.68 22.38 11.61
CA GLN E 150 -18.96 21.67 12.66
C GLN E 150 -19.79 20.58 13.32
N ILE E 151 -21.11 20.58 13.11
CA ILE E 151 -21.97 19.62 13.80
C ILE E 151 -21.64 18.21 13.35
N ASP E 152 -21.37 17.33 14.33
CA ASP E 152 -21.18 15.89 14.11
C ASP E 152 -20.07 15.61 13.11
N ASP E 153 -18.98 16.38 13.21
CA ASP E 153 -17.77 16.14 12.41
C ASP E 153 -18.07 16.13 10.91
N GLU E 154 -18.88 17.09 10.47
CA GLU E 154 -19.25 17.29 9.08
C GLU E 154 -20.07 16.13 8.49
N THR E 155 -20.55 15.21 9.33
CA THR E 155 -21.39 14.13 8.84
C THR E 155 -22.79 14.65 8.54
N LEU E 156 -23.28 14.32 7.35
CA LEU E 156 -24.59 14.79 6.90
C LEU E 156 -25.67 13.75 7.18
N TYR E 157 -26.92 14.20 7.08
CA TYR E 157 -28.10 13.35 7.27
C TYR E 157 -28.11 12.71 8.67
N THR E 158 -27.70 13.48 9.67
CA THR E 158 -27.75 13.04 11.06
C THR E 158 -29.08 13.45 11.69
N PRO E 159 -29.55 12.69 12.69
CA PRO E 159 -30.89 12.98 13.25
C PRO E 159 -31.05 14.40 13.77
N SER E 160 -30.01 14.96 14.39
CA SER E 160 -30.10 16.33 14.88
C SER E 160 -30.33 17.31 13.74
N ARG E 161 -29.64 17.11 12.62
CA ARG E 161 -29.87 17.96 11.45
C ARG E 161 -31.31 17.85 10.96
N LYS E 162 -31.85 16.62 10.95
CA LYS E 162 -33.24 16.43 10.54
C LYS E 162 -34.18 17.19 11.45
N PHE E 163 -33.96 17.11 12.77
CA PHE E 163 -34.86 17.77 13.70
C PHE E 163 -34.77 19.30 13.52
N LEU E 164 -33.55 19.82 13.37
CA LEU E 164 -33.37 21.26 13.24
C LEU E 164 -33.91 21.79 11.92
N ILE E 165 -33.93 20.96 10.88
CA ILE E 165 -34.51 21.44 9.63
C ILE E 165 -36.03 21.27 9.64
N SER E 166 -36.54 20.34 10.45
CA SER E 166 -37.99 20.15 10.53
C SER E 166 -38.65 21.22 11.40
N VAL E 167 -37.93 21.75 12.40
CA VAL E 167 -38.55 22.70 13.33
C VAL E 167 -39.13 23.93 12.62
N PRO E 168 -38.37 24.68 11.81
CA PRO E 168 -38.97 25.87 11.17
C PRO E 168 -40.15 25.54 10.28
N ILE E 169 -40.13 24.36 9.64
CA ILE E 169 -41.28 23.92 8.85
C ILE E 169 -42.50 23.76 9.74
N ALA E 170 -42.32 23.15 10.92
CA ALA E 170 -43.43 22.98 11.84
C ALA E 170 -44.01 24.33 12.27
N LEU E 171 -43.13 25.27 12.63
CA LEU E 171 -43.63 26.59 13.01
C LEU E 171 -44.35 27.28 11.86
N PHE E 172 -43.81 27.18 10.63
CA PHE E 172 -44.45 27.82 9.49
C PHE E 172 -45.84 27.25 9.25
N LEU E 173 -45.96 25.92 9.23
CA LEU E 173 -47.26 25.30 8.99
C LEU E 173 -48.26 25.66 10.09
N VAL E 174 -47.82 25.62 11.35
CA VAL E 174 -48.72 25.96 12.44
C VAL E 174 -49.19 27.40 12.34
N SER E 175 -48.26 28.32 12.04
CA SER E 175 -48.63 29.73 11.92
C SER E 175 -49.61 29.96 10.78
N THR E 176 -49.37 29.32 9.63
CA THR E 176 -50.26 29.51 8.48
C THR E 176 -51.65 28.95 8.77
N HIS E 177 -51.72 27.76 9.36
CA HIS E 177 -53.02 27.12 9.55
C HIS E 177 -53.81 27.73 10.70
N TYR E 178 -53.11 28.25 11.71
CA TYR E 178 -53.80 28.68 12.93
C TYR E 178 -54.70 29.89 12.70
N ALA E 179 -54.25 30.87 11.91
CA ALA E 179 -55.01 32.10 11.77
C ALA E 179 -55.20 32.48 10.31
N HIS E 180 -55.84 33.63 10.08
CA HIS E 180 -56.11 34.13 8.74
C HIS E 180 -55.10 35.21 8.39
N TYR E 181 -54.40 35.02 7.27
CA TYR E 181 -53.35 35.93 6.84
C TYR E 181 -53.67 36.49 5.46
N ASP E 182 -53.14 37.68 5.20
CA ASP E 182 -53.21 38.29 3.87
C ASP E 182 -51.93 37.93 3.11
N LEU E 183 -52.00 37.98 1.78
CA LEU E 183 -50.89 37.58 0.94
C LEU E 183 -49.64 38.41 1.19
N LYS E 184 -49.82 39.68 1.55
CA LYS E 184 -48.68 40.57 1.76
C LYS E 184 -47.78 40.06 2.87
N LEU E 185 -48.35 39.76 4.04
CA LEU E 185 -47.55 39.25 5.15
C LEU E 185 -47.14 37.80 4.91
N PHE E 186 -48.01 37.02 4.26
CA PHE E 186 -47.75 35.60 4.05
C PHE E 186 -46.52 35.40 3.16
N SER E 187 -46.43 36.16 2.07
CA SER E 187 -45.30 36.02 1.15
C SER E 187 -43.99 36.37 1.84
N TRP E 188 -43.99 37.47 2.60
CA TRP E 188 -42.78 37.87 3.31
C TRP E 188 -42.39 36.82 4.35
N ASN E 189 -43.37 36.28 5.09
CA ASN E 189 -43.07 35.26 6.09
C ASN E 189 -42.48 34.02 5.46
N CYS E 190 -43.07 33.55 4.35
CA CYS E 190 -42.56 32.33 3.73
C CYS E 190 -41.19 32.57 3.12
N PHE E 191 -40.96 33.75 2.54
CA PHE E 191 -39.64 34.08 2.02
C PHE E 191 -38.59 34.09 3.12
N LEU E 192 -38.92 34.72 4.25
CA LEU E 192 -37.99 34.76 5.38
C LEU E 192 -37.70 33.36 5.90
N THR E 193 -38.73 32.54 6.07
CA THR E 193 -38.53 31.19 6.56
C THR E 193 -37.68 30.37 5.59
N THR E 194 -37.92 30.51 4.29
CA THR E 194 -37.17 29.72 3.31
C THR E 194 -35.71 30.14 3.26
N PHE E 195 -35.45 31.45 3.13
CA PHE E 195 -34.09 31.90 2.88
C PHE E 195 -33.28 32.19 4.14
N GLY E 196 -33.90 32.21 5.31
CA GLY E 196 -33.16 32.42 6.53
C GLY E 196 -32.94 31.13 7.31
N ALA E 197 -33.82 30.15 7.10
CA ALA E 197 -33.76 28.88 7.82
C ALA E 197 -33.57 27.69 6.90
N VAL E 198 -34.31 27.61 5.80
CA VAL E 198 -34.29 26.40 4.98
C VAL E 198 -33.10 26.41 4.04
N VAL E 199 -32.90 27.50 3.29
CA VAL E 199 -31.87 27.51 2.25
C VAL E 199 -30.48 27.17 2.77
N PRO E 200 -29.99 27.73 3.89
CA PRO E 200 -28.63 27.37 4.33
C PRO E 200 -28.45 25.91 4.67
N LYS E 201 -29.52 25.18 4.98
CA LYS E 201 -29.41 23.80 5.42
C LYS E 201 -29.23 22.80 4.27
N LEU E 202 -29.46 23.22 3.02
CA LEU E 202 -29.31 22.30 1.90
C LEU E 202 -27.85 21.89 1.72
N PRO E 203 -27.61 20.64 1.31
CA PRO E 203 -26.22 20.21 1.07
C PRO E 203 -25.51 20.98 -0.03
N VAL E 204 -26.26 21.58 -0.95
CA VAL E 204 -25.63 22.34 -2.03
C VAL E 204 -24.97 23.60 -1.48
N THR E 205 -25.53 24.16 -0.41
CA THR E 205 -24.99 25.36 0.23
C THR E 205 -23.83 25.02 1.18
N HIS E 206 -23.64 23.74 1.50
CA HIS E 206 -22.57 23.34 2.40
C HIS E 206 -21.22 23.67 1.79
N ARG E 207 -20.30 24.17 2.63
CA ARG E 207 -18.94 24.54 2.23
C ARG E 207 -18.94 25.58 1.11
N LEU E 208 -19.87 26.54 1.16
CA LEU E 208 -20.00 27.55 0.13
C LEU E 208 -19.85 28.94 0.73
N ARG E 209 -19.15 29.81 0.00
CA ARG E 209 -18.98 31.20 0.39
C ARG E 209 -19.32 32.10 -0.78
N ILE E 210 -20.12 33.13 -0.50
CA ILE E 210 -20.55 34.10 -1.51
C ILE E 210 -19.97 35.46 -1.13
N SER E 211 -19.29 36.10 -2.08
CA SER E 211 -18.63 37.38 -1.85
C SER E 211 -18.98 38.34 -2.97
N ILE E 212 -19.85 39.30 -2.69
CA ILE E 212 -20.12 40.41 -3.60
C ILE E 212 -19.05 41.46 -3.30
N PRO E 213 -18.47 42.12 -4.31
CA PRO E 213 -17.39 43.08 -4.01
C PRO E 213 -17.79 44.20 -3.06
N GLY E 214 -19.03 44.67 -3.12
CA GLY E 214 -19.44 45.80 -2.30
C GLY E 214 -19.75 45.46 -0.86
N ILE E 215 -20.80 44.66 -0.64
CA ILE E 215 -21.29 44.44 0.71
C ILE E 215 -20.33 43.59 1.53
N THR E 216 -19.81 42.52 0.94
CA THR E 216 -19.04 41.52 1.67
C THR E 216 -17.57 41.61 1.29
N GLY E 217 -16.70 41.53 2.28
CA GLY E 217 -15.28 41.46 2.00
C GLY E 217 -14.89 40.11 1.42
N ARG E 218 -13.67 40.06 0.89
CA ARG E 218 -13.16 38.81 0.31
C ARG E 218 -13.10 37.71 1.37
N ALA E 219 -13.93 36.70 1.20
CA ALA E 219 -14.03 35.64 2.19
C ALA E 219 -12.75 34.81 2.24
N GLN E 220 -12.32 34.49 3.45
CA GLN E 220 -11.11 33.68 3.63
C GLN E 220 -11.39 32.24 3.25
N ILE E 221 -10.51 31.65 2.44
CA ILE E 221 -10.68 30.28 2.00
C ILE E 221 -9.53 29.42 2.52
N ASP F 52 -58.62 28.82 -0.55
CA ASP F 52 -57.58 27.84 -0.85
C ASP F 52 -56.84 28.18 -2.13
N ASP F 53 -55.98 29.19 -2.06
CA ASP F 53 -55.22 29.62 -3.23
C ASP F 53 -54.16 28.56 -3.56
N PRO F 54 -54.13 28.04 -4.79
CA PRO F 54 -53.16 26.99 -5.13
C PRO F 54 -51.71 27.41 -4.93
N TYR F 55 -51.40 28.69 -5.13
CA TYR F 55 -50.03 29.16 -4.96
C TYR F 55 -49.56 28.97 -3.53
N ARG F 56 -50.43 29.27 -2.55
CA ARG F 56 -50.08 29.03 -1.15
C ARG F 56 -49.90 27.55 -0.86
N THR F 57 -50.77 26.71 -1.41
CA THR F 57 -50.71 25.27 -1.13
C THR F 57 -49.46 24.64 -1.74
N THR F 58 -49.00 25.16 -2.88
CA THR F 58 -47.84 24.59 -3.55
C THR F 58 -46.59 24.69 -2.69
N VAL F 59 -46.41 25.83 -2.00
CA VAL F 59 -45.25 26.05 -1.14
C VAL F 59 -45.24 25.03 -0.02
N GLU F 60 -46.40 24.85 0.63
CA GLU F 60 -46.50 23.88 1.73
C GLU F 60 -46.25 22.47 1.24
N ILE F 61 -46.79 22.12 0.07
CA ILE F 61 -46.60 20.79 -0.48
C ILE F 61 -45.12 20.54 -0.75
N GLY F 62 -44.45 21.51 -1.38
CA GLY F 62 -43.03 21.35 -1.67
C GLY F 62 -42.19 21.24 -0.41
N LEU F 63 -42.52 22.05 0.61
CA LEU F 63 -41.77 21.98 1.86
C LEU F 63 -41.94 20.62 2.53
N ILE F 64 -43.17 20.11 2.58
CA ILE F 64 -43.41 18.81 3.19
C ILE F 64 -42.69 17.72 2.41
N LEU F 65 -42.74 17.78 1.07
CA LEU F 65 -42.06 16.77 0.26
C LEU F 65 -40.56 16.79 0.49
N TYR F 66 -39.96 17.99 0.53
CA TYR F 66 -38.52 18.07 0.77
C TYR F 66 -38.16 17.58 2.16
N GLY F 67 -38.99 17.89 3.17
CA GLY F 67 -38.75 17.37 4.50
C GLY F 67 -38.77 15.86 4.55
N ILE F 68 -39.76 15.25 3.89
CA ILE F 68 -39.84 13.79 3.85
C ILE F 68 -38.63 13.21 3.13
N ILE F 69 -38.23 13.83 2.01
CA ILE F 69 -37.08 13.34 1.25
C ILE F 69 -35.82 13.37 2.11
N TYR F 70 -35.59 14.49 2.81
CA TYR F 70 -34.41 14.58 3.65
C TYR F 70 -34.47 13.61 4.82
N TYR F 71 -35.67 13.38 5.37
CA TYR F 71 -35.81 12.43 6.46
C TYR F 71 -35.52 11.00 6.02
N LEU F 72 -35.93 10.63 4.81
CA LEU F 72 -35.76 9.25 4.38
C LEU F 72 -34.31 8.90 4.08
N SER F 73 -33.47 9.90 3.82
CA SER F 73 -32.09 9.64 3.44
C SER F 73 -31.29 9.05 4.60
N LYS F 74 -30.16 8.44 4.27
CA LYS F 74 -29.29 7.78 5.21
C LYS F 74 -28.03 8.61 5.47
N PRO F 75 -27.45 8.49 6.68
CA PRO F 75 -26.25 9.27 6.98
C PRO F 75 -25.06 8.86 6.13
N GLN F 76 -24.21 9.83 5.81
CA GLN F 76 -22.97 9.58 5.08
C GLN F 76 -21.95 10.63 5.51
N GLN F 77 -20.69 10.22 5.60
CA GLN F 77 -19.61 11.10 6.00
C GLN F 77 -18.44 10.98 5.04
N LYS F 78 -17.70 12.08 4.88
CA LYS F 78 -16.51 12.06 4.05
C LYS F 78 -15.47 11.10 4.61
N LYS F 79 -15.27 11.14 5.94
CA LYS F 79 -14.42 10.17 6.63
C LYS F 79 -15.20 8.87 6.82
N SER F 80 -15.54 8.25 5.70
CA SER F 80 -16.44 7.11 5.70
C SER F 80 -15.77 5.89 6.32
N LEU F 81 -16.58 4.84 6.51
CA LEU F 81 -16.10 3.60 7.10
C LEU F 81 -15.38 2.74 6.06
N GLN F 82 -15.12 1.47 6.40
CA GLN F 82 -14.46 0.54 5.49
C GLN F 82 -15.19 0.43 4.15
N ALA F 83 -16.43 0.91 4.10
CA ALA F 83 -17.19 0.99 2.86
C ALA F 83 -16.66 2.08 1.93
N GLN F 84 -15.50 2.64 2.28
CA GLN F 84 -14.89 3.73 1.52
C GLN F 84 -14.69 3.37 0.06
N LYS F 85 -14.06 2.22 -0.22
CA LYS F 85 -13.88 1.80 -1.61
C LYS F 85 -15.17 1.19 -2.14
N PRO F 86 -15.76 0.16 -1.48
CA PRO F 86 -15.22 -0.78 -0.49
C PRO F 86 -14.49 -1.94 -1.16
N ASN F 87 -15.09 -2.49 -2.22
CA ASN F 87 -14.51 -3.53 -3.07
C ASN F 87 -13.65 -4.52 -2.28
N LEU F 88 -14.24 -5.13 -1.24
CA LEU F 88 -13.43 -5.93 -0.33
C LEU F 88 -14.34 -6.81 0.52
N SER F 89 -13.94 -8.07 0.72
CA SER F 89 -14.77 -9.07 1.39
C SER F 89 -14.11 -9.49 2.70
N PRO F 90 -14.90 -10.05 3.64
CA PRO F 90 -14.34 -10.39 4.97
C PRO F 90 -13.14 -11.33 4.93
N GLN F 91 -13.13 -12.29 4.01
CA GLN F 91 -11.99 -13.19 3.89
C GLN F 91 -10.71 -12.41 3.60
N GLU F 92 -10.80 -11.43 2.69
CA GLU F 92 -9.64 -10.60 2.41
C GLU F 92 -9.37 -9.61 3.53
N ILE F 93 -10.37 -9.27 4.35
CA ILE F 93 -10.10 -8.54 5.59
C ILE F 93 -9.14 -9.34 6.46
N ASP F 94 -9.47 -10.62 6.69
CA ASP F 94 -8.59 -11.45 7.51
C ASP F 94 -7.22 -11.62 6.86
N ALA F 95 -7.19 -11.78 5.54
CA ALA F 95 -5.92 -11.92 4.84
C ALA F 95 -5.04 -10.69 5.02
N LEU F 96 -5.62 -9.50 4.84
CA LEU F 96 -4.87 -8.26 5.00
C LEU F 96 -4.39 -8.07 6.43
N ILE F 97 -5.26 -8.37 7.41
CA ILE F 97 -4.85 -8.21 8.80
C ILE F 97 -3.70 -9.16 9.14
N GLU F 98 -3.77 -10.41 8.65
CA GLU F 98 -2.70 -11.35 8.95
C GLU F 98 -1.43 -11.05 8.19
N ASP F 99 -1.53 -10.42 7.02
CA ASP F 99 -0.34 -10.10 6.23
C ASP F 99 0.47 -8.94 6.80
N TRP F 100 -0.14 -8.07 7.60
CA TRP F 100 0.55 -6.89 8.10
C TRP F 100 1.64 -7.29 9.09
N GLU F 101 2.84 -6.73 8.92
CA GLU F 101 3.97 -7.01 9.79
C GLU F 101 4.60 -5.69 10.22
N PRO F 102 4.71 -5.45 11.52
CA PRO F 102 5.20 -4.14 11.99
C PRO F 102 6.71 -4.07 12.12
N GLU F 103 7.21 -2.92 12.56
CA GLU F 103 8.61 -2.62 12.81
C GLU F 103 8.89 -2.62 14.30
N PRO F 104 10.15 -2.84 14.71
CA PRO F 104 10.48 -2.73 16.13
C PRO F 104 10.25 -1.32 16.66
N LEU F 105 9.95 -1.24 17.96
CA LEU F 105 9.69 0.06 18.58
C LEU F 105 10.90 0.97 18.47
N VAL F 106 12.09 0.44 18.74
CA VAL F 106 13.34 1.15 18.57
C VAL F 106 14.31 0.26 17.80
N ASP F 107 15.16 0.86 16.99
CA ASP F 107 16.10 0.08 16.21
C ASP F 107 17.36 -0.20 17.03
N PRO F 108 17.65 -1.46 17.35
CA PRO F 108 18.83 -1.79 18.16
C PRO F 108 20.10 -2.08 17.37
N SER F 109 20.13 -1.75 16.07
CA SER F 109 21.26 -2.14 15.24
C SER F 109 22.55 -1.46 15.66
N ALA F 110 22.50 -0.17 15.99
CA ALA F 110 23.70 0.64 16.15
C ALA F 110 24.00 1.00 17.60
N THR F 111 23.31 0.40 18.58
CA THR F 111 23.51 0.79 19.96
C THR F 111 24.93 0.51 20.44
N ASP F 112 25.53 -0.58 19.96
CA ASP F 112 26.90 -0.90 20.35
C ASP F 112 27.91 0.06 19.74
N GLU F 113 27.56 0.71 18.63
CA GLU F 113 28.48 1.66 18.00
C GLU F 113 28.51 2.99 18.74
N GLN F 114 27.44 3.34 19.46
CA GLN F 114 27.39 4.56 20.24
C GLN F 114 27.45 4.35 21.74
N SER F 115 27.59 3.10 22.21
CA SER F 115 27.71 2.90 23.65
C SER F 115 28.98 3.51 24.24
N TRP F 116 29.96 3.86 23.41
CA TRP F 116 31.21 4.41 23.92
C TRP F 116 30.98 5.75 24.61
N ARG F 117 30.09 6.57 24.08
CA ARG F 117 29.82 7.86 24.71
C ARG F 117 29.12 7.69 26.05
N VAL F 118 28.32 6.64 26.20
CA VAL F 118 27.75 6.32 27.51
C VAL F 118 28.85 5.88 28.46
N ALA F 119 29.81 5.10 27.96
CA ALA F 119 30.90 4.61 28.80
C ALA F 119 31.87 5.70 29.23
N LYS F 120 31.79 6.91 28.65
CA LYS F 120 32.77 7.96 28.91
C LYS F 120 32.26 9.06 29.82
N THR F 121 31.04 8.98 30.32
CA THR F 121 30.49 10.06 31.13
C THR F 121 31.07 10.01 32.54
N PRO F 122 31.67 11.09 33.03
CA PRO F 122 32.18 11.11 34.40
C PRO F 122 31.06 11.10 35.42
N VAL F 123 31.36 10.50 36.57
CA VAL F 123 30.42 10.41 37.69
C VAL F 123 31.15 10.85 38.95
N THR F 124 30.52 11.71 39.73
CA THR F 124 31.11 12.19 40.98
C THR F 124 30.55 11.40 42.16
N MET F 125 31.43 11.06 43.10
CA MET F 125 31.11 10.13 44.18
C MET F 125 31.16 10.85 45.52
N GLU F 126 30.00 10.95 46.18
CA GLU F 126 29.88 11.39 47.57
C GLU F 126 30.52 12.75 47.81
N MET F 127 30.39 13.67 46.86
CA MET F 127 30.99 14.98 46.97
C MET F 127 30.19 15.96 46.13
N PRO F 128 30.00 17.19 46.61
CA PRO F 128 29.37 18.22 45.78
C PRO F 128 30.23 18.56 44.59
N ILE F 129 29.58 18.94 43.49
CA ILE F 129 30.29 19.32 42.28
C ILE F 129 30.97 20.66 42.52
N GLN F 130 32.29 20.67 42.49
CA GLN F 130 33.06 21.86 42.85
C GLN F 130 34.33 21.87 42.02
N ASN F 131 35.30 22.70 42.42
CA ASN F 131 36.52 22.86 41.63
C ASN F 131 37.36 21.58 41.63
N HIS F 132 37.55 20.97 42.80
CA HIS F 132 38.33 19.75 42.93
C HIS F 132 37.39 18.61 43.28
N ILE F 133 37.37 17.56 42.47
CA ILE F 133 36.43 16.46 42.60
C ILE F 133 37.15 15.14 42.43
N THR F 134 36.43 14.05 42.70
CA THR F 134 36.89 12.69 42.47
C THR F 134 35.86 11.97 41.62
N ILE F 135 36.28 11.45 40.48
CA ILE F 135 35.36 10.91 39.48
C ILE F 135 35.69 9.44 39.21
N THR F 136 34.67 8.69 38.81
CA THR F 136 34.81 7.33 38.34
C THR F 136 34.09 7.19 37.00
N ARG F 137 34.57 6.28 36.16
CA ARG F 137 34.04 6.15 34.81
C ARG F 137 33.90 4.68 34.45
N ASN F 138 33.04 4.42 33.45
CA ASN F 138 32.84 3.09 32.88
C ASN F 138 32.41 2.07 33.93
N ASN F 139 31.52 2.49 34.82
CA ASN F 139 30.91 1.62 35.82
C ASN F 139 31.97 1.06 36.77
N LEU F 140 32.70 1.97 37.41
CA LEU F 140 33.61 1.71 38.51
C LEU F 140 34.86 0.92 38.11
N GLN F 141 35.19 0.87 36.82
CA GLN F 141 36.44 0.22 36.42
C GLN F 141 37.65 1.11 36.66
N GLU F 142 37.51 2.42 36.46
CA GLU F 142 38.62 3.35 36.57
C GLU F 142 38.25 4.52 37.47
N LYS F 143 39.24 5.03 38.19
CA LYS F 143 39.04 6.06 39.19
C LYS F 143 40.16 7.09 39.11
N TYR F 144 39.80 8.36 39.29
CA TYR F 144 40.76 9.45 39.32
C TYR F 144 40.46 10.33 40.52
N THR F 145 41.51 10.93 41.09
CA THR F 145 41.40 11.75 42.29
C THR F 145 42.06 13.10 42.06
N ASN F 146 41.57 14.10 42.81
CA ASN F 146 42.10 15.47 42.75
C ASN F 146 42.06 16.02 41.32
N VAL F 147 40.92 15.83 40.67
CA VAL F 147 40.73 16.29 39.30
C VAL F 147 40.37 17.77 39.31
N PHE F 148 40.96 18.53 38.39
CA PHE F 148 40.66 19.95 38.24
C PHE F 148 39.49 20.10 37.27
N ASN F 149 38.35 20.55 37.78
CA ASN F 149 37.12 20.62 37.02
C ASN F 149 37.12 21.87 36.15
N LEU F 150 37.00 21.69 34.84
CA LEU F 150 36.80 22.79 33.90
C LEU F 150 35.54 22.58 33.06
N ALA F 151 34.58 21.82 33.56
CA ALA F 151 33.33 21.58 32.85
C ALA F 151 32.10 22.00 33.64
N SER F 152 32.27 22.62 34.81
CA SER F 152 31.13 23.08 35.58
C SER F 152 30.44 24.24 34.89
N ASN F 153 29.12 24.32 35.03
CA ASN F 153 28.32 25.34 34.37
C ASN F 153 27.76 26.35 35.37
N ASN F 154 28.37 26.47 36.55
CA ASN F 154 27.99 27.46 37.54
C ASN F 154 29.12 28.48 37.64
N PHE F 155 28.82 29.74 37.33
CA PHE F 155 29.84 30.75 37.12
C PHE F 155 30.20 31.55 38.35
N LEU F 156 29.21 31.95 39.15
CA LEU F 156 29.47 32.89 40.25
C LEU F 156 29.74 32.20 41.58
N GLN F 157 29.23 30.97 41.76
CA GLN F 157 29.53 30.16 42.95
C GLN F 157 29.12 30.87 44.24
N LEU F 158 27.97 31.56 44.21
CA LEU F 158 27.44 32.19 45.40
C LEU F 158 26.51 31.29 46.20
N SER F 159 26.23 30.09 45.72
CA SER F 159 25.30 29.19 46.39
C SER F 159 25.97 28.34 47.47
N ALA F 160 27.29 28.35 47.56
CA ALA F 160 28.00 27.53 48.52
C ALA F 160 28.34 28.27 49.80
N THR F 161 27.95 29.53 49.93
CA THR F 161 28.29 30.31 51.11
C THR F 161 27.39 29.93 52.29
N GLU F 162 27.83 30.34 53.48
CA GLU F 162 27.10 29.97 54.70
C GLU F 162 25.69 30.57 54.77
N PRO F 163 25.48 31.87 54.49
CA PRO F 163 24.11 32.41 54.64
C PRO F 163 23.08 31.72 53.76
N VAL F 164 23.44 31.34 52.54
CA VAL F 164 22.50 30.66 51.67
C VAL F 164 22.14 29.29 52.24
N LYS F 165 23.14 28.58 52.78
CA LYS F 165 22.88 27.29 53.41
C LYS F 165 21.96 27.45 54.62
N GLU F 166 22.18 28.50 55.41
CA GLU F 166 21.32 28.75 56.56
C GLU F 166 19.88 29.02 56.12
N VAL F 167 19.70 29.84 55.09
CA VAL F 167 18.37 30.14 54.58
C VAL F 167 17.69 28.87 54.09
N VAL F 168 18.44 28.03 53.36
CA VAL F 168 17.86 26.79 52.83
C VAL F 168 17.45 25.87 53.99
N LYS F 169 18.30 25.75 55.00
CA LYS F 169 17.98 24.88 56.13
C LYS F 169 16.74 25.37 56.87
N THR F 170 16.66 26.68 57.13
CA THR F 170 15.50 27.23 57.81
C THR F 170 14.23 27.02 56.99
N THR F 171 14.29 27.24 55.68
CA THR F 171 13.13 27.07 54.84
C THR F 171 12.66 25.61 54.82
N ILE F 172 13.61 24.68 54.72
CA ILE F 172 13.24 23.26 54.73
C ILE F 172 12.62 22.89 56.07
N LYS F 173 13.16 23.45 57.16
CA LYS F 173 12.64 23.13 58.48
C LYS F 173 11.21 23.64 58.64
N ASN F 174 10.91 24.82 58.12
CA ASN F 174 9.61 25.43 58.38
C ASN F 174 8.53 25.07 57.35
N TYR F 175 8.92 24.73 56.11
CA TYR F 175 7.95 24.56 55.05
C TYR F 175 7.81 23.13 54.54
N GLY F 176 8.80 22.28 54.73
CA GLY F 176 8.80 21.00 54.08
C GLY F 176 9.60 21.02 52.79
N VAL F 177 9.48 19.93 52.03
CA VAL F 177 10.28 19.77 50.82
C VAL F 177 9.50 20.24 49.60
N GLY F 178 8.38 19.58 49.30
CA GLY F 178 7.69 19.85 48.05
C GLY F 178 6.28 20.38 48.20
N ALA F 179 5.86 21.22 47.26
CA ALA F 179 4.48 21.70 47.20
C ALA F 179 3.58 20.63 46.62
N CYS F 180 2.35 20.56 47.12
CA CYS F 180 1.44 19.48 46.80
C CYS F 180 0.22 19.93 46.00
N GLY F 181 0.38 20.93 45.13
CA GLY F 181 -0.72 21.38 44.31
C GLY F 181 -0.29 22.30 43.19
N PRO F 182 -1.15 22.44 42.18
CA PRO F 182 -0.85 23.37 41.09
C PRO F 182 -1.00 24.81 41.54
N ALA F 183 -0.40 25.72 40.77
CA ALA F 183 -0.58 27.14 41.04
C ALA F 183 -2.01 27.58 40.85
N GLY F 184 -2.80 26.85 40.06
CA GLY F 184 -4.18 27.24 39.82
C GLY F 184 -5.07 27.11 41.05
N PHE F 185 -4.93 26.02 41.80
CA PHE F 185 -5.86 25.75 42.88
C PHE F 185 -5.39 26.25 44.24
N TYR F 186 -4.30 25.69 44.77
CA TYR F 186 -3.86 26.05 46.11
C TYR F 186 -2.35 26.08 46.29
N GLY F 187 -1.56 25.82 45.24
CA GLY F 187 -0.14 25.61 45.44
C GLY F 187 0.68 26.86 45.65
N ASN F 188 0.18 28.02 45.23
CA ASN F 188 0.99 29.23 45.23
C ASN F 188 1.03 29.84 46.63
N GLN F 189 2.22 30.14 47.11
CA GLN F 189 2.44 30.62 48.47
C GLN F 189 3.05 32.01 48.44
N ASP F 190 3.43 32.51 49.63
CA ASP F 190 3.92 33.88 49.73
C ASP F 190 5.34 34.03 49.22
N VAL F 191 6.18 33.00 49.39
CA VAL F 191 7.57 33.09 48.95
C VAL F 191 7.66 33.23 47.44
N HIS F 192 6.74 32.59 46.71
CA HIS F 192 6.73 32.73 45.25
C HIS F 192 6.45 34.17 44.85
N TYR F 193 5.45 34.81 45.48
CA TYR F 193 5.16 36.21 45.20
C TYR F 193 6.35 37.09 45.57
N THR F 194 7.00 36.80 46.69
CA THR F 194 8.17 37.58 47.08
C THR F 194 9.27 37.49 46.03
N LEU F 195 9.54 36.29 45.53
CA LEU F 195 10.57 36.13 44.50
C LEU F 195 10.18 36.86 43.22
N GLU F 196 8.91 36.78 42.84
CA GLU F 196 8.46 37.48 41.63
C GLU F 196 8.67 38.98 41.76
N TYR F 197 8.29 39.56 42.91
CA TYR F 197 8.51 40.99 43.13
C TYR F 197 9.99 41.33 43.12
N ASP F 198 10.82 40.49 43.75
CA ASP F 198 12.25 40.75 43.78
C ASP F 198 12.87 40.75 42.39
N LEU F 199 12.49 39.78 41.56
CA LEU F 199 13.01 39.73 40.20
C LEU F 199 12.57 40.95 39.40
N ALA F 200 11.29 41.33 39.52
CA ALA F 200 10.80 42.48 38.79
C ALA F 200 11.53 43.76 39.20
N GLN F 201 11.76 43.94 40.51
CA GLN F 201 12.49 45.11 40.97
C GLN F 201 13.95 45.08 40.51
N PHE F 202 14.59 43.92 40.55
CA PHE F 202 16.01 43.84 40.23
C PHE F 202 16.27 44.10 38.76
N PHE F 203 15.48 43.50 37.87
CA PHE F 203 15.76 43.58 36.45
C PHE F 203 15.08 44.76 35.75
N GLY F 204 14.30 45.57 36.47
CA GLY F 204 13.75 46.78 35.90
C GLY F 204 12.53 46.59 35.03
N THR F 205 11.81 45.50 35.16
CA THR F 205 10.63 45.21 34.37
C THR F 205 9.40 45.24 35.28
N GLN F 206 8.23 45.47 34.66
CA GLN F 206 7.00 45.60 35.45
C GLN F 206 6.67 44.32 36.19
N GLY F 207 6.78 43.16 35.55
CA GLY F 207 6.39 41.91 36.16
C GLY F 207 7.26 40.76 35.72
N SER F 208 6.91 39.57 36.22
CA SER F 208 7.63 38.34 35.90
C SER F 208 6.73 37.15 36.14
N VAL F 209 7.12 36.00 35.60
CA VAL F 209 6.40 34.74 35.75
C VAL F 209 7.42 33.63 35.99
N LEU F 210 7.13 32.74 36.93
CA LEU F 210 8.03 31.65 37.29
C LEU F 210 7.59 30.35 36.63
N TYR F 211 8.56 29.61 36.09
CA TYR F 211 8.32 28.33 35.42
C TYR F 211 9.10 27.24 36.14
N GLY F 212 8.64 25.99 35.96
CA GLY F 212 9.23 24.89 36.69
C GLY F 212 10.57 24.44 36.12
N GLN F 213 10.76 24.58 34.81
CA GLN F 213 11.98 24.16 34.15
C GLN F 213 12.31 25.12 33.02
N ASP F 214 13.60 25.39 32.84
CA ASP F 214 14.02 26.38 31.85
C ASP F 214 13.92 25.84 30.43
N PHE F 215 14.08 24.52 30.26
CA PHE F 215 14.01 23.93 28.93
C PHE F 215 12.61 24.01 28.33
N CYS F 216 11.58 24.19 29.17
CA CYS F 216 10.20 24.23 28.70
C CYS F 216 9.58 25.62 28.80
N ALA F 217 10.40 26.67 28.90
CA ALA F 217 9.86 28.02 29.01
C ALA F 217 9.47 28.58 27.66
N ALA F 218 10.41 28.65 26.72
CA ALA F 218 10.14 29.20 25.40
C ALA F 218 9.06 28.44 24.64
N PRO F 219 9.09 27.09 24.57
CA PRO F 219 8.01 26.39 23.84
C PRO F 219 6.63 26.57 24.44
N SER F 220 6.51 27.11 25.65
CA SER F 220 5.21 27.39 26.24
C SER F 220 4.84 28.86 26.21
N VAL F 221 5.83 29.75 26.08
CA VAL F 221 5.53 31.18 26.00
C VAL F 221 5.28 31.60 24.56
N LEU F 222 6.20 31.23 23.65
CA LEU F 222 6.10 31.73 22.28
C LEU F 222 4.82 31.30 21.56
N PRO F 223 4.37 30.04 21.62
CA PRO F 223 3.11 29.70 20.96
C PRO F 223 1.89 30.40 21.55
N ALA F 224 1.98 30.91 22.78
CA ALA F 224 0.81 31.52 23.41
C ALA F 224 0.41 32.81 22.72
N PHE F 225 1.38 33.58 22.23
CA PHE F 225 1.12 34.90 21.67
C PHE F 225 1.10 34.92 20.16
N THR F 226 1.14 33.78 19.50
CA THR F 226 1.15 33.71 18.05
C THR F 226 0.09 32.73 17.56
N LYS F 227 -0.38 32.95 16.33
CA LYS F 227 -1.45 32.17 15.73
C LYS F 227 -1.18 32.10 14.24
N ARG F 228 -1.94 31.23 13.56
CA ARG F 228 -1.84 31.14 12.10
C ARG F 228 -2.16 32.48 11.46
N GLY F 229 -1.32 32.90 10.52
CA GLY F 229 -1.44 34.20 9.91
C GLY F 229 -0.47 35.25 10.41
N ASP F 230 0.51 34.87 11.22
CA ASP F 230 1.51 35.77 11.76
C ASP F 230 2.89 35.44 11.19
N VAL F 231 3.81 36.37 11.34
CA VAL F 231 5.16 36.26 10.77
C VAL F 231 6.18 36.30 11.89
N ILE F 232 7.21 35.46 11.77
CA ILE F 232 8.33 35.42 12.70
C ILE F 232 9.62 35.45 11.90
N VAL F 233 10.55 36.31 12.29
CA VAL F 233 11.85 36.42 11.63
C VAL F 233 12.91 35.95 12.62
N ALA F 234 13.57 34.84 12.31
CA ALA F 234 14.48 34.19 13.25
C ALA F 234 15.90 34.22 12.70
N ASP F 235 16.86 34.08 13.61
CA ASP F 235 18.26 34.12 13.25
C ASP F 235 18.67 32.87 12.46
N ASP F 236 19.87 32.92 11.89
CA ASP F 236 20.33 31.82 11.05
C ASP F 236 20.59 30.55 11.86
N GLN F 237 21.14 30.69 13.07
CA GLN F 237 21.43 29.55 13.93
C GLN F 237 20.98 29.87 15.34
N VAL F 238 20.01 29.09 15.84
CA VAL F 238 19.47 29.25 17.18
C VAL F 238 19.44 27.88 17.85
N SER F 239 19.30 27.90 19.17
CA SER F 239 19.39 26.68 19.96
C SER F 239 18.17 25.80 19.73
N LEU F 240 18.25 24.56 20.24
CA LEU F 240 17.19 23.58 20.03
C LEU F 240 15.87 23.97 20.69
N PRO F 241 15.82 24.45 21.95
CA PRO F 241 14.51 24.85 22.50
C PRO F 241 13.80 25.91 21.69
N VAL F 242 14.55 26.87 21.15
CA VAL F 242 13.95 27.88 20.28
C VAL F 242 13.41 27.23 19.01
N GLN F 243 14.12 26.22 18.50
CA GLN F 243 13.63 25.51 17.32
C GLN F 243 12.33 24.78 17.62
N ASN F 244 12.23 24.15 18.80
CA ASN F 244 10.99 23.49 19.19
C ASN F 244 9.86 24.50 19.31
N ALA F 245 10.14 25.66 19.89
CA ALA F 245 9.13 26.71 19.99
C ALA F 245 8.65 27.16 18.61
N LEU F 246 9.59 27.35 17.68
CA LEU F 246 9.23 27.76 16.34
C LEU F 246 8.38 26.70 15.64
N GLN F 247 8.72 25.43 15.82
CA GLN F 247 7.95 24.36 15.21
C GLN F 247 6.53 24.31 15.79
N LEU F 248 6.40 24.47 17.11
CA LEU F 248 5.08 24.40 17.75
C LEU F 248 4.25 25.66 17.55
N SER F 249 4.87 26.77 17.14
CA SER F 249 4.15 28.03 17.08
C SER F 249 3.06 28.02 16.02
N ARG F 250 3.27 27.27 14.92
CA ARG F 250 2.32 27.18 13.81
C ARG F 250 2.09 28.55 13.16
N SER F 251 3.18 29.11 12.64
CA SER F 251 3.11 30.37 11.90
C SER F 251 4.32 30.45 10.97
N THR F 252 4.25 31.37 10.02
CA THR F 252 5.29 31.49 9.01
C THR F 252 6.61 31.92 9.65
N VAL F 253 7.70 31.27 9.23
CA VAL F 253 9.03 31.50 9.78
C VAL F 253 9.97 31.88 8.65
N TYR F 254 10.69 32.99 8.82
CA TYR F 254 11.72 33.42 7.88
C TYR F 254 13.06 33.43 8.58
N TYR F 255 14.12 33.18 7.81
CA TYR F 255 15.47 33.11 8.34
C TYR F 255 16.35 34.17 7.66
N PHE F 256 17.25 34.77 8.43
CA PHE F 256 18.22 35.71 7.90
C PHE F 256 19.61 35.31 8.36
N ASN F 257 20.62 35.79 7.64
CA ASN F 257 21.98 35.36 7.87
C ASN F 257 22.45 35.78 9.26
N HIS F 258 23.37 34.98 9.80
CA HIS F 258 23.81 35.14 11.19
C HIS F 258 24.54 36.47 11.36
N ASN F 259 24.08 37.27 12.32
CA ASN F 259 24.70 38.55 12.66
C ASN F 259 24.88 39.45 11.43
N ASP F 260 23.86 39.47 10.58
CA ASP F 260 23.85 40.28 9.37
C ASP F 260 22.65 41.22 9.45
N MET F 261 22.90 42.53 9.37
CA MET F 261 21.81 43.49 9.47
C MET F 261 21.28 43.91 8.11
N ASN F 262 22.10 43.84 7.07
CA ASN F 262 21.63 44.19 5.72
C ASN F 262 20.53 43.23 5.28
N SER F 263 20.73 41.93 5.50
CA SER F 263 19.71 40.96 5.13
C SER F 263 18.43 41.17 5.91
N LEU F 264 18.54 41.45 7.21
CA LEU F 264 17.36 41.71 8.02
C LEU F 264 16.61 42.93 7.52
N GLU F 265 17.34 44.01 7.22
CA GLU F 265 16.69 45.22 6.73
C GLU F 265 15.99 44.97 5.39
N CYS F 266 16.66 44.27 4.47
CA CYS F 266 16.06 44.00 3.17
C CYS F 266 14.81 43.16 3.30
N LEU F 267 14.87 42.10 4.12
CA LEU F 267 13.72 41.23 4.28
C LEU F 267 12.56 41.96 4.96
N LEU F 268 12.86 42.80 5.96
CA LEU F 268 11.82 43.58 6.61
C LEU F 268 11.16 44.55 5.63
N ASN F 269 11.97 45.21 4.79
CA ASN F 269 11.41 46.13 3.81
C ASN F 269 10.52 45.40 2.81
N GLU F 270 10.96 44.22 2.35
CA GLU F 270 10.15 43.44 1.42
C GLU F 270 8.82 43.04 2.05
N LEU F 271 8.86 42.56 3.29
CA LEU F 271 7.62 42.18 3.96
C LEU F 271 6.70 43.37 4.15
N THR F 272 7.25 44.52 4.53
CA THR F 272 6.43 45.71 4.71
C THR F 272 5.76 46.12 3.41
N GLU F 273 6.51 46.11 2.30
CA GLU F 273 5.93 46.48 1.02
C GLU F 273 4.83 45.51 0.60
N GLN F 274 5.08 44.21 0.77
CA GLN F 274 4.07 43.22 0.40
C GLN F 274 2.81 43.38 1.23
N GLU F 275 2.96 43.60 2.54
CA GLU F 275 1.79 43.76 3.40
C GLU F 275 1.03 45.03 3.04
N LYS F 276 1.75 46.11 2.71
CA LYS F 276 1.09 47.34 2.30
C LYS F 276 0.29 47.13 1.03
N LEU F 277 0.86 46.39 0.08
CA LEU F 277 0.13 46.12 -1.17
C LEU F 277 -1.03 45.16 -0.95
N GLU F 278 -0.98 44.33 0.10
CA GLU F 278 -2.04 43.35 0.32
C GLU F 278 -3.34 44.00 0.75
N LYS F 279 -3.28 45.12 1.46
CA LYS F 279 -4.46 45.83 1.96
C LYS F 279 -5.31 44.92 2.86
N LEU F 280 -4.68 44.37 3.89
CA LEU F 280 -5.39 43.53 4.84
C LEU F 280 -6.14 44.42 5.83
N PRO F 281 -7.35 44.02 6.25
CA PRO F 281 -8.13 44.85 7.19
C PRO F 281 -7.48 45.03 8.55
N ALA F 282 -7.05 43.93 9.18
CA ALA F 282 -6.47 43.95 10.51
C ALA F 282 -5.02 43.49 10.45
N ILE F 283 -4.13 44.28 11.04
CA ILE F 283 -2.70 43.99 11.01
C ILE F 283 -2.38 42.81 11.91
N PRO F 284 -1.48 41.91 11.50
CA PRO F 284 -1.12 40.77 12.36
C PRO F 284 0.03 41.09 13.31
N ARG F 285 0.47 40.10 14.08
CA ARG F 285 1.55 40.27 15.03
C ARG F 285 2.89 39.92 14.37
N LYS F 286 3.94 40.63 14.76
CA LYS F 286 5.26 40.47 14.18
C LYS F 286 6.29 40.37 15.31
N PHE F 287 7.21 39.40 15.19
CA PHE F 287 8.24 39.19 16.19
C PHE F 287 9.58 38.98 15.52
N ILE F 288 10.65 39.34 16.23
CA ILE F 288 12.02 39.04 15.82
C ILE F 288 12.64 38.18 16.92
N VAL F 289 13.18 37.02 16.53
CA VAL F 289 13.70 36.04 17.47
C VAL F 289 15.21 35.98 17.34
N THR F 290 15.91 36.18 18.45
CA THR F 290 17.36 36.14 18.49
C THR F 290 17.79 35.61 19.85
N GLU F 291 19.09 35.65 20.10
CA GLU F 291 19.66 35.17 21.36
C GLU F 291 20.68 36.17 21.89
N GLY F 292 20.83 36.20 23.21
CA GLY F 292 21.77 37.09 23.84
C GLY F 292 23.21 36.69 23.58
N ILE F 293 23.61 35.56 24.13
CA ILE F 293 24.90 34.93 23.83
C ILE F 293 24.61 33.52 23.33
N PHE F 294 25.04 33.23 22.12
CA PHE F 294 24.66 31.98 21.47
C PHE F 294 25.25 30.78 22.21
N HIS F 295 24.49 29.70 22.25
CA HIS F 295 24.87 28.51 23.00
C HIS F 295 25.98 27.71 22.33
N ASN F 296 25.95 27.56 21.02
CA ASN F 296 26.87 26.68 20.32
C ASN F 296 28.12 27.38 19.80
N SER F 297 28.10 28.70 19.69
CA SER F 297 29.25 29.44 19.18
C SER F 297 29.82 30.45 20.15
N GLY F 298 29.05 30.87 21.15
CA GLY F 298 29.54 31.84 22.12
C GLY F 298 29.78 33.23 21.57
N ASP F 299 28.91 33.70 20.68
CA ASP F 299 29.00 35.03 20.11
C ASP F 299 27.80 35.86 20.54
N LEU F 300 27.97 37.18 20.61
CA LEU F 300 26.94 38.08 21.07
C LEU F 300 26.31 38.81 19.88
N ALA F 301 25.06 39.29 20.09
CA ALA F 301 24.29 39.99 19.08
C ALA F 301 24.35 41.50 19.31
N PRO F 302 24.29 42.29 18.24
CA PRO F 302 24.26 43.75 18.38
C PRO F 302 22.85 44.25 18.66
N LEU F 303 22.66 44.85 19.83
CA LEU F 303 21.35 45.28 20.30
C LEU F 303 20.88 46.60 19.69
N PRO F 304 21.69 47.67 19.67
CA PRO F 304 21.17 48.97 19.19
C PRO F 304 20.65 48.93 17.76
N GLU F 305 21.30 48.19 16.87
CA GLU F 305 20.80 48.07 15.51
C GLU F 305 19.43 47.38 15.48
N LEU F 306 19.26 46.33 16.28
CA LEU F 306 17.97 45.66 16.35
C LEU F 306 16.90 46.59 16.89
N THR F 307 17.24 47.39 17.91
CA THR F 307 16.28 48.34 18.44
C THR F 307 15.86 49.36 17.39
N LYS F 308 16.83 49.90 16.65
CA LYS F 308 16.51 50.87 15.62
C LYS F 308 15.63 50.26 14.53
N LEU F 309 15.96 49.03 14.11
CA LEU F 309 15.17 48.38 13.06
C LEU F 309 13.75 48.08 13.53
N LYS F 310 13.60 47.58 14.76
CA LYS F 310 12.27 47.26 15.26
C LYS F 310 11.45 48.51 15.49
N ASN F 311 12.08 49.64 15.80
CA ASN F 311 11.33 50.89 15.89
C ASN F 311 10.96 51.42 14.53
N LYS F 312 11.82 51.23 13.53
CA LYS F 312 11.51 51.73 12.18
C LYS F 312 10.40 50.92 11.52
N TYR F 313 10.48 49.59 11.59
CA TYR F 313 9.59 48.73 10.80
C TYR F 313 8.47 48.10 11.61
N LYS F 314 8.24 48.57 12.85
CA LYS F 314 7.13 48.12 13.67
C LYS F 314 7.17 46.60 13.91
N PHE F 315 8.22 46.17 14.59
CA PHE F 315 8.39 44.77 14.98
C PHE F 315 8.67 44.70 16.47
N ARG F 316 8.36 43.54 17.05
CA ARG F 316 8.65 43.27 18.45
C ARG F 316 9.90 42.40 18.56
N LEU F 317 10.62 42.55 19.67
CA LEU F 317 11.90 41.90 19.86
C LEU F 317 11.80 40.87 20.97
N PHE F 318 12.23 39.65 20.67
CA PHE F 318 12.27 38.55 21.63
C PHE F 318 13.72 38.12 21.79
N VAL F 319 14.21 38.08 23.03
CA VAL F 319 15.59 37.75 23.31
C VAL F 319 15.63 36.64 24.34
N ASP F 320 16.35 35.57 24.03
CA ASP F 320 16.54 34.44 24.93
C ASP F 320 17.98 34.56 25.45
N GLU F 321 18.11 34.99 26.70
CA GLU F 321 19.41 35.20 27.32
C GLU F 321 19.52 34.34 28.58
N THR F 322 20.12 33.16 28.41
CA THR F 322 20.41 32.23 29.49
C THR F 322 21.86 32.32 29.96
N PHE F 323 22.79 32.56 29.04
CA PHE F 323 24.21 32.59 29.34
C PHE F 323 24.73 34.00 29.57
N SER F 324 23.84 34.99 29.69
CA SER F 324 24.25 36.38 29.83
C SER F 324 23.64 37.10 31.01
N ILE F 325 22.78 36.45 31.81
CA ILE F 325 22.12 37.14 32.92
C ILE F 325 23.13 37.49 34.01
N GLY F 326 23.97 36.54 34.39
CA GLY F 326 24.86 36.78 35.52
C GLY F 326 26.26 37.24 35.19
N VAL F 327 26.61 37.35 33.92
CA VAL F 327 27.99 37.58 33.53
C VAL F 327 28.20 38.93 32.85
N LEU F 328 27.20 39.47 32.15
CA LEU F 328 27.35 40.69 31.38
C LEU F 328 27.00 41.90 32.24
N GLY F 329 27.71 43.00 32.00
CA GLY F 329 27.48 44.23 32.71
C GLY F 329 28.37 44.38 33.93
N ALA F 330 28.50 45.63 34.40
CA ALA F 330 29.30 45.90 35.58
C ALA F 330 28.71 45.25 36.82
N THR F 331 27.39 45.30 36.96
CA THR F 331 26.70 44.71 38.09
C THR F 331 26.15 43.32 37.81
N GLY F 332 25.88 43.00 36.55
CA GLY F 332 25.38 41.69 36.21
C GLY F 332 23.89 41.65 35.99
N ARG F 333 23.34 42.70 35.37
CA ARG F 333 21.92 42.79 35.15
C ARG F 333 21.48 42.28 33.78
N GLY F 334 22.41 41.88 32.92
CA GLY F 334 22.06 41.24 31.68
C GLY F 334 22.66 41.96 30.49
N LEU F 335 22.11 41.66 29.31
CA LEU F 335 22.65 42.21 28.07
C LEU F 335 22.41 43.71 27.97
N SER F 336 21.24 44.18 28.42
CA SER F 336 20.89 45.58 28.24
C SER F 336 21.86 46.49 28.99
N GLU F 337 22.30 46.08 30.18
CA GLU F 337 23.22 46.91 30.95
C GLU F 337 24.57 47.04 30.26
N HIS F 338 24.94 46.06 29.43
CA HIS F 338 26.23 46.12 28.75
C HIS F 338 26.28 47.30 27.78
N PHE F 339 25.20 47.55 27.06
CA PHE F 339 25.13 48.62 26.08
C PHE F 339 24.54 49.90 26.63
N ASN F 340 24.23 49.94 27.93
CA ASN F 340 23.71 51.14 28.61
C ASN F 340 22.41 51.61 27.99
N MET F 341 21.40 50.75 28.02
CA MET F 341 20.07 51.07 27.50
C MET F 341 19.01 50.55 28.45
N ASP F 342 17.83 51.14 28.37
CA ASP F 342 16.70 50.72 29.20
C ASP F 342 16.14 49.40 28.71
N ARG F 343 15.92 48.47 29.64
CA ARG F 343 15.35 47.18 29.28
C ARG F 343 13.86 47.27 29.00
N ALA F 344 13.14 48.18 29.67
CA ALA F 344 11.70 48.26 29.51
C ALA F 344 11.30 48.66 28.10
N THR F 345 12.20 49.26 27.34
CA THR F 345 11.91 49.67 25.97
C THR F 345 12.68 48.90 24.92
N ALA F 346 13.88 48.41 25.23
CA ALA F 346 14.69 47.74 24.23
C ALA F 346 14.15 46.35 23.90
N ILE F 347 13.77 45.60 24.92
CA ILE F 347 13.36 44.21 24.77
C ILE F 347 11.90 44.07 25.20
N ASP F 348 11.18 43.16 24.55
CA ASP F 348 9.78 42.93 24.86
C ASP F 348 9.56 41.67 25.69
N ILE F 349 10.21 40.57 25.35
CA ILE F 349 10.12 39.32 26.09
C ILE F 349 11.54 38.85 26.39
N THR F 350 11.77 38.45 27.65
CA THR F 350 13.06 37.92 28.09
C THR F 350 12.85 36.56 28.73
N VAL F 351 13.63 35.58 28.31
CA VAL F 351 13.58 34.23 28.87
C VAL F 351 14.92 33.95 29.54
N GLY F 352 14.88 33.50 30.80
CA GLY F 352 16.09 33.28 31.56
C GLY F 352 16.03 31.97 32.32
N SER F 353 17.19 31.58 32.83
CA SER F 353 17.33 30.35 33.60
C SER F 353 18.05 30.66 34.90
N MET F 354 17.52 30.11 36.00
CA MET F 354 18.12 30.29 37.32
C MET F 354 19.20 29.26 37.62
N ALA F 355 19.39 28.26 36.76
CA ALA F 355 20.30 27.17 37.08
C ALA F 355 21.74 27.47 36.72
N THR F 356 21.98 28.19 35.62
CA THR F 356 23.35 28.37 35.14
C THR F 356 24.16 29.27 36.07
N ALA F 357 23.60 30.42 36.44
CA ALA F 357 24.36 31.40 37.21
C ALA F 357 23.90 31.54 38.65
N LEU F 358 22.58 31.66 38.89
CA LEU F 358 22.09 31.87 40.25
C LEU F 358 22.24 30.63 41.12
N GLY F 359 22.17 29.44 40.54
CA GLY F 359 22.50 28.23 41.28
C GLY F 359 21.34 27.42 41.79
N SER F 360 20.16 27.51 41.18
CA SER F 360 19.01 26.73 41.61
C SER F 360 18.10 26.47 40.42
N THR F 361 17.27 25.45 40.54
CA THR F 361 16.44 25.02 39.42
C THR F 361 15.31 26.02 39.15
N GLY F 362 14.88 26.06 37.90
CA GLY F 362 13.74 26.85 37.49
C GLY F 362 14.06 27.77 36.32
N GLY F 363 13.06 28.58 35.97
CA GLY F 363 13.19 29.57 34.92
C GLY F 363 12.18 30.67 35.13
N PHE F 364 12.35 31.77 34.38
CA PHE F 364 11.47 32.91 34.54
C PHE F 364 11.34 33.65 33.22
N VAL F 365 10.28 34.45 33.11
CA VAL F 365 9.99 35.27 31.94
C VAL F 365 9.67 36.68 32.42
N LEU F 366 10.24 37.68 31.76
CA LEU F 366 10.10 39.07 32.17
C LEU F 366 9.31 39.85 31.13
N GLY F 367 8.34 40.63 31.57
CA GLY F 367 7.52 41.41 30.66
C GLY F 367 6.61 42.35 31.41
N ASP F 368 5.75 43.03 30.66
CA ASP F 368 4.84 44.01 31.24
C ASP F 368 3.63 43.30 31.86
N SER F 369 2.65 44.08 32.31
CA SER F 369 1.57 43.52 33.11
C SER F 369 0.58 42.72 32.27
N VAL F 370 0.23 43.22 31.08
CA VAL F 370 -0.73 42.51 30.23
C VAL F 370 -0.19 41.15 29.82
N MET F 371 1.09 41.10 29.45
CA MET F 371 1.71 39.84 29.06
C MET F 371 1.64 38.81 30.18
N CYS F 372 2.01 39.21 31.39
CA CYS F 372 1.99 38.28 32.52
C CYS F 372 0.58 37.84 32.85
N LEU F 373 -0.37 38.78 32.84
CA LEU F 373 -1.75 38.43 33.14
C LEU F 373 -2.31 37.43 32.13
N HIS F 374 -1.91 37.56 30.86
CA HIS F 374 -2.36 36.60 29.86
C HIS F 374 -1.65 35.27 30.01
N GLN F 375 -0.35 35.28 30.30
CA GLN F 375 0.38 34.03 30.49
C GLN F 375 -0.17 33.22 31.66
N ARG F 376 -0.68 33.89 32.68
CA ARG F 376 -1.20 33.17 33.84
C ARG F 376 -2.32 32.20 33.50
N ILE F 377 -3.02 32.39 32.38
CA ILE F 377 -4.11 31.50 31.97
C ILE F 377 -3.79 30.78 30.67
N GLY F 378 -3.12 31.43 29.72
CA GLY F 378 -2.93 30.87 28.41
C GLY F 378 -1.70 30.01 28.21
N SER F 379 -0.84 29.87 29.20
CA SER F 379 0.40 29.12 29.08
C SER F 379 0.19 27.71 29.57
N ASN F 380 0.53 26.71 28.74
CA ASN F 380 0.22 25.33 29.09
C ASN F 380 1.14 24.80 30.18
N ALA F 381 2.44 25.09 30.10
CA ALA F 381 3.36 24.58 31.12
C ALA F 381 3.12 25.24 32.48
N TYR F 382 2.60 26.46 32.49
CA TYR F 382 2.32 27.13 33.76
C TYR F 382 1.07 26.56 34.42
N CYS F 383 0.03 26.29 33.63
CA CYS F 383 -1.24 25.88 34.21
C CYS F 383 -1.21 24.44 34.71
N PHE F 384 -0.80 23.51 33.86
CA PHE F 384 -0.85 22.08 34.18
C PHE F 384 0.51 21.60 34.72
N SER F 385 0.91 22.14 35.85
CA SER F 385 2.13 21.71 36.52
C SER F 385 2.13 22.22 37.95
N ALA F 386 2.89 21.53 38.80
CA ALA F 386 3.02 21.90 40.20
C ALA F 386 4.03 23.03 40.37
N CYS F 387 4.02 23.64 41.54
CA CYS F 387 4.90 24.76 41.84
C CYS F 387 6.28 24.27 42.28
N LEU F 388 7.20 25.22 42.40
CA LEU F 388 8.56 24.94 42.82
C LEU F 388 8.64 24.75 44.34
N PRO F 389 9.61 23.98 44.82
CA PRO F 389 9.86 23.93 46.26
C PRO F 389 10.32 25.26 46.80
N ALA F 390 10.04 25.48 48.09
CA ALA F 390 10.23 26.81 48.68
C ALA F 390 11.71 27.13 48.90
N TYR F 391 12.54 26.12 49.19
CA TYR F 391 13.94 26.42 49.47
C TYR F 391 14.64 27.00 48.24
N THR F 392 14.25 26.57 47.05
CA THR F 392 14.84 27.13 45.83
C THR F 392 14.59 28.63 45.74
N VAL F 393 13.33 29.05 45.91
CA VAL F 393 12.99 30.46 45.74
C VAL F 393 13.59 31.29 46.87
N THR F 394 13.60 30.77 48.10
CA THR F 394 14.22 31.52 49.19
C THR F 394 15.72 31.71 48.95
N SER F 395 16.40 30.66 48.49
CA SER F 395 17.82 30.76 48.22
C SER F 395 18.10 31.75 47.09
N VAL F 396 17.26 31.73 46.05
CA VAL F 396 17.50 32.65 44.94
C VAL F 396 17.26 34.09 45.36
N SER F 397 16.26 34.32 46.22
CA SER F 397 16.06 35.67 46.75
C SER F 397 17.26 36.13 47.57
N LYS F 398 17.81 35.24 48.40
CA LYS F 398 19.00 35.60 49.17
C LYS F 398 20.17 35.90 48.25
N VAL F 399 20.34 35.12 47.19
CA VAL F 399 21.41 35.36 46.23
C VAL F 399 21.23 36.73 45.57
N LEU F 400 20.00 37.09 45.23
CA LEU F 400 19.76 38.41 44.64
C LEU F 400 20.12 39.52 45.61
N LYS F 401 19.78 39.35 46.89
CA LYS F 401 20.16 40.36 47.89
C LYS F 401 21.68 40.47 47.99
N LEU F 402 22.39 39.33 48.00
CA LEU F 402 23.84 39.36 48.04
C LEU F 402 24.42 40.04 46.81
N MET F 403 23.83 39.77 45.64
CA MET F 403 24.23 40.45 44.41
C MET F 403 24.09 41.96 44.56
N ASP F 404 22.98 42.41 45.13
CA ASP F 404 22.78 43.84 45.33
C ASP F 404 23.83 44.40 46.28
N SER F 405 24.23 43.62 47.28
CA SER F 405 25.18 44.11 48.28
C SER F 405 26.54 44.44 47.66
N ASN F 406 27.13 43.50 46.92
CA ASN F 406 28.49 43.67 46.41
C ASN F 406 28.58 43.11 45.00
N ASN F 407 29.64 43.52 44.29
CA ASN F 407 29.82 43.16 42.88
C ASN F 407 31.26 42.76 42.59
N ASP F 408 31.84 41.90 43.42
CA ASP F 408 33.23 41.47 43.20
C ASP F 408 33.31 40.30 42.23
N ALA F 409 32.37 39.36 42.34
CA ALA F 409 32.45 38.12 41.56
C ALA F 409 32.38 38.40 40.07
N VAL F 410 31.54 39.35 39.65
CA VAL F 410 31.41 39.67 38.24
C VAL F 410 32.73 40.19 37.70
N GLN F 411 33.38 41.10 38.43
CA GLN F 411 34.67 41.64 37.99
C GLN F 411 35.71 40.54 37.88
N THR F 412 35.79 39.68 38.90
CA THR F 412 36.77 38.59 38.87
C THR F 412 36.53 37.66 37.70
N LEU F 413 35.27 37.30 37.45
CA LEU F 413 34.95 36.39 36.36
C LEU F 413 35.26 37.02 35.01
N GLN F 414 34.97 38.32 34.84
CA GLN F 414 35.31 38.98 33.58
C GLN F 414 36.81 39.00 33.35
N LYS F 415 37.59 39.30 34.39
CA LYS F 415 39.04 39.28 34.25
C LYS F 415 39.55 37.90 33.87
N LEU F 416 39.02 36.86 34.52
CA LEU F 416 39.45 35.50 34.21
C LEU F 416 39.10 35.11 32.79
N SER F 417 37.90 35.47 32.33
CA SER F 417 37.49 35.14 30.97
C SER F 417 38.36 35.85 29.94
N LYS F 418 38.67 37.13 30.18
CA LYS F 418 39.54 37.85 29.26
C LYS F 418 40.92 37.21 29.21
N SER F 419 41.47 36.81 30.37
CA SER F 419 42.76 36.14 30.39
C SER F 419 42.72 34.84 29.61
N LEU F 420 41.64 34.06 29.78
CA LEU F 420 41.51 32.79 29.08
C LEU F 420 41.48 32.99 27.57
N HIS F 421 40.66 33.93 27.10
CA HIS F 421 40.54 34.16 25.66
C HIS F 421 41.84 34.66 25.08
N ASP F 422 42.53 35.56 25.80
CA ASP F 422 43.83 36.03 25.32
C ASP F 422 44.84 34.88 25.25
N SER F 423 44.82 34.00 26.25
CA SER F 423 45.78 32.90 26.29
C SER F 423 45.60 31.98 25.09
N PHE F 424 44.35 31.61 24.77
CA PHE F 424 44.16 30.75 23.60
C PHE F 424 44.01 31.49 22.27
N ALA F 425 44.04 32.82 22.25
CA ALA F 425 43.97 33.52 20.98
C ALA F 425 45.28 34.14 20.54
N SER F 426 46.20 34.46 21.47
CA SER F 426 47.42 35.16 21.10
C SER F 426 48.44 34.24 20.45
N ASP F 427 48.43 32.95 20.77
CA ASP F 427 49.49 32.06 20.31
C ASP F 427 49.42 31.85 18.80
N ASP F 428 50.59 31.52 18.23
CA ASP F 428 50.73 31.38 16.78
C ASP F 428 50.86 29.93 16.33
N SER F 429 51.25 29.01 17.22
CA SER F 429 51.49 27.64 16.83
C SER F 429 50.21 26.89 16.49
N LEU F 430 49.06 27.35 16.97
CA LEU F 430 47.80 26.64 16.78
C LEU F 430 46.99 27.17 15.59
N ARG F 431 47.55 28.11 14.82
CA ARG F 431 46.77 28.71 13.73
C ARG F 431 46.54 27.73 12.59
N SER F 432 47.29 26.63 12.54
CA SER F 432 47.17 25.68 11.44
C SER F 432 46.19 24.55 11.74
N TYR F 433 45.69 24.44 12.98
CA TYR F 433 44.86 23.31 13.36
C TYR F 433 43.44 23.71 13.76
N VAL F 434 43.28 24.66 14.69
CA VAL F 434 41.98 24.97 15.25
C VAL F 434 41.77 26.48 15.22
N ILE F 435 40.50 26.87 15.31
CA ILE F 435 40.10 28.27 15.36
C ILE F 435 39.13 28.47 16.52
N VAL F 436 39.05 29.70 17.00
CA VAL F 436 38.22 30.07 18.15
C VAL F 436 37.03 30.90 17.64
N THR F 437 35.82 30.45 17.98
CA THR F 437 34.61 31.10 17.51
C THR F 437 33.89 31.88 18.60
N SER F 438 34.48 32.06 19.77
CA SER F 438 33.83 32.74 20.87
C SER F 438 34.24 34.21 20.93
N SER F 439 33.53 34.98 21.79
CA SER F 439 33.70 36.39 22.07
C SER F 439 34.55 36.60 23.31
N PRO F 440 35.29 37.71 23.38
CA PRO F 440 36.15 37.93 24.56
C PRO F 440 35.40 38.07 25.87
N VAL F 441 34.10 38.38 25.83
CA VAL F 441 33.34 38.58 27.07
C VAL F 441 32.69 37.31 27.58
N SER F 442 32.53 36.29 26.73
CA SER F 442 31.85 35.08 27.15
C SER F 442 32.66 34.32 28.18
N ALA F 443 31.96 33.64 29.10
CA ALA F 443 32.62 32.83 30.11
C ALA F 443 32.96 31.43 29.60
N VAL F 444 32.53 31.08 28.39
CA VAL F 444 32.80 29.78 27.79
C VAL F 444 33.61 30.00 26.52
N LEU F 445 34.64 29.16 26.34
CA LEU F 445 35.51 29.23 25.17
C LEU F 445 35.25 28.02 24.29
N HIS F 446 34.93 28.26 23.02
CA HIS F 446 34.61 27.21 22.06
C HIS F 446 35.73 27.02 21.08
N LEU F 447 36.02 25.76 20.75
CA LEU F 447 37.10 25.40 19.84
C LEU F 447 36.55 24.58 18.69
N GLN F 448 37.04 24.87 17.49
CA GLN F 448 36.55 24.22 16.28
C GLN F 448 37.74 23.94 15.38
N LEU F 449 37.65 22.84 14.63
CA LEU F 449 38.72 22.44 13.73
C LEU F 449 38.67 23.25 12.45
N THR F 450 39.85 23.57 11.92
CA THR F 450 39.95 24.30 10.67
C THR F 450 39.31 23.49 9.54
N PRO F 451 38.54 24.15 8.66
CA PRO F 451 37.93 23.40 7.54
C PRO F 451 38.95 22.68 6.67
N ALA F 452 40.12 23.27 6.46
CA ALA F 452 41.15 22.60 5.66
C ALA F 452 41.62 21.31 6.33
N TYR F 453 41.84 21.35 7.64
CA TYR F 453 42.27 20.15 8.35
C TYR F 453 41.18 19.09 8.32
N ARG F 454 39.93 19.50 8.51
CA ARG F 454 38.83 18.54 8.45
C ARG F 454 38.72 17.90 7.08
N SER F 455 38.89 18.69 6.01
CA SER F 455 38.82 18.14 4.67
C SER F 455 39.98 17.20 4.38
N ARG F 456 41.20 17.55 4.81
CA ARG F 456 42.34 16.70 4.52
C ARG F 456 42.44 15.50 5.45
N LYS F 457 41.66 15.47 6.53
CA LYS F 457 41.69 14.35 7.48
C LYS F 457 40.53 13.40 7.30
N PHE F 458 39.32 13.91 7.09
CA PHE F 458 38.13 13.07 6.95
C PHE F 458 37.45 13.19 5.59
N GLY F 459 37.79 14.20 4.80
CA GLY F 459 37.24 14.33 3.46
C GLY F 459 35.75 14.61 3.38
N TYR F 460 35.25 15.54 4.19
CA TYR F 460 33.85 15.93 4.12
C TYR F 460 33.71 17.37 4.56
N THR F 461 32.62 17.99 4.14
CA THR F 461 32.35 19.40 4.43
C THR F 461 31.02 19.54 5.14
N CYS F 462 30.83 20.70 5.77
CA CYS F 462 29.62 20.95 6.55
C CYS F 462 28.37 20.94 5.68
N GLU F 463 28.46 21.55 4.49
CA GLU F 463 27.29 21.64 3.62
C GLU F 463 26.80 20.26 3.19
N GLN F 464 27.72 19.36 2.87
CA GLN F 464 27.32 18.00 2.50
C GLN F 464 26.62 17.31 3.65
N LEU F 465 27.12 17.49 4.88
CA LEU F 465 26.46 16.91 6.04
C LEU F 465 25.07 17.47 6.22
N PHE F 466 24.91 18.78 6.04
CA PHE F 466 23.59 19.40 6.17
C PHE F 466 22.62 18.83 5.14
N GLU F 467 23.07 18.71 3.88
CA GLU F 467 22.20 18.16 2.84
C GLU F 467 21.84 16.71 3.14
N THR F 468 22.82 15.91 3.58
CA THR F 468 22.55 14.51 3.89
C THR F 468 21.53 14.39 5.01
N MET F 469 21.70 15.16 6.09
CA MET F 469 20.78 15.09 7.21
C MET F 469 19.39 15.56 6.81
N SER F 470 19.30 16.65 6.05
CA SER F 470 17.98 17.14 5.63
C SER F 470 17.27 16.13 4.74
N ALA F 471 18.00 15.53 3.79
CA ALA F 471 17.39 14.52 2.92
C ALA F 471 16.93 13.31 3.72
N LEU F 472 17.75 12.86 4.68
CA LEU F 472 17.36 11.72 5.50
C LEU F 472 16.13 12.02 6.33
N GLN F 473 16.05 13.23 6.89
CA GLN F 473 14.88 13.62 7.66
C GLN F 473 13.63 13.68 6.79
N LYS F 474 13.75 14.25 5.58
CA LYS F 474 12.59 14.34 4.69
C LYS F 474 12.12 12.97 4.26
N LYS F 475 13.05 12.06 3.95
CA LYS F 475 12.68 10.73 3.48
C LYS F 475 12.08 9.86 4.59
N SER F 476 12.28 10.24 5.86
CA SER F 476 11.73 9.53 7.01
C SER F 476 12.31 8.12 7.13
N GLN F 477 13.63 8.01 6.94
CA GLN F 477 14.31 6.74 7.14
C GLN F 477 14.53 6.47 8.62
N THR F 478 14.30 5.22 9.03
CA THR F 478 14.43 4.86 10.44
C THR F 478 15.90 4.87 10.87
N ASN F 479 16.79 4.40 10.02
CA ASN F 479 18.22 4.31 10.35
C ASN F 479 18.93 5.55 9.83
N LYS F 480 19.57 6.29 10.74
CA LYS F 480 20.32 7.49 10.41
C LYS F 480 21.72 7.36 11.01
N PHE F 481 22.68 6.93 10.20
CA PHE F 481 24.06 6.77 10.64
C PHE F 481 24.99 7.39 9.61
N ILE F 482 25.86 8.29 10.08
CA ILE F 482 26.87 8.93 9.25
C ILE F 482 28.22 8.69 9.89
N GLU F 483 29.18 8.14 9.13
CA GLU F 483 30.44 7.71 9.71
C GLU F 483 31.46 8.83 9.96
N PRO F 484 31.64 9.83 9.08
CA PRO F 484 32.66 10.84 9.36
C PRO F 484 32.37 11.62 10.64
N TYR F 485 31.10 11.86 10.94
CA TYR F 485 30.74 12.50 12.20
C TYR F 485 31.17 11.64 13.38
N GLU F 486 30.99 10.33 13.28
CA GLU F 486 31.43 9.43 14.35
C GLU F 486 32.95 9.48 14.51
N GLU F 487 33.68 9.49 13.40
CA GLU F 487 35.14 9.58 13.50
C GLU F 487 35.58 10.88 14.15
N GLU F 488 34.92 12.00 13.79
CA GLU F 488 35.29 13.28 14.40
C GLU F 488 34.99 13.30 15.89
N GLU F 489 33.84 12.76 16.30
CA GLU F 489 33.52 12.69 17.73
C GLU F 489 34.51 11.82 18.47
N LYS F 490 34.88 10.67 17.88
CA LYS F 490 35.86 9.80 18.52
C LYS F 490 37.21 10.49 18.65
N PHE F 491 37.61 11.24 17.62
CA PHE F 491 38.87 11.98 17.70
C PHE F 491 38.85 13.00 18.84
N LEU F 492 37.77 13.79 18.92
CA LEU F 492 37.68 14.80 19.97
C LEU F 492 37.68 14.16 21.36
N GLN F 493 36.95 13.05 21.51
CA GLN F 493 36.99 12.32 22.76
C GLN F 493 38.40 11.80 23.05
N SER F 494 39.16 11.49 22.01
CA SER F 494 40.55 11.08 22.20
C SER F 494 41.40 12.22 22.76
N ILE F 495 41.23 13.43 22.24
CA ILE F 495 41.91 14.58 22.86
C ILE F 495 41.51 14.72 24.32
N VAL F 496 40.20 14.58 24.61
CA VAL F 496 39.74 14.76 25.98
C VAL F 496 40.40 13.72 26.91
N ASP F 497 40.41 12.45 26.48
CA ASP F 497 40.99 11.40 27.30
C ASP F 497 42.49 11.58 27.46
N HIS F 498 43.19 11.96 26.38
CA HIS F 498 44.63 12.17 26.48
C HIS F 498 44.95 13.30 27.44
N ALA F 499 44.16 14.36 27.42
CA ALA F 499 44.35 15.44 28.38
C ALA F 499 44.02 15.00 29.81
N LEU F 500 43.07 14.08 29.98
CA LEU F 500 42.70 13.64 31.32
C LEU F 500 43.73 12.70 31.94
N ILE F 501 44.24 11.73 31.18
CA ILE F 501 45.09 10.70 31.78
C ILE F 501 46.44 11.27 32.21
N ASN F 502 47.08 12.04 31.33
CA ASN F 502 48.42 12.53 31.63
C ASN F 502 48.43 13.62 32.70
N TYR F 503 47.49 14.55 32.62
CA TYR F 503 47.43 15.69 33.54
C TYR F 503 46.04 15.73 34.18
N ASN F 504 46.01 16.12 35.46
CA ASN F 504 44.75 16.15 36.21
C ASN F 504 43.96 17.41 35.83
N VAL F 505 43.49 17.43 34.59
CA VAL F 505 42.66 18.49 34.05
C VAL F 505 41.51 17.85 33.28
N LEU F 506 40.29 18.30 33.53
CA LEU F 506 39.09 17.74 32.92
C LEU F 506 38.40 18.79 32.07
N ILE F 507 38.24 18.51 30.78
CA ILE F 507 37.45 19.32 29.87
C ILE F 507 36.45 18.42 29.19
N THR F 508 35.49 19.04 28.49
CA THR F 508 34.42 18.28 27.85
C THR F 508 34.14 18.87 26.48
N ARG F 509 33.47 18.08 25.66
CA ARG F 509 33.05 18.47 24.32
C ARG F 509 31.57 18.76 24.30
N ASN F 510 31.12 19.39 23.21
CA ASN F 510 29.73 19.79 23.09
C ASN F 510 28.88 18.57 22.75
N THR F 511 28.01 18.16 23.68
CA THR F 511 27.17 16.99 23.50
C THR F 511 25.87 17.41 22.83
N ILE F 512 25.64 16.93 21.62
CA ILE F 512 24.46 17.26 20.83
C ILE F 512 23.87 15.99 20.24
N VAL F 513 22.60 16.08 19.85
CA VAL F 513 21.91 15.01 19.14
C VAL F 513 21.71 15.48 17.71
N LEU F 514 22.39 14.84 16.77
CA LEU F 514 22.37 15.31 15.39
C LEU F 514 21.03 15.03 14.72
N LYS F 515 20.37 13.93 15.06
CA LYS F 515 19.15 13.55 14.37
C LYS F 515 17.96 14.41 14.76
N GLN F 516 18.09 15.29 15.76
CA GLN F 516 17.01 16.19 16.15
C GLN F 516 17.20 17.62 15.65
N GLU F 517 18.42 18.00 15.31
CA GLU F 517 18.67 19.37 14.86
C GLU F 517 18.08 19.61 13.47
N THR F 518 17.83 20.87 13.17
CA THR F 518 17.32 21.28 11.87
C THR F 518 18.26 22.24 11.14
N LEU F 519 19.12 22.95 11.86
CA LEU F 519 20.03 23.94 11.30
C LEU F 519 21.46 23.40 11.32
N PRO F 520 22.33 23.88 10.44
CA PRO F 520 23.69 23.33 10.35
C PRO F 520 24.46 23.51 11.65
N ILE F 521 25.27 22.49 11.98
CA ILE F 521 26.04 22.48 13.22
C ILE F 521 27.13 21.43 13.07
N VAL F 522 28.27 21.68 13.69
CA VAL F 522 29.42 20.77 13.60
C VAL F 522 29.93 20.49 15.00
N PRO F 523 30.58 19.35 15.20
CA PRO F 523 31.15 19.04 16.52
C PRO F 523 32.22 20.04 16.91
N SER F 524 32.34 20.28 18.22
CA SER F 524 33.26 21.27 18.74
C SER F 524 33.70 20.86 20.14
N LEU F 525 34.47 21.75 20.76
CA LEU F 525 35.04 21.53 22.09
C LEU F 525 34.87 22.80 22.90
N LYS F 526 34.79 22.67 24.22
CA LYS F 526 34.54 23.82 25.09
C LYS F 526 35.31 23.70 26.40
N ILE F 527 35.62 24.86 26.97
CA ILE F 527 36.30 24.97 28.26
C ILE F 527 35.62 26.06 29.06
N CYS F 528 35.27 25.75 30.30
CA CYS F 528 34.53 26.68 31.16
C CYS F 528 35.38 27.12 32.33
N CYS F 529 34.98 28.22 32.95
CA CYS F 529 35.67 28.77 34.10
C CYS F 529 34.65 29.43 35.03
N ASN F 530 35.01 29.56 36.29
CA ASN F 530 34.13 30.12 37.30
C ASN F 530 34.88 31.18 38.09
N ALA F 531 34.27 31.68 39.16
CA ALA F 531 34.79 32.80 39.92
C ALA F 531 35.56 32.39 41.17
N ALA F 532 35.72 31.10 41.43
CA ALA F 532 36.43 30.63 42.61
C ALA F 532 37.84 30.15 42.30
N MET F 533 38.31 30.32 41.07
CA MET F 533 39.62 29.82 40.67
C MET F 533 40.70 30.88 40.93
N SER F 534 41.95 30.49 40.67
CA SER F 534 43.10 31.36 40.80
C SER F 534 43.85 31.47 39.48
N PRO F 535 44.44 32.63 39.18
CA PRO F 535 45.07 32.82 37.86
C PRO F 535 46.18 31.83 37.55
N GLU F 536 47.00 31.47 38.54
CA GLU F 536 48.16 30.61 38.27
C GLU F 536 47.72 29.23 37.82
N GLU F 537 46.76 28.62 38.52
CA GLU F 537 46.29 27.30 38.14
C GLU F 537 45.59 27.34 36.79
N LEU F 538 44.87 28.44 36.50
CA LEU F 538 44.23 28.57 35.20
C LEU F 538 45.26 28.63 34.08
N LYS F 539 46.34 29.39 34.28
CA LYS F 539 47.40 29.45 33.28
C LYS F 539 48.06 28.09 33.09
N ASN F 540 48.29 27.38 34.19
CA ASN F 540 48.88 26.03 34.09
C ASN F 540 47.96 25.10 33.31
N ALA F 541 46.67 25.16 33.58
CA ALA F 541 45.71 24.32 32.86
C ALA F 541 45.67 24.67 31.38
N CYS F 542 45.74 25.97 31.07
CA CYS F 542 45.76 26.39 29.66
C CYS F 542 46.99 25.83 28.96
N GLU F 543 48.15 25.91 29.61
CA GLU F 543 49.36 25.33 29.03
C GLU F 543 49.22 23.83 28.83
N SER F 544 48.65 23.13 29.81
CA SER F 544 48.49 21.69 29.71
C SER F 544 47.58 21.32 28.54
N VAL F 545 46.45 22.02 28.39
CA VAL F 545 45.55 21.72 27.29
C VAL F 545 46.20 22.03 25.95
N LYS F 546 46.96 23.11 25.87
CA LYS F 546 47.64 23.43 24.62
C LYS F 546 48.65 22.34 24.26
N GLN F 547 49.41 21.87 25.25
CA GLN F 547 50.36 20.80 25.00
C GLN F 547 49.65 19.53 24.55
N SER F 548 48.52 19.19 25.18
CA SER F 548 47.78 18.00 24.80
C SER F 548 47.26 18.09 23.37
N ILE F 549 46.70 19.25 23.00
CA ILE F 549 46.18 19.42 21.66
C ILE F 549 47.30 19.33 20.64
N LEU F 550 48.44 19.98 20.92
CA LEU F 550 49.57 19.95 20.00
C LEU F 550 50.10 18.53 19.83
N ALA F 551 50.19 17.78 20.93
CA ALA F 551 50.69 16.41 20.84
C ALA F 551 49.74 15.51 20.07
N CYS F 552 48.43 15.65 20.31
CA CYS F 552 47.47 14.77 19.65
C CYS F 552 47.35 15.09 18.16
N CYS F 553 47.36 16.37 17.80
CA CYS F 553 47.16 16.75 16.41
C CYS F 553 48.38 16.46 15.55
N GLN F 554 49.54 16.23 16.16
CA GLN F 554 50.77 15.99 15.40
C GLN F 554 50.79 14.56 14.86
N GLU F 555 51.94 14.15 14.35
CA GLU F 555 52.16 12.85 13.71
C GLU F 555 51.32 12.70 12.45
N SER F 556 51.14 13.77 11.69
CA SER F 556 50.38 13.74 10.45
C SER F 556 51.15 12.98 9.37
N THR G 8 -1.95 46.01 49.21
CA THR G 8 -1.83 45.90 47.76
C THR G 8 -0.79 44.85 47.37
N ARG G 9 -0.11 44.29 48.37
CA ARG G 9 0.91 43.27 48.17
C ARG G 9 0.70 42.15 49.17
N VAL G 10 1.12 40.94 48.79
CA VAL G 10 0.97 39.78 49.66
C VAL G 10 1.95 39.89 50.82
N PRO G 11 1.47 39.94 52.06
CA PRO G 11 2.40 40.03 53.20
C PRO G 11 3.15 38.73 53.42
N LEU G 12 4.37 38.87 53.94
CA LEU G 12 5.20 37.73 54.30
C LEU G 12 4.92 37.40 55.77
N CYS G 13 4.34 36.22 56.01
CA CYS G 13 3.85 35.84 57.33
C CYS G 13 4.97 35.22 58.15
N GLU G 14 5.10 35.66 59.39
CA GLU G 14 6.12 35.11 60.27
C GLU G 14 5.73 33.71 60.72
N PRO G 15 6.71 32.84 60.98
CA PRO G 15 6.39 31.49 61.46
C PRO G 15 5.79 31.52 62.84
N GLU G 16 5.03 30.47 63.16
CA GLU G 16 4.38 30.34 64.45
C GLU G 16 5.21 29.47 65.38
N GLU G 17 5.40 29.94 66.61
CA GLU G 17 6.17 29.22 67.62
C GLU G 17 5.21 28.44 68.50
N LEU G 18 5.22 27.12 68.37
CA LEU G 18 4.36 26.22 69.10
C LEU G 18 5.15 25.02 69.57
N PRO G 19 4.69 24.32 70.61
CA PRO G 19 5.37 23.10 71.04
C PRO G 19 5.31 22.02 69.99
N ASP G 20 6.19 21.02 70.15
CA ASP G 20 6.34 19.98 69.14
C ASP G 20 5.05 19.18 68.96
N ASP G 21 4.38 18.84 70.06
CA ASP G 21 3.21 17.97 69.98
C ASP G 21 2.09 18.61 69.17
N ILE G 22 1.83 19.89 69.39
CA ILE G 22 0.74 20.56 68.69
C ILE G 22 1.00 20.58 67.19
N GLN G 23 2.24 20.92 66.80
CA GLN G 23 2.59 20.93 65.38
C GLN G 23 2.50 19.54 64.78
N LYS G 24 2.95 18.52 65.52
CA LYS G 24 2.89 17.16 65.01
C LYS G 24 1.43 16.73 64.79
N GLU G 25 0.54 17.08 65.72
CA GLU G 25 -0.87 16.75 65.52
C GLU G 25 -1.47 17.56 64.37
N ASN G 26 -1.03 18.79 64.17
CA ASN G 26 -1.51 19.58 63.04
C ASN G 26 -1.12 18.93 61.73
N GLU G 27 0.11 18.41 61.65
CA GLU G 27 0.57 17.82 60.39
C GLU G 27 -0.04 16.45 60.14
N TYR G 28 -0.01 15.56 61.13
CA TYR G 28 -0.50 14.20 60.98
C TYR G 28 -1.33 13.82 62.19
N GLY G 29 -2.47 13.19 61.95
CA GLY G 29 -3.41 12.86 63.01
C GLY G 29 -3.22 11.43 63.51
N THR G 30 -3.31 11.27 64.82
CA THR G 30 -3.14 9.95 65.42
C THR G 30 -4.40 9.11 65.24
N LEU G 31 -4.20 7.80 65.18
CA LEU G 31 -5.31 6.87 65.01
C LEU G 31 -6.16 6.79 66.28
N ASP G 32 -7.46 6.56 66.09
CA ASP G 32 -8.37 6.45 67.22
C ASP G 32 -8.51 5.01 67.69
N SER G 33 -8.95 4.13 66.80
CA SER G 33 -9.22 2.74 67.14
C SER G 33 -8.63 1.85 66.05
N PRO G 34 -8.19 0.64 66.39
CA PRO G 34 -7.65 -0.25 65.36
C PRO G 34 -8.69 -0.74 64.37
N GLY G 35 -9.98 -0.59 64.68
CA GLY G 35 -11.03 -1.04 63.81
C GLY G 35 -11.33 -0.14 62.63
N HIS G 36 -10.65 0.99 62.52
CA HIS G 36 -10.85 1.94 61.42
C HIS G 36 -9.85 1.73 60.29
N LEU G 37 -9.34 0.51 60.12
CA LEU G 37 -8.43 0.18 59.03
C LEU G 37 -9.09 -0.83 58.10
N TYR G 38 -8.65 -0.84 56.84
CA TYR G 38 -9.19 -1.76 55.86
C TYR G 38 -8.09 -2.22 54.92
N GLN G 39 -7.92 -3.53 54.79
CA GLN G 39 -6.93 -4.13 53.90
C GLN G 39 -7.63 -4.57 52.63
N VAL G 40 -7.20 -4.03 51.50
CA VAL G 40 -7.85 -4.30 50.23
C VAL G 40 -7.36 -5.64 49.69
N LYS G 41 -8.23 -6.31 48.95
CA LYS G 41 -7.96 -7.62 48.37
C LYS G 41 -7.74 -7.50 46.86
N SER G 42 -7.28 -8.58 46.25
CA SER G 42 -6.99 -8.59 44.83
C SER G 42 -8.24 -8.91 44.02
N ARG G 43 -8.07 -9.02 42.70
CA ARG G 43 -9.16 -9.31 41.79
C ARG G 43 -8.99 -10.62 41.03
N HIS G 44 -7.76 -11.06 40.81
CA HIS G 44 -7.45 -12.32 40.11
C HIS G 44 -7.92 -12.32 38.66
N GLY G 45 -8.22 -11.16 38.10
CA GLY G 45 -8.52 -11.04 36.69
C GLY G 45 -9.98 -11.20 36.31
N LYS G 46 -10.90 -11.26 37.28
CA LYS G 46 -12.31 -11.38 36.97
C LYS G 46 -12.77 -10.13 36.22
N PRO G 47 -13.76 -10.23 35.33
CA PRO G 47 -14.07 -9.11 34.44
C PRO G 47 -14.57 -7.89 35.19
N LEU G 48 -14.29 -6.71 34.61
CA LEU G 48 -14.69 -5.41 35.11
C LEU G 48 -15.96 -4.96 34.40
N PRO G 49 -17.07 -4.77 35.10
CA PRO G 49 -18.33 -4.46 34.45
C PRO G 49 -18.35 -3.02 33.92
N GLU G 50 -19.39 -2.71 33.15
CA GLU G 50 -19.56 -1.39 32.55
C GLU G 50 -20.10 -0.40 33.59
N PRO G 51 -19.53 0.80 33.64
CA PRO G 51 -19.96 1.78 34.63
C PRO G 51 -21.42 2.18 34.45
N VAL G 52 -22.06 2.50 35.57
CA VAL G 52 -23.45 2.96 35.59
C VAL G 52 -23.47 4.38 36.17
N VAL G 53 -24.18 5.28 35.51
CA VAL G 53 -24.22 6.69 35.89
C VAL G 53 -25.67 7.08 36.18
N ASP G 54 -25.86 7.89 37.22
CA ASP G 54 -27.19 8.37 37.57
C ASP G 54 -27.44 9.72 36.90
N THR G 55 -28.72 10.11 36.82
CA THR G 55 -29.11 11.32 36.11
C THR G 55 -30.09 12.10 36.96
N PRO G 56 -30.12 13.44 36.83
CA PRO G 56 -31.10 14.25 37.55
C PRO G 56 -32.34 14.46 36.71
N PRO G 57 -33.40 15.08 37.27
CA PRO G 57 -34.63 15.31 36.49
C PRO G 57 -34.45 16.28 35.33
N TYR G 58 -35.51 16.48 34.55
CA TYR G 58 -35.43 17.32 33.35
C TYR G 58 -35.36 18.80 33.66
N TYR G 59 -36.11 19.26 34.67
CA TYR G 59 -36.22 20.70 34.89
C TYR G 59 -34.87 21.32 35.27
N ILE G 60 -34.01 20.55 35.93
CA ILE G 60 -32.65 21.02 36.23
C ILE G 60 -31.91 21.30 34.93
N SER G 61 -32.01 20.38 33.96
CA SER G 61 -31.36 20.57 32.68
C SER G 61 -31.92 21.77 31.93
N LEU G 62 -33.25 21.94 31.97
CA LEU G 62 -33.85 23.10 31.31
C LEU G 62 -33.36 24.41 31.93
N LEU G 63 -33.32 24.47 33.26
CA LEU G 63 -32.84 25.67 33.92
C LEU G 63 -31.39 25.96 33.59
N THR G 64 -30.53 24.93 33.58
CA THR G 64 -29.13 25.17 33.26
C THR G 64 -28.91 25.47 31.78
N TYR G 65 -29.86 25.11 30.91
CA TYR G 65 -29.83 25.58 29.53
C TYR G 65 -30.19 27.05 29.39
N LEU G 66 -31.23 27.53 30.06
CA LEU G 66 -31.53 28.96 30.00
C LEU G 66 -30.45 29.80 30.70
N ASN G 67 -29.85 29.26 31.77
CA ASN G 67 -28.82 29.95 32.53
C ASN G 67 -27.58 30.28 31.71
N TYR G 68 -27.18 29.40 30.80
CA TYR G 68 -26.01 29.62 29.97
C TYR G 68 -26.35 30.40 28.70
N LEU G 69 -27.63 30.57 28.40
CA LEU G 69 -28.06 31.34 27.23
C LEU G 69 -28.18 32.83 27.58
N ILE G 70 -28.77 33.14 28.73
CA ILE G 70 -28.88 34.54 29.14
C ILE G 70 -27.51 35.16 29.30
N LEU G 71 -26.57 34.42 29.89
CA LEU G 71 -25.22 34.94 30.10
C LEU G 71 -24.52 35.25 28.78
N ILE G 72 -24.61 34.33 27.80
CA ILE G 72 -23.99 34.56 26.50
C ILE G 72 -24.62 35.72 25.74
N ILE G 73 -25.93 35.90 25.83
CA ILE G 73 -26.55 37.05 25.18
C ILE G 73 -26.05 38.34 25.81
N LEU G 74 -26.09 38.42 27.14
CA LEU G 74 -25.72 39.65 27.82
C LEU G 74 -24.24 39.99 27.65
N GLY G 75 -23.35 39.00 27.68
CA GLY G 75 -21.95 39.26 27.50
C GLY G 75 -21.65 39.90 26.16
N HIS G 76 -22.27 39.35 25.10
CA HIS G 76 -22.10 39.93 23.77
C HIS G 76 -22.67 41.34 23.69
N VAL G 77 -23.83 41.59 24.33
CA VAL G 77 -24.39 42.94 24.32
C VAL G 77 -23.42 43.93 24.96
N HIS G 78 -22.91 43.59 26.15
CA HIS G 78 -21.98 44.48 26.83
C HIS G 78 -20.71 44.69 26.01
N ASP G 79 -20.16 43.62 25.44
CA ASP G 79 -18.94 43.74 24.66
C ASP G 79 -19.15 44.66 23.47
N PHE G 80 -20.25 44.48 22.74
CA PHE G 80 -20.53 45.31 21.57
C PHE G 80 -20.65 46.77 21.97
N LEU G 81 -21.48 47.07 22.97
CA LEU G 81 -21.70 48.46 23.34
C LEU G 81 -20.40 49.11 23.82
N GLY G 82 -19.66 48.41 24.68
CA GLY G 82 -18.44 48.99 25.22
C GLY G 82 -17.38 49.24 24.16
N MET G 83 -17.20 48.28 23.25
CA MET G 83 -16.20 48.46 22.20
C MET G 83 -16.64 49.54 21.21
N THR G 84 -17.94 49.66 20.94
CA THR G 84 -18.39 50.65 19.97
C THR G 84 -18.30 52.06 20.51
N PHE G 85 -18.74 52.29 21.74
CA PHE G 85 -18.89 53.65 22.24
C PHE G 85 -17.73 54.10 23.14
N GLN G 86 -17.48 53.39 24.22
CA GLN G 86 -16.47 53.81 25.20
C GLN G 86 -15.11 53.24 24.79
N LYS G 87 -14.45 53.96 23.88
CA LYS G 87 -13.17 53.50 23.34
C LYS G 87 -12.01 53.73 24.31
N ASN G 88 -12.05 54.82 25.09
CA ASN G 88 -10.90 55.17 25.92
C ASN G 88 -10.70 54.16 27.05
N LYS G 89 -11.79 53.61 27.58
CA LYS G 89 -11.69 52.69 28.71
C LYS G 89 -11.09 51.34 28.32
N HIS G 90 -11.02 51.04 27.02
CA HIS G 90 -10.56 49.74 26.54
C HIS G 90 -9.37 49.88 25.59
N LEU G 91 -8.38 50.68 25.96
CA LEU G 91 -7.22 50.87 25.11
C LEU G 91 -6.41 49.59 24.92
N ASP G 92 -6.54 48.64 25.85
CA ASP G 92 -5.77 47.40 25.75
C ASP G 92 -6.24 46.52 24.59
N LEU G 93 -7.37 46.82 23.99
CA LEU G 93 -7.96 45.97 22.96
C LEU G 93 -7.98 46.63 21.58
N LEU G 94 -7.25 47.72 21.39
CA LEU G 94 -7.25 48.45 20.12
C LEU G 94 -5.82 48.68 19.66
N GLU G 95 -5.68 48.95 18.36
CA GLU G 95 -4.39 49.22 17.76
C GLU G 95 -3.86 50.57 18.22
N HIS G 96 -2.53 50.68 18.28
CA HIS G 96 -1.88 51.92 18.66
C HIS G 96 -0.56 52.05 17.92
N ASP G 97 -0.48 53.05 17.04
CA ASP G 97 0.73 53.35 16.27
C ASP G 97 1.21 52.13 15.48
N GLY G 98 0.26 51.48 14.83
CA GLY G 98 0.59 50.36 13.96
C GLY G 98 1.14 49.13 14.64
N LEU G 99 0.68 48.85 15.86
CA LEU G 99 1.03 47.61 16.56
C LEU G 99 -0.25 46.90 16.96
N ALA G 100 -0.32 45.61 16.65
CA ALA G 100 -1.47 44.81 17.03
C ALA G 100 -1.48 44.58 18.53
N PRO G 101 -2.66 44.38 19.12
CA PRO G 101 -2.73 44.06 20.55
C PRO G 101 -2.16 42.68 20.84
N TRP G 102 -1.82 42.46 22.10
CA TRP G 102 -1.26 41.17 22.50
C TRP G 102 -2.25 40.04 22.23
N PHE G 103 -3.54 40.27 22.48
CA PHE G 103 -4.55 39.27 22.18
C PHE G 103 -5.83 39.97 21.74
N SER G 104 -6.62 39.25 20.94
CA SER G 104 -7.88 39.77 20.44
C SER G 104 -9.00 39.53 21.45
N ASN G 105 -10.10 40.26 21.27
CA ASN G 105 -11.21 40.18 22.20
C ASN G 105 -11.96 38.85 22.14
N PHE G 106 -12.05 38.24 20.95
CA PHE G 106 -12.84 37.02 20.82
C PHE G 106 -12.20 35.85 21.57
N GLU G 107 -10.87 35.75 21.54
CA GLU G 107 -10.20 34.63 22.19
C GLU G 107 -10.40 34.63 23.69
N SER G 108 -10.42 35.81 24.32
CA SER G 108 -10.56 35.94 25.76
C SER G 108 -11.99 36.29 26.18
N PHE G 109 -12.98 35.75 25.48
CA PHE G 109 -14.37 36.07 25.78
C PHE G 109 -14.89 35.38 27.04
N TYR G 110 -14.40 34.20 27.37
CA TYR G 110 -14.87 33.48 28.55
C TYR G 110 -14.11 33.84 29.82
N VAL G 111 -12.86 34.28 29.71
CA VAL G 111 -12.11 34.67 30.90
C VAL G 111 -12.69 35.96 31.49
N ARG G 112 -13.15 36.88 30.64
CA ARG G 112 -13.59 38.19 31.11
C ARG G 112 -15.08 38.23 31.46
N ARG G 113 -15.91 37.42 30.81
CA ARG G 113 -17.35 37.63 30.91
C ARG G 113 -18.01 36.69 31.91
N ILE G 114 -17.58 35.44 31.98
CA ILE G 114 -18.19 34.46 32.86
C ILE G 114 -17.23 34.03 33.98
N LYS G 115 -15.95 33.90 33.66
CA LYS G 115 -14.97 33.45 34.65
C LYS G 115 -14.60 34.57 35.63
N MET G 116 -14.68 35.82 35.19
CA MET G 116 -14.16 36.93 35.99
C MET G 116 -14.92 37.08 37.30
N ARG G 117 -16.24 36.88 37.27
CA ARG G 117 -17.05 37.02 38.47
C ARG G 117 -16.78 35.94 39.51
N ILE G 118 -15.94 34.96 39.19
CA ILE G 118 -15.71 33.82 40.06
C ILE G 118 -14.23 33.72 40.45
N ASP G 119 -13.43 34.75 40.13
CA ASP G 119 -11.99 34.67 40.35
C ASP G 119 -11.61 34.58 41.81
N ASP G 120 -12.53 34.85 42.74
CA ASP G 120 -12.22 34.76 44.15
C ASP G 120 -12.24 33.33 44.68
N CYS G 121 -12.77 32.38 43.92
CA CYS G 121 -12.86 30.99 44.36
C CYS G 121 -11.82 30.09 43.70
N PHE G 122 -10.82 30.64 43.03
CA PHE G 122 -9.86 29.84 42.27
C PHE G 122 -8.46 29.90 42.85
N SER G 123 -7.88 31.08 43.00
CA SER G 123 -6.51 31.24 43.47
C SER G 123 -6.52 31.82 44.86
N ARG G 124 -6.05 31.06 45.84
CA ARG G 124 -6.03 31.49 47.24
C ARG G 124 -4.63 31.27 47.80
N PRO G 125 -3.92 32.32 48.20
CA PRO G 125 -2.59 32.12 48.76
C PRO G 125 -2.65 31.48 50.14
N THR G 126 -1.69 30.59 50.40
CA THR G 126 -1.58 29.90 51.68
C THR G 126 -0.16 30.03 52.20
N THR G 127 0.09 29.44 53.36
CA THR G 127 1.42 29.44 53.95
C THR G 127 1.58 28.21 54.83
N GLY G 128 2.83 27.82 55.06
CA GLY G 128 3.12 26.66 55.88
C GLY G 128 3.02 25.36 55.11
N VAL G 129 3.27 24.28 55.82
CA VAL G 129 3.22 22.94 55.23
C VAL G 129 1.76 22.55 55.04
N PRO G 130 1.37 22.05 53.85
CA PRO G 130 0.00 21.56 53.67
C PRO G 130 -0.17 20.18 54.29
N GLY G 131 -0.87 20.13 55.42
CA GLY G 131 -1.14 18.87 56.09
C GLY G 131 -2.63 18.59 56.11
N ARG G 132 -3.17 18.24 57.27
CA ARG G 132 -4.60 18.08 57.41
C ARG G 132 -5.29 19.38 57.82
N PHE G 133 -4.52 20.38 58.23
CA PHE G 133 -5.02 21.73 58.47
C PHE G 133 -4.11 22.70 57.74
N ILE G 134 -4.69 23.55 56.88
CA ILE G 134 -3.93 24.47 56.05
C ILE G 134 -4.26 25.90 56.48
N ARG G 135 -3.23 26.74 56.53
CA ARG G 135 -3.38 28.13 56.91
C ARG G 135 -3.53 29.00 55.67
N CYS G 136 -4.58 29.81 55.64
CA CYS G 136 -4.90 30.63 54.48
C CYS G 136 -4.80 32.11 54.85
N ILE G 137 -4.36 32.91 53.89
CA ILE G 137 -4.25 34.36 54.06
C ILE G 137 -5.60 35.00 53.80
N ASP G 138 -5.97 35.97 54.64
CA ASP G 138 -7.23 36.67 54.51
C ASP G 138 -7.09 37.83 53.54
N ARG G 139 -8.07 37.97 52.64
CA ARG G 139 -8.05 39.02 51.63
C ARG G 139 -9.45 39.58 51.43
N ILE G 140 -9.51 40.81 50.94
CA ILE G 140 -10.75 41.54 50.72
C ILE G 140 -10.84 41.93 49.26
N SER G 141 -12.02 41.78 48.66
CA SER G 141 -12.22 42.04 47.25
C SER G 141 -12.70 43.46 47.02
N HIS G 142 -12.14 44.13 46.02
CA HIS G 142 -12.54 45.46 45.61
C HIS G 142 -13.00 45.43 44.15
N ASN G 143 -13.89 46.37 43.81
CA ASN G 143 -14.51 46.45 42.48
C ASN G 143 -15.19 45.11 42.24
N ILE G 144 -14.90 44.41 41.14
CA ILE G 144 -15.34 43.02 40.98
C ILE G 144 -14.13 42.15 40.68
N ASN G 145 -13.48 41.65 41.73
CA ASN G 145 -12.31 40.78 41.63
C ASN G 145 -11.25 41.36 40.70
N GLU G 146 -11.07 42.68 40.73
CA GLU G 146 -10.04 43.31 39.91
C GLU G 146 -8.71 43.37 40.66
N TYR G 147 -8.73 43.74 41.93
CA TYR G 147 -7.55 43.71 42.78
C TYR G 147 -8.00 43.50 44.22
N PHE G 148 -7.06 43.08 45.05
CA PHE G 148 -7.37 42.69 46.43
C PHE G 148 -6.51 43.46 47.42
N THR G 149 -7.02 43.56 48.64
CA THR G 149 -6.32 44.21 49.75
C THR G 149 -6.22 43.23 50.90
N TYR G 150 -5.02 43.09 51.47
CA TYR G 150 -4.73 42.07 52.45
C TYR G 150 -4.43 42.72 53.79
N SER G 151 -5.05 42.20 54.85
CA SER G 151 -4.91 42.76 56.20
C SER G 151 -3.90 42.02 57.05
N GLY G 152 -3.21 41.02 56.50
CA GLY G 152 -2.21 40.28 57.26
C GLY G 152 -2.75 39.45 58.40
N ALA G 153 -3.84 38.72 58.17
CA ALA G 153 -4.43 37.84 59.17
C ALA G 153 -4.57 36.44 58.59
N VAL G 154 -4.32 35.43 59.41
CA VAL G 154 -4.36 34.04 58.96
C VAL G 154 -5.26 33.25 59.89
N TYR G 155 -5.82 32.16 59.36
CA TYR G 155 -6.70 31.27 60.11
C TYR G 155 -6.57 29.87 59.55
N PRO G 156 -6.77 28.85 60.38
CA PRO G 156 -6.66 27.46 59.90
C PRO G 156 -7.95 26.96 59.27
N CYS G 157 -7.77 26.11 58.25
CA CYS G 157 -8.90 25.48 57.58
C CYS G 157 -8.55 24.03 57.29
N MET G 158 -9.59 23.20 57.20
CA MET G 158 -9.41 21.81 56.79
C MET G 158 -9.27 21.74 55.28
N ASN G 159 -8.31 20.97 54.80
CA ASN G 159 -8.00 20.91 53.37
C ASN G 159 -8.44 19.57 52.79
N LEU G 160 -9.26 19.64 51.75
CA LEU G 160 -9.65 18.49 50.95
C LEU G 160 -9.32 18.74 49.49
N SER G 161 -8.18 19.38 49.23
CA SER G 161 -7.84 19.80 47.88
C SER G 161 -6.36 19.62 47.53
N SER G 162 -5.57 19.00 48.39
CA SER G 162 -4.13 18.87 48.17
C SER G 162 -3.77 17.44 47.83
N TYR G 163 -2.75 17.29 46.99
CA TYR G 163 -2.30 15.98 46.51
C TYR G 163 -1.25 15.42 47.47
N ASN G 164 -1.72 14.91 48.61
CA ASN G 164 -0.88 14.13 49.51
C ASN G 164 -1.67 12.92 50.02
N TYR G 165 -1.69 11.87 49.21
CA TYR G 165 -2.52 10.72 49.50
C TYR G 165 -2.03 9.95 50.72
N LEU G 166 -0.72 9.75 50.82
CA LEU G 166 -0.15 8.97 51.91
C LEU G 166 0.38 9.84 53.05
N GLY G 167 0.19 11.15 52.98
CA GLY G 167 0.61 12.02 54.07
C GLY G 167 2.11 12.09 54.28
N PHE G 168 2.89 12.27 53.22
CA PHE G 168 4.33 12.41 53.33
C PHE G 168 4.77 13.87 53.40
N ALA G 169 3.84 14.82 53.40
CA ALA G 169 4.16 16.24 53.47
C ALA G 169 4.26 16.63 54.95
N GLN G 170 5.47 16.52 55.49
CA GLN G 170 5.70 16.80 56.91
C GLN G 170 7.01 17.57 57.05
N SER G 171 7.13 18.27 58.17
CA SER G 171 8.35 19.00 58.51
C SER G 171 9.17 18.34 59.61
N LYS G 172 8.68 17.24 60.19
CA LYS G 172 9.40 16.51 61.22
C LYS G 172 9.23 15.02 60.96
N GLY G 173 10.30 14.36 60.55
CA GLY G 173 10.25 12.94 60.25
C GLY G 173 11.57 12.46 59.70
N GLN G 174 11.59 11.18 59.34
CA GLN G 174 12.81 10.58 58.81
C GLN G 174 13.16 11.17 57.44
N CYS G 175 12.15 11.42 56.61
CA CYS G 175 12.42 12.00 55.29
C CYS G 175 13.00 13.40 55.40
N THR G 176 12.49 14.21 56.32
CA THR G 176 13.05 15.54 56.54
C THR G 176 14.48 15.46 57.05
N ASP G 177 14.76 14.52 57.95
CA ASP G 177 16.13 14.32 58.42
C ASP G 177 17.05 13.96 57.27
N ALA G 178 16.61 13.05 56.40
CA ALA G 178 17.42 12.67 55.25
C ALA G 178 17.66 13.84 54.32
N ALA G 179 16.63 14.66 54.10
CA ALA G 179 16.79 15.83 53.24
C ALA G 179 17.79 16.82 53.82
N LEU G 180 17.72 17.07 55.13
CA LEU G 180 18.67 17.97 55.77
C LEU G 180 20.09 17.42 55.71
N GLU G 181 20.24 16.11 55.93
CA GLU G 181 21.56 15.49 55.83
C GLU G 181 22.11 15.60 54.41
N SER G 182 21.25 15.41 53.41
CA SER G 182 21.68 15.55 52.02
C SER G 182 22.11 16.98 51.72
N VAL G 183 21.37 17.96 52.24
CA VAL G 183 21.75 19.36 52.06
C VAL G 183 23.12 19.60 52.69
N ASP G 184 23.37 19.04 53.86
CA ASP G 184 24.67 19.18 54.50
C ASP G 184 25.78 18.53 53.69
N LYS G 185 25.50 17.36 53.12
CA LYS G 185 26.53 16.61 52.39
C LYS G 185 26.71 17.14 50.97
N TYR G 186 25.67 17.07 50.16
CA TYR G 186 25.66 17.63 48.82
C TYR G 186 25.09 19.04 48.86
N SER G 187 25.68 19.94 48.08
CA SER G 187 25.15 21.29 47.99
C SER G 187 23.85 21.30 47.18
N ILE G 188 23.20 22.46 47.12
CA ILE G 188 21.96 22.58 46.38
C ILE G 188 22.17 22.78 44.88
N GLN G 189 23.41 22.94 44.44
CA GLN G 189 23.69 23.26 43.04
C GLN G 189 24.06 22.00 42.26
N SER G 190 23.71 22.00 40.98
CA SER G 190 23.99 20.89 40.08
C SER G 190 24.90 21.39 38.96
N GLY G 191 25.73 20.48 38.44
CA GLY G 191 26.73 20.88 37.46
C GLY G 191 26.12 21.33 36.14
N GLY G 192 25.15 20.57 35.63
CA GLY G 192 24.58 20.85 34.33
C GLY G 192 23.92 19.63 33.72
N PRO G 193 23.87 19.58 32.39
CA PRO G 193 23.24 18.45 31.72
C PRO G 193 23.91 17.14 32.09
N ARG G 194 23.10 16.09 32.26
CA ARG G 194 23.60 14.82 32.75
C ARG G 194 24.59 14.15 31.81
N ALA G 195 24.57 14.53 30.53
CA ALA G 195 25.49 13.92 29.56
C ALA G 195 26.91 14.42 29.71
N GLN G 196 27.13 15.54 30.38
CA GLN G 196 28.47 16.10 30.55
C GLN G 196 28.92 16.22 31.99
N ILE G 197 28.05 16.67 32.90
CA ILE G 197 28.37 16.74 34.32
C ILE G 197 27.07 16.96 35.09
N GLY G 198 26.95 16.34 36.26
CA GLY G 198 25.75 16.48 37.05
C GLY G 198 25.16 15.16 37.48
N THR G 199 25.85 14.06 37.17
CA THR G 199 25.43 12.73 37.58
C THR G 199 26.26 12.30 38.78
N THR G 200 25.58 11.88 39.84
CA THR G 200 26.22 11.41 41.06
C THR G 200 25.70 10.02 41.40
N ASP G 201 26.34 9.38 42.37
CA ASP G 201 25.93 8.04 42.78
C ASP G 201 24.50 7.99 43.29
N LEU G 202 24.01 9.10 43.86
CA LEU G 202 22.62 9.15 44.31
C LEU G 202 21.66 8.93 43.15
N HIS G 203 21.98 9.49 41.97
CA HIS G 203 21.12 9.31 40.81
C HIS G 203 21.01 7.85 40.43
N ILE G 204 22.14 7.16 40.32
CA ILE G 204 22.12 5.75 39.93
C ILE G 204 21.40 4.91 40.99
N LYS G 205 21.64 5.21 42.27
CA LYS G 205 20.94 4.51 43.33
C LYS G 205 19.43 4.69 43.22
N ALA G 206 18.98 5.91 42.95
CA ALA G 206 17.55 6.17 42.84
C ALA G 206 16.94 5.45 41.65
N GLU G 207 17.63 5.45 40.50
CA GLU G 207 17.10 4.75 39.34
C GLU G 207 16.99 3.25 39.60
N LYS G 208 18.03 2.66 40.21
CA LYS G 208 17.98 1.23 40.52
C LYS G 208 16.86 0.91 41.50
N LEU G 209 16.69 1.76 42.52
CA LEU G 209 15.64 1.51 43.50
C LEU G 209 14.26 1.60 42.87
N VAL G 210 14.05 2.59 42.00
CA VAL G 210 12.76 2.72 41.32
C VAL G 210 12.50 1.52 40.42
N ALA G 211 13.53 1.09 39.67
CA ALA G 211 13.36 -0.06 38.79
C ALA G 211 13.01 -1.32 39.57
N ARG G 212 13.67 -1.54 40.72
CA ARG G 212 13.33 -2.69 41.54
C ARG G 212 11.92 -2.58 42.12
N PHE G 213 11.53 -1.38 42.56
CA PHE G 213 10.22 -1.20 43.18
C PHE G 213 9.10 -1.45 42.19
N ILE G 214 9.24 -0.93 40.97
CA ILE G 214 8.17 -1.10 39.98
C ILE G 214 8.11 -2.54 39.48
N GLY G 215 9.25 -3.21 39.37
CA GLY G 215 9.31 -4.56 38.87
C GLY G 215 9.87 -4.69 37.47
N LYS G 216 10.31 -3.59 36.85
CA LYS G 216 10.92 -3.64 35.52
C LYS G 216 12.40 -3.96 35.65
N GLU G 217 13.15 -3.81 34.57
CA GLU G 217 14.57 -4.12 34.55
C GLU G 217 15.46 -2.89 34.60
N ASP G 218 15.02 -1.75 34.06
CA ASP G 218 15.83 -0.53 34.07
C ASP G 218 14.88 0.64 33.96
N ALA G 219 15.37 1.82 34.37
CA ALA G 219 14.52 3.00 34.43
C ALA G 219 15.38 4.25 34.30
N LEU G 220 14.68 5.38 34.16
CA LEU G 220 15.31 6.70 34.08
C LEU G 220 14.54 7.67 34.95
N VAL G 221 15.22 8.72 35.41
CA VAL G 221 14.65 9.70 36.33
C VAL G 221 14.83 11.09 35.75
N PHE G 222 13.75 11.88 35.78
CA PHE G 222 13.75 13.23 35.23
C PHE G 222 13.29 14.21 36.31
N SER G 223 13.63 15.48 36.10
CA SER G 223 13.36 16.51 37.10
C SER G 223 11.94 17.06 37.01
N MET G 224 11.24 16.85 35.89
CA MET G 224 9.90 17.37 35.71
C MET G 224 9.08 16.37 34.92
N GLY G 225 7.79 16.30 35.23
CA GLY G 225 6.90 15.34 34.60
C GLY G 225 6.29 15.82 33.29
N TYR G 226 5.83 17.08 33.29
CA TYR G 226 5.28 17.66 32.08
C TYR G 226 6.32 17.65 30.96
N GLY G 227 7.56 18.04 31.26
CA GLY G 227 8.61 17.96 30.27
C GLY G 227 8.89 16.55 29.83
N THR G 228 8.81 15.59 30.76
CA THR G 228 9.01 14.19 30.42
C THR G 228 8.02 13.75 29.35
N ASN G 229 6.74 13.99 29.58
CA ASN G 229 5.74 13.59 28.58
C ASN G 229 5.88 14.41 27.29
N ALA G 230 6.20 15.69 27.41
CA ALA G 230 6.25 16.54 26.21
C ALA G 230 7.46 16.23 25.33
N ASN G 231 8.50 15.61 25.89
CA ASN G 231 9.69 15.30 25.13
C ASN G 231 9.90 13.81 24.89
N LEU G 232 9.07 12.95 25.45
CA LEU G 232 9.29 11.52 25.29
C LEU G 232 8.97 11.03 23.87
N PHE G 233 7.92 11.56 23.26
CA PHE G 233 7.34 10.91 22.09
C PHE G 233 8.15 11.11 20.81
N ASN G 234 8.81 12.26 20.65
CA ASN G 234 9.47 12.54 19.38
C ASN G 234 10.73 11.71 19.16
N ALA G 235 11.18 10.96 20.17
CA ALA G 235 12.43 10.21 20.02
C ALA G 235 12.27 9.01 19.08
N PHE G 236 11.09 8.40 19.03
CA PHE G 236 10.91 7.17 18.28
C PHE G 236 9.70 7.18 17.35
N LEU G 237 8.93 8.27 17.31
CA LEU G 237 7.77 8.35 16.44
C LEU G 237 8.06 9.31 15.28
N ASP G 238 7.33 9.13 14.19
CA ASP G 238 7.63 9.81 12.94
C ASP G 238 6.29 10.06 12.22
N LYS G 239 6.35 10.75 11.08
CA LYS G 239 5.14 11.09 10.34
C LYS G 239 4.42 9.86 9.82
N LYS G 240 5.12 8.74 9.66
CA LYS G 240 4.53 7.54 9.06
C LYS G 240 3.87 6.62 10.07
N CYS G 241 3.92 6.95 11.37
CA CYS G 241 3.34 6.10 12.40
C CYS G 241 1.95 6.58 12.76
N LEU G 242 1.26 5.79 13.59
CA LEU G 242 -0.10 6.09 14.02
C LEU G 242 -0.20 5.96 15.53
N VAL G 243 -0.94 6.90 16.14
CA VAL G 243 -1.14 6.94 17.58
C VAL G 243 -2.64 6.88 17.84
N ILE G 244 -3.07 5.90 18.62
CA ILE G 244 -4.47 5.75 19.01
C ILE G 244 -4.56 6.03 20.50
N SER G 245 -5.38 7.03 20.86
CA SER G 245 -5.44 7.49 22.24
C SER G 245 -6.89 7.78 22.62
N ASP G 246 -7.13 7.80 23.93
CA ASP G 246 -8.44 8.12 24.46
C ASP G 246 -8.77 9.58 24.21
N GLU G 247 -9.99 9.98 24.58
CA GLU G 247 -10.43 11.35 24.42
C GLU G 247 -10.27 12.19 25.68
N LEU G 248 -9.81 11.60 26.78
CA LEU G 248 -9.69 12.30 28.05
C LEU G 248 -8.28 12.24 28.60
N ASN G 249 -7.27 12.32 27.72
CA ASN G 249 -5.89 12.27 28.16
C ASN G 249 -5.42 13.64 28.65
N HIS G 250 -4.28 13.62 29.34
CA HIS G 250 -3.72 14.86 29.88
C HIS G 250 -3.15 15.72 28.77
N THR G 251 -2.89 16.99 29.11
CA THR G 251 -2.40 17.94 28.11
C THR G 251 -0.97 17.62 27.69
N SER G 252 -0.15 17.07 28.60
CA SER G 252 1.24 16.80 28.27
C SER G 252 1.35 15.77 27.16
N ILE G 253 0.51 14.73 27.19
CA ILE G 253 0.51 13.74 26.12
C ILE G 253 0.13 14.39 24.79
N ARG G 254 -0.88 15.26 24.81
CA ARG G 254 -1.30 15.93 23.58
C ARG G 254 -0.17 16.79 23.02
N THR G 255 0.54 17.52 23.88
CA THR G 255 1.66 18.34 23.40
C THR G 255 2.78 17.46 22.84
N GLY G 256 3.09 16.36 23.51
CA GLY G 256 4.12 15.47 23.00
C GLY G 256 3.78 14.88 21.66
N VAL G 257 2.52 14.47 21.49
CA VAL G 257 2.10 13.90 20.21
C VAL G 257 2.11 14.97 19.12
N ARG G 258 1.73 16.21 19.46
CA ARG G 258 1.78 17.29 18.48
C ARG G 258 3.21 17.54 18.03
N LEU G 259 4.16 17.55 18.97
CA LEU G 259 5.55 17.77 18.60
C LEU G 259 6.12 16.60 17.80
N SER G 260 5.67 15.37 18.08
CA SER G 260 6.20 14.21 17.36
C SER G 260 5.87 14.28 15.88
N GLY G 261 4.63 14.63 15.54
CA GLY G 261 4.22 14.77 14.16
C GLY G 261 3.46 13.60 13.56
N ALA G 262 3.14 12.58 14.36
CA ALA G 262 2.46 11.41 13.84
C ALA G 262 0.95 11.64 13.74
N ALA G 263 0.27 10.71 13.09
CA ALA G 263 -1.18 10.79 12.94
C ALA G 263 -1.86 10.37 14.24
N VAL G 264 -3.04 10.95 14.48
CA VAL G 264 -3.76 10.78 15.73
C VAL G 264 -5.17 10.30 15.44
N ARG G 265 -5.62 9.28 16.16
CA ARG G 265 -6.99 8.81 16.10
C ARG G 265 -7.51 8.61 17.52
N THR G 266 -8.76 8.96 17.75
CA THR G 266 -9.33 8.97 19.09
C THR G 266 -10.58 8.12 19.15
N PHE G 267 -10.82 7.51 20.32
CA PHE G 267 -11.99 6.67 20.55
C PHE G 267 -12.70 7.11 21.81
N LYS G 268 -13.98 6.76 21.91
CA LYS G 268 -14.83 7.21 23.01
C LYS G 268 -14.42 6.52 24.31
N HIS G 269 -14.60 7.24 25.42
CA HIS G 269 -14.19 6.74 26.72
C HIS G 269 -15.01 5.52 27.11
N GLY G 270 -14.32 4.43 27.44
CA GLY G 270 -14.96 3.22 27.93
C GLY G 270 -15.49 2.28 26.88
N ASP G 271 -15.29 2.57 25.60
CA ASP G 271 -15.77 1.73 24.51
C ASP G 271 -14.62 0.87 24.01
N MET G 272 -14.79 -0.45 24.06
CA MET G 272 -13.77 -1.36 23.54
C MET G 272 -14.16 -1.95 22.19
N VAL G 273 -15.45 -2.12 21.93
CA VAL G 273 -15.89 -2.55 20.60
C VAL G 273 -15.48 -1.52 19.56
N GLY G 274 -15.69 -0.24 19.88
CA GLY G 274 -15.25 0.81 18.97
C GLY G 274 -13.74 0.83 18.79
N LEU G 275 -12.99 0.55 19.87
CA LEU G 275 -11.54 0.50 19.76
C LEU G 275 -11.10 -0.62 18.84
N GLU G 276 -11.70 -1.80 18.98
CA GLU G 276 -11.34 -2.93 18.11
C GLU G 276 -11.70 -2.64 16.67
N LYS G 277 -12.88 -2.06 16.44
CA LYS G 277 -13.27 -1.70 15.08
C LYS G 277 -12.30 -0.67 14.48
N LEU G 278 -11.90 0.32 15.28
CA LEU G 278 -10.96 1.32 14.79
C LEU G 278 -9.61 0.71 14.45
N ILE G 279 -9.12 -0.20 15.29
CA ILE G 279 -7.83 -0.83 15.03
C ILE G 279 -7.91 -1.65 13.74
N ARG G 280 -8.97 -2.43 13.58
CA ARG G 280 -9.12 -3.25 12.36
C ARG G 280 -9.18 -2.36 11.12
N GLU G 281 -9.98 -1.29 11.19
CA GLU G 281 -10.11 -0.38 10.05
C GLU G 281 -8.78 0.28 9.72
N GLN G 282 -8.04 0.75 10.74
CA GLN G 282 -6.80 1.45 10.48
C GLN G 282 -5.74 0.51 9.92
N ILE G 283 -5.75 -0.75 10.35
CA ILE G 283 -4.85 -1.73 9.73
C ILE G 283 -5.21 -1.93 8.27
N VAL G 284 -6.51 -2.01 7.96
CA VAL G 284 -6.92 -2.29 6.59
C VAL G 284 -6.59 -1.12 5.67
N LEU G 285 -6.94 0.12 6.05
CA LEU G 285 -6.84 1.23 5.12
C LEU G 285 -5.38 1.60 4.81
N GLY G 286 -4.58 1.81 5.84
CA GLY G 286 -3.21 2.24 5.63
C GLY G 286 -3.05 3.75 5.65
N GLN G 287 -1.94 4.20 5.07
CA GLN G 287 -1.60 5.61 5.10
C GLN G 287 -2.57 6.43 4.25
N PRO G 288 -2.76 7.71 4.59
CA PRO G 288 -3.65 8.55 3.80
C PRO G 288 -3.06 8.90 2.45
N LYS G 289 -3.90 8.82 1.41
CA LYS G 289 -3.62 9.22 0.04
C LYS G 289 -2.61 8.34 -0.68
N THR G 290 -2.02 7.36 0.00
CA THR G 290 -1.09 6.44 -0.66
C THR G 290 -1.47 4.99 -0.36
N ASN G 291 -2.16 4.79 0.76
CA ASN G 291 -2.68 3.48 1.15
C ASN G 291 -1.56 2.45 1.31
N ARG G 292 -0.41 2.91 1.79
CA ARG G 292 0.65 2.01 2.17
C ARG G 292 0.56 1.69 3.66
N PRO G 293 1.06 0.54 4.10
CA PRO G 293 0.90 0.15 5.51
C PRO G 293 1.67 1.08 6.46
N TRP G 294 1.13 1.22 7.66
CA TRP G 294 1.81 1.97 8.71
C TRP G 294 3.07 1.25 9.16
N LYS G 295 4.04 2.02 9.64
CA LYS G 295 5.25 1.42 10.18
C LYS G 295 5.03 0.82 11.55
N LYS G 296 4.21 1.48 12.38
CA LYS G 296 3.90 0.95 13.71
C LYS G 296 2.63 1.63 14.22
N ILE G 297 2.06 1.04 15.26
CA ILE G 297 0.87 1.56 15.92
C ILE G 297 1.09 1.53 17.42
N LEU G 298 0.72 2.61 18.11
CA LEU G 298 0.92 2.76 19.53
C LEU G 298 -0.39 3.14 20.21
N ILE G 299 -0.64 2.54 21.37
CA ILE G 299 -1.86 2.77 22.15
C ILE G 299 -1.49 3.50 23.43
N CYS G 300 -2.05 4.69 23.61
CA CYS G 300 -1.81 5.50 24.80
C CYS G 300 -3.05 5.53 25.67
N ALA G 301 -2.88 5.24 26.96
CA ALA G 301 -3.96 5.25 27.92
C ALA G 301 -3.45 5.77 29.25
N GLU G 302 -4.38 6.00 30.17
CA GLU G 302 -4.08 6.54 31.48
C GLU G 302 -4.61 5.60 32.55
N GLY G 303 -3.81 5.42 33.61
CA GLY G 303 -4.17 4.44 34.63
C GLY G 303 -5.43 4.82 35.38
N LEU G 304 -5.44 5.99 36.01
CA LEU G 304 -6.61 6.45 36.76
C LEU G 304 -6.88 7.90 36.37
N PHE G 305 -8.14 8.20 36.08
CA PHE G 305 -8.55 9.50 35.58
C PHE G 305 -9.03 10.35 36.75
N SER G 306 -8.40 11.51 36.93
CA SER G 306 -8.69 12.34 38.10
C SER G 306 -10.06 13.01 37.99
N MET G 307 -10.48 13.39 36.78
CA MET G 307 -11.75 14.09 36.64
C MET G 307 -12.94 13.17 36.87
N GLU G 308 -12.79 11.88 36.62
CA GLU G 308 -13.88 10.93 36.76
C GLU G 308 -13.69 9.93 37.90
N GLY G 309 -12.46 9.65 38.29
CA GLY G 309 -12.21 8.65 39.32
C GLY G 309 -12.56 7.24 38.90
N THR G 310 -12.23 6.84 37.68
CA THR G 310 -12.52 5.51 37.18
C THR G 310 -11.24 4.87 36.66
N LEU G 311 -11.25 3.54 36.63
CA LEU G 311 -10.10 2.75 36.20
C LEU G 311 -10.27 2.31 34.75
N CYS G 312 -9.15 2.03 34.11
CA CYS G 312 -9.14 1.49 32.76
C CYS G 312 -9.08 -0.03 32.79
N ASN G 313 -9.70 -0.66 31.80
CA ASN G 313 -9.75 -2.12 31.69
C ASN G 313 -8.46 -2.57 31.01
N LEU G 314 -7.47 -2.95 31.82
CA LEU G 314 -6.15 -3.32 31.32
C LEU G 314 -6.10 -4.70 30.65
N PRO G 315 -6.75 -5.75 31.21
CA PRO G 315 -6.68 -7.06 30.54
C PRO G 315 -7.18 -7.06 29.11
N LYS G 316 -8.24 -6.31 28.81
CA LYS G 316 -8.74 -6.26 27.44
C LYS G 316 -7.72 -5.59 26.52
N LEU G 317 -7.08 -4.51 26.99
CA LEU G 317 -6.04 -3.87 26.19
C LEU G 317 -4.87 -4.82 25.93
N VAL G 318 -4.46 -5.57 26.95
CA VAL G 318 -3.37 -6.53 26.78
C VAL G 318 -3.77 -7.60 25.76
N GLU G 319 -4.99 -8.10 25.86
CA GLU G 319 -5.47 -9.11 24.90
C GLU G 319 -5.46 -8.57 23.49
N LEU G 320 -5.96 -7.34 23.30
CA LEU G 320 -6.01 -6.76 21.97
C LEU G 320 -4.62 -6.52 21.40
N LYS G 321 -3.69 -6.03 22.23
CA LYS G 321 -2.34 -5.78 21.73
C LYS G 321 -1.61 -7.08 21.42
N LYS G 322 -1.90 -8.15 22.17
CA LYS G 322 -1.32 -9.45 21.84
C LYS G 322 -1.89 -9.99 20.54
N LYS G 323 -3.20 -9.80 20.32
CA LYS G 323 -3.84 -10.35 19.13
C LYS G 323 -3.41 -9.61 17.87
N TYR G 324 -3.40 -8.28 17.91
CA TYR G 324 -3.20 -7.47 16.71
C TYR G 324 -1.78 -6.93 16.58
N LYS G 325 -0.86 -7.34 17.45
CA LYS G 325 0.54 -6.93 17.40
C LYS G 325 0.67 -5.41 17.47
N CYS G 326 0.23 -4.84 18.58
CA CYS G 326 0.32 -3.42 18.84
C CYS G 326 1.07 -3.17 20.15
N TYR G 327 1.51 -1.93 20.33
CA TYR G 327 2.28 -1.54 21.50
C TYR G 327 1.40 -0.73 22.45
N LEU G 328 1.79 -0.73 23.73
CA LEU G 328 0.96 -0.16 24.78
C LEU G 328 1.78 0.80 25.64
N PHE G 329 1.21 1.97 25.91
CA PHE G 329 1.82 2.98 26.78
C PHE G 329 0.82 3.35 27.86
N ILE G 330 1.24 3.30 29.11
CA ILE G 330 0.35 3.50 30.25
C ILE G 330 0.85 4.69 31.07
N ASP G 331 -0.04 5.63 31.35
CA ASP G 331 0.23 6.81 32.16
C ASP G 331 -0.44 6.61 33.51
N GLU G 332 0.36 6.53 34.57
CA GLU G 332 -0.18 6.32 35.91
C GLU G 332 0.60 7.16 36.93
N ALA G 333 0.10 8.37 37.18
CA ALA G 333 0.64 9.24 38.21
C ALA G 333 -0.22 9.33 39.46
N HIS G 334 -1.52 9.05 39.35
CA HIS G 334 -2.43 9.08 40.49
C HIS G 334 -2.57 7.73 41.16
N SER G 335 -1.99 6.67 40.59
CA SER G 335 -2.23 5.31 41.06
C SER G 335 -0.95 4.53 41.34
N ILE G 336 0.21 5.17 41.32
CA ILE G 336 1.46 4.44 41.49
C ILE G 336 1.73 4.13 42.95
N GLY G 337 1.23 4.93 43.88
CA GLY G 337 1.55 4.73 45.27
C GLY G 337 0.36 4.61 46.19
N ALA G 338 -0.81 5.07 45.75
CA ALA G 338 -1.99 5.11 46.59
C ALA G 338 -2.93 3.94 46.38
N MET G 339 -2.73 3.14 45.33
CA MET G 339 -3.66 2.07 45.01
C MET G 339 -2.91 0.75 44.87
N GLY G 340 -3.62 -0.34 45.18
CA GLY G 340 -3.05 -1.66 45.12
C GLY G 340 -2.95 -2.29 46.50
N PRO G 341 -2.96 -3.63 46.54
CA PRO G 341 -2.80 -4.32 47.83
C PRO G 341 -1.52 -3.95 48.55
N THR G 342 -0.43 -3.72 47.81
CA THR G 342 0.82 -3.26 48.39
C THR G 342 1.28 -1.92 47.83
N GLY G 343 0.50 -1.30 46.96
CA GLY G 343 0.84 -0.01 46.40
C GLY G 343 1.71 -0.04 45.17
N ARG G 344 1.74 -1.14 44.43
CA ARG G 344 2.60 -1.22 43.25
C ARG G 344 2.00 -0.46 42.06
N GLY G 345 0.68 -0.43 41.96
CA GLY G 345 0.04 0.31 40.89
C GLY G 345 -1.20 -0.35 40.35
N VAL G 346 -1.52 -0.10 39.08
CA VAL G 346 -2.68 -0.73 38.46
C VAL G 346 -2.39 -2.17 38.05
N CYS G 347 -1.12 -2.52 37.84
CA CYS G 347 -0.76 -3.88 37.46
C CYS G 347 -0.91 -4.87 38.59
N GLU G 348 -1.14 -4.42 39.83
CA GLU G 348 -1.24 -5.33 40.96
C GLU G 348 -2.67 -5.75 41.24
N ILE G 349 -3.63 -4.83 41.14
CA ILE G 349 -5.02 -5.19 41.43
C ILE G 349 -5.57 -6.16 40.41
N PHE G 350 -5.17 -6.05 39.14
CA PHE G 350 -5.67 -6.94 38.10
C PHE G 350 -4.88 -8.23 37.98
N GLY G 351 -3.72 -8.31 38.62
CA GLY G 351 -2.88 -9.50 38.51
C GLY G 351 -2.11 -9.62 37.22
N VAL G 352 -2.08 -8.57 36.40
CA VAL G 352 -1.40 -8.63 35.11
C VAL G 352 0.11 -8.57 35.33
N ASP G 353 0.84 -9.42 34.61
CA ASP G 353 2.29 -9.39 34.68
C ASP G 353 2.81 -8.07 34.13
N PRO G 354 3.79 -7.44 34.79
CA PRO G 354 4.30 -6.15 34.30
C PRO G 354 5.00 -6.23 32.96
N LYS G 355 5.43 -7.41 32.52
CA LYS G 355 6.18 -7.52 31.28
C LYS G 355 5.31 -7.35 30.03
N ASP G 356 3.99 -7.35 30.17
CA ASP G 356 3.13 -7.19 29.00
C ASP G 356 3.14 -5.75 28.50
N VAL G 357 3.09 -4.78 29.40
CA VAL G 357 3.11 -3.38 29.01
C VAL G 357 4.52 -2.98 28.60
N ASP G 358 4.61 -2.09 27.61
CA ASP G 358 5.92 -1.73 27.06
C ASP G 358 6.60 -0.63 27.87
N ILE G 359 5.90 0.49 28.07
CA ILE G 359 6.46 1.65 28.75
C ILE G 359 5.56 2.02 29.92
N LEU G 360 6.16 2.18 31.10
CA LEU G 360 5.45 2.64 32.28
C LEU G 360 6.06 3.96 32.75
N MET G 361 5.19 4.94 33.04
CA MET G 361 5.64 6.26 33.44
C MET G 361 4.83 6.71 34.66
N GLY G 362 5.42 7.61 35.45
CA GLY G 362 4.74 8.14 36.61
C GLY G 362 5.51 9.31 37.17
N THR G 363 4.88 10.00 38.12
CA THR G 363 5.47 11.16 38.77
C THR G 363 5.45 10.96 40.28
N PHE G 364 6.38 11.62 40.97
CA PHE G 364 6.51 11.50 42.41
C PHE G 364 5.73 12.57 43.16
N THR G 365 5.11 13.52 42.45
CA THR G 365 4.51 14.68 43.11
C THR G 365 3.30 14.28 43.95
N LYS G 366 2.49 13.36 43.45
CA LYS G 366 1.17 13.14 44.04
C LYS G 366 1.26 12.44 45.40
N SER G 367 2.08 11.39 45.51
CA SER G 367 2.05 10.54 46.70
C SER G 367 3.33 10.58 47.52
N PHE G 368 4.48 10.81 46.89
CA PHE G 368 5.76 10.70 47.59
C PHE G 368 6.26 12.03 48.13
N GLY G 369 5.58 13.14 47.85
CA GLY G 369 5.94 14.41 48.44
C GLY G 369 7.15 15.10 47.83
N ALA G 370 7.55 14.73 46.63
CA ALA G 370 8.69 15.34 45.95
C ALA G 370 8.39 15.46 44.47
N ALA G 371 9.07 16.40 43.81
CA ALA G 371 8.78 16.68 42.42
C ALA G 371 9.72 15.91 41.49
N GLY G 372 9.18 15.49 40.35
CA GLY G 372 9.94 14.78 39.35
C GLY G 372 9.12 13.67 38.76
N GLY G 373 9.73 12.93 37.82
CA GLY G 373 9.06 11.83 37.17
C GLY G 373 10.08 10.80 36.72
N TYR G 374 9.56 9.69 36.17
CA TYR G 374 10.42 8.58 35.79
C TYR G 374 9.84 7.88 34.56
N ILE G 375 10.54 6.86 34.10
CA ILE G 375 10.09 6.00 33.01
C ILE G 375 10.79 4.65 33.16
N ALA G 376 10.04 3.57 32.98
CA ALA G 376 10.56 2.22 33.14
C ALA G 376 10.26 1.39 31.90
N ALA G 377 11.23 0.59 31.48
CA ALA G 377 11.12 -0.24 30.29
C ALA G 377 12.23 -1.30 30.34
N ASP G 378 12.40 -2.02 29.24
CA ASP G 378 13.38 -3.11 29.18
C ASP G 378 14.78 -2.54 28.93
N GLN G 379 15.78 -3.42 29.10
CA GLN G 379 17.17 -3.00 29.01
C GLN G 379 17.52 -2.51 27.61
N TRP G 380 17.15 -3.28 26.59
CA TRP G 380 17.49 -2.92 25.22
C TRP G 380 16.73 -1.70 24.71
N ILE G 381 15.68 -1.29 25.40
CA ILE G 381 14.97 -0.05 25.07
C ILE G 381 15.58 1.14 25.78
N ILE G 382 15.91 0.98 27.07
CA ILE G 382 16.53 2.08 27.82
C ILE G 382 17.91 2.39 27.26
N ASP G 383 18.64 1.38 26.79
CA ASP G 383 19.95 1.63 26.21
C ASP G 383 19.87 2.54 25.00
N ARG G 384 18.86 2.33 24.14
CA ARG G 384 18.66 3.22 23.00
C ARG G 384 18.14 4.59 23.43
N LEU G 385 17.21 4.60 24.39
CA LEU G 385 16.57 5.86 24.77
C LEU G 385 17.53 6.81 25.47
N ARG G 386 18.48 6.28 26.25
CA ARG G 386 19.46 7.15 26.88
C ARG G 386 20.28 7.92 25.86
N LEU G 387 20.35 7.42 24.62
CA LEU G 387 21.01 8.12 23.54
C LEU G 387 20.06 8.97 22.72
N ASP G 388 18.81 8.52 22.53
CA ASP G 388 17.89 9.19 21.65
C ASP G 388 17.07 10.30 22.31
N LEU G 389 17.19 10.47 23.64
CA LEU G 389 16.40 11.46 24.35
C LEU G 389 17.08 12.83 24.31
N THR G 390 16.26 13.88 24.26
CA THR G 390 16.75 15.25 24.26
C THR G 390 16.74 15.89 25.64
N THR G 391 16.02 15.32 26.59
CA THR G 391 16.04 15.84 27.96
C THR G 391 17.39 15.59 28.62
N VAL G 392 18.01 14.45 28.34
CA VAL G 392 19.20 14.04 29.06
C VAL G 392 20.38 14.95 28.72
N SER G 393 20.50 15.38 27.46
CA SER G 393 21.70 16.06 27.02
C SER G 393 21.57 17.58 27.00
N TYR G 394 20.36 18.12 27.06
CA TYR G 394 20.15 19.56 26.92
C TYR G 394 19.61 20.24 28.17
N SER G 395 18.94 19.52 29.06
CA SER G 395 18.22 20.12 30.17
C SER G 395 18.98 19.93 31.47
N GLU G 396 18.41 20.45 32.56
CA GLU G 396 19.05 20.42 33.86
C GLU G 396 19.07 19.01 34.43
N SER G 397 19.60 18.89 35.65
CA SER G 397 19.59 17.65 36.40
C SER G 397 18.70 17.80 37.63
N MET G 398 18.49 16.69 38.33
CA MET G 398 17.59 16.65 39.47
C MET G 398 18.36 16.93 40.75
N PRO G 399 17.85 17.79 41.64
CA PRO G 399 18.62 18.18 42.82
C PRO G 399 18.74 17.04 43.82
N ALA G 400 19.58 17.28 44.82
CA ALA G 400 19.91 16.28 45.84
C ALA G 400 18.83 16.12 46.91
N PRO G 401 18.30 17.21 47.51
CA PRO G 401 17.26 17.02 48.54
C PRO G 401 16.04 16.29 48.03
N VAL G 402 15.62 16.56 46.79
CA VAL G 402 14.45 15.89 46.23
C VAL G 402 14.72 14.40 46.07
N LEU G 403 15.93 14.05 45.60
CA LEU G 403 16.31 12.65 45.49
C LEU G 403 16.30 11.97 46.85
N ALA G 404 16.83 12.65 47.88
CA ALA G 404 16.85 12.06 49.21
C ALA G 404 15.44 11.81 49.73
N GLN G 405 14.54 12.79 49.53
CA GLN G 405 13.17 12.63 49.97
C GLN G 405 12.48 11.48 49.25
N THR G 406 12.67 11.38 47.93
CA THR G 406 12.05 10.30 47.16
C THR G 406 12.57 8.95 47.61
N ILE G 407 13.89 8.83 47.82
CA ILE G 407 14.46 7.56 48.25
C ILE G 407 13.92 7.17 49.62
N SER G 408 13.85 8.13 50.54
CA SER G 408 13.31 7.83 51.86
C SER G 408 11.87 7.37 51.78
N SER G 409 11.06 8.04 50.97
CA SER G 409 9.65 7.64 50.83
C SER G 409 9.53 6.24 50.25
N LEU G 410 10.32 5.93 49.21
CA LEU G 410 10.24 4.60 48.60
C LEU G 410 10.68 3.52 49.57
N GLN G 411 11.76 3.77 50.32
CA GLN G 411 12.22 2.77 51.29
C GLN G 411 11.23 2.62 52.43
N THR G 412 10.50 3.68 52.77
CA THR G 412 9.47 3.56 53.80
C THR G 412 8.29 2.72 53.30
N ILE G 413 7.80 3.01 52.09
CA ILE G 413 6.66 2.25 51.56
C ILE G 413 7.03 0.80 51.34
N SER G 414 8.22 0.54 50.82
CA SER G 414 8.65 -0.84 50.56
C SER G 414 8.81 -1.66 51.83
N GLY G 415 8.92 -1.02 52.99
CA GLY G 415 9.03 -1.73 54.25
C GLY G 415 10.43 -2.02 54.72
N GLU G 416 11.42 -1.25 54.27
CA GLU G 416 12.80 -1.51 54.65
C GLU G 416 13.23 -0.67 55.86
N ILE G 417 13.15 0.66 55.74
CA ILE G 417 13.67 1.52 56.79
C ILE G 417 12.81 1.46 58.05
N CYS G 418 11.49 1.37 57.91
CA CYS G 418 10.59 1.30 59.05
C CYS G 418 9.64 0.12 58.90
N PRO G 419 9.36 -0.60 59.99
CA PRO G 419 8.58 -1.83 59.87
C PRO G 419 7.11 -1.63 59.50
N GLY G 420 6.41 -0.77 60.23
CA GLY G 420 4.96 -0.74 60.12
C GLY G 420 4.29 0.61 59.89
N GLN G 421 4.86 1.44 59.01
CA GLN G 421 4.22 2.72 58.73
C GLN G 421 3.47 2.73 57.41
N GLY G 422 3.99 2.04 56.38
CA GLY G 422 3.32 2.05 55.09
C GLY G 422 1.97 1.35 55.09
N THR G 423 1.90 0.18 55.73
CA THR G 423 0.64 -0.57 55.77
C THR G 423 -0.45 0.23 56.47
N GLU G 424 -0.10 0.90 57.56
CA GLU G 424 -1.08 1.72 58.26
C GLU G 424 -1.63 2.81 57.35
N ARG G 425 -0.74 3.46 56.57
CA ARG G 425 -1.19 4.52 55.67
C ARG G 425 -2.10 3.99 54.58
N LEU G 426 -1.73 2.85 53.97
CA LEU G 426 -2.58 2.26 52.93
C LEU G 426 -3.96 1.91 53.48
N GLN G 427 -4.00 1.25 54.64
CA GLN G 427 -5.27 0.87 55.22
C GLN G 427 -6.10 2.09 55.57
N ARG G 428 -5.47 3.13 56.13
CA ARG G 428 -6.20 4.32 56.52
C ARG G 428 -6.82 5.01 55.31
N ILE G 429 -6.05 5.16 54.23
CA ILE G 429 -6.58 5.85 53.06
C ILE G 429 -7.73 5.05 52.44
N ALA G 430 -7.59 3.71 52.37
CA ALA G 430 -8.66 2.90 51.81
C ALA G 430 -9.94 3.02 52.64
N PHE G 431 -9.82 2.93 53.96
CA PHE G 431 -10.99 3.02 54.80
C PHE G 431 -11.65 4.39 54.69
N ASN G 432 -10.85 5.46 54.68
CA ASN G 432 -11.42 6.80 54.60
C ASN G 432 -12.19 6.99 53.31
N SER G 433 -11.59 6.57 52.19
CA SER G 433 -12.28 6.71 50.91
C SER G 433 -13.60 5.96 50.90
N ARG G 434 -13.57 4.70 51.36
CA ARG G 434 -14.80 3.91 51.35
C ARG G 434 -15.88 4.53 52.22
N TYR G 435 -15.50 4.96 53.43
CA TYR G 435 -16.48 5.53 54.36
C TYR G 435 -17.11 6.80 53.79
N LEU G 436 -16.27 7.69 53.25
CA LEU G 436 -16.81 8.93 52.71
C LEU G 436 -17.75 8.68 51.55
N ARG G 437 -17.35 7.81 50.61
CA ARG G 437 -18.21 7.55 49.45
C ARG G 437 -19.53 6.93 49.87
N LEU G 438 -19.50 5.95 50.76
CA LEU G 438 -20.75 5.30 51.17
C LEU G 438 -21.66 6.28 51.93
N ALA G 439 -21.09 7.08 52.83
CA ALA G 439 -21.92 8.02 53.58
C ALA G 439 -22.54 9.06 52.65
N LEU G 440 -21.77 9.58 51.69
CA LEU G 440 -22.31 10.56 50.77
C LEU G 440 -23.43 9.96 49.92
N GLN G 441 -23.26 8.72 49.46
CA GLN G 441 -24.31 8.10 48.65
C GLN G 441 -25.55 7.80 49.48
N ARG G 442 -25.38 7.45 50.76
CA ARG G 442 -26.54 7.19 51.60
C ARG G 442 -27.26 8.46 51.99
N LEU G 443 -26.56 9.60 51.99
CA LEU G 443 -27.23 10.87 52.27
C LEU G 443 -28.22 11.22 51.16
N GLY G 444 -27.83 11.02 49.91
CA GLY G 444 -28.72 11.32 48.81
C GLY G 444 -28.08 12.09 47.67
N PHE G 445 -26.76 12.29 47.75
CA PHE G 445 -26.04 13.03 46.73
C PHE G 445 -25.76 12.14 45.52
N ILE G 446 -24.96 12.64 44.59
CA ILE G 446 -24.51 11.91 43.41
C ILE G 446 -22.99 11.97 43.38
N VAL G 447 -22.34 10.81 43.35
CA VAL G 447 -20.89 10.73 43.30
C VAL G 447 -20.48 9.78 42.19
N TYR G 448 -19.25 9.96 41.72
CA TYR G 448 -18.61 9.06 40.79
C TYR G 448 -17.48 8.33 41.50
N GLY G 449 -17.04 7.22 40.91
CA GLY G 449 -15.90 6.51 41.46
C GLY G 449 -15.96 5.03 41.12
N VAL G 450 -14.99 4.31 41.69
CA VAL G 450 -14.86 2.88 41.47
C VAL G 450 -14.77 2.21 42.84
N ALA G 451 -15.29 2.90 43.86
CA ALA G 451 -15.41 2.48 45.25
C ALA G 451 -14.07 2.47 45.98
N ASP G 452 -12.95 2.73 45.31
CA ASP G 452 -11.64 2.75 45.96
C ASP G 452 -10.80 3.96 45.59
N SER G 453 -11.17 4.73 44.57
CA SER G 453 -10.36 5.85 44.15
C SER G 453 -10.37 6.96 45.20
N PRO G 454 -9.24 7.65 45.40
CA PRO G 454 -9.23 8.76 46.37
C PRO G 454 -10.00 9.98 45.91
N VAL G 455 -10.43 10.04 44.66
CA VAL G 455 -11.15 11.17 44.11
C VAL G 455 -12.64 10.90 44.21
N ILE G 456 -13.37 11.79 44.89
CA ILE G 456 -14.82 11.65 45.03
C ILE G 456 -15.48 12.89 44.45
N PRO G 457 -15.87 12.88 43.18
CA PRO G 457 -16.52 14.05 42.59
C PRO G 457 -18.02 14.09 42.85
N LEU G 458 -18.46 15.16 43.51
CA LEU G 458 -19.86 15.41 43.81
C LEU G 458 -20.37 16.43 42.82
N LEU G 459 -21.53 16.16 42.21
CA LEU G 459 -21.99 16.90 41.04
C LEU G 459 -22.91 18.04 41.43
N LEU G 460 -22.60 19.24 40.93
CA LEU G 460 -23.47 20.41 41.03
C LEU G 460 -23.85 20.82 39.61
N TYR G 461 -25.14 20.93 39.33
CA TYR G 461 -25.60 21.14 37.97
C TYR G 461 -25.96 22.58 37.63
N CYS G 462 -26.20 23.43 38.63
CA CYS G 462 -26.56 24.76 38.18
C CYS G 462 -25.34 25.68 38.17
N PRO G 463 -25.28 26.62 37.21
CA PRO G 463 -24.10 27.48 37.13
C PRO G 463 -23.88 28.34 38.36
N SER G 464 -24.94 28.79 39.02
CA SER G 464 -24.83 29.70 40.15
C SER G 464 -24.68 28.98 41.49
N LYS G 465 -24.63 27.65 41.50
CA LYS G 465 -24.54 26.92 42.75
C LYS G 465 -23.10 26.69 43.21
N MET G 466 -22.15 26.60 42.29
CA MET G 466 -20.76 26.39 42.68
C MET G 466 -20.19 27.53 43.52
N PRO G 467 -20.41 28.82 43.18
CA PRO G 467 -19.85 29.86 44.06
C PRO G 467 -20.51 29.89 45.42
N ALA G 468 -21.82 29.63 45.48
CA ALA G 468 -22.50 29.57 46.77
C ALA G 468 -21.95 28.44 47.62
N PHE G 469 -21.77 27.26 47.02
CA PHE G 469 -21.20 26.13 47.77
C PHE G 469 -19.80 26.45 48.25
N SER G 470 -18.97 27.04 47.40
CA SER G 470 -17.60 27.35 47.78
C SER G 470 -17.55 28.35 48.93
N ARG G 471 -18.30 29.45 48.82
CA ARG G 471 -18.28 30.46 49.88
C ARG G 471 -18.87 29.92 51.17
N MET G 472 -19.94 29.14 51.09
CA MET G 472 -20.55 28.59 52.30
C MET G 472 -19.64 27.58 52.98
N MET G 473 -18.89 26.81 52.20
CA MET G 473 -17.92 25.89 52.79
C MET G 473 -16.75 26.66 53.40
N LEU G 474 -16.34 27.77 52.78
CA LEU G 474 -15.29 28.60 53.35
C LEU G 474 -15.72 29.19 54.69
N GLN G 475 -16.98 29.63 54.78
CA GLN G 475 -17.48 30.18 56.04
C GLN G 475 -17.43 29.14 57.16
N ARG G 476 -17.53 27.86 56.81
CA ARG G 476 -17.43 26.76 57.77
C ARG G 476 -16.00 26.33 58.02
N ARG G 477 -15.02 27.02 57.42
CA ARG G 477 -13.60 26.70 57.55
C ARG G 477 -13.26 25.35 56.92
N ILE G 478 -13.67 25.18 55.67
CA ILE G 478 -13.31 24.01 54.87
C ILE G 478 -12.91 24.49 53.47
N ALA G 479 -11.81 23.97 52.95
CA ALA G 479 -11.26 24.38 51.67
C ALA G 479 -11.55 23.32 50.62
N VAL G 480 -12.23 23.72 49.54
CA VAL G 480 -12.63 22.82 48.46
C VAL G 480 -12.31 23.48 47.13
N VAL G 481 -12.25 22.65 46.08
CA VAL G 481 -11.94 23.10 44.73
C VAL G 481 -13.05 22.65 43.79
N VAL G 482 -13.57 23.59 42.99
CA VAL G 482 -14.64 23.32 42.05
C VAL G 482 -14.16 23.64 40.64
N VAL G 483 -14.52 22.79 39.69
CA VAL G 483 -14.16 22.94 38.29
C VAL G 483 -15.42 23.08 37.47
N ALA G 484 -15.30 23.58 36.23
CA ALA G 484 -16.53 23.81 35.42
C ALA G 484 -16.20 23.85 33.93
N TYR G 485 -17.15 24.31 33.11
CA TYR G 485 -16.96 24.36 31.63
C TYR G 485 -15.81 25.33 31.30
N PRO G 486 -14.94 25.03 30.32
CA PRO G 486 -15.09 23.84 29.47
C PRO G 486 -14.28 22.64 29.95
N ALA G 487 -13.47 22.78 31.00
CA ALA G 487 -12.75 21.61 31.54
C ALA G 487 -13.74 20.45 31.72
N THR G 488 -15.01 20.78 31.92
CA THR G 488 -16.04 19.76 32.06
C THR G 488 -17.11 19.99 31.01
N PRO G 489 -17.97 19.00 30.76
CA PRO G 489 -19.11 19.22 29.85
C PRO G 489 -20.02 20.35 30.31
N LEU G 490 -20.88 20.83 29.41
CA LEU G 490 -21.75 21.97 29.72
C LEU G 490 -22.61 21.71 30.96
N ILE G 491 -23.29 20.56 30.99
CA ILE G 491 -24.29 20.33 32.04
C ILE G 491 -23.64 19.97 33.37
N GLU G 492 -22.58 19.16 33.34
CA GLU G 492 -22.01 18.58 34.55
C GLU G 492 -20.88 19.44 35.09
N SER G 493 -21.16 20.19 36.14
CA SER G 493 -20.15 20.80 36.99
C SER G 493 -20.03 19.98 38.27
N ARG G 494 -18.89 20.09 38.93
CA ARG G 494 -18.65 19.20 40.07
C ARG G 494 -17.65 19.83 41.01
N VAL G 495 -17.59 19.27 42.22
CA VAL G 495 -16.57 19.59 43.22
C VAL G 495 -15.77 18.32 43.48
N ARG G 496 -14.45 18.44 43.38
CA ARG G 496 -13.57 17.28 43.48
C ARG G 496 -12.96 17.21 44.87
N PHE G 497 -13.26 16.13 45.58
CA PHE G 497 -12.71 15.88 46.91
C PHE G 497 -11.45 15.02 46.76
N CYS G 498 -10.40 15.41 47.47
CA CYS G 498 -9.16 14.64 47.53
C CYS G 498 -8.98 14.18 48.97
N MET G 499 -9.18 12.88 49.22
CA MET G 499 -9.02 12.32 50.55
C MET G 499 -7.56 11.93 50.79
N SER G 500 -7.13 12.11 52.02
CA SER G 500 -5.76 11.84 52.42
C SER G 500 -5.76 10.91 53.64
N ALA G 501 -4.60 10.31 53.90
CA ALA G 501 -4.45 9.44 55.05
C ALA G 501 -4.33 10.20 56.36
N SER G 502 -4.01 11.49 56.31
CA SER G 502 -3.81 12.26 57.55
C SER G 502 -5.12 12.57 58.25
N LEU G 503 -6.23 12.61 57.52
CA LEU G 503 -7.52 12.91 58.14
C LEU G 503 -8.00 11.73 58.97
N THR G 504 -8.88 12.03 59.93
CA THR G 504 -9.43 11.03 60.83
C THR G 504 -10.95 10.94 60.65
N LYS G 505 -11.58 10.09 61.47
CA LYS G 505 -13.02 9.85 61.34
C LYS G 505 -13.85 11.01 61.86
N GLU G 506 -13.41 11.67 62.92
CA GLU G 506 -14.15 12.81 63.45
C GLU G 506 -14.17 13.96 62.46
N ASP G 507 -13.08 14.17 61.73
CA ASP G 507 -13.07 15.18 60.67
C ASP G 507 -14.12 14.85 59.61
N ILE G 508 -14.24 13.58 59.24
CA ILE G 508 -15.22 13.18 58.23
C ILE G 508 -16.63 13.37 58.77
N ASP G 509 -16.85 13.12 60.06
CA ASP G 509 -18.18 13.35 60.63
C ASP G 509 -18.55 14.82 60.62
N TYR G 510 -17.60 15.68 61.01
CA TYR G 510 -17.79 17.13 60.95
C TYR G 510 -18.14 17.57 59.52
N LEU G 511 -17.38 17.07 58.55
CA LEU G 511 -17.64 17.40 57.16
C LEU G 511 -19.00 16.91 56.72
N LEU G 512 -19.40 15.72 57.14
CA LEU G 512 -20.68 15.16 56.73
C LEU G 512 -21.84 15.99 57.27
N ARG G 513 -21.77 16.39 58.53
CA ARG G 513 -22.83 17.25 59.09
C ARG G 513 -22.93 18.56 58.33
N HIS G 514 -21.78 19.23 58.11
CA HIS G 514 -21.82 20.53 57.48
C HIS G 514 -22.31 20.43 56.03
N VAL G 515 -21.83 19.44 55.28
CA VAL G 515 -22.25 19.28 53.90
C VAL G 515 -23.73 18.89 53.82
N SER G 516 -24.21 18.10 54.77
CA SER G 516 -25.63 17.78 54.78
C SER G 516 -26.47 19.03 54.96
N GLU G 517 -26.09 19.90 55.90
CA GLU G 517 -26.85 21.13 56.11
C GLU G 517 -26.80 22.02 54.87
N VAL G 518 -25.62 22.18 54.28
CA VAL G 518 -25.47 23.06 53.12
C VAL G 518 -26.26 22.52 51.93
N GLY G 519 -26.20 21.21 51.71
CA GLY G 519 -26.95 20.62 50.61
C GLY G 519 -28.46 20.71 50.80
N ASP G 520 -28.92 20.55 52.05
CA ASP G 520 -30.33 20.76 52.33
C ASP G 520 -30.75 22.20 52.02
N LYS G 521 -29.88 23.16 52.35
CA LYS G 521 -30.21 24.55 52.07
C LYS G 521 -30.22 24.85 50.57
N LEU G 522 -29.23 24.34 49.84
CA LEU G 522 -29.05 24.69 48.43
C LEU G 522 -29.77 23.75 47.47
N ASN G 523 -30.45 22.72 47.97
CA ASN G 523 -31.15 21.74 47.14
C ASN G 523 -30.18 21.06 46.17
N LEU G 524 -29.21 20.35 46.74
CA LEU G 524 -28.18 19.67 45.95
C LEU G 524 -28.30 18.15 45.97
N LYS G 525 -29.18 17.58 46.78
CA LYS G 525 -29.31 16.13 46.87
C LYS G 525 -30.53 15.68 46.07
N SER G 526 -30.28 14.97 44.98
CA SER G 526 -31.34 14.45 44.10
C SER G 526 -30.86 13.09 43.60
N ASN G 527 -31.33 12.03 44.24
CA ASN G 527 -30.90 10.68 43.95
C ASN G 527 -32.06 9.85 43.39
N SER G 528 -31.71 8.74 42.75
CA SER G 528 -32.70 7.84 42.18
C SER G 528 -32.45 6.41 42.65
N GLY G 529 -33.16 5.45 42.06
CA GLY G 529 -32.99 4.05 42.45
C GLY G 529 -31.77 3.37 41.88
N LYS G 530 -31.09 4.01 40.91
CA LYS G 530 -29.91 3.39 40.32
C LYS G 530 -28.70 3.43 41.25
N SER G 531 -28.66 4.38 42.18
CA SER G 531 -27.51 4.53 43.05
C SER G 531 -27.48 3.47 44.15
N SER G 532 -28.65 3.06 44.64
CA SER G 532 -28.72 2.06 45.69
C SER G 532 -28.84 0.66 45.11
N TYR G 533 -28.31 -0.32 45.85
CA TYR G 533 -28.32 -1.71 45.41
C TYR G 533 -29.69 -2.36 45.55
N ASP G 534 -30.56 -1.82 46.39
CA ASP G 534 -31.91 -2.34 46.55
C ASP G 534 -32.92 -1.72 45.59
N GLY G 535 -32.52 -0.72 44.82
CA GLY G 535 -33.41 -0.10 43.87
C GLY G 535 -34.39 0.89 44.46
N LYS G 536 -34.20 1.31 45.71
CA LYS G 536 -35.07 2.28 46.36
C LYS G 536 -34.28 3.54 46.68
N ARG G 537 -34.87 4.69 46.36
CA ARG G 537 -34.24 5.96 46.71
C ARG G 537 -34.17 6.11 48.23
N GLN G 538 -33.03 6.54 48.73
CA GLN G 538 -32.74 6.53 50.16
C GLN G 538 -32.41 7.94 50.64
N ARG G 539 -33.09 8.36 51.71
CA ARG G 539 -32.80 9.62 52.39
C ARG G 539 -32.75 9.32 53.88
N TRP G 540 -31.55 9.09 54.41
CA TRP G 540 -31.35 8.66 55.78
C TRP G 540 -31.12 9.87 56.68
N ASP G 541 -31.44 9.68 57.96
CA ASP G 541 -31.05 10.65 58.98
C ASP G 541 -29.54 10.66 59.13
N ILE G 542 -29.00 11.83 59.46
CA ILE G 542 -27.55 11.98 59.56
C ILE G 542 -27.01 11.18 60.74
N GLU G 543 -27.71 11.18 61.87
CA GLU G 543 -27.26 10.44 63.03
C GLU G 543 -27.20 8.94 62.75
N GLU G 544 -28.24 8.41 62.08
CA GLU G 544 -28.23 7.00 61.72
C GLU G 544 -27.10 6.67 60.75
N VAL G 545 -26.83 7.57 59.80
CA VAL G 545 -25.72 7.37 58.89
C VAL G 545 -24.41 7.25 59.66
N ILE G 546 -24.17 8.20 60.57
CA ILE G 546 -22.94 8.17 61.36
C ILE G 546 -22.86 6.90 62.20
N ARG G 547 -24.00 6.45 62.74
CA ARG G 547 -23.98 5.27 63.61
C ARG G 547 -23.73 3.99 62.83
N ARG G 548 -24.24 3.88 61.61
CA ARG G 548 -24.28 2.60 60.92
C ARG G 548 -23.27 2.44 59.79
N THR G 549 -22.91 3.52 59.09
CA THR G 549 -22.03 3.40 57.92
C THR G 549 -20.64 2.83 58.22
N PRO G 550 -19.91 3.27 59.27
CA PRO G 550 -18.51 2.81 59.39
C PRO G 550 -18.34 1.31 59.53
N GLU G 551 -19.31 0.61 60.13
CA GLU G 551 -19.23 -0.84 60.20
C GLU G 551 -19.53 -1.49 58.86
N ASP G 552 -20.55 -1.02 58.15
CA ASP G 552 -20.98 -1.67 56.92
C ASP G 552 -20.17 -1.28 55.71
N CYS G 553 -19.29 -0.27 55.81
CA CYS G 553 -18.50 0.13 54.65
C CYS G 553 -17.46 -0.90 54.27
N LYS G 554 -17.17 -1.87 55.14
CA LYS G 554 -16.17 -2.90 54.85
C LYS G 554 -16.67 -3.97 53.89
N ASP G 555 -17.96 -4.29 53.92
CA ASP G 555 -18.49 -5.36 53.07
C ASP G 555 -18.51 -4.91 51.62
N ASP G 556 -18.02 -5.78 50.73
CA ASP G 556 -17.95 -5.46 49.30
C ASP G 556 -19.20 -5.98 48.59
N LYS G 557 -20.34 -5.48 49.02
CA LYS G 557 -21.61 -5.75 48.35
C LYS G 557 -22.50 -4.52 48.27
N TYR G 558 -22.28 -3.52 49.13
CA TYR G 558 -23.12 -2.34 49.17
C TYR G 558 -22.84 -1.37 48.03
N PHE G 559 -21.76 -1.58 47.28
CA PHE G 559 -21.34 -0.65 46.23
C PHE G 559 -21.79 -1.17 44.88
N VAL G 560 -22.42 -0.28 44.10
CA VAL G 560 -22.92 -0.67 42.78
C VAL G 560 -21.77 -0.91 41.81
N ASN G 561 -20.73 -0.09 41.88
CA ASN G 561 -19.57 -0.26 41.01
C ASN G 561 -18.26 -0.11 41.79
N GLN H 3 -7.08 11.29 73.18
CA GLN H 3 -6.92 12.24 72.08
C GLN H 3 -5.88 13.30 72.41
N HIS H 4 -5.57 14.15 71.44
CA HIS H 4 -4.63 15.24 71.62
C HIS H 4 -5.23 16.53 71.09
N LYS H 5 -4.89 17.64 71.75
CA LYS H 5 -5.40 18.94 71.35
C LYS H 5 -4.72 19.41 70.07
N SER H 6 -5.36 20.38 69.41
CA SER H 6 -4.83 20.95 68.18
C SER H 6 -5.08 22.45 68.19
N SER H 7 -4.57 23.12 67.16
CA SER H 7 -4.66 24.57 67.04
C SER H 7 -5.78 25.02 66.10
N MET H 8 -6.87 24.26 66.02
CA MET H 8 -8.00 24.64 65.18
C MET H 8 -9.15 25.14 66.03
N VAL H 9 -9.95 26.05 65.46
CA VAL H 9 -11.14 26.59 66.10
C VAL H 9 -12.34 26.07 65.34
N TYR H 10 -13.15 25.23 65.99
CA TYR H 10 -14.30 24.62 65.36
C TYR H 10 -15.46 25.60 65.31
N ILE H 11 -16.15 25.63 64.18
CA ILE H 11 -17.30 26.50 63.95
C ILE H 11 -18.57 25.69 64.18
N PRO H 12 -19.42 26.07 65.12
CA PRO H 12 -20.64 25.29 65.39
C PRO H 12 -21.64 25.42 64.25
N THR H 13 -22.47 24.38 64.11
CA THR H 13 -23.46 24.35 63.05
C THR H 13 -24.64 25.26 63.37
N THR H 14 -25.44 25.56 62.34
CA THR H 14 -26.57 26.46 62.51
C THR H 14 -27.61 25.88 63.47
N LYS H 15 -27.87 24.57 63.37
CA LYS H 15 -28.87 23.96 64.24
C LYS H 15 -28.47 24.07 65.71
N GLU H 16 -27.18 23.81 66.01
CA GLU H 16 -26.73 23.90 67.39
C GLU H 16 -26.85 25.32 67.93
N ALA H 17 -26.48 26.32 67.13
CA ALA H 17 -26.59 27.70 67.57
C ALA H 17 -28.04 28.09 67.80
N LYS H 18 -28.93 27.69 66.89
CA LYS H 18 -30.34 28.04 67.03
C LYS H 18 -30.96 27.35 68.24
N ARG H 19 -30.55 26.10 68.52
CA ARG H 19 -31.08 25.37 69.68
C ARG H 19 -30.49 25.85 70.99
N ARG H 20 -29.27 26.39 71.00
CA ARG H 20 -28.67 26.93 72.21
C ARG H 20 -28.95 28.42 72.40
N ASN H 21 -29.58 29.07 71.42
CA ASN H 21 -29.90 30.48 71.52
C ASN H 21 -31.31 30.75 72.00
N GLY H 22 -32.08 29.70 72.31
CA GLY H 22 -33.45 29.86 72.75
C GLY H 22 -34.34 30.52 71.72
N LYS H 23 -34.23 30.08 70.47
CA LYS H 23 -34.98 30.65 69.36
C LYS H 23 -36.19 29.81 68.97
N SER H 24 -36.60 28.88 69.82
CA SER H 24 -37.72 27.97 69.53
C SER H 24 -39.03 28.71 69.79
N GLU H 25 -39.48 29.48 68.80
CA GLU H 25 -40.76 30.17 68.84
C GLU H 25 -41.51 29.87 67.54
N GLY H 26 -42.24 28.75 67.54
CA GLY H 26 -42.86 28.27 66.32
C GLY H 26 -44.02 29.12 65.83
N ILE H 27 -44.54 30.01 66.67
CA ILE H 27 -45.68 30.83 66.28
C ILE H 27 -45.30 31.79 65.15
N LEU H 28 -44.07 32.29 65.17
CA LEU H 28 -43.62 33.25 64.17
C LEU H 28 -42.39 32.82 63.39
N ASN H 29 -41.53 31.97 63.98
CA ASN H 29 -40.31 31.57 63.30
C ASN H 29 -40.61 30.70 62.09
N THR H 30 -41.74 30.00 62.11
CA THR H 30 -42.16 29.16 60.99
C THR H 30 -42.39 30.01 59.74
N ILE H 31 -43.05 31.16 59.91
CA ILE H 31 -43.27 32.06 58.78
C ILE H 31 -41.94 32.56 58.23
N GLU H 32 -41.02 32.91 59.12
CA GLU H 32 -39.70 33.38 58.69
C GLU H 32 -38.96 32.30 57.92
N GLU H 33 -39.03 31.05 58.40
CA GLU H 33 -38.37 29.96 57.70
C GLU H 33 -39.00 29.72 56.33
N VAL H 34 -40.33 29.79 56.23
CA VAL H 34 -41.00 29.61 54.96
C VAL H 34 -40.58 30.71 53.97
N VAL H 35 -40.55 31.96 54.46
CA VAL H 35 -40.13 33.07 53.60
C VAL H 35 -38.69 32.90 53.14
N GLU H 36 -37.81 32.48 54.05
CA GLU H 36 -36.42 32.27 53.70
C GLU H 36 -36.28 31.17 52.65
N LYS H 37 -37.03 30.07 52.81
CA LYS H 37 -36.96 28.99 51.84
C LYS H 37 -37.45 29.45 50.48
N LEU H 38 -38.56 30.19 50.44
CA LEU H 38 -39.06 30.69 49.17
C LEU H 38 -38.06 31.62 48.50
N TYR H 39 -37.47 32.54 49.28
CA TYR H 39 -36.50 33.48 48.72
C TYR H 39 -35.28 32.76 48.16
N TRP H 40 -34.75 31.80 48.92
CA TRP H 40 -33.57 31.07 48.45
C TRP H 40 -33.89 30.24 47.21
N THR H 41 -35.06 29.59 47.18
CA THR H 41 -35.44 28.80 46.01
C THR H 41 -35.59 29.68 44.79
N TYR H 42 -36.19 30.87 44.95
CA TYR H 42 -36.32 31.76 43.82
C TYR H 42 -34.97 32.28 43.34
N TYR H 43 -34.07 32.60 44.27
CA TYR H 43 -32.80 33.21 43.91
C TYR H 43 -31.80 32.24 43.30
N ILE H 44 -31.67 31.03 43.86
CA ILE H 44 -30.56 30.15 43.48
C ILE H 44 -30.71 29.61 42.06
N HIS H 45 -31.90 29.18 41.67
CA HIS H 45 -32.09 28.52 40.38
C HIS H 45 -32.08 29.47 39.20
N LEU H 46 -31.69 30.72 39.39
CA LEU H 46 -31.66 31.72 38.33
C LEU H 46 -30.28 32.36 38.27
N PRO H 47 -29.87 32.85 37.09
CA PRO H 47 -28.51 33.40 36.96
C PRO H 47 -28.41 34.80 37.52
N PHE H 48 -28.85 34.97 38.76
CA PHE H 48 -28.81 36.27 39.42
C PHE H 48 -27.52 36.49 40.20
N TYR H 49 -26.67 35.47 40.28
CA TYR H 49 -25.53 35.49 41.19
C TYR H 49 -24.22 35.81 40.49
N LEU H 50 -24.18 35.78 39.16
CA LEU H 50 -22.98 36.10 38.40
C LEU H 50 -23.14 37.37 37.57
N MET H 51 -24.12 38.21 37.88
CA MET H 51 -24.41 39.39 37.08
C MET H 51 -24.07 40.65 37.89
N ALA H 52 -24.31 41.82 37.29
CA ALA H 52 -24.09 43.11 37.93
C ALA H 52 -25.40 43.66 38.48
N SER H 53 -25.28 44.69 39.31
CA SER H 53 -26.45 45.27 39.97
C SER H 53 -27.43 45.84 38.96
N PHE H 54 -26.92 46.49 37.91
CA PHE H 54 -27.77 47.12 36.91
C PHE H 54 -28.69 46.09 36.24
N ASP H 55 -28.09 45.07 35.60
CA ASP H 55 -28.87 44.08 34.88
C ASP H 55 -29.71 43.23 35.84
N SER H 56 -29.19 42.97 37.04
CA SER H 56 -29.98 42.20 38.02
C SER H 56 -31.23 42.97 38.43
N PHE H 57 -31.10 44.28 38.65
CA PHE H 57 -32.26 45.10 38.99
C PHE H 57 -33.27 45.11 37.86
N PHE H 58 -32.80 45.28 36.62
CA PHE H 58 -33.72 45.25 35.49
C PHE H 58 -34.39 43.88 35.35
N LEU H 59 -33.67 42.80 35.64
CA LEU H 59 -34.27 41.48 35.56
C LEU H 59 -35.31 41.28 36.66
N HIS H 60 -35.03 41.80 37.86
CA HIS H 60 -36.03 41.78 38.93
C HIS H 60 -37.30 42.50 38.49
N VAL H 61 -37.13 43.68 37.90
CA VAL H 61 -38.29 44.46 37.46
C VAL H 61 -39.05 43.71 36.37
N PHE H 62 -38.32 43.11 35.42
CA PHE H 62 -38.96 42.36 34.34
C PHE H 62 -39.77 41.20 34.88
N PHE H 63 -39.19 40.42 35.79
CA PHE H 63 -39.91 39.27 36.34
C PHE H 63 -41.12 39.72 37.16
N LEU H 64 -40.97 40.79 37.94
CA LEU H 64 -42.11 41.29 38.72
C LEU H 64 -43.23 41.76 37.81
N THR H 65 -42.90 42.48 36.74
CA THR H 65 -43.91 42.93 35.80
C THR H 65 -44.59 41.76 35.10
N ILE H 66 -43.81 40.76 34.71
CA ILE H 66 -44.38 39.57 34.07
C ILE H 66 -45.35 38.87 35.01
N PHE H 67 -44.95 38.71 36.27
CA PHE H 67 -45.81 38.04 37.24
C PHE H 67 -47.09 38.84 37.48
N SER H 68 -46.98 40.16 37.58
CA SER H 68 -48.16 41.00 37.78
C SER H 68 -49.11 40.90 36.60
N LEU H 69 -48.58 40.96 35.38
CA LEU H 69 -49.43 40.88 34.20
C LEU H 69 -50.09 39.51 34.08
#